data_2RRF
#
_entry.id   2RRF
#
_entity_poly.entity_id   1
_entity_poly.type   'polypeptide(L)'
_entity_poly.pdbx_seq_one_letter_code
;GSSGSSGAEFYDKQLKVLLSGATFLVTFGNSEKPETMTCRLSNNQRYLFLDGDSHYEIEIVHISTVQILTEGFPPGGGNA
RATGMFLQYTVPGTEGVTQLKLTVVEDVTVGRRQAVAWLVAMHKAAKLLYESRDQSGPSSG
;
_entity_poly.pdbx_strand_id   A
#
# COMPACT_ATOMS: atom_id res chain seq x y z
N GLY A 1 14.70 -28.53 -0.69
CA GLY A 1 14.04 -27.26 -0.92
C GLY A 1 14.37 -26.66 -2.28
N SER A 2 13.39 -25.99 -2.88
CA SER A 2 13.58 -25.36 -4.18
C SER A 2 13.74 -23.85 -4.05
N SER A 3 14.78 -23.32 -4.69
CA SER A 3 15.05 -21.89 -4.63
C SER A 3 13.95 -21.10 -5.34
N GLY A 4 13.69 -21.45 -6.59
CA GLY A 4 12.66 -20.77 -7.37
C GLY A 4 13.12 -20.44 -8.77
N SER A 5 12.17 -20.07 -9.62
CA SER A 5 12.47 -19.74 -11.00
C SER A 5 12.23 -18.26 -11.27
N SER A 6 11.06 -17.76 -10.84
CA SER A 6 10.71 -16.36 -11.04
C SER A 6 9.84 -15.86 -9.89
N GLY A 7 10.13 -14.65 -9.42
CA GLY A 7 9.37 -14.07 -8.33
C GLY A 7 9.46 -14.88 -7.06
N ALA A 8 8.78 -14.43 -6.02
CA ALA A 8 8.79 -15.13 -4.74
C ALA A 8 7.38 -15.55 -4.33
N GLU A 9 7.08 -16.84 -4.46
CA GLU A 9 5.77 -17.36 -4.10
C GLU A 9 5.20 -16.61 -2.90
N PHE A 10 6.04 -16.39 -1.90
CA PHE A 10 5.62 -15.68 -0.69
C PHE A 10 5.06 -14.30 -1.02
N TYR A 11 5.83 -13.53 -1.78
CA TYR A 11 5.42 -12.19 -2.16
C TYR A 11 4.34 -12.24 -3.22
N ASP A 12 4.21 -13.38 -3.88
CA ASP A 12 3.19 -13.57 -4.92
C ASP A 12 1.82 -13.80 -4.29
N LYS A 13 1.80 -14.48 -3.16
CA LYS A 13 0.54 -14.78 -2.47
C LYS A 13 -0.20 -13.50 -2.13
N GLN A 14 0.54 -12.39 -2.05
CA GLN A 14 -0.05 -11.10 -1.73
C GLN A 14 -0.50 -10.38 -3.00
N LEU A 15 0.27 -10.53 -4.06
CA LEU A 15 -0.05 -9.89 -5.34
C LEU A 15 -1.55 -9.95 -5.62
N LYS A 16 -2.15 -11.10 -5.32
CA LYS A 16 -3.58 -11.29 -5.53
C LYS A 16 -4.40 -10.46 -4.55
N VAL A 17 -3.92 -10.38 -3.31
CA VAL A 17 -4.61 -9.62 -2.27
C VAL A 17 -4.53 -8.12 -2.54
N LEU A 18 -3.39 -7.68 -3.06
CA LEU A 18 -3.19 -6.27 -3.38
C LEU A 18 -4.08 -5.84 -4.53
N LEU A 19 -3.99 -6.55 -5.64
CA LEU A 19 -4.80 -6.24 -6.82
C LEU A 19 -6.28 -6.20 -6.47
N SER A 20 -6.76 -7.25 -5.80
CA SER A 20 -8.17 -7.33 -5.41
C SER A 20 -8.71 -5.95 -5.05
N GLY A 21 -7.94 -5.21 -4.26
CA GLY A 21 -8.36 -3.87 -3.87
C GLY A 21 -9.12 -3.87 -2.55
N ALA A 22 -8.61 -3.12 -1.58
CA ALA A 22 -9.26 -3.04 -0.27
C ALA A 22 -9.79 -1.64 -0.01
N THR A 23 -10.83 -1.55 0.83
CA THR A 23 -11.43 -0.26 1.16
C THR A 23 -10.72 0.39 2.33
N PHE A 24 -10.53 1.70 2.25
CA PHE A 24 -9.86 2.45 3.31
C PHE A 24 -10.39 3.88 3.38
N LEU A 25 -9.84 4.66 4.31
CA LEU A 25 -10.25 6.05 4.48
C LEU A 25 -9.16 7.00 4.00
N VAL A 26 -9.43 7.68 2.89
CA VAL A 26 -8.47 8.64 2.33
C VAL A 26 -8.79 10.06 2.76
N THR A 27 -7.76 10.78 3.22
CA THR A 27 -7.93 12.15 3.67
C THR A 27 -6.99 13.09 2.92
N PHE A 28 -7.56 14.04 2.19
CA PHE A 28 -6.77 15.00 1.43
C PHE A 28 -6.39 16.20 2.30
N GLY A 29 -5.20 16.75 2.05
CA GLY A 29 -4.74 17.88 2.81
C GLY A 29 -5.83 18.90 3.06
N ASN A 30 -6.67 19.13 2.06
CA ASN A 30 -7.75 20.09 2.17
C ASN A 30 -8.90 19.51 3.00
N SER A 31 -9.23 18.25 2.73
CA SER A 31 -10.31 17.59 3.44
C SER A 31 -9.85 17.11 4.82
N GLU A 32 -10.55 17.55 5.86
CA GLU A 32 -10.22 17.17 7.23
C GLU A 32 -10.94 15.88 7.63
N LYS A 33 -11.98 15.53 6.88
CA LYS A 33 -12.75 14.33 7.16
C LYS A 33 -12.37 13.20 6.21
N PRO A 34 -12.25 11.97 6.75
CA PRO A 34 -11.88 10.80 5.97
C PRO A 34 -13.00 10.38 5.00
N GLU A 35 -12.60 9.99 3.79
CA GLU A 35 -13.56 9.55 2.78
C GLU A 35 -13.29 8.12 2.36
N THR A 36 -14.37 7.34 2.22
CA THR A 36 -14.25 5.95 1.82
C THR A 36 -13.78 5.83 0.37
N MET A 37 -12.57 5.32 0.19
CA MET A 37 -12.00 5.15 -1.15
C MET A 37 -11.49 3.73 -1.35
N THR A 38 -11.11 3.41 -2.58
CA THR A 38 -10.61 2.08 -2.91
C THR A 38 -9.16 2.15 -3.39
N CYS A 39 -8.30 1.31 -2.80
CA CYS A 39 -6.89 1.28 -3.17
C CYS A 39 -6.52 -0.08 -3.76
N ARG A 40 -5.94 -0.06 -4.96
CA ARG A 40 -5.54 -1.29 -5.63
C ARG A 40 -4.27 -1.07 -6.46
N LEU A 41 -3.68 -2.16 -6.92
CA LEU A 41 -2.46 -2.08 -7.71
C LEU A 41 -2.77 -2.32 -9.19
N SER A 42 -1.82 -1.95 -10.05
CA SER A 42 -1.99 -2.12 -11.49
C SER A 42 -1.68 -3.56 -11.91
N ASN A 43 -1.85 -3.84 -13.20
CA ASN A 43 -1.60 -5.17 -13.74
C ASN A 43 -0.21 -5.65 -13.33
N ASN A 44 0.77 -4.78 -13.44
CA ASN A 44 2.15 -5.12 -13.08
C ASN A 44 2.52 -4.51 -11.73
N GLN A 45 1.54 -4.35 -10.86
CA GLN A 45 1.76 -3.78 -9.54
C GLN A 45 2.87 -2.73 -9.58
N ARG A 46 2.86 -1.92 -10.63
CA ARG A 46 3.86 -0.88 -10.79
C ARG A 46 3.25 0.50 -10.59
N TYR A 47 1.94 0.52 -10.35
CA TYR A 47 1.23 1.78 -10.15
C TYR A 47 -0.01 1.56 -9.28
N LEU A 48 -0.35 2.57 -8.48
CA LEU A 48 -1.50 2.49 -7.60
C LEU A 48 -2.68 3.28 -8.17
N PHE A 49 -3.88 2.72 -8.04
CA PHE A 49 -5.08 3.38 -8.55
C PHE A 49 -6.07 3.64 -7.41
N LEU A 50 -6.93 4.64 -7.62
CA LEU A 50 -7.93 5.00 -6.62
C LEU A 50 -9.29 5.23 -7.27
N ASP A 51 -10.35 4.83 -6.57
CA ASP A 51 -11.70 5.01 -7.08
C ASP A 51 -12.62 5.56 -5.99
N GLY A 52 -13.45 6.53 -6.37
CA GLY A 52 -14.36 7.13 -5.41
C GLY A 52 -15.05 8.36 -5.97
N ASP A 53 -15.07 9.44 -5.18
CA ASP A 53 -15.71 10.68 -5.60
C ASP A 53 -15.15 11.14 -6.95
N SER A 54 -13.94 10.72 -7.26
CA SER A 54 -13.29 11.10 -8.52
C SER A 54 -12.23 10.08 -8.91
N HIS A 55 -11.69 10.24 -10.11
CA HIS A 55 -10.65 9.33 -10.60
C HIS A 55 -9.28 9.78 -10.15
N TYR A 56 -8.65 9.00 -9.26
CA TYR A 56 -7.33 9.33 -8.75
C TYR A 56 -6.36 8.18 -8.98
N GLU A 57 -5.09 8.52 -9.19
CA GLU A 57 -4.06 7.52 -9.43
C GLU A 57 -2.70 7.99 -8.90
N ILE A 58 -2.08 7.17 -8.07
CA ILE A 58 -0.79 7.51 -7.49
C ILE A 58 0.31 6.64 -8.08
N GLU A 59 1.08 7.20 -9.03
CA GLU A 59 2.16 6.48 -9.67
C GLU A 59 3.25 6.12 -8.66
N ILE A 60 3.59 4.85 -8.59
CA ILE A 60 4.63 4.39 -7.66
C ILE A 60 5.99 4.96 -8.03
N VAL A 61 6.13 5.38 -9.28
CA VAL A 61 7.38 5.95 -9.77
C VAL A 61 7.65 7.31 -9.13
N HIS A 62 6.57 8.00 -8.74
CA HIS A 62 6.69 9.31 -8.12
C HIS A 62 6.81 9.18 -6.60
N ILE A 63 6.12 8.21 -6.03
CA ILE A 63 6.16 7.98 -4.59
C ILE A 63 7.59 7.92 -4.08
N SER A 64 7.86 8.64 -3.00
CA SER A 64 9.21 8.67 -2.42
C SER A 64 9.27 7.77 -1.19
N THR A 65 8.52 8.14 -0.15
CA THR A 65 8.50 7.36 1.08
C THR A 65 7.19 6.61 1.24
N VAL A 66 7.24 5.47 1.91
CA VAL A 66 6.05 4.65 2.12
C VAL A 66 6.16 3.85 3.42
N GLN A 67 5.43 4.28 4.44
CA GLN A 67 5.45 3.61 5.74
C GLN A 67 4.04 3.34 6.24
N ILE A 68 3.90 2.38 7.14
CA ILE A 68 2.60 2.04 7.71
C ILE A 68 2.42 2.64 9.10
N LEU A 69 1.25 3.24 9.33
CA LEU A 69 0.95 3.85 10.62
C LEU A 69 0.44 2.81 11.61
N THR A 70 1.22 2.55 12.65
CA THR A 70 0.85 1.57 13.67
C THR A 70 0.33 2.27 14.92
N GLU A 71 -0.78 1.75 15.46
CA GLU A 71 -1.38 2.32 16.66
C GLU A 71 -0.38 2.36 17.80
N GLY A 72 0.30 1.24 18.03
CA GLY A 72 1.27 1.16 19.09
C GLY A 72 1.68 -0.26 19.41
N PHE A 73 1.57 -0.64 20.68
CA PHE A 73 1.93 -1.99 21.11
C PHE A 73 0.97 -3.02 20.53
N PRO A 74 1.52 -4.20 20.17
CA PRO A 74 0.74 -5.29 19.59
C PRO A 74 -0.21 -5.92 20.60
N PRO A 75 -1.46 -6.15 20.18
CA PRO A 75 -2.49 -6.75 21.03
C PRO A 75 -2.22 -8.22 21.30
N GLY A 76 -1.83 -8.96 20.28
CA GLY A 76 -1.55 -10.37 20.43
C GLY A 76 -0.12 -10.71 20.10
N GLY A 77 0.10 -11.93 19.61
CA GLY A 77 1.44 -12.36 19.25
C GLY A 77 2.04 -11.53 18.13
N GLY A 78 2.96 -12.14 17.37
CA GLY A 78 3.59 -11.43 16.27
C GLY A 78 2.79 -11.53 14.99
N ASN A 79 2.38 -10.38 14.46
CA ASN A 79 1.61 -10.34 13.23
C ASN A 79 1.84 -9.03 12.48
N ALA A 80 1.19 -8.89 11.33
CA ALA A 80 1.33 -7.69 10.52
C ALA A 80 0.37 -6.59 10.99
N ARG A 81 0.34 -6.38 12.30
CA ARG A 81 -0.53 -5.36 12.89
C ARG A 81 -0.44 -4.05 12.11
N ALA A 82 -1.56 -3.63 11.54
CA ALA A 82 -1.61 -2.39 10.77
C ALA A 82 -3.03 -1.86 10.66
N THR A 83 -3.25 -0.67 11.21
CA THR A 83 -4.57 -0.05 11.17
C THR A 83 -4.61 1.10 10.17
N GLY A 84 -3.46 1.71 9.93
CA GLY A 84 -3.39 2.82 8.99
C GLY A 84 -2.23 2.69 8.02
N MET A 85 -2.06 3.70 7.17
CA MET A 85 -0.98 3.69 6.19
C MET A 85 -0.52 5.10 5.87
N PHE A 86 0.75 5.25 5.52
CA PHE A 86 1.31 6.55 5.19
C PHE A 86 2.17 6.48 3.92
N LEU A 87 1.81 7.27 2.93
CA LEU A 87 2.54 7.30 1.67
C LEU A 87 2.86 8.73 1.25
N GLN A 88 4.06 8.93 0.73
CA GLN A 88 4.49 10.25 0.29
C GLN A 88 4.77 10.26 -1.21
N TYR A 89 4.39 11.34 -1.88
CA TYR A 89 4.59 11.47 -3.32
C TYR A 89 4.44 12.92 -3.76
N THR A 90 5.06 13.25 -4.89
CA THR A 90 4.99 14.61 -5.43
C THR A 90 4.31 14.62 -6.79
N VAL A 91 3.57 15.70 -7.06
CA VAL A 91 2.86 15.84 -8.34
C VAL A 91 3.48 16.94 -9.19
N PRO A 92 3.60 16.68 -10.50
CA PRO A 92 4.17 17.64 -11.45
C PRO A 92 3.27 18.85 -11.67
N GLY A 93 3.75 20.01 -11.26
CA GLY A 93 2.98 21.23 -11.42
C GLY A 93 2.81 22.00 -10.12
N THR A 94 2.48 21.28 -9.05
CA THR A 94 2.30 21.89 -7.74
C THR A 94 3.63 22.13 -7.05
N GLU A 95 3.58 22.69 -5.84
CA GLU A 95 4.79 22.97 -5.08
C GLU A 95 4.75 22.27 -3.73
N GLY A 96 5.71 21.38 -3.49
CA GLY A 96 5.76 20.66 -2.23
C GLY A 96 5.55 19.18 -2.41
N VAL A 97 5.14 18.51 -1.33
CA VAL A 97 4.90 17.07 -1.36
C VAL A 97 3.50 16.74 -0.87
N THR A 98 2.89 15.71 -1.45
CA THR A 98 1.56 15.29 -1.07
C THR A 98 1.57 13.91 -0.44
N GLN A 99 0.95 13.78 0.72
CA GLN A 99 0.90 12.51 1.43
C GLN A 99 -0.53 11.95 1.46
N LEU A 100 -0.65 10.64 1.46
CA LEU A 100 -1.95 9.98 1.48
C LEU A 100 -2.05 9.00 2.63
N LYS A 101 -3.14 9.07 3.39
CA LYS A 101 -3.36 8.18 4.52
C LYS A 101 -4.50 7.22 4.25
N LEU A 102 -4.35 5.96 4.67
CA LEU A 102 -5.38 4.95 4.47
C LEU A 102 -5.67 4.22 5.77
N THR A 103 -6.92 4.29 6.22
CA THR A 103 -7.33 3.63 7.45
C THR A 103 -8.44 2.61 7.18
N VAL A 104 -8.64 1.70 8.13
CA VAL A 104 -9.66 0.67 8.00
C VAL A 104 -11.03 1.21 8.36
N VAL A 105 -11.96 1.11 7.42
CA VAL A 105 -13.32 1.59 7.63
C VAL A 105 -13.96 0.92 8.84
N GLU A 106 -14.86 1.65 9.51
CA GLU A 106 -15.54 1.11 10.68
C GLU A 106 -16.94 0.65 10.34
N ASP A 107 -17.09 0.08 9.15
CA ASP A 107 -18.39 -0.42 8.69
C ASP A 107 -18.59 -1.89 9.08
N VAL A 108 -19.75 -2.43 8.76
CA VAL A 108 -20.06 -3.81 9.07
C VAL A 108 -19.30 -4.77 8.17
N THR A 109 -19.19 -4.41 6.90
CA THR A 109 -18.48 -5.24 5.93
C THR A 109 -17.26 -4.52 5.38
N VAL A 110 -16.13 -4.66 6.06
CA VAL A 110 -14.89 -4.01 5.63
C VAL A 110 -13.86 -5.05 5.18
N GLY A 111 -13.71 -6.12 5.97
CA GLY A 111 -12.76 -7.16 5.64
C GLY A 111 -11.42 -6.94 6.29
N ARG A 112 -11.42 -6.69 7.60
CA ARG A 112 -10.18 -6.46 8.33
C ARG A 112 -9.07 -7.37 7.82
N ARG A 113 -9.42 -8.61 7.51
CA ARG A 113 -8.45 -9.57 7.01
C ARG A 113 -7.79 -9.08 5.74
N GLN A 114 -8.61 -8.74 4.74
CA GLN A 114 -8.10 -8.25 3.47
C GLN A 114 -7.45 -6.88 3.64
N ALA A 115 -8.14 -5.97 4.32
CA ALA A 115 -7.62 -4.63 4.55
C ALA A 115 -6.24 -4.67 5.20
N VAL A 116 -6.20 -5.16 6.44
CA VAL A 116 -4.94 -5.25 7.18
C VAL A 116 -3.88 -6.01 6.37
N ALA A 117 -4.34 -6.96 5.56
CA ALA A 117 -3.44 -7.76 4.74
C ALA A 117 -2.88 -6.92 3.58
N TRP A 118 -3.70 -6.02 3.05
CA TRP A 118 -3.29 -5.16 1.95
C TRP A 118 -2.20 -4.20 2.39
N LEU A 119 -2.45 -3.48 3.48
CA LEU A 119 -1.49 -2.52 4.00
C LEU A 119 -0.09 -3.12 4.05
N VAL A 120 0.07 -4.16 4.87
CA VAL A 120 1.36 -4.83 5.01
C VAL A 120 1.91 -5.24 3.65
N ALA A 121 1.07 -5.86 2.84
CA ALA A 121 1.47 -6.31 1.50
C ALA A 121 2.10 -5.17 0.71
N MET A 122 1.43 -4.02 0.70
CA MET A 122 1.94 -2.85 -0.02
C MET A 122 3.37 -2.53 0.40
N HIS A 123 3.53 -2.16 1.66
CA HIS A 123 4.85 -1.82 2.20
C HIS A 123 5.89 -2.88 1.81
N LYS A 124 5.56 -4.14 2.08
CA LYS A 124 6.46 -5.25 1.75
C LYS A 124 7.05 -5.07 0.36
N ALA A 125 6.17 -4.90 -0.63
CA ALA A 125 6.60 -4.73 -2.02
C ALA A 125 7.37 -3.42 -2.19
N ALA A 126 6.85 -2.34 -1.61
CA ALA A 126 7.48 -1.03 -1.70
C ALA A 126 8.93 -1.10 -1.22
N LYS A 127 9.25 -2.14 -0.45
CA LYS A 127 10.60 -2.32 0.07
C LYS A 127 11.52 -2.88 -1.01
N LEU A 128 11.10 -3.96 -1.65
CA LEU A 128 11.88 -4.59 -2.69
C LEU A 128 12.03 -3.68 -3.90
N LEU A 129 11.03 -2.82 -4.11
CA LEU A 129 11.05 -1.88 -5.23
C LEU A 129 12.27 -0.96 -5.16
N TYR A 130 12.67 -0.62 -3.93
CA TYR A 130 13.82 0.25 -3.72
C TYR A 130 15.04 -0.56 -3.28
N GLU A 131 14.90 -1.28 -2.17
CA GLU A 131 15.98 -2.09 -1.64
C GLU A 131 16.60 -2.96 -2.74
N SER A 132 15.83 -3.21 -3.80
CA SER A 132 16.30 -4.02 -4.92
C SER A 132 15.68 -3.55 -6.24
N ARG A 133 16.09 -4.17 -7.33
CA ARG A 133 15.58 -3.81 -8.65
C ARG A 133 14.45 -4.74 -9.06
N ASP A 134 13.60 -4.26 -9.96
CA ASP A 134 12.46 -5.05 -10.44
C ASP A 134 12.92 -6.08 -11.47
N GLN A 135 13.56 -5.59 -12.54
CA GLN A 135 14.04 -6.47 -13.59
C GLN A 135 15.56 -6.64 -13.52
N SER A 136 16.00 -7.89 -13.51
CA SER A 136 17.43 -8.19 -13.42
C SER A 136 18.04 -8.27 -14.82
N GLY A 137 18.78 -7.24 -15.20
CA GLY A 137 19.42 -7.21 -16.50
C GLY A 137 19.88 -5.82 -16.89
N PRO A 138 18.93 -4.88 -16.99
CA PRO A 138 19.22 -3.49 -17.35
C PRO A 138 19.99 -2.75 -16.27
N SER A 139 20.16 -3.40 -15.12
CA SER A 139 20.87 -2.80 -14.01
C SER A 139 22.29 -2.40 -14.41
N SER A 140 22.84 -1.41 -13.74
CA SER A 140 24.19 -0.93 -14.03
C SER A 140 25.23 -1.73 -13.24
N GLY A 141 24.98 -3.01 -13.09
CA GLY A 141 25.90 -3.88 -12.36
C GLY A 141 26.44 -5.01 -13.22
N GLY A 1 19.46 -13.35 -20.23
CA GLY A 1 18.08 -12.98 -19.94
C GLY A 1 17.24 -14.16 -19.52
N SER A 2 17.19 -15.19 -20.38
CA SER A 2 16.40 -16.38 -20.09
C SER A 2 16.71 -16.91 -18.68
N SER A 3 15.66 -17.12 -17.90
CA SER A 3 15.81 -17.61 -16.53
C SER A 3 14.49 -18.13 -16.00
N GLY A 4 14.45 -19.43 -15.69
CA GLY A 4 13.23 -20.03 -15.16
C GLY A 4 13.41 -20.55 -13.75
N SER A 5 13.28 -19.65 -12.77
CA SER A 5 13.43 -20.02 -11.38
C SER A 5 12.09 -19.95 -10.65
N SER A 6 12.05 -20.51 -9.45
CA SER A 6 10.82 -20.52 -8.65
C SER A 6 10.54 -19.14 -8.09
N GLY A 7 11.48 -18.61 -7.31
CA GLY A 7 11.32 -17.30 -6.71
C GLY A 7 10.68 -17.36 -5.33
N ALA A 8 10.09 -16.25 -4.91
CA ALA A 8 9.44 -16.18 -3.61
C ALA A 8 7.95 -16.48 -3.72
N GLU A 9 7.59 -17.74 -3.49
CA GLU A 9 6.19 -18.16 -3.57
C GLU A 9 5.35 -17.44 -2.51
N PHE A 10 5.95 -17.20 -1.35
CA PHE A 10 5.27 -16.51 -0.26
C PHE A 10 4.77 -15.14 -0.70
N TYR A 11 5.53 -14.49 -1.57
CA TYR A 11 5.17 -13.17 -2.07
C TYR A 11 4.15 -13.28 -3.21
N ASP A 12 4.22 -14.36 -3.96
CA ASP A 12 3.31 -14.59 -5.07
C ASP A 12 1.87 -14.72 -4.57
N LYS A 13 1.72 -14.93 -3.27
CA LYS A 13 0.40 -15.08 -2.67
C LYS A 13 -0.15 -13.72 -2.25
N GLN A 14 0.74 -12.78 -1.98
CA GLN A 14 0.33 -11.44 -1.56
C GLN A 14 -0.21 -10.64 -2.75
N LEU A 15 0.13 -11.09 -3.96
CA LEU A 15 -0.32 -10.41 -5.17
C LEU A 15 -1.84 -10.41 -5.25
N LYS A 16 -2.42 -11.60 -5.44
CA LYS A 16 -3.87 -11.73 -5.53
C LYS A 16 -4.58 -10.80 -4.55
N VAL A 17 -3.95 -10.59 -3.39
CA VAL A 17 -4.51 -9.73 -2.37
C VAL A 17 -4.40 -8.26 -2.77
N LEU A 18 -3.20 -7.85 -3.18
CA LEU A 18 -2.96 -6.47 -3.59
C LEU A 18 -3.88 -6.07 -4.73
N LEU A 19 -3.74 -6.75 -5.86
CA LEU A 19 -4.57 -6.46 -7.03
C LEU A 19 -6.04 -6.34 -6.64
N SER A 20 -6.54 -7.34 -5.93
CA SER A 20 -7.94 -7.34 -5.49
C SER A 20 -8.37 -5.95 -5.05
N GLY A 21 -7.44 -5.22 -4.44
CA GLY A 21 -7.74 -3.88 -3.97
C GLY A 21 -8.66 -3.88 -2.77
N ALA A 22 -8.28 -3.11 -1.74
CA ALA A 22 -9.08 -3.04 -0.53
C ALA A 22 -9.66 -1.64 -0.34
N THR A 23 -10.42 -1.44 0.73
CA THR A 23 -11.04 -0.15 1.02
C THR A 23 -10.31 0.56 2.15
N PHE A 24 -10.17 1.88 2.01
CA PHE A 24 -9.49 2.68 3.03
C PHE A 24 -10.05 4.10 3.06
N LEU A 25 -9.76 4.82 4.14
CA LEU A 25 -10.23 6.20 4.28
C LEU A 25 -9.18 7.19 3.81
N VAL A 26 -9.49 7.92 2.75
CA VAL A 26 -8.57 8.91 2.20
C VAL A 26 -8.96 10.33 2.64
N THR A 27 -8.00 11.04 3.21
CA THR A 27 -8.23 12.40 3.67
C THR A 27 -7.33 13.40 2.94
N PHE A 28 -7.94 14.19 2.05
CA PHE A 28 -7.21 15.18 1.29
C PHE A 28 -7.02 16.46 2.09
N GLY A 29 -5.80 16.99 2.06
CA GLY A 29 -5.51 18.22 2.79
C GLY A 29 -6.69 19.17 2.81
N ASN A 30 -7.41 19.24 1.70
CA ASN A 30 -8.57 20.12 1.59
C ASN A 30 -9.73 19.61 2.44
N SER A 31 -9.98 18.30 2.35
CA SER A 31 -11.07 17.68 3.11
C SER A 31 -10.58 17.26 4.49
N GLU A 32 -11.24 17.78 5.52
CA GLU A 32 -10.88 17.47 6.90
C GLU A 32 -11.57 16.17 7.34
N LYS A 33 -12.46 15.66 6.52
CA LYS A 33 -13.18 14.43 6.82
C LYS A 33 -12.74 13.30 5.89
N PRO A 34 -12.57 12.09 6.47
CA PRO A 34 -12.16 10.91 5.72
C PRO A 34 -13.25 10.41 4.77
N GLU A 35 -12.84 9.91 3.61
CA GLU A 35 -13.78 9.40 2.62
C GLU A 35 -13.47 7.95 2.28
N THR A 36 -14.52 7.18 1.99
CA THR A 36 -14.38 5.77 1.65
C THR A 36 -13.94 5.61 0.19
N MET A 37 -12.68 5.20 0.00
CA MET A 37 -12.16 5.00 -1.35
C MET A 37 -11.48 3.64 -1.46
N THR A 38 -11.28 3.18 -2.70
CA THR A 38 -10.65 1.89 -2.94
C THR A 38 -9.23 2.07 -3.49
N CYS A 39 -8.34 1.16 -3.12
CA CYS A 39 -6.96 1.21 -3.57
C CYS A 39 -6.50 -0.15 -4.08
N ARG A 40 -5.76 -0.13 -5.19
CA ARG A 40 -5.27 -1.36 -5.80
C ARG A 40 -4.02 -1.09 -6.63
N LEU A 41 -3.32 -2.16 -7.00
CA LEU A 41 -2.10 -2.04 -7.81
C LEU A 41 -2.36 -2.46 -9.25
N SER A 42 -1.48 -2.05 -10.15
CA SER A 42 -1.62 -2.39 -11.56
C SER A 42 -1.25 -3.85 -11.82
N ASN A 43 -1.46 -4.29 -13.04
CA ASN A 43 -1.16 -5.67 -13.42
C ASN A 43 0.28 -6.02 -13.08
N ASN A 44 1.17 -5.05 -13.24
CA ASN A 44 2.59 -5.25 -12.96
C ASN A 44 2.99 -4.57 -11.65
N GLN A 45 1.99 -4.13 -10.89
CA GLN A 45 2.24 -3.45 -9.62
C GLN A 45 3.29 -2.37 -9.78
N ARG A 46 3.08 -1.49 -10.75
CA ARG A 46 4.02 -0.40 -11.01
C ARG A 46 3.34 0.96 -10.81
N TYR A 47 2.05 0.93 -10.49
CA TYR A 47 1.29 2.16 -10.27
C TYR A 47 0.07 1.89 -9.40
N LEU A 48 -0.30 2.88 -8.60
CA LEU A 48 -1.45 2.76 -7.71
C LEU A 48 -2.60 3.65 -8.19
N PHE A 49 -3.82 3.16 -8.02
CA PHE A 49 -5.01 3.90 -8.42
C PHE A 49 -6.03 3.95 -7.30
N LEU A 50 -6.83 5.01 -7.27
CA LEU A 50 -7.86 5.18 -6.24
C LEU A 50 -9.25 5.23 -6.86
N ASP A 51 -10.25 4.92 -6.06
CA ASP A 51 -11.64 4.93 -6.52
C ASP A 51 -12.54 5.64 -5.52
N GLY A 52 -13.49 6.42 -6.03
CA GLY A 52 -14.42 7.13 -5.18
C GLY A 52 -14.84 8.46 -5.77
N ASP A 53 -14.92 9.49 -4.93
CA ASP A 53 -15.33 10.82 -5.38
C ASP A 53 -14.80 11.09 -6.79
N SER A 54 -13.59 10.62 -7.07
CA SER A 54 -12.98 10.83 -8.38
C SER A 54 -11.98 9.71 -8.69
N HIS A 55 -11.48 9.70 -9.93
CA HIS A 55 -10.52 8.70 -10.35
C HIS A 55 -9.09 9.22 -10.26
N TYR A 56 -8.46 9.02 -9.10
CA TYR A 56 -7.10 9.47 -8.87
C TYR A 56 -6.10 8.34 -9.08
N GLU A 57 -4.85 8.70 -9.32
CA GLU A 57 -3.79 7.72 -9.53
C GLU A 57 -2.48 8.20 -8.94
N ILE A 58 -1.91 7.38 -8.04
CA ILE A 58 -0.65 7.72 -7.40
C ILE A 58 0.50 6.90 -7.96
N GLU A 59 1.27 7.50 -8.86
CA GLU A 59 2.41 6.81 -9.47
C GLU A 59 3.55 6.64 -8.47
N ILE A 60 3.98 5.40 -8.30
CA ILE A 60 5.07 5.10 -7.37
C ILE A 60 6.34 5.86 -7.75
N VAL A 61 6.52 6.10 -9.04
CA VAL A 61 7.68 6.83 -9.53
C VAL A 61 7.82 8.18 -8.85
N HIS A 62 6.70 8.74 -8.41
CA HIS A 62 6.69 10.02 -7.73
C HIS A 62 6.85 9.85 -6.22
N ILE A 63 6.07 8.93 -5.66
CA ILE A 63 6.12 8.66 -4.23
C ILE A 63 7.55 8.73 -3.70
N SER A 64 7.72 9.38 -2.56
CA SER A 64 9.04 9.52 -1.94
C SER A 64 9.12 8.74 -0.64
N THR A 65 8.21 9.05 0.28
CA THR A 65 8.19 8.37 1.58
C THR A 65 7.02 7.39 1.66
N VAL A 66 7.27 6.24 2.28
CA VAL A 66 6.24 5.22 2.42
C VAL A 66 6.34 4.53 3.78
N GLN A 67 5.42 4.86 4.67
CA GLN A 67 5.41 4.27 6.01
C GLN A 67 4.00 3.87 6.41
N ILE A 68 3.88 2.78 7.17
CA ILE A 68 2.59 2.30 7.62
C ILE A 68 2.17 2.97 8.92
N LEU A 69 0.88 3.29 9.04
CA LEU A 69 0.36 3.94 10.23
C LEU A 69 -0.07 2.91 11.28
N THR A 70 0.74 2.76 12.32
CA THR A 70 0.45 1.81 13.38
C THR A 70 -0.10 2.51 14.62
N GLU A 71 -0.79 1.76 15.47
CA GLU A 71 -1.36 2.33 16.69
C GLU A 71 -0.51 1.97 17.90
N GLY A 72 0.29 2.93 18.37
CA GLY A 72 1.14 2.70 19.51
C GLY A 72 2.40 1.92 19.16
N PHE A 73 3.55 2.57 19.25
CA PHE A 73 4.81 1.94 18.93
C PHE A 73 4.85 0.50 19.45
N PRO A 74 5.22 -0.43 18.56
CA PRO A 74 5.30 -1.86 18.89
C PRO A 74 6.45 -2.17 19.85
N PRO A 75 6.26 -3.18 20.70
CA PRO A 75 7.27 -3.59 21.68
C PRO A 75 8.47 -4.26 21.01
N GLY A 76 8.21 -5.23 20.16
CA GLY A 76 9.28 -5.93 19.46
C GLY A 76 9.05 -7.43 19.40
N GLY A 77 8.85 -7.94 18.18
CA GLY A 77 8.61 -9.36 18.00
C GLY A 77 8.28 -9.72 16.57
N GLY A 78 7.65 -10.87 16.38
CA GLY A 78 7.29 -11.31 15.04
C GLY A 78 5.97 -10.72 14.58
N ASN A 79 4.88 -11.22 15.15
CA ASN A 79 3.54 -10.73 14.78
C ASN A 79 3.57 -9.23 14.53
N ALA A 80 2.59 -8.75 13.77
CA ALA A 80 2.49 -7.33 13.46
C ALA A 80 1.17 -7.02 12.76
N ARG A 81 0.59 -5.86 13.09
CA ARG A 81 -0.67 -5.45 12.49
C ARG A 81 -0.56 -4.04 11.90
N ALA A 82 -1.67 -3.51 11.42
CA ALA A 82 -1.70 -2.18 10.83
C ALA A 82 -3.13 -1.65 10.73
N THR A 83 -3.35 -0.44 11.25
CA THR A 83 -4.67 0.18 11.21
C THR A 83 -4.70 1.35 10.24
N GLY A 84 -3.71 1.41 9.35
CA GLY A 84 -3.65 2.48 8.38
C GLY A 84 -2.36 2.47 7.59
N MET A 85 -2.23 3.42 6.66
CA MET A 85 -1.03 3.51 5.83
C MET A 85 -0.70 4.97 5.53
N PHE A 86 0.59 5.26 5.39
CA PHE A 86 1.04 6.62 5.10
C PHE A 86 1.94 6.64 3.87
N LEU A 87 1.65 7.54 2.94
CA LEU A 87 2.43 7.66 1.71
C LEU A 87 2.56 9.13 1.29
N GLN A 88 3.74 9.50 0.82
CA GLN A 88 3.99 10.87 0.39
C GLN A 88 4.38 10.91 -1.09
N TYR A 89 3.93 11.94 -1.79
CA TYR A 89 4.23 12.09 -3.21
C TYR A 89 4.21 13.56 -3.61
N THR A 90 4.81 13.85 -4.76
CA THR A 90 4.87 15.22 -5.27
C THR A 90 4.04 15.37 -6.55
N VAL A 91 3.20 16.39 -6.59
CA VAL A 91 2.35 16.64 -7.75
C VAL A 91 3.08 17.47 -8.80
N PRO A 92 2.94 17.08 -10.07
CA PRO A 92 3.58 17.78 -11.19
C PRO A 92 2.98 19.15 -11.44
N GLY A 93 3.47 20.15 -10.70
CA GLY A 93 2.97 21.50 -10.86
C GLY A 93 2.61 22.14 -9.53
N THR A 94 3.01 21.50 -8.44
CA THR A 94 2.71 22.01 -7.11
C THR A 94 3.99 22.32 -6.34
N GLU A 95 3.85 23.01 -5.22
CA GLU A 95 5.00 23.37 -4.39
C GLU A 95 4.99 22.59 -3.07
N GLY A 96 5.97 21.71 -2.91
CA GLY A 96 6.05 20.92 -1.69
C GLY A 96 5.68 19.47 -1.93
N VAL A 97 5.42 18.74 -0.84
CA VAL A 97 5.06 17.32 -0.93
C VAL A 97 3.68 17.07 -0.33
N THR A 98 2.92 16.19 -0.96
CA THR A 98 1.59 15.85 -0.49
C THR A 98 1.59 14.52 0.26
N GLN A 99 0.96 14.51 1.43
CA GLN A 99 0.89 13.31 2.26
C GLN A 99 -0.53 12.75 2.25
N LEU A 100 -0.62 11.42 2.18
CA LEU A 100 -1.92 10.75 2.18
C LEU A 100 -2.06 9.83 3.38
N LYS A 101 -3.27 9.76 3.93
CA LYS A 101 -3.54 8.91 5.09
C LYS A 101 -4.63 7.89 4.78
N LEU A 102 -4.38 6.64 5.11
CA LEU A 102 -5.35 5.57 4.87
C LEU A 102 -5.67 4.82 6.16
N THR A 103 -6.94 4.45 6.32
CA THR A 103 -7.37 3.73 7.50
C THR A 103 -8.33 2.59 7.14
N VAL A 104 -8.45 1.62 8.03
CA VAL A 104 -9.33 0.47 7.80
C VAL A 104 -10.73 0.76 8.33
N VAL A 105 -11.74 0.39 7.55
CA VAL A 105 -13.13 0.59 7.94
C VAL A 105 -13.85 -0.75 8.13
N GLU A 106 -14.60 -0.85 9.22
CA GLU A 106 -15.34 -2.07 9.52
C GLU A 106 -16.83 -1.79 9.61
N ASP A 107 -17.18 -0.57 10.01
CA ASP A 107 -18.58 -0.18 10.12
C ASP A 107 -19.27 -0.19 8.78
N VAL A 108 -18.89 0.75 7.91
CA VAL A 108 -19.47 0.85 6.58
C VAL A 108 -19.27 -0.44 5.79
N THR A 109 -18.02 -0.90 5.73
CA THR A 109 -17.70 -2.12 5.01
C THR A 109 -16.76 -3.01 5.82
N VAL A 110 -17.05 -4.30 5.85
CA VAL A 110 -16.24 -5.26 6.60
C VAL A 110 -15.11 -5.81 5.73
N GLY A 111 -14.03 -6.24 6.38
CA GLY A 111 -12.90 -6.78 5.65
C GLY A 111 -11.58 -6.46 6.31
N ARG A 112 -11.55 -6.54 7.64
CA ARG A 112 -10.33 -6.26 8.39
C ARG A 112 -9.14 -7.02 7.82
N ARG A 113 -9.21 -8.34 7.88
CA ARG A 113 -8.14 -9.20 7.37
C ARG A 113 -7.68 -8.72 5.99
N GLN A 114 -8.62 -8.66 5.05
CA GLN A 114 -8.31 -8.23 3.70
C GLN A 114 -7.43 -6.97 3.72
N ALA A 115 -7.95 -5.90 4.31
CA ALA A 115 -7.20 -4.65 4.40
C ALA A 115 -5.86 -4.85 5.09
N VAL A 116 -5.89 -5.30 6.33
CA VAL A 116 -4.67 -5.53 7.09
C VAL A 116 -3.63 -6.25 6.25
N ALA A 117 -4.09 -7.12 5.36
CA ALA A 117 -3.20 -7.87 4.49
C ALA A 117 -2.64 -6.99 3.37
N TRP A 118 -3.51 -6.19 2.78
CA TRP A 118 -3.11 -5.29 1.69
C TRP A 118 -2.09 -4.27 2.18
N LEU A 119 -2.31 -3.77 3.39
CA LEU A 119 -1.40 -2.77 3.98
C LEU A 119 0.01 -3.34 4.11
N VAL A 120 0.11 -4.51 4.73
CA VAL A 120 1.41 -5.16 4.93
C VAL A 120 1.96 -5.68 3.60
N ALA A 121 1.06 -6.11 2.72
CA ALA A 121 1.46 -6.63 1.42
C ALA A 121 2.02 -5.52 0.53
N MET A 122 1.54 -4.30 0.74
CA MET A 122 2.00 -3.16 -0.04
C MET A 122 3.36 -2.69 0.43
N HIS A 123 3.51 -2.56 1.75
CA HIS A 123 4.78 -2.11 2.33
C HIS A 123 5.89 -3.13 2.05
N LYS A 124 5.61 -4.39 2.33
CA LYS A 124 6.58 -5.45 2.11
C LYS A 124 7.10 -5.43 0.67
N ALA A 125 6.22 -5.10 -0.26
CA ALA A 125 6.58 -5.04 -1.67
C ALA A 125 7.13 -3.67 -2.04
N ALA A 126 6.70 -2.65 -1.30
CA ALA A 126 7.15 -1.28 -1.55
C ALA A 126 8.67 -1.21 -1.59
N LYS A 127 9.32 -1.85 -0.63
CA LYS A 127 10.78 -1.86 -0.56
C LYS A 127 11.38 -2.69 -1.70
N LEU A 128 10.67 -3.74 -2.09
CA LEU A 128 11.13 -4.60 -3.17
C LEU A 128 11.33 -3.81 -4.45
N LEU A 129 10.47 -2.83 -4.68
CA LEU A 129 10.55 -1.99 -5.86
C LEU A 129 11.84 -1.18 -5.87
N TYR A 130 12.14 -0.54 -4.74
CA TYR A 130 13.34 0.27 -4.61
C TYR A 130 14.56 -0.60 -4.32
N GLU A 131 14.54 -1.28 -3.18
CA GLU A 131 15.64 -2.14 -2.78
C GLU A 131 16.01 -3.11 -3.91
N SER A 132 15.04 -3.38 -4.79
CA SER A 132 15.25 -4.29 -5.90
C SER A 132 14.61 -3.74 -7.17
N ARG A 133 15.36 -3.78 -8.27
CA ARG A 133 14.87 -3.29 -9.55
C ARG A 133 14.97 -4.36 -10.63
N ASP A 134 14.35 -4.12 -11.77
CA ASP A 134 14.37 -5.06 -12.88
C ASP A 134 15.36 -4.62 -13.95
N GLN A 135 16.64 -4.88 -13.70
CA GLN A 135 17.69 -4.50 -14.65
C GLN A 135 17.80 -5.53 -15.78
N SER A 136 17.03 -5.31 -16.84
CA SER A 136 17.03 -6.22 -17.99
C SER A 136 16.74 -7.64 -17.55
N GLY A 137 15.76 -7.81 -16.67
CA GLY A 137 15.40 -9.12 -16.19
C GLY A 137 16.54 -9.79 -15.42
N PRO A 138 16.86 -9.24 -14.24
CA PRO A 138 17.93 -9.77 -13.40
C PRO A 138 17.58 -11.12 -12.79
N SER A 139 18.60 -11.85 -12.34
CA SER A 139 18.39 -13.16 -11.73
C SER A 139 19.17 -13.29 -10.43
N SER A 140 18.60 -14.02 -9.48
CA SER A 140 19.23 -14.22 -8.18
C SER A 140 18.57 -15.35 -7.41
N GLY A 141 19.38 -16.18 -6.76
CA GLY A 141 18.85 -17.29 -6.00
C GLY A 141 19.57 -18.60 -6.29
N GLY A 1 12.63 -5.67 -11.47
CA GLY A 1 12.56 -7.07 -11.09
C GLY A 1 13.12 -7.32 -9.70
N SER A 2 13.51 -8.56 -9.43
CA SER A 2 14.07 -8.93 -8.14
C SER A 2 14.80 -10.27 -8.22
N SER A 3 15.42 -10.67 -7.12
CA SER A 3 16.15 -11.92 -7.06
C SER A 3 15.38 -13.04 -7.77
N GLY A 4 14.14 -13.25 -7.33
CA GLY A 4 13.31 -14.29 -7.93
C GLY A 4 13.55 -15.64 -7.31
N SER A 5 13.65 -15.68 -5.98
CA SER A 5 13.87 -16.93 -5.26
C SER A 5 12.87 -18.00 -5.70
N SER A 6 13.36 -19.22 -5.88
CA SER A 6 12.52 -20.33 -6.31
C SER A 6 11.59 -20.75 -5.17
N GLY A 7 10.29 -20.78 -5.46
CA GLY A 7 9.31 -21.17 -4.46
C GLY A 7 8.97 -20.04 -3.51
N ALA A 8 8.02 -19.20 -3.92
CA ALA A 8 7.60 -18.07 -3.10
C ALA A 8 6.08 -18.04 -2.96
N GLU A 9 5.57 -18.72 -1.93
CA GLU A 9 4.13 -18.76 -1.68
C GLU A 9 3.65 -17.48 -1.02
N PHE A 10 4.33 -17.07 0.04
CA PHE A 10 3.98 -15.86 0.77
C PHE A 10 3.77 -14.69 -0.20
N TYR A 11 4.79 -14.41 -1.00
CA TYR A 11 4.73 -13.32 -1.97
C TYR A 11 3.63 -13.56 -2.99
N ASP A 12 3.64 -14.74 -3.60
CA ASP A 12 2.64 -15.10 -4.61
C ASP A 12 1.25 -14.70 -4.13
N LYS A 13 0.95 -14.97 -2.86
CA LYS A 13 -0.34 -14.64 -2.30
C LYS A 13 -0.57 -13.13 -2.28
N GLN A 14 0.41 -12.41 -1.74
CA GLN A 14 0.33 -10.95 -1.66
C GLN A 14 0.00 -10.35 -3.02
N LEU A 15 0.47 -11.00 -4.08
CA LEU A 15 0.23 -10.53 -5.44
C LEU A 15 -1.27 -10.32 -5.69
N LYS A 16 -2.04 -11.39 -5.53
CA LYS A 16 -3.48 -11.32 -5.73
C LYS A 16 -4.14 -10.40 -4.71
N VAL A 17 -3.65 -10.45 -3.47
CA VAL A 17 -4.18 -9.61 -2.41
C VAL A 17 -4.04 -8.14 -2.74
N LEU A 18 -2.90 -7.77 -3.31
CA LEU A 18 -2.63 -6.38 -3.68
C LEU A 18 -3.55 -5.94 -4.82
N LEU A 19 -3.47 -6.64 -5.95
CA LEU A 19 -4.29 -6.32 -7.11
C LEU A 19 -5.77 -6.30 -6.74
N SER A 20 -6.22 -7.34 -6.02
CA SER A 20 -7.60 -7.44 -5.60
C SER A 20 -8.18 -6.05 -5.30
N GLY A 21 -7.45 -5.28 -4.51
CA GLY A 21 -7.90 -3.94 -4.16
C GLY A 21 -8.74 -3.93 -2.90
N ALA A 22 -8.34 -3.14 -1.92
CA ALA A 22 -9.06 -3.04 -0.66
C ALA A 22 -9.52 -1.62 -0.40
N THR A 23 -10.55 -1.46 0.43
CA THR A 23 -11.10 -0.15 0.75
C THR A 23 -10.37 0.46 1.95
N PHE A 24 -10.23 1.78 1.93
CA PHE A 24 -9.56 2.49 3.02
C PHE A 24 -10.02 3.93 3.10
N LEU A 25 -9.86 4.54 4.27
CA LEU A 25 -10.27 5.93 4.48
C LEU A 25 -9.18 6.89 4.02
N VAL A 26 -9.50 7.69 3.00
CA VAL A 26 -8.55 8.66 2.48
C VAL A 26 -8.86 10.07 2.98
N THR A 27 -7.88 10.69 3.63
CA THR A 27 -8.04 12.04 4.15
C THR A 27 -7.36 13.06 3.27
N PHE A 28 -8.13 14.01 2.74
CA PHE A 28 -7.59 15.05 1.88
C PHE A 28 -7.33 16.33 2.67
N GLY A 29 -6.12 16.87 2.52
CA GLY A 29 -5.76 18.09 3.23
C GLY A 29 -6.90 19.09 3.27
N ASN A 30 -7.70 19.13 2.21
CA ASN A 30 -8.83 20.05 2.14
C ASN A 30 -9.94 19.62 3.08
N SER A 31 -10.27 18.33 3.05
CA SER A 31 -11.32 17.79 3.91
C SER A 31 -10.74 17.27 5.21
N GLU A 32 -11.39 17.62 6.32
CA GLU A 32 -10.94 17.19 7.64
C GLU A 32 -11.31 15.73 7.89
N LYS A 33 -12.40 15.29 7.27
CA LYS A 33 -12.86 13.93 7.43
C LYS A 33 -12.57 13.10 6.17
N PRO A 34 -12.04 11.88 6.38
CA PRO A 34 -11.71 10.97 5.27
C PRO A 34 -12.95 10.43 4.57
N GLU A 35 -12.74 9.80 3.42
CA GLU A 35 -13.83 9.23 2.66
C GLU A 35 -13.52 7.79 2.22
N THR A 36 -14.57 6.98 2.10
CA THR A 36 -14.40 5.59 1.70
C THR A 36 -13.91 5.49 0.25
N MET A 37 -12.64 5.14 0.10
CA MET A 37 -12.04 5.00 -1.23
C MET A 37 -11.29 3.68 -1.36
N THR A 38 -11.29 3.11 -2.56
CA THR A 38 -10.61 1.86 -2.82
C THR A 38 -9.22 2.09 -3.42
N CYS A 39 -8.22 1.41 -2.87
CA CYS A 39 -6.85 1.54 -3.35
C CYS A 39 -6.35 0.22 -3.92
N ARG A 40 -5.85 0.27 -5.16
CA ARG A 40 -5.33 -0.92 -5.82
C ARG A 40 -4.08 -0.60 -6.63
N LEU A 41 -3.38 -1.63 -7.06
CA LEU A 41 -2.15 -1.46 -7.84
C LEU A 41 -2.41 -1.74 -9.32
N SER A 42 -1.45 -1.37 -10.16
CA SER A 42 -1.58 -1.58 -11.59
C SER A 42 -1.12 -2.99 -11.98
N ASN A 43 -1.27 -3.32 -13.26
CA ASN A 43 -0.88 -4.63 -13.76
C ASN A 43 0.50 -5.03 -13.24
N ASN A 44 1.49 -4.17 -13.51
CA ASN A 44 2.86 -4.41 -13.07
C ASN A 44 3.13 -3.74 -11.73
N GLN A 45 2.06 -3.39 -11.01
CA GLN A 45 2.19 -2.73 -9.72
C GLN A 45 3.19 -1.57 -9.80
N ARG A 46 3.01 -0.73 -10.81
CA ARG A 46 3.89 0.43 -10.99
C ARG A 46 3.13 1.73 -10.77
N TYR A 47 1.80 1.62 -10.62
CA TYR A 47 0.96 2.79 -10.41
C TYR A 47 -0.21 2.46 -9.50
N LEU A 48 -0.62 3.44 -8.70
CA LEU A 48 -1.74 3.25 -7.77
C LEU A 48 -3.00 3.94 -8.30
N PHE A 49 -4.14 3.25 -8.16
CA PHE A 49 -5.41 3.79 -8.62
C PHE A 49 -6.41 3.90 -7.46
N LEU A 50 -7.19 4.97 -7.45
CA LEU A 50 -8.18 5.19 -6.40
C LEU A 50 -9.57 5.35 -7.00
N ASP A 51 -10.56 4.74 -6.35
CA ASP A 51 -11.94 4.82 -6.81
C ASP A 51 -12.82 5.48 -5.76
N GLY A 52 -13.80 6.27 -6.23
CA GLY A 52 -14.71 6.94 -5.32
C GLY A 52 -15.10 8.32 -5.80
N ASP A 53 -15.13 9.28 -4.90
CA ASP A 53 -15.50 10.66 -5.24
C ASP A 53 -14.91 11.05 -6.60
N SER A 54 -13.70 10.57 -6.88
CA SER A 54 -13.03 10.88 -8.14
C SER A 54 -11.97 9.83 -8.46
N HIS A 55 -11.60 9.73 -9.73
CA HIS A 55 -10.61 8.76 -10.17
C HIS A 55 -9.19 9.32 -10.00
N TYR A 56 -8.55 8.99 -8.89
CA TYR A 56 -7.21 9.47 -8.62
C TYR A 56 -6.17 8.39 -8.96
N GLU A 57 -4.93 8.83 -9.17
CA GLU A 57 -3.85 7.91 -9.51
C GLU A 57 -2.52 8.40 -8.94
N ILE A 58 -1.98 7.65 -7.99
CA ILE A 58 -0.71 8.01 -7.36
C ILE A 58 0.44 7.20 -7.96
N GLU A 59 1.18 7.82 -8.87
CA GLU A 59 2.31 7.17 -9.52
C GLU A 59 3.39 6.83 -8.49
N ILE A 60 3.57 5.54 -8.23
CA ILE A 60 4.57 5.09 -7.27
C ILE A 60 5.93 5.72 -7.55
N VAL A 61 6.22 5.93 -8.84
CA VAL A 61 7.48 6.54 -9.24
C VAL A 61 7.68 7.90 -8.57
N HIS A 62 6.58 8.57 -8.29
CA HIS A 62 6.62 9.89 -7.66
C HIS A 62 6.77 9.75 -6.15
N ILE A 63 6.07 8.78 -5.58
CA ILE A 63 6.12 8.55 -4.14
C ILE A 63 7.56 8.49 -3.64
N SER A 64 7.82 9.21 -2.55
CA SER A 64 9.16 9.24 -1.97
C SER A 64 9.24 8.35 -0.73
N THR A 65 8.41 8.67 0.26
CA THR A 65 8.39 7.90 1.50
C THR A 65 7.17 6.99 1.56
N VAL A 66 7.38 5.76 2.04
CA VAL A 66 6.31 4.80 2.15
C VAL A 66 6.35 4.08 3.50
N GLN A 67 5.48 4.51 4.41
CA GLN A 67 5.40 3.92 5.73
C GLN A 67 3.97 3.53 6.09
N ILE A 68 3.82 2.64 7.06
CA ILE A 68 2.51 2.19 7.49
C ILE A 68 2.17 2.71 8.88
N LEU A 69 0.93 3.16 9.07
CA LEU A 69 0.49 3.68 10.34
C LEU A 69 -0.14 2.58 11.20
N THR A 70 0.17 2.60 12.49
CA THR A 70 -0.36 1.59 13.42
C THR A 70 -0.94 2.25 14.66
N GLU A 71 -2.07 1.74 15.12
CA GLU A 71 -2.72 2.28 16.31
C GLU A 71 -2.12 1.68 17.59
N GLY A 72 -1.87 2.53 18.57
CA GLY A 72 -1.29 2.06 19.82
C GLY A 72 0.16 2.48 19.98
N PHE A 73 1.02 1.96 19.12
CA PHE A 73 2.44 2.26 19.16
C PHE A 73 3.11 1.59 20.36
N PRO A 74 2.93 0.27 20.47
CA PRO A 74 3.51 -0.52 21.57
C PRO A 74 5.03 -0.62 21.49
N PRO A 75 5.66 -1.07 22.58
CA PRO A 75 7.11 -1.23 22.65
C PRO A 75 7.61 -2.37 21.77
N GLY A 76 6.69 -3.02 21.06
CA GLY A 76 7.07 -4.12 20.20
C GLY A 76 5.86 -4.81 19.59
N GLY A 77 4.95 -4.03 19.03
CA GLY A 77 3.76 -4.59 18.41
C GLY A 77 2.77 -5.11 19.44
N GLY A 78 1.48 -4.88 19.20
CA GLY A 78 0.46 -5.33 20.12
C GLY A 78 -0.67 -6.05 19.42
N ASN A 79 -0.36 -7.20 18.83
CA ASN A 79 -1.37 -7.98 18.11
C ASN A 79 -1.98 -7.18 16.98
N ALA A 80 -1.14 -6.45 16.26
CA ALA A 80 -1.61 -5.63 15.13
C ALA A 80 -0.55 -5.54 14.05
N ARG A 81 -0.95 -5.85 12.81
CA ARG A 81 -0.03 -5.80 11.68
C ARG A 81 -0.02 -4.41 11.04
N ALA A 82 -1.19 -3.99 10.55
CA ALA A 82 -1.31 -2.69 9.91
C ALA A 82 -2.79 -2.30 9.76
N THR A 83 -3.17 -1.21 10.41
CA THR A 83 -4.55 -0.72 10.36
C THR A 83 -4.68 0.41 9.34
N GLY A 84 -3.60 1.16 9.14
CA GLY A 84 -3.63 2.26 8.20
C GLY A 84 -2.39 2.30 7.32
N MET A 85 -2.10 3.47 6.77
CA MET A 85 -0.94 3.64 5.90
C MET A 85 -0.64 5.12 5.67
N PHE A 86 0.62 5.44 5.45
CA PHE A 86 1.04 6.81 5.21
C PHE A 86 2.03 6.89 4.05
N LEU A 87 1.54 7.37 2.91
CA LEU A 87 2.39 7.50 1.72
C LEU A 87 2.68 8.97 1.43
N GLN A 88 3.84 9.21 0.82
CA GLN A 88 4.25 10.58 0.48
C GLN A 88 4.63 10.67 -1.00
N TYR A 89 4.10 11.68 -1.67
CA TYR A 89 4.40 11.89 -3.09
C TYR A 89 4.29 13.36 -3.46
N THR A 90 4.91 13.73 -4.57
CA THR A 90 4.88 15.12 -5.04
C THR A 90 3.95 15.27 -6.23
N VAL A 91 3.33 16.45 -6.35
CA VAL A 91 2.42 16.73 -7.45
C VAL A 91 3.03 17.71 -8.45
N PRO A 92 2.81 17.44 -9.74
CA PRO A 92 3.33 18.28 -10.82
C PRO A 92 2.64 19.64 -10.88
N GLY A 93 3.41 20.70 -10.66
CA GLY A 93 2.86 22.04 -10.69
C GLY A 93 2.56 22.58 -9.31
N THR A 94 1.90 21.76 -8.49
CA THR A 94 1.54 22.16 -7.13
C THR A 94 2.78 22.30 -6.26
N GLU A 95 2.83 23.36 -5.46
CA GLU A 95 3.97 23.60 -4.58
C GLU A 95 3.78 22.89 -3.24
N GLY A 96 4.71 22.00 -2.91
CA GLY A 96 4.62 21.27 -1.66
C GLY A 96 4.43 19.78 -1.87
N VAL A 97 4.48 19.02 -0.78
CA VAL A 97 4.31 17.57 -0.85
C VAL A 97 2.98 17.14 -0.25
N THR A 98 2.33 16.19 -0.90
CA THR A 98 1.04 15.70 -0.43
C THR A 98 1.18 14.32 0.21
N GLN A 99 0.45 14.10 1.29
CA GLN A 99 0.50 12.82 2.00
C GLN A 99 -0.83 12.08 1.88
N LEU A 100 -0.78 10.77 2.09
CA LEU A 100 -1.99 9.94 1.99
C LEU A 100 -2.15 9.08 3.25
N LYS A 101 -3.21 9.36 4.00
CA LYS A 101 -3.49 8.61 5.23
C LYS A 101 -4.63 7.62 5.02
N LEU A 102 -4.33 6.34 5.10
CA LEU A 102 -5.33 5.30 4.93
C LEU A 102 -5.71 4.67 6.27
N THR A 103 -7.01 4.45 6.46
CA THR A 103 -7.50 3.86 7.70
C THR A 103 -8.69 2.94 7.43
N VAL A 104 -8.60 1.70 7.90
CA VAL A 104 -9.66 0.73 7.71
C VAL A 104 -10.88 1.07 8.56
N VAL A 105 -12.05 1.04 7.94
CA VAL A 105 -13.29 1.35 8.65
C VAL A 105 -13.98 0.08 9.15
N GLU A 106 -14.51 0.14 10.36
CA GLU A 106 -15.19 -1.00 10.95
C GLU A 106 -16.59 -1.18 10.34
N ASP A 107 -17.26 -0.07 10.10
CA ASP A 107 -18.60 -0.09 9.52
C ASP A 107 -18.75 -1.27 8.55
N VAL A 108 -17.98 -1.23 7.47
CA VAL A 108 -18.03 -2.30 6.47
C VAL A 108 -17.94 -3.67 7.12
N THR A 109 -18.61 -4.64 6.52
CA THR A 109 -18.62 -6.01 7.03
C THR A 109 -17.21 -6.43 7.47
N VAL A 110 -17.14 -7.49 8.29
CA VAL A 110 -15.87 -7.99 8.77
C VAL A 110 -14.92 -8.26 7.62
N GLY A 111 -13.90 -7.42 7.49
CA GLY A 111 -12.92 -7.59 6.42
C GLY A 111 -11.57 -7.00 6.76
N ARG A 112 -11.16 -7.17 8.02
CA ARG A 112 -9.88 -6.65 8.47
C ARG A 112 -8.73 -7.46 7.90
N ARG A 113 -8.81 -8.78 8.03
CA ARG A 113 -7.77 -9.66 7.53
C ARG A 113 -7.35 -9.27 6.12
N GLN A 114 -8.34 -9.02 5.26
CA GLN A 114 -8.07 -8.63 3.88
C GLN A 114 -7.30 -7.32 3.82
N ALA A 115 -7.98 -6.22 4.16
CA ALA A 115 -7.37 -4.91 4.16
C ALA A 115 -5.97 -4.94 4.77
N VAL A 116 -5.90 -5.36 6.03
CA VAL A 116 -4.62 -5.45 6.74
C VAL A 116 -3.57 -6.14 5.88
N ALA A 117 -3.98 -7.17 5.16
CA ALA A 117 -3.07 -7.92 4.29
C ALA A 117 -2.50 -7.02 3.19
N TRP A 118 -3.34 -6.13 2.67
CA TRP A 118 -2.93 -5.22 1.62
C TRP A 118 -1.92 -4.20 2.14
N LEU A 119 -2.29 -3.51 3.22
CA LEU A 119 -1.41 -2.51 3.81
C LEU A 119 0.02 -3.01 3.91
N VAL A 120 0.20 -4.14 4.62
CA VAL A 120 1.52 -4.73 4.79
C VAL A 120 2.13 -5.11 3.44
N ALA A 121 1.30 -5.69 2.57
CA ALA A 121 1.76 -6.11 1.25
C ALA A 121 2.38 -4.94 0.50
N MET A 122 1.61 -3.89 0.28
CA MET A 122 2.09 -2.71 -0.42
C MET A 122 3.52 -2.37 0.00
N HIS A 123 3.72 -2.21 1.31
CA HIS A 123 5.04 -1.88 1.84
C HIS A 123 6.05 -2.97 1.49
N LYS A 124 5.75 -4.20 1.89
CA LYS A 124 6.64 -5.33 1.62
C LYS A 124 7.23 -5.23 0.21
N ALA A 125 6.36 -5.19 -0.78
CA ALA A 125 6.81 -5.09 -2.17
C ALA A 125 7.47 -3.74 -2.44
N ALA A 126 6.85 -2.67 -1.95
CA ALA A 126 7.38 -1.33 -2.13
C ALA A 126 8.88 -1.28 -1.81
N LYS A 127 9.31 -2.16 -0.93
CA LYS A 127 10.71 -2.22 -0.53
C LYS A 127 11.59 -2.65 -1.71
N LEU A 128 11.32 -3.82 -2.26
CA LEU A 128 12.08 -4.34 -3.38
C LEU A 128 12.36 -3.24 -4.40
N LEU A 129 11.33 -2.47 -4.73
CA LEU A 129 11.47 -1.37 -5.68
C LEU A 129 12.80 -0.64 -5.49
N TYR A 130 12.99 -0.09 -4.30
CA TYR A 130 14.21 0.64 -3.99
C TYR A 130 15.13 -0.20 -3.11
N GLU A 131 14.64 -0.57 -1.94
CA GLU A 131 15.41 -1.37 -1.00
C GLU A 131 16.16 -2.49 -1.72
N SER A 132 17.26 -2.95 -1.12
CA SER A 132 18.06 -4.02 -1.71
C SER A 132 18.29 -5.14 -0.72
N ARG A 133 18.63 -6.32 -1.24
CA ARG A 133 18.87 -7.48 -0.39
C ARG A 133 20.36 -7.81 -0.32
N ASP A 134 20.82 -8.22 0.86
CA ASP A 134 22.23 -8.56 1.05
C ASP A 134 22.39 -10.06 1.27
N GLN A 135 21.71 -10.60 2.26
CA GLN A 135 21.78 -12.02 2.57
C GLN A 135 20.42 -12.69 2.42
N SER A 136 19.40 -12.07 3.01
CA SER A 136 18.05 -12.60 2.96
C SER A 136 17.76 -13.22 1.60
N GLY A 137 17.22 -14.44 1.61
CA GLY A 137 16.91 -15.13 0.38
C GLY A 137 15.42 -15.16 0.09
N PRO A 138 14.76 -16.26 0.47
CA PRO A 138 13.32 -16.43 0.26
C PRO A 138 12.49 -15.50 1.14
N SER A 139 11.20 -15.42 0.84
CA SER A 139 10.29 -14.55 1.61
C SER A 139 9.87 -15.23 2.90
N SER A 140 9.55 -16.52 2.82
CA SER A 140 9.13 -17.28 3.99
C SER A 140 9.76 -18.67 3.99
N GLY A 141 10.17 -19.12 5.17
CA GLY A 141 10.79 -20.43 5.29
C GLY A 141 12.26 -20.41 4.91
N GLY A 1 10.86 -10.34 -21.46
CA GLY A 1 11.42 -11.04 -20.31
C GLY A 1 10.54 -12.18 -19.84
N SER A 2 11.07 -13.40 -19.86
CA SER A 2 10.32 -14.58 -19.44
C SER A 2 9.92 -14.47 -17.98
N SER A 3 10.92 -14.38 -17.09
CA SER A 3 10.67 -14.28 -15.66
C SER A 3 9.77 -13.08 -15.36
N GLY A 4 8.97 -13.20 -14.31
CA GLY A 4 8.08 -12.13 -13.92
C GLY A 4 6.92 -12.61 -13.08
N SER A 5 5.77 -12.78 -13.72
CA SER A 5 4.57 -13.23 -13.02
C SER A 5 4.85 -14.47 -12.18
N SER A 6 5.56 -15.43 -12.79
CA SER A 6 5.90 -16.67 -12.10
C SER A 6 7.17 -16.49 -11.26
N GLY A 7 7.23 -17.21 -10.15
CA GLY A 7 8.38 -17.11 -9.27
C GLY A 7 8.05 -16.49 -7.93
N ALA A 8 8.51 -17.12 -6.85
CA ALA A 8 8.26 -16.62 -5.51
C ALA A 8 6.81 -16.89 -5.09
N GLU A 9 6.36 -18.12 -5.31
CA GLU A 9 5.00 -18.49 -4.96
C GLU A 9 4.69 -18.13 -3.51
N PHE A 10 5.73 -18.11 -2.68
CA PHE A 10 5.57 -17.78 -1.27
C PHE A 10 5.22 -16.30 -1.09
N TYR A 11 5.68 -15.47 -2.03
CA TYR A 11 5.42 -14.04 -1.98
C TYR A 11 4.18 -13.68 -2.77
N ASP A 12 3.88 -14.47 -3.80
CA ASP A 12 2.72 -14.24 -4.64
C ASP A 12 1.45 -14.19 -3.80
N LYS A 13 1.41 -14.98 -2.73
CA LYS A 13 0.25 -15.03 -1.85
C LYS A 13 -0.17 -13.63 -1.44
N GLN A 14 0.81 -12.76 -1.21
CA GLN A 14 0.54 -11.39 -0.80
C GLN A 14 0.28 -10.51 -2.02
N LEU A 15 1.01 -10.76 -3.10
CA LEU A 15 0.86 -9.98 -4.33
C LEU A 15 -0.58 -10.04 -4.82
N LYS A 16 -1.12 -11.25 -4.94
CA LYS A 16 -2.49 -11.44 -5.41
C LYS A 16 -3.47 -10.63 -4.56
N VAL A 17 -3.20 -10.57 -3.26
CA VAL A 17 -4.05 -9.83 -2.34
C VAL A 17 -4.07 -8.35 -2.68
N LEU A 18 -2.90 -7.80 -2.98
CA LEU A 18 -2.78 -6.38 -3.33
C LEU A 18 -3.57 -6.06 -4.60
N LEU A 19 -3.21 -6.75 -5.68
CA LEU A 19 -3.87 -6.54 -6.97
C LEU A 19 -5.38 -6.37 -6.78
N SER A 20 -6.02 -7.37 -6.20
CA SER A 20 -7.46 -7.34 -5.96
C SER A 20 -7.89 -5.95 -5.49
N GLY A 21 -7.14 -5.40 -4.54
CA GLY A 21 -7.46 -4.08 -4.02
C GLY A 21 -8.42 -4.14 -2.84
N ALA A 22 -8.26 -3.22 -1.90
CA ALA A 22 -9.12 -3.17 -0.73
C ALA A 22 -9.73 -1.78 -0.54
N THR A 23 -10.55 -1.63 0.48
CA THR A 23 -11.19 -0.36 0.77
C THR A 23 -10.51 0.36 1.93
N PHE A 24 -10.51 1.69 1.88
CA PHE A 24 -9.89 2.48 2.94
C PHE A 24 -10.49 3.89 2.98
N LEU A 25 -10.14 4.65 4.01
CA LEU A 25 -10.64 6.00 4.17
C LEU A 25 -9.55 7.03 3.89
N VAL A 26 -9.77 7.86 2.87
CA VAL A 26 -8.81 8.89 2.50
C VAL A 26 -9.25 10.25 3.00
N THR A 27 -8.30 11.01 3.56
CA THR A 27 -8.58 12.33 4.08
C THR A 27 -7.68 13.38 3.44
N PHE A 28 -8.28 14.26 2.63
CA PHE A 28 -7.53 15.30 1.95
C PHE A 28 -7.40 16.54 2.84
N GLY A 29 -6.26 17.21 2.75
CA GLY A 29 -6.03 18.40 3.56
C GLY A 29 -7.25 19.29 3.62
N ASN A 30 -7.94 19.45 2.49
CA ASN A 30 -9.13 20.28 2.43
C ASN A 30 -10.31 19.59 3.11
N SER A 31 -10.44 18.29 2.88
CA SER A 31 -11.54 17.52 3.47
C SER A 31 -11.19 17.08 4.89
N GLU A 32 -12.01 17.51 5.84
CA GLU A 32 -11.79 17.17 7.24
C GLU A 32 -12.43 15.82 7.58
N LYS A 33 -13.29 15.35 6.70
CA LYS A 33 -13.98 14.08 6.89
C LYS A 33 -13.47 13.03 5.92
N PRO A 34 -13.23 11.80 6.43
CA PRO A 34 -12.73 10.69 5.62
C PRO A 34 -13.78 10.19 4.64
N GLU A 35 -13.32 9.75 3.47
CA GLU A 35 -14.21 9.24 2.44
C GLU A 35 -13.84 7.81 2.04
N THR A 36 -14.83 7.00 1.71
CA THR A 36 -14.61 5.63 1.31
C THR A 36 -14.00 5.55 -0.08
N MET A 37 -12.74 5.12 -0.15
CA MET A 37 -12.04 4.99 -1.43
C MET A 37 -11.32 3.66 -1.52
N THR A 38 -11.22 3.13 -2.74
CA THR A 38 -10.54 1.85 -2.96
C THR A 38 -9.08 2.06 -3.33
N CYS A 39 -8.21 1.21 -2.80
CA CYS A 39 -6.78 1.29 -3.07
C CYS A 39 -6.24 -0.03 -3.61
N ARG A 40 -5.62 0.03 -4.78
CA ARG A 40 -5.05 -1.16 -5.41
C ARG A 40 -3.76 -0.82 -6.15
N LEU A 41 -3.02 -1.86 -6.53
CA LEU A 41 -1.77 -1.69 -7.24
C LEU A 41 -1.93 -1.99 -8.73
N SER A 42 -0.92 -1.62 -9.52
CA SER A 42 -0.97 -1.84 -10.96
C SER A 42 -0.59 -3.29 -11.29
N ASN A 43 -0.63 -3.62 -12.58
CA ASN A 43 -0.28 -4.96 -13.03
C ASN A 43 1.07 -5.39 -12.49
N ASN A 44 2.03 -4.47 -12.52
CA ASN A 44 3.38 -4.76 -12.04
C ASN A 44 3.60 -4.15 -10.66
N GLN A 45 2.55 -3.55 -10.11
CA GLN A 45 2.63 -2.93 -8.80
C GLN A 45 3.59 -1.74 -8.81
N ARG A 46 3.69 -1.08 -9.96
CA ARG A 46 4.58 0.07 -10.10
C ARG A 46 3.81 1.37 -9.96
N TYR A 47 2.49 1.26 -9.80
CA TYR A 47 1.64 2.44 -9.66
C TYR A 47 0.47 2.15 -8.71
N LEU A 48 -0.15 3.22 -8.22
CA LEU A 48 -1.27 3.08 -7.30
C LEU A 48 -2.51 3.80 -7.85
N PHE A 49 -3.64 3.12 -7.83
CA PHE A 49 -4.89 3.69 -8.32
C PHE A 49 -5.90 3.84 -7.19
N LEU A 50 -6.77 4.83 -7.32
CA LEU A 50 -7.79 5.08 -6.30
C LEU A 50 -9.17 5.26 -6.94
N ASP A 51 -10.22 4.90 -6.20
CA ASP A 51 -11.58 5.04 -6.70
C ASP A 51 -12.49 5.67 -5.65
N GLY A 52 -13.34 6.58 -6.09
CA GLY A 52 -14.25 7.26 -5.18
C GLY A 52 -14.92 8.46 -5.81
N ASP A 53 -14.91 9.58 -5.11
CA ASP A 53 -15.53 10.81 -5.61
C ASP A 53 -15.14 11.06 -7.05
N SER A 54 -13.88 10.77 -7.39
CA SER A 54 -13.38 10.97 -8.74
C SER A 54 -12.25 10.00 -9.06
N HIS A 55 -11.74 10.07 -10.27
CA HIS A 55 -10.65 9.19 -10.70
C HIS A 55 -9.30 9.73 -10.25
N TYR A 56 -8.63 8.99 -9.38
CA TYR A 56 -7.33 9.40 -8.87
C TYR A 56 -6.27 8.33 -9.16
N GLU A 57 -5.05 8.78 -9.43
CA GLU A 57 -3.95 7.87 -9.72
C GLU A 57 -2.62 8.44 -9.23
N ILE A 58 -2.05 7.79 -8.22
CA ILE A 58 -0.78 8.23 -7.65
C ILE A 58 0.35 7.29 -8.04
N GLU A 59 1.19 7.73 -8.98
CA GLU A 59 2.31 6.91 -9.44
C GLU A 59 3.32 6.70 -8.31
N ILE A 60 4.06 5.61 -8.39
CA ILE A 60 5.06 5.28 -7.39
C ILE A 60 6.37 6.03 -7.65
N VAL A 61 6.51 6.56 -8.86
CA VAL A 61 7.71 7.31 -9.23
C VAL A 61 7.84 8.59 -8.42
N HIS A 62 6.74 9.33 -8.32
CA HIS A 62 6.74 10.58 -7.56
C HIS A 62 6.98 10.32 -6.08
N ILE A 63 6.13 9.49 -5.49
CA ILE A 63 6.25 9.16 -4.07
C ILE A 63 7.72 9.18 -3.63
N SER A 64 7.93 9.56 -2.37
CA SER A 64 9.29 9.62 -1.83
C SER A 64 9.40 8.77 -0.57
N THR A 65 8.36 8.79 0.25
CA THR A 65 8.34 8.01 1.49
C THR A 65 7.11 7.12 1.56
N VAL A 66 7.29 5.91 2.10
CA VAL A 66 6.19 4.96 2.23
C VAL A 66 6.27 4.21 3.55
N GLN A 67 5.32 4.48 4.44
CA GLN A 67 5.28 3.83 5.74
C GLN A 67 3.86 3.41 6.09
N ILE A 68 3.75 2.33 6.88
CA ILE A 68 2.44 1.82 7.28
C ILE A 68 2.05 2.35 8.66
N LEU A 69 0.78 2.72 8.81
CA LEU A 69 0.28 3.23 10.07
C LEU A 69 -0.22 2.12 10.97
N THR A 70 0.37 2.00 12.15
CA THR A 70 -0.02 0.96 13.11
C THR A 70 -0.42 1.57 14.45
N GLU A 71 -1.01 0.75 15.31
CA GLU A 71 -1.44 1.20 16.62
C GLU A 71 -1.46 0.04 17.62
N GLY A 72 -0.79 0.23 18.76
CA GLY A 72 -0.74 -0.81 19.77
C GLY A 72 0.12 -1.98 19.36
N PHE A 73 1.43 -1.86 19.58
CA PHE A 73 2.36 -2.92 19.23
C PHE A 73 2.85 -3.66 20.48
N PRO A 74 2.12 -4.71 20.86
CA PRO A 74 2.45 -5.52 22.04
C PRO A 74 3.71 -6.35 21.83
N PRO A 75 4.32 -6.78 22.94
CA PRO A 75 5.54 -7.60 22.91
C PRO A 75 5.28 -9.00 22.37
N GLY A 76 4.02 -9.41 22.39
CA GLY A 76 3.67 -10.74 21.91
C GLY A 76 2.91 -10.69 20.60
N GLY A 77 1.95 -11.60 20.45
CA GLY A 77 1.16 -11.64 19.23
C GLY A 77 0.32 -10.39 19.03
N GLY A 78 -0.26 -10.25 17.84
CA GLY A 78 -1.09 -9.09 17.55
C GLY A 78 -1.89 -9.26 16.28
N ASN A 79 -3.20 -9.37 16.42
CA ASN A 79 -4.09 -9.54 15.27
C ASN A 79 -4.20 -8.24 14.48
N ALA A 80 -4.62 -7.18 15.16
CA ALA A 80 -4.77 -5.87 14.52
C ALA A 80 -3.49 -5.06 14.62
N ARG A 81 -2.60 -5.25 13.64
CA ARG A 81 -1.33 -4.54 13.63
C ARG A 81 -1.44 -3.25 12.81
N ALA A 82 -1.66 -3.40 11.51
CA ALA A 82 -1.78 -2.25 10.62
C ALA A 82 -3.17 -1.63 10.71
N THR A 83 -3.23 -0.35 11.06
CA THR A 83 -4.51 0.35 11.18
C THR A 83 -4.55 1.56 10.26
N GLY A 84 -3.87 1.47 9.13
CA GLY A 84 -3.84 2.57 8.18
C GLY A 84 -2.59 2.58 7.33
N MET A 85 -2.38 3.66 6.60
CA MET A 85 -1.21 3.80 5.74
C MET A 85 -0.83 5.26 5.54
N PHE A 86 0.46 5.52 5.41
CA PHE A 86 0.95 6.88 5.22
C PHE A 86 1.90 6.96 4.02
N LEU A 87 1.45 7.62 2.96
CA LEU A 87 2.26 7.77 1.76
C LEU A 87 2.56 9.23 1.47
N GLN A 88 3.77 9.51 1.01
CA GLN A 88 4.18 10.87 0.69
C GLN A 88 4.60 11.00 -0.77
N TYR A 89 4.08 12.03 -1.43
CA TYR A 89 4.40 12.26 -2.84
C TYR A 89 4.29 13.74 -3.19
N THR A 90 5.13 14.19 -4.12
CA THR A 90 5.14 15.58 -4.55
C THR A 90 4.41 15.75 -5.87
N VAL A 91 3.79 16.92 -6.05
CA VAL A 91 3.06 17.21 -7.28
C VAL A 91 3.77 18.27 -8.11
N PRO A 92 3.83 18.04 -9.43
CA PRO A 92 4.50 18.97 -10.36
C PRO A 92 3.72 20.28 -10.51
N GLY A 93 4.37 21.39 -10.21
CA GLY A 93 3.73 22.68 -10.32
C GLY A 93 3.59 23.38 -8.99
N THR A 94 3.11 22.65 -8.00
CA THR A 94 2.92 23.21 -6.66
C THR A 94 4.21 23.18 -5.85
N GLU A 95 4.24 23.89 -4.74
CA GLU A 95 5.42 23.94 -3.89
C GLU A 95 5.14 23.30 -2.53
N GLY A 96 5.77 22.16 -2.29
CA GLY A 96 5.57 21.45 -1.03
C GLY A 96 5.39 19.96 -1.22
N VAL A 97 5.06 19.27 -0.14
CA VAL A 97 4.85 17.82 -0.19
C VAL A 97 3.46 17.44 0.32
N THR A 98 2.82 16.52 -0.39
CA THR A 98 1.48 16.07 -0.01
C THR A 98 1.53 14.69 0.64
N GLN A 99 0.63 14.46 1.59
CA GLN A 99 0.57 13.17 2.29
C GLN A 99 -0.83 12.58 2.21
N LEU A 100 -0.90 11.25 2.13
CA LEU A 100 -2.18 10.56 2.05
C LEU A 100 -2.32 9.54 3.18
N LYS A 101 -3.37 9.70 3.99
CA LYS A 101 -3.62 8.80 5.10
C LYS A 101 -4.73 7.81 4.77
N LEU A 102 -4.57 6.57 5.21
CA LEU A 102 -5.56 5.52 4.96
C LEU A 102 -5.98 4.85 6.26
N THR A 103 -7.28 4.54 6.37
CA THR A 103 -7.81 3.89 7.57
C THR A 103 -8.88 2.87 7.20
N VAL A 104 -8.92 1.77 7.94
CA VAL A 104 -9.90 0.72 7.70
C VAL A 104 -11.31 1.20 8.03
N VAL A 105 -12.24 0.97 7.10
CA VAL A 105 -13.63 1.38 7.30
C VAL A 105 -14.25 0.66 8.50
N GLU A 106 -15.06 1.39 9.25
CA GLU A 106 -15.72 0.82 10.43
C GLU A 106 -17.20 0.58 10.16
N ASP A 107 -17.77 1.38 9.26
CA ASP A 107 -19.18 1.24 8.90
C ASP A 107 -19.49 -0.15 8.38
N VAL A 108 -18.65 -0.62 7.46
CA VAL A 108 -18.84 -1.95 6.88
C VAL A 108 -18.86 -3.03 7.95
N THR A 109 -19.77 -3.99 7.80
CA THR A 109 -19.91 -5.07 8.76
C THR A 109 -18.55 -5.59 9.21
N VAL A 110 -17.84 -6.25 8.31
CA VAL A 110 -16.52 -6.79 8.62
C VAL A 110 -15.58 -6.68 7.42
N GLY A 111 -14.35 -6.26 7.67
CA GLY A 111 -13.38 -6.12 6.60
C GLY A 111 -12.05 -5.59 7.09
N ARG A 112 -11.54 -6.18 8.17
CA ARG A 112 -10.27 -5.76 8.75
C ARG A 112 -9.12 -6.56 8.15
N ARG A 113 -9.10 -7.87 8.41
CA ARG A 113 -8.06 -8.75 7.90
C ARG A 113 -7.64 -8.33 6.49
N GLN A 114 -8.60 -8.31 5.57
CA GLN A 114 -8.33 -7.93 4.20
C GLN A 114 -7.52 -6.65 4.13
N ALA A 115 -8.14 -5.53 4.49
CA ALA A 115 -7.47 -4.24 4.48
C ALA A 115 -6.08 -4.34 5.07
N VAL A 116 -6.00 -4.87 6.29
CA VAL A 116 -4.72 -5.02 6.97
C VAL A 116 -3.70 -5.73 6.08
N ALA A 117 -4.15 -6.81 5.44
CA ALA A 117 -3.28 -7.58 4.55
C ALA A 117 -2.71 -6.71 3.45
N TRP A 118 -3.59 -5.98 2.77
CA TRP A 118 -3.17 -5.10 1.68
C TRP A 118 -2.18 -4.05 2.16
N LEU A 119 -2.35 -3.63 3.41
CA LEU A 119 -1.47 -2.62 3.99
C LEU A 119 -0.04 -3.15 4.10
N VAL A 120 0.12 -4.26 4.82
CA VAL A 120 1.44 -4.86 5.00
C VAL A 120 2.00 -5.35 3.67
N ALA A 121 1.17 -6.04 2.89
CA ALA A 121 1.58 -6.55 1.59
C ALA A 121 2.14 -5.45 0.71
N MET A 122 1.40 -4.35 0.61
CA MET A 122 1.84 -3.21 -0.20
C MET A 122 3.26 -2.80 0.15
N HIS A 123 3.43 -2.27 1.36
CA HIS A 123 4.75 -1.83 1.82
C HIS A 123 5.80 -2.91 1.56
N LYS A 124 5.53 -4.12 2.04
CA LYS A 124 6.45 -5.23 1.86
C LYS A 124 7.01 -5.26 0.44
N ALA A 125 6.13 -5.39 -0.54
CA ALA A 125 6.54 -5.42 -1.94
C ALA A 125 7.23 -4.13 -2.34
N ALA A 126 6.74 -3.01 -1.82
CA ALA A 126 7.32 -1.70 -2.11
C ALA A 126 8.83 -1.72 -1.93
N LYS A 127 9.29 -2.53 -0.97
CA LYS A 127 10.72 -2.64 -0.69
C LYS A 127 11.47 -3.24 -1.88
N LEU A 128 10.84 -4.23 -2.53
CA LEU A 128 11.45 -4.89 -3.67
C LEU A 128 11.56 -3.93 -4.86
N LEU A 129 10.55 -3.07 -5.02
CA LEU A 129 10.54 -2.11 -6.11
C LEU A 129 11.82 -1.26 -6.11
N TYR A 130 12.17 -0.73 -4.94
CA TYR A 130 13.38 0.09 -4.82
C TYR A 130 14.61 -0.78 -4.62
N GLU A 131 14.53 -1.68 -3.64
CA GLU A 131 15.66 -2.57 -3.35
C GLU A 131 15.75 -3.69 -4.38
N SER A 132 16.72 -4.58 -4.21
CA SER A 132 16.92 -5.69 -5.13
C SER A 132 16.02 -6.86 -4.75
N ARG A 133 16.18 -7.97 -5.48
CA ARG A 133 15.37 -9.17 -5.23
C ARG A 133 15.98 -9.99 -4.09
N ASP A 134 15.17 -10.85 -3.50
CA ASP A 134 15.62 -11.71 -2.41
C ASP A 134 16.89 -12.47 -2.80
N GLN A 135 18.03 -11.96 -2.33
CA GLN A 135 19.31 -12.59 -2.64
C GLN A 135 19.42 -13.96 -1.98
N SER A 136 19.02 -14.04 -0.71
CA SER A 136 19.08 -15.29 0.03
C SER A 136 17.71 -15.66 0.57
N GLY A 137 17.14 -16.76 0.08
CA GLY A 137 15.83 -17.20 0.53
C GLY A 137 15.76 -17.34 2.03
N PRO A 138 14.62 -16.94 2.61
CA PRO A 138 14.39 -17.01 4.05
C PRO A 138 14.26 -18.45 4.55
N SER A 139 14.02 -19.38 3.62
CA SER A 139 13.86 -20.78 3.96
C SER A 139 15.21 -21.49 3.98
N SER A 140 15.25 -22.67 4.59
CA SER A 140 16.48 -23.44 4.68
C SER A 140 16.36 -24.75 3.89
N GLY A 141 17.44 -25.13 3.23
CA GLY A 141 17.44 -26.36 2.45
C GLY A 141 18.80 -27.03 2.42
N GLY A 1 19.10 -23.55 3.82
CA GLY A 1 20.32 -23.75 3.08
C GLY A 1 20.37 -22.90 1.82
N SER A 2 21.58 -22.49 1.43
CA SER A 2 21.77 -21.66 0.25
C SER A 2 22.11 -22.52 -0.96
N SER A 3 21.09 -23.12 -1.57
CA SER A 3 21.28 -23.97 -2.73
C SER A 3 20.48 -23.46 -3.92
N GLY A 4 19.16 -23.43 -3.77
CA GLY A 4 18.30 -22.96 -4.83
C GLY A 4 16.93 -22.52 -4.33
N SER A 5 16.72 -21.21 -4.27
CA SER A 5 15.45 -20.67 -3.80
C SER A 5 14.42 -20.64 -4.92
N SER A 6 13.57 -21.65 -4.96
CA SER A 6 12.53 -21.75 -5.98
C SER A 6 11.14 -21.78 -5.35
N GLY A 7 10.17 -21.18 -6.03
CA GLY A 7 8.82 -21.15 -5.52
C GLY A 7 8.46 -19.82 -4.89
N ALA A 8 7.56 -19.08 -5.53
CA ALA A 8 7.14 -17.78 -5.02
C ALA A 8 5.70 -17.84 -4.51
N GLU A 9 5.34 -18.95 -3.90
CA GLU A 9 3.99 -19.14 -3.36
C GLU A 9 3.69 -18.10 -2.29
N PHE A 10 4.74 -17.60 -1.64
CA PHE A 10 4.59 -16.62 -0.58
C PHE A 10 4.36 -15.23 -1.17
N TYR A 11 5.26 -14.80 -2.05
CA TYR A 11 5.16 -13.50 -2.68
C TYR A 11 3.92 -13.42 -3.57
N ASP A 12 3.30 -14.57 -3.81
CA ASP A 12 2.12 -14.64 -4.65
C ASP A 12 0.86 -14.32 -3.84
N LYS A 13 1.00 -14.36 -2.52
CA LYS A 13 -0.12 -14.06 -1.63
C LYS A 13 -0.33 -12.56 -1.48
N GLN A 14 0.77 -11.81 -1.52
CA GLN A 14 0.71 -10.36 -1.40
C GLN A 14 0.27 -9.72 -2.71
N LEU A 15 0.77 -10.26 -3.82
CA LEU A 15 0.42 -9.73 -5.15
C LEU A 15 -1.04 -9.97 -5.46
N LYS A 16 -1.53 -11.17 -5.13
CA LYS A 16 -2.92 -11.52 -5.37
C LYS A 16 -3.86 -10.68 -4.52
N VAL A 17 -3.42 -10.36 -3.31
CA VAL A 17 -4.22 -9.55 -2.38
C VAL A 17 -4.19 -8.09 -2.78
N LEU A 18 -3.01 -7.61 -3.18
CA LEU A 18 -2.83 -6.21 -3.58
C LEU A 18 -3.72 -5.88 -4.77
N LEU A 19 -3.75 -6.79 -5.76
CA LEU A 19 -4.55 -6.59 -6.95
C LEU A 19 -6.04 -6.50 -6.61
N SER A 20 -6.54 -7.52 -5.91
CA SER A 20 -7.95 -7.55 -5.52
C SER A 20 -8.44 -6.17 -5.14
N GLY A 21 -7.63 -5.45 -4.37
CA GLY A 21 -8.00 -4.11 -3.95
C GLY A 21 -8.73 -4.11 -2.61
N ALA A 22 -8.28 -3.24 -1.70
CA ALA A 22 -8.89 -3.14 -0.39
C ALA A 22 -9.42 -1.72 -0.13
N THR A 23 -10.47 -1.63 0.67
CA THR A 23 -11.07 -0.33 1.00
C THR A 23 -10.25 0.39 2.06
N PHE A 24 -10.21 1.72 1.96
CA PHE A 24 -9.47 2.54 2.91
C PHE A 24 -9.98 3.98 2.91
N LEU A 25 -9.77 4.67 4.02
CA LEU A 25 -10.20 6.05 4.15
C LEU A 25 -9.11 7.02 3.70
N VAL A 26 -9.43 7.85 2.73
CA VAL A 26 -8.48 8.83 2.21
C VAL A 26 -8.90 10.25 2.57
N THR A 27 -7.95 11.03 3.10
CA THR A 27 -8.22 12.41 3.48
C THR A 27 -7.29 13.37 2.76
N PHE A 28 -7.84 14.08 1.77
CA PHE A 28 -7.05 15.04 0.99
C PHE A 28 -6.85 16.33 1.78
N GLY A 29 -5.89 17.14 1.34
CA GLY A 29 -5.61 18.39 2.02
C GLY A 29 -6.81 19.30 2.06
N ASN A 30 -7.68 19.19 1.06
CA ASN A 30 -8.88 20.02 0.99
C ASN A 30 -10.01 19.41 1.81
N SER A 31 -10.09 18.08 1.80
CA SER A 31 -11.13 17.38 2.53
C SER A 31 -10.66 17.03 3.95
N GLU A 32 -11.39 17.50 4.94
CA GLU A 32 -11.04 17.23 6.33
C GLU A 32 -11.62 15.90 6.81
N LYS A 33 -12.74 15.51 6.22
CA LYS A 33 -13.40 14.25 6.57
C LYS A 33 -12.95 13.12 5.64
N PRO A 34 -12.71 11.94 6.22
CA PRO A 34 -12.27 10.76 5.47
C PRO A 34 -13.37 10.21 4.57
N GLU A 35 -12.99 9.78 3.37
CA GLU A 35 -13.95 9.24 2.41
C GLU A 35 -13.57 7.80 2.05
N THR A 36 -14.59 6.95 1.93
CA THR A 36 -14.38 5.55 1.59
C THR A 36 -13.92 5.40 0.14
N MET A 37 -12.65 5.08 -0.04
CA MET A 37 -12.08 4.91 -1.37
C MET A 37 -11.42 3.54 -1.51
N THR A 38 -11.14 3.14 -2.75
CA THR A 38 -10.51 1.86 -3.02
C THR A 38 -9.10 2.04 -3.56
N CYS A 39 -8.17 1.24 -3.05
CA CYS A 39 -6.78 1.31 -3.47
C CYS A 39 -6.30 -0.02 -4.02
N ARG A 40 -5.82 -0.01 -5.26
CA ARG A 40 -5.35 -1.23 -5.91
C ARG A 40 -4.10 -0.95 -6.74
N LEU A 41 -3.39 -2.01 -7.12
CA LEU A 41 -2.18 -1.87 -7.92
C LEU A 41 -2.44 -2.25 -9.37
N SER A 42 -1.50 -1.90 -10.25
CA SER A 42 -1.63 -2.19 -11.67
C SER A 42 -1.34 -3.66 -11.95
N ASN A 43 -1.47 -4.05 -13.21
CA ASN A 43 -1.22 -5.44 -13.61
C ASN A 43 0.07 -5.96 -12.99
N ASN A 44 1.18 -5.26 -13.27
CA ASN A 44 2.48 -5.66 -12.74
C ASN A 44 2.82 -4.85 -11.49
N GLN A 45 1.81 -4.22 -10.90
CA GLN A 45 2.00 -3.42 -9.70
C GLN A 45 3.06 -2.36 -9.92
N ARG A 46 2.98 -1.66 -11.05
CA ARG A 46 3.95 -0.63 -11.39
C ARG A 46 3.44 0.75 -10.93
N TYR A 47 2.15 0.81 -10.61
CA TYR A 47 1.54 2.06 -10.17
C TYR A 47 0.34 1.79 -9.27
N LEU A 48 -0.17 2.85 -8.64
CA LEU A 48 -1.31 2.73 -7.75
C LEU A 48 -2.49 3.54 -8.27
N PHE A 49 -3.71 3.05 -8.01
CA PHE A 49 -4.92 3.72 -8.46
C PHE A 49 -5.87 3.95 -7.30
N LEU A 50 -6.81 4.87 -7.48
CA LEU A 50 -7.79 5.19 -6.44
C LEU A 50 -9.15 5.47 -7.04
N ASP A 51 -10.20 5.03 -6.36
CA ASP A 51 -11.57 5.22 -6.83
C ASP A 51 -12.39 5.99 -5.80
N GLY A 52 -13.12 7.00 -6.25
CA GLY A 52 -13.94 7.80 -5.35
C GLY A 52 -14.48 9.05 -6.01
N ASP A 53 -14.42 10.17 -5.29
CA ASP A 53 -14.92 11.43 -5.80
C ASP A 53 -14.48 11.63 -7.25
N SER A 54 -13.24 11.28 -7.55
CA SER A 54 -12.70 11.42 -8.90
C SER A 54 -11.62 10.38 -9.16
N HIS A 55 -11.25 10.22 -10.43
CA HIS A 55 -10.23 9.26 -10.82
C HIS A 55 -8.86 9.70 -10.32
N TYR A 56 -8.45 9.18 -9.17
CA TYR A 56 -7.17 9.52 -8.58
C TYR A 56 -6.13 8.43 -8.87
N GLU A 57 -4.88 8.85 -9.04
CA GLU A 57 -3.80 7.92 -9.32
C GLU A 57 -2.48 8.40 -8.72
N ILE A 58 -1.82 7.53 -7.98
CA ILE A 58 -0.55 7.86 -7.35
C ILE A 58 0.59 7.02 -7.91
N GLU A 59 1.38 7.61 -8.79
CA GLU A 59 2.50 6.92 -9.41
C GLU A 59 3.58 6.61 -8.37
N ILE A 60 3.90 5.33 -8.22
CA ILE A 60 4.92 4.91 -7.26
C ILE A 60 6.26 5.55 -7.56
N VAL A 61 6.56 5.71 -8.84
CA VAL A 61 7.82 6.32 -9.27
C VAL A 61 7.98 7.72 -8.67
N HIS A 62 6.86 8.32 -8.30
CA HIS A 62 6.87 9.66 -7.71
C HIS A 62 6.93 9.59 -6.19
N ILE A 63 6.21 8.63 -5.62
CA ILE A 63 6.18 8.45 -4.17
C ILE A 63 7.58 8.55 -3.58
N SER A 64 7.75 9.44 -2.61
CA SER A 64 9.04 9.64 -1.97
C SER A 64 9.10 8.89 -0.63
N THR A 65 8.10 9.11 0.20
CA THR A 65 8.03 8.46 1.50
C THR A 65 7.01 7.34 1.51
N VAL A 66 7.26 6.30 2.30
CA VAL A 66 6.36 5.16 2.39
C VAL A 66 6.45 4.50 3.77
N GLN A 67 5.43 4.74 4.60
CA GLN A 67 5.39 4.18 5.94
C GLN A 67 3.99 3.68 6.28
N ILE A 68 3.91 2.78 7.25
CA ILE A 68 2.62 2.22 7.67
C ILE A 68 2.12 2.90 8.94
N LEU A 69 0.81 3.04 9.05
CA LEU A 69 0.20 3.67 10.23
C LEU A 69 -0.43 2.62 11.14
N THR A 70 -0.16 2.75 12.43
CA THR A 70 -0.71 1.81 13.41
C THR A 70 -1.47 2.54 14.51
N GLU A 71 -2.77 2.31 14.58
CA GLU A 71 -3.61 2.96 15.58
C GLU A 71 -3.94 1.99 16.73
N GLY A 72 -4.37 2.54 17.86
CA GLY A 72 -4.71 1.71 19.00
C GLY A 72 -3.58 0.79 19.40
N PHE A 73 -3.65 -0.47 18.96
CA PHE A 73 -2.62 -1.45 19.28
C PHE A 73 -1.31 -1.13 18.56
N PRO A 74 -0.18 -1.44 19.21
CA PRO A 74 1.15 -1.19 18.64
C PRO A 74 1.47 -2.11 17.47
N PRO A 75 2.57 -1.83 16.76
CA PRO A 75 3.00 -2.63 15.61
C PRO A 75 3.51 -4.01 16.02
N GLY A 76 3.80 -4.17 17.31
CA GLY A 76 4.29 -5.44 17.80
C GLY A 76 3.18 -6.46 17.95
N GLY A 77 3.50 -7.58 18.60
CA GLY A 77 2.51 -8.63 18.80
C GLY A 77 1.16 -8.09 19.22
N GLY A 78 0.10 -8.77 18.84
CA GLY A 78 -1.24 -8.34 19.18
C GLY A 78 -2.24 -8.60 18.08
N ASN A 79 -3.49 -8.87 18.46
CA ASN A 79 -4.54 -9.14 17.49
C ASN A 79 -4.44 -8.20 16.30
N ALA A 80 -4.08 -6.94 16.57
CA ALA A 80 -3.95 -5.94 15.53
C ALA A 80 -2.48 -5.62 15.26
N ARG A 81 -2.14 -5.46 13.98
CA ARG A 81 -0.77 -5.15 13.59
C ARG A 81 -0.71 -3.82 12.84
N ALA A 82 -1.42 -3.73 11.73
CA ALA A 82 -1.45 -2.52 10.93
C ALA A 82 -2.87 -2.03 10.70
N THR A 83 -3.17 -0.84 11.19
CA THR A 83 -4.51 -0.26 11.05
C THR A 83 -4.45 1.07 10.32
N GLY A 84 -3.60 1.15 9.30
CA GLY A 84 -3.47 2.38 8.54
C GLY A 84 -2.22 2.40 7.68
N MET A 85 -2.09 3.43 6.85
CA MET A 85 -0.94 3.56 5.97
C MET A 85 -0.68 5.02 5.61
N PHE A 86 0.57 5.45 5.74
CA PHE A 86 0.94 6.83 5.44
C PHE A 86 1.97 6.88 4.30
N LEU A 87 1.58 7.49 3.19
CA LEU A 87 2.45 7.60 2.03
C LEU A 87 2.55 9.05 1.56
N GLN A 88 3.51 9.32 0.69
CA GLN A 88 3.70 10.67 0.16
C GLN A 88 4.13 10.61 -1.31
N TYR A 89 3.70 11.61 -2.08
CA TYR A 89 4.04 11.68 -3.49
C TYR A 89 4.11 13.13 -3.97
N THR A 90 4.92 13.37 -5.00
CA THR A 90 5.07 14.72 -5.55
C THR A 90 4.30 14.87 -6.85
N VAL A 91 3.51 15.93 -6.94
CA VAL A 91 2.72 16.20 -8.13
C VAL A 91 3.23 17.43 -8.87
N PRO A 92 3.51 17.27 -10.17
CA PRO A 92 4.02 18.35 -11.02
C PRO A 92 2.95 19.42 -11.29
N GLY A 93 1.77 19.24 -10.68
CA GLY A 93 0.70 20.19 -10.86
C GLY A 93 0.42 21.01 -9.62
N THR A 94 1.27 20.86 -8.61
CA THR A 94 1.11 21.58 -7.37
C THR A 94 2.45 22.11 -6.86
N GLU A 95 2.41 22.82 -5.73
CA GLU A 95 3.63 23.37 -5.14
C GLU A 95 3.95 22.69 -3.82
N GLY A 96 5.01 21.88 -3.83
CA GLY A 96 5.42 21.17 -2.62
C GLY A 96 5.14 19.69 -2.71
N VAL A 97 4.92 19.06 -1.56
CA VAL A 97 4.64 17.63 -1.50
C VAL A 97 3.31 17.35 -0.82
N THR A 98 2.65 16.27 -1.25
CA THR A 98 1.37 15.90 -0.67
C THR A 98 1.44 14.52 -0.02
N GLN A 99 0.74 14.36 1.10
CA GLN A 99 0.72 13.10 1.82
C GLN A 99 -0.63 12.40 1.68
N LEU A 100 -0.69 11.14 2.09
CA LEU A 100 -1.92 10.36 2.01
C LEU A 100 -2.12 9.52 3.26
N LYS A 101 -3.31 9.60 3.85
CA LYS A 101 -3.62 8.84 5.06
C LYS A 101 -4.68 7.77 4.75
N LEU A 102 -4.31 6.51 4.97
CA LEU A 102 -5.22 5.40 4.73
C LEU A 102 -5.58 4.70 6.03
N THR A 103 -6.85 4.38 6.20
CA THR A 103 -7.33 3.70 7.40
C THR A 103 -8.44 2.71 7.07
N VAL A 104 -8.45 1.58 7.79
CA VAL A 104 -9.46 0.56 7.58
C VAL A 104 -10.85 1.06 8.00
N VAL A 105 -11.81 0.97 7.08
CA VAL A 105 -13.16 1.41 7.35
C VAL A 105 -13.66 0.85 8.69
N GLU A 106 -14.29 1.71 9.49
CA GLU A 106 -14.82 1.30 10.78
C GLU A 106 -16.33 1.42 10.81
N ASP A 107 -16.86 2.44 10.15
CA ASP A 107 -18.31 2.66 10.10
C ASP A 107 -19.05 1.34 9.93
N VAL A 108 -18.61 0.52 8.98
CA VAL A 108 -19.23 -0.76 8.72
C VAL A 108 -18.19 -1.88 8.66
N THR A 109 -18.56 -3.06 9.15
CA THR A 109 -17.66 -4.20 9.16
C THR A 109 -17.20 -4.54 7.74
N VAL A 110 -15.90 -4.75 7.58
CA VAL A 110 -15.33 -5.08 6.28
C VAL A 110 -14.28 -6.19 6.39
N GLY A 111 -13.74 -6.61 5.26
CA GLY A 111 -12.73 -7.65 5.26
C GLY A 111 -11.48 -7.25 6.03
N ARG A 112 -11.57 -7.28 7.35
CA ARG A 112 -10.45 -6.92 8.20
C ARG A 112 -9.18 -7.65 7.76
N ARG A 113 -9.27 -8.97 7.68
CA ARG A 113 -8.12 -9.78 7.27
C ARG A 113 -7.52 -9.27 5.96
N GLN A 114 -8.38 -9.03 4.98
CA GLN A 114 -7.93 -8.53 3.68
C GLN A 114 -7.20 -7.20 3.83
N ALA A 115 -7.93 -6.18 4.27
CA ALA A 115 -7.35 -4.86 4.45
C ALA A 115 -5.99 -4.95 5.16
N VAL A 116 -6.02 -5.32 6.43
CA VAL A 116 -4.80 -5.45 7.21
C VAL A 116 -3.67 -6.07 6.38
N ALA A 117 -4.01 -7.09 5.61
CA ALA A 117 -3.03 -7.77 4.76
C ALA A 117 -2.52 -6.83 3.67
N TRP A 118 -3.44 -6.19 2.95
CA TRP A 118 -3.08 -5.28 1.88
C TRP A 118 -2.12 -4.20 2.38
N LEU A 119 -2.28 -3.82 3.63
CA LEU A 119 -1.43 -2.79 4.24
C LEU A 119 0.01 -3.29 4.35
N VAL A 120 0.20 -4.37 5.11
CA VAL A 120 1.52 -4.94 5.29
C VAL A 120 2.08 -5.48 3.97
N ALA A 121 1.19 -5.86 3.07
CA ALA A 121 1.60 -6.39 1.77
C ALA A 121 2.21 -5.30 0.91
N MET A 122 1.59 -4.13 0.90
CA MET A 122 2.08 -3.01 0.10
C MET A 122 3.51 -2.64 0.50
N HIS A 123 3.73 -2.52 1.81
CA HIS A 123 5.05 -2.17 2.33
C HIS A 123 6.10 -3.18 1.88
N LYS A 124 5.89 -4.45 2.26
CA LYS A 124 6.82 -5.51 1.89
C LYS A 124 7.32 -5.32 0.47
N ALA A 125 6.41 -5.39 -0.49
CA ALA A 125 6.76 -5.22 -1.90
C ALA A 125 7.41 -3.86 -2.14
N ALA A 126 6.74 -2.80 -1.68
CA ALA A 126 7.24 -1.45 -1.85
C ALA A 126 8.76 -1.41 -1.72
N LYS A 127 9.28 -2.07 -0.69
CA LYS A 127 10.72 -2.11 -0.46
C LYS A 127 11.46 -2.57 -1.70
N LEU A 128 10.95 -3.63 -2.34
CA LEU A 128 11.57 -4.17 -3.54
C LEU A 128 11.73 -3.10 -4.61
N LEU A 129 10.64 -2.36 -4.87
CA LEU A 129 10.66 -1.30 -5.87
C LEU A 129 11.96 -0.51 -5.80
N TYR A 130 12.22 0.11 -4.65
CA TYR A 130 13.43 0.89 -4.47
C TYR A 130 14.51 0.07 -3.77
N GLU A 131 14.23 -0.34 -2.53
CA GLU A 131 15.17 -1.14 -1.76
C GLU A 131 15.35 -2.52 -2.38
N SER A 132 16.45 -3.18 -2.04
CA SER A 132 16.75 -4.52 -2.55
C SER A 132 16.52 -4.57 -4.06
N ARG A 133 17.10 -3.62 -4.79
CA ARG A 133 16.95 -3.55 -6.23
C ARG A 133 17.04 -4.95 -6.84
N ASP A 134 16.55 -5.09 -8.07
CA ASP A 134 16.57 -6.36 -8.77
C ASP A 134 17.71 -6.41 -9.78
N GLN A 135 18.62 -7.38 -9.61
CA GLN A 135 19.76 -7.53 -10.50
C GLN A 135 19.31 -8.07 -11.85
N SER A 136 18.45 -9.08 -11.83
CA SER A 136 17.95 -9.68 -13.07
C SER A 136 16.47 -10.05 -12.93
N GLY A 137 15.75 -10.02 -14.05
CA GLY A 137 14.35 -10.36 -14.03
C GLY A 137 13.55 -9.57 -15.05
N PRO A 138 12.60 -8.76 -14.57
CA PRO A 138 11.75 -7.92 -15.43
C PRO A 138 12.53 -6.79 -16.09
N SER A 139 13.82 -6.72 -15.80
CA SER A 139 14.67 -5.68 -16.37
C SER A 139 14.25 -5.36 -17.80
N SER A 140 13.94 -4.08 -18.05
CA SER A 140 13.52 -3.65 -19.37
C SER A 140 12.43 -4.56 -19.93
N GLY A 141 11.42 -4.83 -19.11
CA GLY A 141 10.33 -5.69 -19.53
C GLY A 141 10.39 -7.06 -18.90
N GLY A 1 6.55 -20.25 -18.12
CA GLY A 1 6.02 -21.31 -18.95
C GLY A 1 5.23 -22.33 -18.16
N SER A 2 5.60 -23.60 -18.29
CA SER A 2 4.92 -24.68 -17.58
C SER A 2 5.86 -25.35 -16.58
N SER A 3 7.03 -25.74 -17.06
CA SER A 3 8.02 -26.40 -16.20
C SER A 3 9.09 -25.42 -15.77
N GLY A 4 8.92 -24.84 -14.58
CA GLY A 4 9.89 -23.90 -14.07
C GLY A 4 10.24 -24.15 -12.62
N SER A 5 11.10 -23.30 -12.06
CA SER A 5 11.52 -23.44 -10.66
C SER A 5 11.31 -22.15 -9.90
N SER A 6 10.16 -21.51 -10.13
CA SER A 6 9.83 -20.26 -9.46
C SER A 6 8.45 -20.33 -8.82
N GLY A 7 8.31 -19.69 -7.66
CA GLY A 7 7.04 -19.70 -6.97
C GLY A 7 7.18 -19.38 -5.49
N ALA A 8 7.08 -18.11 -5.14
CA ALA A 8 7.20 -17.68 -3.76
C ALA A 8 5.84 -17.43 -3.13
N GLU A 9 5.14 -18.51 -2.79
CA GLU A 9 3.82 -18.41 -2.19
C GLU A 9 3.71 -17.17 -1.30
N PHE A 10 4.65 -17.05 -0.36
CA PHE A 10 4.67 -15.90 0.55
C PHE A 10 4.34 -14.61 -0.18
N TYR A 11 5.10 -14.32 -1.23
CA TYR A 11 4.89 -13.11 -2.02
C TYR A 11 3.64 -13.23 -2.87
N ASP A 12 3.47 -14.38 -3.52
CA ASP A 12 2.31 -14.62 -4.36
C ASP A 12 1.02 -14.25 -3.64
N LYS A 13 0.73 -14.96 -2.56
CA LYS A 13 -0.47 -14.71 -1.77
C LYS A 13 -0.74 -13.20 -1.64
N GLN A 14 0.31 -12.45 -1.39
CA GLN A 14 0.20 -11.00 -1.25
C GLN A 14 -0.27 -10.37 -2.56
N LEU A 15 0.20 -10.91 -3.67
CA LEU A 15 -0.17 -10.40 -4.99
C LEU A 15 -1.69 -10.29 -5.13
N LYS A 16 -2.35 -11.44 -5.21
CA LYS A 16 -3.80 -11.48 -5.33
C LYS A 16 -4.45 -10.45 -4.42
N VAL A 17 -3.96 -10.36 -3.19
CA VAL A 17 -4.51 -9.42 -2.22
C VAL A 17 -4.39 -7.99 -2.73
N LEU A 18 -3.17 -7.59 -3.10
CA LEU A 18 -2.92 -6.25 -3.60
C LEU A 18 -3.78 -5.96 -4.83
N LEU A 19 -3.64 -6.78 -5.85
CA LEU A 19 -4.39 -6.62 -7.09
C LEU A 19 -5.88 -6.48 -6.79
N SER A 20 -6.42 -7.43 -6.03
CA SER A 20 -7.84 -7.41 -5.67
C SER A 20 -8.28 -6.01 -5.27
N GLY A 21 -7.45 -5.34 -4.48
CA GLY A 21 -7.78 -4.00 -4.03
C GLY A 21 -8.59 -3.99 -2.75
N ALA A 22 -8.25 -3.08 -1.84
CA ALA A 22 -8.95 -2.97 -0.57
C ALA A 22 -9.38 -1.53 -0.30
N THR A 23 -10.61 -1.36 0.20
CA THR A 23 -11.13 -0.04 0.50
C THR A 23 -10.42 0.59 1.69
N PHE A 24 -10.13 1.87 1.60
CA PHE A 24 -9.45 2.58 2.67
C PHE A 24 -9.93 4.03 2.76
N LEU A 25 -9.84 4.61 3.96
CA LEU A 25 -10.28 5.98 4.17
C LEU A 25 -9.14 6.96 3.87
N VAL A 26 -9.22 7.62 2.72
CA VAL A 26 -8.21 8.59 2.32
C VAL A 26 -8.60 10.00 2.73
N THR A 27 -7.65 10.73 3.31
CA THR A 27 -7.89 12.10 3.75
C THR A 27 -7.12 13.10 2.89
N PHE A 28 -7.79 13.64 1.89
CA PHE A 28 -7.17 14.62 1.00
C PHE A 28 -6.54 15.76 1.79
N GLY A 29 -5.97 16.73 1.08
CA GLY A 29 -5.33 17.85 1.73
C GLY A 29 -6.34 18.85 2.27
N ASN A 30 -6.27 19.10 3.58
CA ASN A 30 -7.19 20.03 4.22
C ASN A 30 -8.59 19.44 4.33
N SER A 31 -8.65 18.14 4.58
CA SER A 31 -9.93 17.44 4.70
C SER A 31 -10.05 16.77 6.07
N GLU A 32 -10.61 17.49 7.02
CA GLU A 32 -10.79 16.96 8.39
C GLU A 32 -11.63 15.69 8.36
N LYS A 33 -12.31 15.46 7.24
CA LYS A 33 -13.15 14.27 7.08
C LYS A 33 -12.54 13.30 6.08
N PRO A 34 -12.47 12.02 6.47
CA PRO A 34 -11.92 10.96 5.62
C PRO A 34 -12.82 10.65 4.42
N GLU A 35 -12.23 10.11 3.36
CA GLU A 35 -12.98 9.76 2.17
C GLU A 35 -12.83 8.28 1.83
N THR A 36 -13.90 7.68 1.32
CA THR A 36 -13.88 6.27 0.96
C THR A 36 -13.37 6.08 -0.47
N MET A 37 -12.20 5.46 -0.59
CA MET A 37 -11.60 5.20 -1.89
C MET A 37 -10.91 3.85 -1.92
N THR A 38 -10.90 3.22 -3.09
CA THR A 38 -10.28 1.91 -3.25
C THR A 38 -8.84 2.04 -3.75
N CYS A 39 -7.90 1.51 -2.98
CA CYS A 39 -6.49 1.57 -3.34
C CYS A 39 -5.98 0.20 -3.76
N ARG A 40 -5.71 0.03 -5.05
CA ARG A 40 -5.21 -1.23 -5.57
C ARG A 40 -3.93 -1.02 -6.37
N LEU A 41 -3.24 -2.12 -6.66
CA LEU A 41 -2.00 -2.06 -7.42
C LEU A 41 -2.22 -2.51 -8.86
N SER A 42 -1.40 -2.00 -9.78
CA SER A 42 -1.51 -2.35 -11.19
C SER A 42 -1.09 -3.80 -11.42
N ASN A 43 -1.24 -4.26 -12.66
CA ASN A 43 -0.87 -5.63 -13.01
C ASN A 43 0.54 -5.96 -12.53
N ASN A 44 1.46 -5.02 -12.72
CA ASN A 44 2.84 -5.21 -12.31
C ASN A 44 3.13 -4.45 -11.02
N GLN A 45 2.08 -4.12 -10.27
CA GLN A 45 2.22 -3.39 -9.02
C GLN A 45 3.28 -2.31 -9.14
N ARG A 46 3.23 -1.56 -10.24
CA ARG A 46 4.19 -0.48 -10.48
C ARG A 46 3.54 0.88 -10.24
N TYR A 47 2.22 0.91 -10.25
CA TYR A 47 1.48 2.15 -10.04
C TYR A 47 0.20 1.90 -9.24
N LEU A 48 -0.26 2.91 -8.52
CA LEU A 48 -1.47 2.79 -7.72
C LEU A 48 -2.60 3.60 -8.33
N PHE A 49 -3.84 3.21 -8.03
CA PHE A 49 -5.00 3.89 -8.55
C PHE A 49 -6.07 4.06 -7.47
N LEU A 50 -6.84 5.14 -7.57
CA LEU A 50 -7.88 5.41 -6.59
C LEU A 50 -9.26 5.40 -7.26
N ASP A 51 -10.29 5.04 -6.48
CA ASP A 51 -11.65 4.99 -7.00
C ASP A 51 -12.64 5.46 -5.94
N GLY A 52 -13.33 6.57 -6.23
CA GLY A 52 -14.30 7.11 -5.30
C GLY A 52 -14.89 8.42 -5.76
N ASP A 53 -14.77 9.45 -4.92
CA ASP A 53 -15.29 10.77 -5.25
C ASP A 53 -14.94 11.15 -6.69
N SER A 54 -13.67 10.96 -7.05
CA SER A 54 -13.19 11.29 -8.38
C SER A 54 -12.09 10.33 -8.82
N HIS A 55 -12.00 10.09 -10.13
CA HIS A 55 -10.99 9.21 -10.68
C HIS A 55 -9.59 9.72 -10.38
N TYR A 56 -8.94 9.15 -9.37
CA TYR A 56 -7.60 9.57 -8.99
C TYR A 56 -6.61 8.42 -9.17
N GLU A 57 -5.32 8.76 -9.18
CA GLU A 57 -4.28 7.75 -9.34
C GLU A 57 -2.95 8.25 -8.77
N ILE A 58 -2.30 7.40 -7.98
CA ILE A 58 -1.02 7.76 -7.36
C ILE A 58 0.11 6.91 -7.93
N GLU A 59 0.87 7.47 -8.86
CA GLU A 59 1.98 6.76 -9.48
C GLU A 59 3.15 6.64 -8.50
N ILE A 60 3.63 5.42 -8.32
CA ILE A 60 4.75 5.18 -7.41
C ILE A 60 5.98 5.98 -7.82
N VAL A 61 6.01 6.40 -9.08
CA VAL A 61 7.13 7.19 -9.60
C VAL A 61 7.30 8.48 -8.82
N HIS A 62 6.20 9.01 -8.31
CA HIS A 62 6.23 10.24 -7.53
C HIS A 62 6.44 9.95 -6.05
N ILE A 63 5.62 9.07 -5.50
CA ILE A 63 5.73 8.69 -4.09
C ILE A 63 7.17 8.72 -3.62
N SER A 64 7.39 9.21 -2.41
CA SER A 64 8.74 9.28 -1.84
C SER A 64 8.84 8.43 -0.58
N THR A 65 8.03 8.76 0.43
CA THR A 65 8.03 8.03 1.69
C THR A 65 6.82 7.12 1.79
N VAL A 66 7.05 5.89 2.25
CA VAL A 66 5.98 4.92 2.40
C VAL A 66 6.15 4.09 3.67
N GLN A 67 5.34 4.38 4.67
CA GLN A 67 5.40 3.66 5.94
C GLN A 67 4.00 3.26 6.42
N ILE A 68 3.95 2.25 7.27
CA ILE A 68 2.67 1.78 7.81
C ILE A 68 2.36 2.43 9.14
N LEU A 69 1.11 2.85 9.31
CA LEU A 69 0.68 3.49 10.55
C LEU A 69 0.41 2.46 11.64
N THR A 70 1.36 2.32 12.56
CA THR A 70 1.24 1.36 13.65
C THR A 70 1.51 2.02 15.00
N GLU A 71 0.50 2.05 15.86
CA GLU A 71 0.64 2.65 17.19
C GLU A 71 1.94 2.21 17.86
N GLY A 72 2.07 0.90 18.07
CA GLY A 72 3.25 0.37 18.70
C GLY A 72 2.96 -0.86 19.55
N PHE A 73 2.67 -1.98 18.90
CA PHE A 73 2.37 -3.22 19.61
C PHE A 73 1.53 -2.93 20.86
N PRO A 74 0.40 -2.23 20.67
CA PRO A 74 -0.50 -1.89 21.76
C PRO A 74 -1.24 -3.10 22.32
N PRO A 75 -1.74 -2.98 23.55
CA PRO A 75 -2.47 -4.07 24.22
C PRO A 75 -3.84 -4.32 23.59
N GLY A 76 -4.23 -5.58 23.54
CA GLY A 76 -5.52 -5.94 22.96
C GLY A 76 -5.67 -7.43 22.74
N GLY A 77 -6.89 -7.87 22.48
CA GLY A 77 -7.13 -9.29 22.25
C GLY A 77 -6.48 -9.79 20.98
N GLY A 78 -6.97 -9.33 19.83
CA GLY A 78 -6.42 -9.75 18.56
C GLY A 78 -5.03 -9.19 18.33
N ASN A 79 -4.53 -9.35 17.10
CA ASN A 79 -3.21 -8.86 16.75
C ASN A 79 -3.27 -7.93 15.55
N ALA A 80 -3.58 -6.66 15.81
CA ALA A 80 -3.67 -5.66 14.74
C ALA A 80 -2.30 -5.34 14.17
N ARG A 81 -1.86 -6.14 13.21
CA ARG A 81 -0.55 -5.94 12.59
C ARG A 81 -0.45 -4.55 11.97
N ALA A 82 -1.39 -4.22 11.09
CA ALA A 82 -1.41 -2.93 10.44
C ALA A 82 -2.80 -2.30 10.49
N THR A 83 -2.94 -1.23 11.26
CA THR A 83 -4.22 -0.54 11.40
C THR A 83 -4.23 0.75 10.61
N GLY A 84 -3.39 0.83 9.58
CA GLY A 84 -3.33 2.02 8.76
C GLY A 84 -2.10 2.05 7.88
N MET A 85 -2.06 2.99 6.94
CA MET A 85 -0.93 3.12 6.03
C MET A 85 -0.66 4.60 5.70
N PHE A 86 0.58 4.89 5.32
CA PHE A 86 0.97 6.26 4.99
C PHE A 86 1.75 6.29 3.68
N LEU A 87 1.38 7.23 2.80
CA LEU A 87 2.05 7.36 1.51
C LEU A 87 2.22 8.84 1.15
N GLN A 88 3.48 9.24 0.97
CA GLN A 88 3.79 10.62 0.62
C GLN A 88 4.18 10.74 -0.85
N TYR A 89 3.74 11.81 -1.49
CA TYR A 89 4.04 12.04 -2.90
C TYR A 89 4.04 13.53 -3.22
N THR A 90 4.97 13.94 -4.08
CA THR A 90 5.07 15.34 -4.48
C THR A 90 4.31 15.61 -5.76
N VAL A 91 3.57 16.72 -5.79
CA VAL A 91 2.78 17.09 -6.95
C VAL A 91 3.42 18.28 -7.69
N PRO A 92 3.49 18.18 -9.02
CA PRO A 92 4.06 19.22 -9.87
C PRO A 92 3.19 20.48 -9.90
N GLY A 93 1.89 20.28 -10.10
CA GLY A 93 0.98 21.41 -10.16
C GLY A 93 0.52 21.86 -8.78
N THR A 94 1.43 21.80 -7.81
CA THR A 94 1.11 22.20 -6.44
C THR A 94 2.35 22.62 -5.68
N GLU A 95 2.17 23.41 -4.64
CA GLU A 95 3.29 23.89 -3.83
C GLU A 95 3.39 23.11 -2.52
N GLY A 96 4.43 22.30 -2.41
CA GLY A 96 4.62 21.50 -1.20
C GLY A 96 4.38 20.02 -1.44
N VAL A 97 4.46 19.23 -0.38
CA VAL A 97 4.25 17.80 -0.47
C VAL A 97 2.89 17.40 0.10
N THR A 98 2.26 16.42 -0.53
CA THR A 98 0.95 15.95 -0.09
C THR A 98 1.06 14.57 0.57
N GLN A 99 0.27 14.37 1.62
CA GLN A 99 0.28 13.10 2.34
C GLN A 99 -1.05 12.37 2.17
N LEU A 100 -1.03 11.06 2.35
CA LEU A 100 -2.22 10.24 2.22
C LEU A 100 -2.33 9.22 3.35
N LYS A 101 -3.38 9.35 4.16
CA LYS A 101 -3.59 8.43 5.28
C LYS A 101 -4.64 7.38 4.92
N LEU A 102 -4.43 6.17 5.41
CA LEU A 102 -5.36 5.07 5.14
C LEU A 102 -5.72 4.34 6.44
N THR A 103 -6.99 3.97 6.57
CA THR A 103 -7.46 3.27 7.77
C THR A 103 -8.51 2.23 7.40
N VAL A 104 -8.45 1.08 8.07
CA VAL A 104 -9.40 0.00 7.81
C VAL A 104 -10.79 0.37 8.32
N VAL A 105 -11.80 0.14 7.48
CA VAL A 105 -13.17 0.44 7.83
C VAL A 105 -13.97 -0.83 8.11
N GLU A 106 -15.20 -0.66 8.58
CA GLU A 106 -16.06 -1.80 8.88
C GLU A 106 -17.44 -1.64 8.25
N ASP A 107 -17.91 -0.40 8.20
CA ASP A 107 -19.21 -0.10 7.62
C ASP A 107 -19.41 -0.88 6.32
N VAL A 108 -18.38 -0.93 5.48
CA VAL A 108 -18.44 -1.64 4.22
C VAL A 108 -17.65 -2.94 4.28
N THR A 109 -16.45 -2.87 4.81
CA THR A 109 -15.58 -4.04 4.92
C THR A 109 -16.02 -4.93 6.08
N VAL A 110 -15.89 -6.24 5.89
CA VAL A 110 -16.26 -7.20 6.93
C VAL A 110 -15.12 -8.14 7.25
N GLY A 111 -13.90 -7.78 6.82
CA GLY A 111 -12.74 -8.60 7.07
C GLY A 111 -11.46 -7.80 7.07
N ARG A 112 -11.00 -7.42 8.26
CA ARG A 112 -9.77 -6.63 8.39
C ARG A 112 -8.61 -7.33 7.69
N ARG A 113 -8.48 -8.64 7.92
CA ARG A 113 -7.41 -9.41 7.32
C ARG A 113 -7.13 -8.94 5.89
N GLN A 114 -8.17 -8.96 5.06
CA GLN A 114 -8.04 -8.54 3.67
C GLN A 114 -7.24 -7.24 3.57
N ALA A 115 -7.76 -6.17 4.16
CA ALA A 115 -7.09 -4.89 4.14
C ALA A 115 -5.70 -4.98 4.74
N VAL A 116 -5.62 -5.34 6.02
CA VAL A 116 -4.35 -5.47 6.71
C VAL A 116 -3.30 -6.09 5.81
N ALA A 117 -3.69 -7.13 5.08
CA ALA A 117 -2.77 -7.82 4.18
C ALA A 117 -2.29 -6.87 3.07
N TRP A 118 -3.20 -6.05 2.57
CA TRP A 118 -2.86 -5.10 1.51
C TRP A 118 -1.83 -4.09 1.99
N LEU A 119 -2.04 -3.56 3.19
CA LEU A 119 -1.12 -2.57 3.76
C LEU A 119 0.27 -3.17 3.93
N VAL A 120 0.35 -4.32 4.60
CA VAL A 120 1.62 -4.99 4.81
C VAL A 120 2.28 -5.38 3.50
N ALA A 121 1.47 -5.87 2.57
CA ALA A 121 1.97 -6.28 1.26
C ALA A 121 2.53 -5.09 0.48
N MET A 122 1.83 -3.96 0.57
CA MET A 122 2.25 -2.75 -0.12
C MET A 122 3.66 -2.34 0.31
N HIS A 123 3.90 -2.35 1.62
CA HIS A 123 5.20 -1.99 2.15
C HIS A 123 6.29 -2.93 1.64
N LYS A 124 6.17 -4.21 1.98
CA LYS A 124 7.14 -5.21 1.56
C LYS A 124 7.36 -5.14 0.05
N ALA A 125 6.28 -5.23 -0.71
CA ALA A 125 6.37 -5.18 -2.17
C ALA A 125 6.92 -3.84 -2.63
N ALA A 126 6.66 -2.79 -1.86
CA ALA A 126 7.14 -1.45 -2.19
C ALA A 126 8.64 -1.34 -1.99
N LYS A 127 9.15 -2.03 -0.97
CA LYS A 127 10.58 -2.00 -0.66
C LYS A 127 11.39 -2.44 -1.87
N LEU A 128 11.16 -3.68 -2.32
CA LEU A 128 11.88 -4.21 -3.48
C LEU A 128 12.03 -3.16 -4.57
N LEU A 129 10.93 -2.49 -4.90
CA LEU A 129 10.93 -1.46 -5.92
C LEU A 129 12.03 -0.44 -5.66
N TYR A 130 11.95 0.25 -4.53
CA TYR A 130 12.93 1.26 -4.16
C TYR A 130 14.24 0.60 -3.72
N GLU A 131 14.16 -0.16 -2.62
CA GLU A 131 15.34 -0.84 -2.09
C GLU A 131 16.20 -1.41 -3.22
N SER A 132 17.51 -1.40 -3.01
CA SER A 132 18.45 -1.91 -4.00
C SER A 132 19.84 -2.10 -3.40
N ARG A 133 20.73 -2.71 -4.18
CA ARG A 133 22.09 -2.96 -3.73
C ARG A 133 22.97 -3.46 -4.87
N ASP A 134 24.27 -3.56 -4.61
CA ASP A 134 25.21 -4.03 -5.62
C ASP A 134 26.18 -5.04 -5.03
N GLN A 135 26.77 -5.86 -5.90
CA GLN A 135 27.72 -6.87 -5.46
C GLN A 135 28.80 -6.27 -4.58
N SER A 136 29.56 -5.34 -5.15
CA SER A 136 30.64 -4.68 -4.41
C SER A 136 30.11 -3.46 -3.66
N GLY A 137 30.95 -2.90 -2.80
CA GLY A 137 30.56 -1.74 -2.03
C GLY A 137 31.44 -1.51 -0.82
N PRO A 138 32.60 -0.87 -1.02
CA PRO A 138 33.55 -0.58 0.05
C PRO A 138 33.03 0.47 1.02
N SER A 139 33.30 0.25 2.31
CA SER A 139 32.86 1.18 3.34
C SER A 139 33.42 2.58 3.10
N SER A 140 32.55 3.48 2.65
CA SER A 140 32.96 4.86 2.38
C SER A 140 34.34 4.90 1.73
N GLY A 141 34.58 3.98 0.80
CA GLY A 141 35.86 3.92 0.11
C GLY A 141 36.00 4.99 -0.95
N GLY A 1 14.11 -21.29 -18.49
CA GLY A 1 15.08 -22.00 -19.31
C GLY A 1 16.05 -22.81 -18.47
N SER A 2 17.00 -22.13 -17.84
CA SER A 2 18.00 -22.79 -17.01
C SER A 2 18.11 -22.12 -15.65
N SER A 3 18.29 -20.80 -15.66
CA SER A 3 18.41 -20.04 -14.42
C SER A 3 17.15 -19.22 -14.16
N GLY A 4 16.33 -19.68 -13.22
CA GLY A 4 15.11 -18.99 -12.89
C GLY A 4 14.26 -19.74 -11.89
N SER A 5 14.05 -19.16 -10.72
CA SER A 5 13.26 -19.78 -9.67
C SER A 5 11.77 -19.58 -9.93
N SER A 6 10.98 -20.64 -9.71
CA SER A 6 9.55 -20.58 -9.92
C SER A 6 8.79 -20.97 -8.65
N GLY A 7 8.63 -20.00 -7.74
CA GLY A 7 7.93 -20.26 -6.50
C GLY A 7 7.74 -19.00 -5.67
N ALA A 8 8.19 -19.05 -4.43
CA ALA A 8 8.06 -17.91 -3.52
C ALA A 8 6.59 -17.55 -3.30
N GLU A 9 5.77 -18.56 -3.06
CA GLU A 9 4.35 -18.35 -2.82
C GLU A 9 4.12 -17.17 -1.88
N PHE A 10 4.97 -17.05 -0.88
CA PHE A 10 4.86 -15.97 0.10
C PHE A 10 4.60 -14.63 -0.59
N TYR A 11 5.51 -14.25 -1.49
CA TYR A 11 5.38 -13.00 -2.21
C TYR A 11 4.13 -13.00 -3.08
N ASP A 12 3.84 -14.14 -3.69
CA ASP A 12 2.66 -14.28 -4.55
C ASP A 12 1.40 -13.87 -3.81
N LYS A 13 1.33 -14.24 -2.53
CA LYS A 13 0.17 -13.91 -1.70
C LYS A 13 -0.10 -12.41 -1.71
N GLN A 14 0.94 -11.63 -1.43
CA GLN A 14 0.82 -10.18 -1.40
C GLN A 14 0.34 -9.64 -2.75
N LEU A 15 0.76 -10.31 -3.82
CA LEU A 15 0.37 -9.90 -5.17
C LEU A 15 -1.11 -10.13 -5.41
N LYS A 16 -1.53 -11.39 -5.34
CA LYS A 16 -2.93 -11.75 -5.53
C LYS A 16 -3.83 -10.94 -4.61
N VAL A 17 -3.33 -10.62 -3.43
CA VAL A 17 -4.10 -9.85 -2.45
C VAL A 17 -4.13 -8.37 -2.83
N LEU A 18 -2.97 -7.83 -3.20
CA LEU A 18 -2.86 -6.43 -3.59
C LEU A 18 -3.72 -6.14 -4.82
N LEU A 19 -3.38 -6.77 -5.94
CA LEU A 19 -4.12 -6.59 -7.19
C LEU A 19 -5.62 -6.55 -6.92
N SER A 20 -6.10 -7.53 -6.15
CA SER A 20 -7.52 -7.61 -5.82
C SER A 20 -8.09 -6.24 -5.48
N GLY A 21 -7.41 -5.54 -4.57
CA GLY A 21 -7.86 -4.22 -4.16
C GLY A 21 -8.74 -4.27 -2.93
N ALA A 22 -8.54 -3.33 -2.02
CA ALA A 22 -9.32 -3.27 -0.79
C ALA A 22 -9.91 -1.87 -0.60
N THR A 23 -10.59 -1.67 0.54
CA THR A 23 -11.20 -0.39 0.84
C THR A 23 -10.48 0.30 1.99
N PHE A 24 -10.37 1.62 1.91
CA PHE A 24 -9.71 2.40 2.96
C PHE A 24 -10.33 3.78 3.09
N LEU A 25 -9.82 4.57 4.03
CA LEU A 25 -10.33 5.91 4.26
C LEU A 25 -9.30 6.96 3.87
N VAL A 26 -9.56 7.67 2.78
CA VAL A 26 -8.65 8.71 2.30
C VAL A 26 -9.10 10.09 2.76
N THR A 27 -8.16 10.86 3.30
CA THR A 27 -8.46 12.20 3.79
C THR A 27 -7.67 13.25 3.01
N PHE A 28 -8.37 14.27 2.53
CA PHE A 28 -7.73 15.34 1.77
C PHE A 28 -7.58 16.60 2.63
N GLY A 29 -6.50 17.34 2.39
CA GLY A 29 -6.26 18.56 3.15
C GLY A 29 -7.51 19.39 3.32
N ASN A 30 -8.36 19.40 2.30
CA ASN A 30 -9.60 20.17 2.34
C ASN A 30 -10.69 19.41 3.08
N SER A 31 -10.72 18.08 2.89
CA SER A 31 -11.72 17.25 3.53
C SER A 31 -11.23 16.79 4.91
N GLU A 32 -11.72 17.45 5.95
CA GLU A 32 -11.34 17.12 7.32
C GLU A 32 -11.92 15.77 7.74
N LYS A 33 -12.87 15.27 6.95
CA LYS A 33 -13.50 14.00 7.23
C LYS A 33 -13.08 12.94 6.21
N PRO A 34 -12.81 11.72 6.70
CA PRO A 34 -12.40 10.60 5.85
C PRO A 34 -13.53 10.10 4.96
N GLU A 35 -13.17 9.57 3.80
CA GLU A 35 -14.15 9.06 2.85
C GLU A 35 -13.79 7.64 2.39
N THR A 36 -14.80 6.81 2.20
CA THR A 36 -14.59 5.44 1.77
C THR A 36 -14.05 5.39 0.35
N MET A 37 -12.78 5.03 0.21
CA MET A 37 -12.15 4.95 -1.11
C MET A 37 -11.61 3.54 -1.35
N THR A 38 -11.16 3.30 -2.58
CA THR A 38 -10.61 2.00 -2.95
C THR A 38 -9.17 2.11 -3.41
N CYS A 39 -8.32 1.19 -2.96
CA CYS A 39 -6.91 1.20 -3.32
C CYS A 39 -6.50 -0.15 -3.90
N ARG A 40 -5.84 -0.12 -5.05
CA ARG A 40 -5.38 -1.34 -5.71
C ARG A 40 -4.19 -1.06 -6.62
N LEU A 41 -3.54 -2.13 -7.07
CA LEU A 41 -2.38 -2.00 -7.94
C LEU A 41 -2.75 -2.30 -9.39
N SER A 42 -1.83 -2.02 -10.31
CA SER A 42 -2.06 -2.26 -11.72
C SER A 42 -1.54 -3.63 -12.14
N ASN A 43 -1.74 -3.97 -13.40
CA ASN A 43 -1.29 -5.26 -13.92
C ASN A 43 0.16 -5.54 -13.52
N ASN A 44 1.03 -4.54 -13.70
CA ASN A 44 2.43 -4.68 -13.35
C ASN A 44 2.72 -4.03 -12.00
N GLN A 45 1.69 -3.95 -11.16
CA GLN A 45 1.84 -3.36 -9.83
C GLN A 45 2.90 -2.26 -9.83
N ARG A 46 2.93 -1.48 -10.90
CA ARG A 46 3.90 -0.40 -11.03
C ARG A 46 3.24 0.96 -10.85
N TYR A 47 1.91 0.95 -10.69
CA TYR A 47 1.16 2.18 -10.51
C TYR A 47 -0.06 1.95 -9.62
N LEU A 48 -0.33 2.92 -8.75
CA LEU A 48 -1.47 2.83 -7.84
C LEU A 48 -2.61 3.73 -8.29
N PHE A 49 -3.83 3.26 -8.09
CA PHE A 49 -5.02 4.02 -8.49
C PHE A 49 -6.02 4.11 -7.33
N LEU A 50 -6.84 5.14 -7.35
CA LEU A 50 -7.85 5.34 -6.31
C LEU A 50 -9.22 5.59 -6.91
N ASP A 51 -10.27 5.38 -6.11
CA ASP A 51 -11.63 5.59 -6.57
C ASP A 51 -12.50 6.15 -5.45
N GLY A 52 -13.26 7.20 -5.76
CA GLY A 52 -14.12 7.82 -4.77
C GLY A 52 -14.45 9.25 -5.12
N ASP A 53 -14.06 10.17 -4.25
CA ASP A 53 -14.31 11.59 -4.46
C ASP A 53 -14.19 11.95 -5.93
N SER A 54 -13.13 11.47 -6.57
CA SER A 54 -12.88 11.74 -7.98
C SER A 54 -11.79 10.84 -8.53
N HIS A 55 -11.65 10.83 -9.86
CA HIS A 55 -10.64 10.00 -10.51
C HIS A 55 -9.24 10.41 -10.07
N TYR A 56 -8.63 9.59 -9.22
CA TYR A 56 -7.28 9.88 -8.72
C TYR A 56 -6.32 8.74 -9.08
N GLU A 57 -5.06 9.09 -9.33
CA GLU A 57 -4.05 8.10 -9.68
C GLU A 57 -2.70 8.48 -9.08
N ILE A 58 -2.05 7.51 -8.44
CA ILE A 58 -0.75 7.74 -7.83
C ILE A 58 0.28 6.73 -8.32
N GLU A 59 1.25 7.22 -9.09
CA GLU A 59 2.30 6.36 -9.63
C GLU A 59 3.42 6.16 -8.62
N ILE A 60 3.95 4.94 -8.55
CA ILE A 60 5.03 4.63 -7.63
C ILE A 60 6.29 5.40 -7.97
N VAL A 61 6.36 5.91 -9.19
CA VAL A 61 7.51 6.67 -9.65
C VAL A 61 7.54 8.06 -9.02
N HIS A 62 6.40 8.48 -8.47
CA HIS A 62 6.29 9.79 -7.83
C HIS A 62 6.37 9.66 -6.31
N ILE A 63 5.88 8.53 -5.80
CA ILE A 63 5.89 8.28 -4.36
C ILE A 63 7.31 8.37 -3.80
N SER A 64 7.51 9.26 -2.83
CA SER A 64 8.81 9.45 -2.21
C SER A 64 8.98 8.51 -1.03
N THR A 65 8.21 8.75 0.03
CA THR A 65 8.27 7.92 1.23
C THR A 65 7.06 7.02 1.34
N VAL A 66 7.20 5.92 2.09
CA VAL A 66 6.11 4.97 2.26
C VAL A 66 6.20 4.30 3.64
N GLN A 67 5.29 4.69 4.53
CA GLN A 67 5.26 4.14 5.88
C GLN A 67 3.85 3.67 6.24
N ILE A 68 3.78 2.73 7.18
CA ILE A 68 2.49 2.20 7.61
C ILE A 68 2.12 2.73 9.00
N LEU A 69 0.88 3.20 9.14
CA LEU A 69 0.41 3.72 10.41
C LEU A 69 -0.04 2.60 11.33
N THR A 70 0.18 2.78 12.63
CA THR A 70 -0.20 1.79 13.62
C THR A 70 -0.75 2.43 14.89
N GLU A 71 -2.06 2.31 15.08
CA GLU A 71 -2.71 2.89 16.25
C GLU A 71 -3.05 1.81 17.28
N GLY A 72 -2.46 1.92 18.46
CA GLY A 72 -2.71 0.96 19.51
C GLY A 72 -1.43 0.48 20.19
N PHE A 73 -1.17 1.00 21.37
CA PHE A 73 0.03 0.62 22.11
C PHE A 73 0.08 -0.89 22.34
N PRO A 74 -0.94 -1.42 23.03
CA PRO A 74 -1.03 -2.85 23.32
C PRO A 74 -1.31 -3.68 22.07
N PRO A 75 -0.80 -4.93 22.05
CA PRO A 75 -0.98 -5.84 20.93
C PRO A 75 -2.42 -6.33 20.80
N GLY A 76 -2.93 -6.31 19.57
CA GLY A 76 -4.30 -6.76 19.34
C GLY A 76 -4.40 -8.26 19.15
N GLY A 77 -3.50 -8.82 18.35
CA GLY A 77 -3.50 -10.24 18.10
C GLY A 77 -3.63 -10.57 16.62
N GLY A 78 -2.54 -11.03 16.03
CA GLY A 78 -2.56 -11.37 14.61
C GLY A 78 -1.17 -11.67 14.07
N ASN A 79 -0.87 -11.15 12.89
CA ASN A 79 0.43 -11.37 12.26
C ASN A 79 1.16 -10.05 12.05
N ALA A 80 0.56 -9.16 11.26
CA ALA A 80 1.16 -7.86 10.98
C ALA A 80 0.28 -6.73 11.51
N ARG A 81 0.77 -6.04 12.53
CA ARG A 81 0.03 -4.93 13.13
C ARG A 81 -0.02 -3.74 12.18
N ALA A 82 -1.23 -3.41 11.73
CA ALA A 82 -1.42 -2.28 10.82
C ALA A 82 -2.84 -1.74 10.89
N THR A 83 -2.98 -0.49 11.29
CA THR A 83 -4.29 0.13 11.40
C THR A 83 -4.41 1.34 10.48
N GLY A 84 -3.52 1.41 9.49
CA GLY A 84 -3.54 2.52 8.55
C GLY A 84 -2.30 2.57 7.68
N MET A 85 -2.18 3.61 6.87
CA MET A 85 -1.03 3.77 5.99
C MET A 85 -0.75 5.25 5.73
N PHE A 86 0.53 5.60 5.62
CA PHE A 86 0.92 6.98 5.36
C PHE A 86 1.93 7.05 4.22
N LEU A 87 1.44 7.40 3.03
CA LEU A 87 2.31 7.49 1.86
C LEU A 87 2.59 8.96 1.52
N GLN A 88 3.75 9.20 0.92
CA GLN A 88 4.15 10.55 0.55
C GLN A 88 4.52 10.62 -0.93
N TYR A 89 3.92 11.57 -1.64
CA TYR A 89 4.18 11.75 -3.07
C TYR A 89 4.25 13.22 -3.43
N THR A 90 5.12 13.55 -4.39
CA THR A 90 5.28 14.93 -4.84
C THR A 90 4.48 15.20 -6.11
N VAL A 91 3.89 16.38 -6.19
CA VAL A 91 3.10 16.76 -7.35
C VAL A 91 3.80 17.85 -8.16
N PRO A 92 3.95 17.60 -9.48
CA PRO A 92 4.61 18.54 -10.39
C PRO A 92 3.77 19.79 -10.63
N GLY A 93 2.46 19.61 -10.73
CA GLY A 93 1.56 20.72 -10.96
C GLY A 93 1.33 21.54 -9.71
N THR A 94 1.75 21.01 -8.56
CA THR A 94 1.59 21.71 -7.29
C THR A 94 2.93 21.89 -6.59
N GLU A 95 3.07 23.00 -5.86
CA GLU A 95 4.30 23.29 -5.14
C GLU A 95 4.24 22.75 -3.72
N GLY A 96 5.08 21.76 -3.43
CA GLY A 96 5.11 21.17 -2.10
C GLY A 96 4.87 19.67 -2.13
N VAL A 97 4.83 19.06 -0.96
CA VAL A 97 4.61 17.63 -0.84
C VAL A 97 3.22 17.32 -0.29
N THR A 98 2.64 16.21 -0.73
CA THR A 98 1.31 15.82 -0.28
C THR A 98 1.34 14.43 0.34
N GLN A 99 0.67 14.26 1.48
CA GLN A 99 0.62 12.98 2.16
C GLN A 99 -0.76 12.35 2.03
N LEU A 100 -0.82 11.03 2.14
CA LEU A 100 -2.08 10.31 2.03
C LEU A 100 -2.28 9.39 3.23
N LYS A 101 -3.40 9.56 3.93
CA LYS A 101 -3.72 8.75 5.09
C LYS A 101 -4.79 7.72 4.76
N LEU A 102 -4.58 6.49 5.21
CA LEU A 102 -5.53 5.40 4.96
C LEU A 102 -5.90 4.70 6.26
N THR A 103 -7.20 4.47 6.46
CA THR A 103 -7.69 3.82 7.66
C THR A 103 -8.78 2.81 7.32
N VAL A 104 -8.70 1.63 7.92
CA VAL A 104 -9.69 0.57 7.68
C VAL A 104 -11.02 0.91 8.34
N VAL A 105 -12.09 0.87 7.56
CA VAL A 105 -13.42 1.16 8.09
C VAL A 105 -14.02 -0.04 8.79
N GLU A 106 -14.81 0.22 9.84
CA GLU A 106 -15.44 -0.84 10.61
C GLU A 106 -16.63 -1.43 9.86
N ASP A 107 -17.67 -0.63 9.69
CA ASP A 107 -18.87 -1.05 8.99
C ASP A 107 -18.68 -0.97 7.48
N VAL A 108 -18.06 -1.99 6.92
CA VAL A 108 -17.81 -2.04 5.48
C VAL A 108 -17.59 -3.47 5.00
N THR A 109 -18.04 -3.77 3.78
CA THR A 109 -17.90 -5.09 3.21
C THR A 109 -16.53 -5.69 3.55
N VAL A 110 -15.48 -5.14 2.93
CA VAL A 110 -14.13 -5.61 3.16
C VAL A 110 -13.91 -5.96 4.63
N GLY A 111 -13.03 -6.93 4.88
CA GLY A 111 -12.75 -7.34 6.24
C GLY A 111 -11.41 -6.82 6.74
N ARG A 112 -11.09 -7.12 7.99
CA ARG A 112 -9.83 -6.68 8.59
C ARG A 112 -8.66 -7.48 8.04
N ARG A 113 -8.88 -8.78 7.86
CA ARG A 113 -7.83 -9.66 7.35
C ARG A 113 -7.44 -9.27 5.93
N GLN A 114 -8.39 -8.75 5.17
CA GLN A 114 -8.14 -8.34 3.80
C GLN A 114 -7.41 -6.99 3.76
N ALA A 115 -8.10 -5.94 4.20
CA ALA A 115 -7.51 -4.61 4.21
C ALA A 115 -6.11 -4.62 4.83
N VAL A 116 -6.03 -5.06 6.08
CA VAL A 116 -4.76 -5.14 6.78
C VAL A 116 -3.68 -5.76 5.91
N ALA A 117 -4.03 -6.85 5.23
CA ALA A 117 -3.09 -7.55 4.35
C ALA A 117 -2.55 -6.61 3.28
N TRP A 118 -3.44 -5.97 2.54
CA TRP A 118 -3.05 -5.05 1.49
C TRP A 118 -2.07 -4.01 2.01
N LEU A 119 -2.38 -3.44 3.18
CA LEU A 119 -1.52 -2.43 3.79
C LEU A 119 -0.06 -2.90 3.82
N VAL A 120 0.21 -3.88 4.69
CA VAL A 120 1.56 -4.42 4.82
C VAL A 120 2.08 -4.93 3.48
N ALA A 121 1.19 -5.52 2.69
CA ALA A 121 1.55 -6.05 1.39
C ALA A 121 2.20 -4.98 0.51
N MET A 122 1.85 -3.72 0.78
CA MET A 122 2.40 -2.61 0.02
C MET A 122 3.85 -2.35 0.40
N HIS A 123 4.07 -1.96 1.65
CA HIS A 123 5.41 -1.68 2.14
C HIS A 123 6.34 -2.88 1.91
N LYS A 124 5.82 -4.07 2.18
CA LYS A 124 6.58 -5.29 2.00
C LYS A 124 6.95 -5.50 0.53
N ALA A 125 6.01 -5.22 -0.36
CA ALA A 125 6.24 -5.37 -1.79
C ALA A 125 7.24 -4.32 -2.30
N ALA A 126 7.03 -3.07 -1.90
CA ALA A 126 7.91 -1.98 -2.31
C ALA A 126 9.38 -2.33 -2.03
N LYS A 127 9.61 -3.08 -0.96
CA LYS A 127 10.97 -3.48 -0.58
C LYS A 127 11.67 -4.16 -1.76
N LEU A 128 10.89 -4.64 -2.72
CA LEU A 128 11.44 -5.31 -3.89
C LEU A 128 11.87 -4.30 -4.94
N LEU A 129 10.95 -3.40 -5.30
CA LEU A 129 11.24 -2.37 -6.29
C LEU A 129 12.21 -1.33 -5.75
N TYR A 130 12.29 -1.23 -4.43
CA TYR A 130 13.18 -0.28 -3.79
C TYR A 130 14.64 -0.68 -3.98
N GLU A 131 15.00 -1.84 -3.43
CA GLU A 131 16.36 -2.34 -3.54
C GLU A 131 16.44 -3.51 -4.54
N SER A 132 17.64 -3.76 -5.05
CA SER A 132 17.84 -4.84 -6.01
C SER A 132 18.96 -5.77 -5.55
N ARG A 133 18.58 -6.85 -4.88
CA ARG A 133 19.55 -7.83 -4.39
C ARG A 133 20.56 -8.19 -5.47
N ASP A 134 21.60 -8.91 -5.07
CA ASP A 134 22.64 -9.32 -6.01
C ASP A 134 22.03 -9.80 -7.32
N GLN A 135 22.16 -8.99 -8.37
CA GLN A 135 21.62 -9.34 -9.68
C GLN A 135 21.80 -10.83 -9.96
N SER A 136 20.68 -11.54 -10.04
CA SER A 136 20.71 -12.97 -10.31
C SER A 136 19.38 -13.45 -10.88
N GLY A 137 19.38 -13.79 -12.17
CA GLY A 137 18.17 -14.26 -12.82
C GLY A 137 17.69 -13.31 -13.90
N PRO A 138 18.40 -13.30 -15.04
CA PRO A 138 18.06 -12.45 -16.18
C PRO A 138 16.77 -12.88 -16.86
N SER A 139 15.83 -11.95 -16.98
CA SER A 139 14.55 -12.24 -17.61
C SER A 139 14.23 -11.21 -18.70
N SER A 140 14.66 -11.48 -19.92
CA SER A 140 14.43 -10.58 -21.04
C SER A 140 13.47 -11.20 -22.05
N GLY A 141 12.20 -10.81 -21.96
CA GLY A 141 11.20 -11.33 -22.86
C GLY A 141 9.84 -10.69 -22.67
N GLY A 1 22.46 -10.90 -10.91
CA GLY A 1 21.15 -10.43 -10.48
C GLY A 1 20.04 -11.36 -10.90
N SER A 2 19.13 -11.66 -9.96
CA SER A 2 18.01 -12.54 -10.24
C SER A 2 16.92 -12.40 -9.18
N SER A 3 15.67 -12.38 -9.62
CA SER A 3 14.54 -12.24 -8.71
C SER A 3 14.53 -13.38 -7.68
N GLY A 4 14.76 -14.59 -8.15
CA GLY A 4 14.77 -15.73 -7.26
C GLY A 4 14.35 -17.02 -7.96
N SER A 5 14.95 -18.14 -7.55
CA SER A 5 14.64 -19.42 -8.15
C SER A 5 13.72 -20.24 -7.23
N SER A 6 14.17 -20.45 -6.00
CA SER A 6 13.40 -21.21 -5.03
C SER A 6 11.92 -20.85 -5.11
N GLY A 7 11.62 -19.57 -4.95
CA GLY A 7 10.24 -19.11 -5.01
C GLY A 7 9.70 -18.73 -3.64
N ALA A 8 8.95 -17.64 -3.59
CA ALA A 8 8.36 -17.16 -2.34
C ALA A 8 6.85 -17.28 -2.36
N GLU A 9 6.36 -18.48 -2.05
CA GLU A 9 4.93 -18.74 -2.03
C GLU A 9 4.18 -17.62 -1.31
N PHE A 10 4.66 -17.27 -0.12
CA PHE A 10 4.05 -16.21 0.67
C PHE A 10 3.71 -15.00 -0.19
N TYR A 11 4.71 -14.48 -0.89
CA TYR A 11 4.52 -13.33 -1.76
C TYR A 11 3.53 -13.65 -2.89
N ASP A 12 3.84 -14.70 -3.64
CA ASP A 12 2.98 -15.12 -4.75
C ASP A 12 1.51 -14.92 -4.39
N LYS A 13 1.14 -15.31 -3.18
CA LYS A 13 -0.23 -15.19 -2.72
C LYS A 13 -0.63 -13.72 -2.57
N GLN A 14 0.20 -12.96 -1.86
CA GLN A 14 -0.06 -11.55 -1.65
C GLN A 14 -0.43 -10.85 -2.96
N LEU A 15 0.05 -11.41 -4.07
CA LEU A 15 -0.23 -10.85 -5.38
C LEU A 15 -1.73 -10.56 -5.55
N LYS A 16 -2.51 -11.63 -5.64
CA LYS A 16 -3.95 -11.50 -5.79
C LYS A 16 -4.54 -10.56 -4.74
N VAL A 17 -3.99 -10.63 -3.53
CA VAL A 17 -4.45 -9.78 -2.44
C VAL A 17 -4.29 -8.30 -2.77
N LEU A 18 -3.11 -7.93 -3.23
CA LEU A 18 -2.82 -6.54 -3.59
C LEU A 18 -3.69 -6.10 -4.76
N LEU A 19 -3.63 -6.84 -5.86
CA LEU A 19 -4.40 -6.52 -7.05
C LEU A 19 -5.88 -6.41 -6.71
N SER A 20 -6.42 -7.44 -6.05
CA SER A 20 -7.83 -7.45 -5.67
C SER A 20 -8.31 -6.06 -5.30
N GLY A 21 -7.52 -5.37 -4.47
CA GLY A 21 -7.88 -4.04 -4.04
C GLY A 21 -8.74 -4.03 -2.80
N ALA A 22 -8.37 -3.20 -1.83
CA ALA A 22 -9.12 -3.11 -0.58
C ALA A 22 -9.64 -1.69 -0.35
N THR A 23 -10.61 -1.55 0.54
CA THR A 23 -11.18 -0.25 0.85
C THR A 23 -10.39 0.46 1.94
N PHE A 24 -10.34 1.79 1.86
CA PHE A 24 -9.61 2.59 2.84
C PHE A 24 -10.14 4.02 2.87
N LEU A 25 -10.02 4.66 4.03
CA LEU A 25 -10.49 6.03 4.20
C LEU A 25 -9.39 7.02 3.85
N VAL A 26 -9.54 7.69 2.71
CA VAL A 26 -8.57 8.67 2.27
C VAL A 26 -8.97 10.08 2.68
N THR A 27 -8.11 10.74 3.47
CA THR A 27 -8.38 12.09 3.94
C THR A 27 -7.53 13.11 3.18
N PHE A 28 -8.10 13.71 2.15
CA PHE A 28 -7.40 14.71 1.35
C PHE A 28 -7.23 16.01 2.13
N GLY A 29 -6.04 16.59 2.06
CA GLY A 29 -5.77 17.82 2.77
C GLY A 29 -6.98 18.74 2.81
N ASN A 30 -7.74 18.76 1.72
CA ASN A 30 -8.93 19.61 1.63
C ASN A 30 -10.13 18.90 2.26
N SER A 31 -10.25 17.60 2.00
CA SER A 31 -11.36 16.82 2.53
C SER A 31 -11.15 16.53 4.02
N GLU A 32 -11.50 17.49 4.86
CA GLU A 32 -11.35 17.33 6.31
C GLU A 32 -11.91 15.99 6.76
N LYS A 33 -12.96 15.53 6.09
CA LYS A 33 -13.60 14.27 6.43
C LYS A 33 -13.18 13.17 5.45
N PRO A 34 -12.85 11.99 5.99
CA PRO A 34 -12.44 10.83 5.19
C PRO A 34 -13.59 10.26 4.37
N GLU A 35 -13.24 9.62 3.25
CA GLU A 35 -14.25 9.02 2.38
C GLU A 35 -13.85 7.59 2.00
N THR A 36 -14.85 6.76 1.72
CA THR A 36 -14.61 5.38 1.35
C THR A 36 -14.10 5.27 -0.09
N MET A 37 -12.81 4.99 -0.23
CA MET A 37 -12.19 4.87 -1.55
C MET A 37 -11.53 3.50 -1.70
N THR A 38 -11.18 3.17 -2.94
CA THR A 38 -10.54 1.89 -3.24
C THR A 38 -9.08 2.09 -3.62
N CYS A 39 -8.22 1.22 -3.11
CA CYS A 39 -6.79 1.29 -3.40
C CYS A 39 -6.27 -0.04 -3.93
N ARG A 40 -5.76 -0.02 -5.16
CA ARG A 40 -5.24 -1.23 -5.78
C ARG A 40 -3.97 -0.92 -6.57
N LEU A 41 -3.26 -1.97 -6.98
CA LEU A 41 -2.04 -1.82 -7.73
C LEU A 41 -2.26 -2.11 -9.21
N SER A 42 -1.28 -1.74 -10.04
CA SER A 42 -1.38 -1.96 -11.48
C SER A 42 -0.95 -3.39 -11.84
N ASN A 43 -1.04 -3.71 -13.13
CA ASN A 43 -0.66 -5.04 -13.60
C ASN A 43 0.64 -5.50 -12.95
N ASN A 44 1.71 -4.74 -13.18
CA ASN A 44 3.02 -5.06 -12.63
C ASN A 44 3.26 -4.30 -11.34
N GLN A 45 2.19 -3.87 -10.68
CA GLN A 45 2.28 -3.13 -9.44
C GLN A 45 3.32 -2.01 -9.55
N ARG A 46 3.30 -1.31 -10.68
CA ARG A 46 4.24 -0.21 -10.92
C ARG A 46 3.59 1.13 -10.60
N TYR A 47 2.27 1.19 -10.70
CA TYR A 47 1.54 2.42 -10.43
C TYR A 47 0.35 2.15 -9.52
N LEU A 48 -0.08 3.18 -8.81
CA LEU A 48 -1.22 3.05 -7.89
C LEU A 48 -2.40 3.88 -8.38
N PHE A 49 -3.60 3.34 -8.21
CA PHE A 49 -4.82 4.03 -8.64
C PHE A 49 -5.88 4.00 -7.53
N LEU A 50 -6.71 5.03 -7.49
CA LEU A 50 -7.76 5.13 -6.49
C LEU A 50 -9.14 5.27 -7.14
N ASP A 51 -10.18 4.95 -6.39
CA ASP A 51 -11.54 5.05 -6.89
C ASP A 51 -12.48 5.59 -5.83
N GLY A 52 -13.06 6.76 -6.10
CA GLY A 52 -13.98 7.37 -5.15
C GLY A 52 -14.61 8.64 -5.69
N ASP A 53 -14.45 9.74 -4.95
CA ASP A 53 -15.01 11.02 -5.35
C ASP A 53 -14.73 11.30 -6.83
N SER A 54 -13.48 11.07 -7.24
CA SER A 54 -13.08 11.30 -8.62
C SER A 54 -11.92 10.38 -9.00
N HIS A 55 -11.63 10.31 -10.30
CA HIS A 55 -10.55 9.48 -10.79
C HIS A 55 -9.21 9.92 -10.23
N TYR A 56 -8.71 9.19 -9.25
CA TYR A 56 -7.43 9.52 -8.62
C TYR A 56 -6.38 8.46 -8.93
N GLU A 57 -5.12 8.89 -8.98
CA GLU A 57 -4.02 7.98 -9.27
C GLU A 57 -2.70 8.53 -8.73
N ILE A 58 -2.08 7.78 -7.83
CA ILE A 58 -0.81 8.20 -7.23
C ILE A 58 0.34 7.40 -7.81
N GLU A 59 1.06 8.00 -8.75
CA GLU A 59 2.21 7.35 -9.38
C GLU A 59 3.33 7.12 -8.38
N ILE A 60 3.62 5.85 -8.10
CA ILE A 60 4.67 5.51 -7.15
C ILE A 60 5.95 6.27 -7.44
N VAL A 61 6.25 6.46 -8.73
CA VAL A 61 7.44 7.19 -9.14
C VAL A 61 7.54 8.52 -8.43
N HIS A 62 6.39 9.11 -8.12
CA HIS A 62 6.35 10.40 -7.44
C HIS A 62 6.51 10.22 -5.93
N ILE A 63 5.85 9.20 -5.38
CA ILE A 63 5.92 8.93 -3.96
C ILE A 63 7.37 8.91 -3.48
N SER A 64 7.64 9.67 -2.42
CA SER A 64 8.99 9.73 -1.86
C SER A 64 9.10 8.87 -0.60
N THR A 65 8.22 9.11 0.36
CA THR A 65 8.22 8.36 1.60
C THR A 65 7.08 7.34 1.63
N VAL A 66 7.33 6.20 2.28
CA VAL A 66 6.33 5.15 2.37
C VAL A 66 6.45 4.40 3.70
N GLN A 67 5.51 4.68 4.61
CA GLN A 67 5.52 4.03 5.91
C GLN A 67 4.10 3.61 6.32
N ILE A 68 4.01 2.68 7.26
CA ILE A 68 2.72 2.20 7.73
C ILE A 68 2.35 2.82 9.08
N LEU A 69 1.08 3.21 9.20
CA LEU A 69 0.60 3.82 10.43
C LEU A 69 0.08 2.76 11.40
N THR A 70 0.49 2.87 12.67
CA THR A 70 0.07 1.92 13.69
C THR A 70 -0.17 2.61 15.02
N GLU A 71 -1.42 2.58 15.48
CA GLU A 71 -1.78 3.21 16.74
C GLU A 71 -0.73 2.92 17.82
N GLY A 72 -0.21 1.71 17.80
CA GLY A 72 0.79 1.31 18.78
C GLY A 72 2.05 0.76 18.13
N PHE A 73 3.15 1.51 18.26
CA PHE A 73 4.42 1.09 17.69
C PHE A 73 5.02 -0.06 18.48
N PRO A 74 5.51 -1.09 17.76
CA PRO A 74 6.12 -2.27 18.36
C PRO A 74 7.47 -1.97 19.01
N PRO A 75 7.56 -2.19 20.33
CA PRO A 75 8.79 -1.94 21.09
C PRO A 75 9.89 -2.93 20.74
N GLY A 76 9.51 -4.09 20.23
CA GLY A 76 10.49 -5.10 19.85
C GLY A 76 9.89 -6.20 18.99
N GLY A 77 8.99 -6.98 19.57
CA GLY A 77 8.36 -8.05 18.82
C GLY A 77 7.03 -8.47 19.42
N GLY A 78 6.68 -9.74 19.25
CA GLY A 78 5.42 -10.24 19.78
C GLY A 78 4.37 -10.42 18.70
N ASN A 79 3.79 -9.32 18.25
CA ASN A 79 2.76 -9.36 17.21
C ASN A 79 2.87 -8.15 16.29
N ALA A 80 2.48 -8.34 15.03
CA ALA A 80 2.52 -7.25 14.06
C ALA A 80 1.14 -7.02 13.44
N ARG A 81 0.89 -5.78 13.03
CA ARG A 81 -0.39 -5.42 12.43
C ARG A 81 -0.31 -4.06 11.75
N ALA A 82 -1.32 -3.73 10.96
CA ALA A 82 -1.38 -2.45 10.26
C ALA A 82 -2.76 -1.84 10.32
N THR A 83 -2.88 -0.68 10.95
CA THR A 83 -4.15 0.01 11.08
C THR A 83 -4.37 1.00 9.94
N GLY A 84 -3.29 1.68 9.56
CA GLY A 84 -3.38 2.65 8.49
C GLY A 84 -2.13 2.69 7.62
N MET A 85 -2.05 3.67 6.74
CA MET A 85 -0.90 3.80 5.85
C MET A 85 -0.53 5.27 5.64
N PHE A 86 0.75 5.53 5.48
CA PHE A 86 1.23 6.90 5.27
C PHE A 86 2.13 6.98 4.05
N LEU A 87 1.73 7.83 3.09
CA LEU A 87 2.50 8.00 1.87
C LEU A 87 2.69 9.47 1.55
N GLN A 88 3.88 9.83 1.10
CA GLN A 88 4.19 11.22 0.77
C GLN A 88 4.55 11.35 -0.72
N TYR A 89 4.00 12.37 -1.36
CA TYR A 89 4.26 12.60 -2.78
C TYR A 89 4.09 14.08 -3.13
N THR A 90 4.76 14.51 -4.19
CA THR A 90 4.67 15.90 -4.64
C THR A 90 3.90 16.01 -5.95
N VAL A 91 2.95 16.93 -5.99
CA VAL A 91 2.15 17.14 -7.19
C VAL A 91 2.86 18.06 -8.18
N PRO A 92 2.92 17.63 -9.45
CA PRO A 92 3.58 18.39 -10.51
C PRO A 92 2.79 19.64 -10.89
N GLY A 93 3.13 20.75 -10.23
CA GLY A 93 2.44 22.01 -10.50
C GLY A 93 1.93 22.68 -9.25
N THR A 94 2.46 22.27 -8.11
CA THR A 94 2.05 22.84 -6.82
C THR A 94 3.25 23.03 -5.90
N GLU A 95 3.00 23.63 -4.74
CA GLU A 95 4.06 23.88 -3.76
C GLU A 95 3.86 23.03 -2.52
N GLY A 96 4.96 22.57 -1.94
CA GLY A 96 4.88 21.75 -0.73
C GLY A 96 4.71 20.28 -1.05
N VAL A 97 4.49 19.48 -0.01
CA VAL A 97 4.30 18.04 -0.18
C VAL A 97 2.97 17.59 0.38
N THR A 98 2.33 16.65 -0.32
CA THR A 98 1.03 16.14 0.11
C THR A 98 1.16 14.71 0.63
N GLN A 99 0.62 14.47 1.82
CA GLN A 99 0.67 13.15 2.45
C GLN A 99 -0.71 12.51 2.49
N LEU A 100 -0.77 11.22 2.23
CA LEU A 100 -2.04 10.49 2.26
C LEU A 100 -2.14 9.62 3.49
N LYS A 101 -3.37 9.38 3.94
CA LYS A 101 -3.61 8.57 5.12
C LYS A 101 -4.73 7.55 4.86
N LEU A 102 -4.42 6.28 5.05
CA LEU A 102 -5.40 5.21 4.83
C LEU A 102 -5.73 4.51 6.14
N THR A 103 -6.98 4.11 6.29
CA THR A 103 -7.44 3.43 7.49
C THR A 103 -8.46 2.34 7.17
N VAL A 104 -8.55 1.34 8.02
CA VAL A 104 -9.49 0.25 7.83
C VAL A 104 -10.93 0.70 8.10
N VAL A 105 -11.84 0.29 7.22
CA VAL A 105 -13.24 0.66 7.38
C VAL A 105 -14.07 -0.54 7.86
N GLU A 106 -15.07 -0.25 8.69
CA GLU A 106 -15.93 -1.30 9.24
C GLU A 106 -17.24 -1.38 8.46
N ASP A 107 -17.30 -2.28 7.49
CA ASP A 107 -18.49 -2.46 6.67
C ASP A 107 -19.19 -3.78 7.01
N VAL A 108 -18.40 -4.85 7.07
CA VAL A 108 -18.94 -6.18 7.38
C VAL A 108 -18.56 -6.61 8.80
N THR A 109 -19.36 -7.51 9.37
CA THR A 109 -19.10 -8.00 10.72
C THR A 109 -17.60 -8.08 11.00
N VAL A 110 -16.86 -8.65 10.07
CA VAL A 110 -15.41 -8.79 10.22
C VAL A 110 -14.74 -8.94 8.86
N GLY A 111 -13.81 -8.02 8.56
CA GLY A 111 -13.11 -8.08 7.29
C GLY A 111 -11.85 -7.22 7.30
N ARG A 112 -11.15 -7.21 8.42
CA ARG A 112 -9.92 -6.42 8.55
C ARG A 112 -8.76 -7.12 7.87
N ARG A 113 -8.63 -8.42 8.11
CA ARG A 113 -7.54 -9.20 7.53
C ARG A 113 -7.27 -8.76 6.09
N GLN A 114 -8.34 -8.60 5.32
CA GLN A 114 -8.22 -8.18 3.93
C GLN A 114 -7.40 -6.90 3.81
N ALA A 115 -7.91 -5.82 4.40
CA ALA A 115 -7.23 -4.53 4.36
C ALA A 115 -5.81 -4.65 4.90
N VAL A 116 -5.69 -5.09 6.15
CA VAL A 116 -4.39 -5.24 6.78
C VAL A 116 -3.40 -5.93 5.85
N ALA A 117 -3.83 -7.04 5.24
CA ALA A 117 -2.98 -7.77 4.32
C ALA A 117 -2.43 -6.87 3.24
N TRP A 118 -3.30 -6.12 2.58
CA TRP A 118 -2.90 -5.21 1.52
C TRP A 118 -1.86 -4.21 2.03
N LEU A 119 -2.08 -3.68 3.22
CA LEU A 119 -1.15 -2.73 3.82
C LEU A 119 0.24 -3.34 3.98
N VAL A 120 0.30 -4.49 4.62
CA VAL A 120 1.56 -5.19 4.85
C VAL A 120 2.21 -5.59 3.52
N ALA A 121 1.38 -6.06 2.59
CA ALA A 121 1.87 -6.48 1.28
C ALA A 121 2.41 -5.30 0.49
N MET A 122 1.72 -4.17 0.59
CA MET A 122 2.13 -2.96 -0.12
C MET A 122 3.51 -2.51 0.34
N HIS A 123 3.66 -2.32 1.65
CA HIS A 123 4.93 -1.88 2.21
C HIS A 123 6.04 -2.88 1.88
N LYS A 124 5.92 -4.09 2.41
CA LYS A 124 6.91 -5.14 2.17
C LYS A 124 7.33 -5.15 0.70
N ALA A 125 6.37 -5.37 -0.18
CA ALA A 125 6.65 -5.41 -1.62
C ALA A 125 7.34 -4.13 -2.07
N ALA A 126 6.77 -2.99 -1.71
CA ALA A 126 7.32 -1.70 -2.09
C ALA A 126 8.85 -1.75 -2.12
N LYS A 127 9.44 -2.30 -1.07
CA LYS A 127 10.90 -2.41 -0.99
C LYS A 127 11.49 -2.82 -2.32
N LEU A 128 10.99 -3.92 -2.89
CA LEU A 128 11.47 -4.42 -4.17
C LEU A 128 11.76 -3.27 -5.12
N LEU A 129 10.79 -2.39 -5.31
CA LEU A 129 10.94 -1.24 -6.20
C LEU A 129 12.33 -0.63 -6.05
N TYR A 130 12.66 -0.21 -4.83
CA TYR A 130 13.97 0.40 -4.56
C TYR A 130 14.94 -0.64 -4.03
N GLU A 131 14.63 -1.20 -2.87
CA GLU A 131 15.48 -2.21 -2.25
C GLU A 131 15.92 -3.26 -3.26
N SER A 132 15.11 -3.41 -4.31
CA SER A 132 15.40 -4.39 -5.36
C SER A 132 15.28 -3.75 -6.74
N ARG A 133 15.99 -2.65 -6.95
CA ARG A 133 15.97 -1.95 -8.23
C ARG A 133 16.08 -2.92 -9.39
N ASP A 134 15.61 -2.51 -10.56
CA ASP A 134 15.64 -3.35 -11.75
C ASP A 134 17.07 -3.44 -12.29
N GLN A 135 17.34 -4.49 -13.07
CA GLN A 135 18.66 -4.69 -13.65
C GLN A 135 18.73 -4.11 -15.06
N SER A 136 17.74 -4.45 -15.88
CA SER A 136 17.69 -3.97 -17.26
C SER A 136 16.31 -3.39 -17.58
N GLY A 137 16.26 -2.55 -18.60
CA GLY A 137 15.00 -1.94 -19.00
C GLY A 137 15.05 -1.37 -20.40
N PRO A 138 14.20 -0.36 -20.66
CA PRO A 138 14.12 0.29 -21.97
C PRO A 138 15.36 1.12 -22.27
N SER A 139 15.36 1.80 -23.42
CA SER A 139 16.48 2.63 -23.82
C SER A 139 16.28 4.07 -23.35
N SER A 140 15.82 4.23 -22.12
CA SER A 140 15.59 5.55 -21.54
C SER A 140 16.89 6.33 -21.44
N GLY A 141 16.78 7.66 -21.47
CA GLY A 141 17.97 8.50 -21.37
C GLY A 141 17.75 9.87 -21.99
N GLY A 1 21.38 -9.01 -12.70
CA GLY A 1 21.92 -10.11 -13.48
C GLY A 1 20.90 -11.19 -13.74
N SER A 2 20.23 -11.63 -12.69
CA SER A 2 19.22 -12.69 -12.82
C SER A 2 17.87 -12.21 -12.27
N SER A 3 16.80 -12.81 -12.77
CA SER A 3 15.46 -12.45 -12.34
C SER A 3 14.52 -13.66 -12.41
N GLY A 4 13.70 -13.82 -11.36
CA GLY A 4 12.78 -14.94 -11.32
C GLY A 4 13.13 -15.94 -10.24
N SER A 5 12.66 -15.68 -9.02
CA SER A 5 12.93 -16.57 -7.91
C SER A 5 12.27 -17.93 -8.11
N SER A 6 12.74 -18.93 -7.37
CA SER A 6 12.20 -20.28 -7.48
C SER A 6 11.19 -20.54 -6.37
N GLY A 7 9.98 -20.93 -6.78
CA GLY A 7 8.93 -21.21 -5.81
C GLY A 7 8.74 -20.09 -4.82
N ALA A 8 8.23 -18.95 -5.29
CA ALA A 8 8.00 -17.80 -4.44
C ALA A 8 6.54 -17.71 -4.02
N GLU A 9 6.20 -18.37 -2.92
CA GLU A 9 4.83 -18.37 -2.40
C GLU A 9 4.55 -17.10 -1.59
N PHE A 10 5.59 -16.60 -0.92
CA PHE A 10 5.46 -15.39 -0.12
C PHE A 10 5.01 -14.21 -0.97
N TYR A 11 5.86 -13.81 -1.92
CA TYR A 11 5.56 -12.69 -2.80
C TYR A 11 4.28 -12.95 -3.58
N ASP A 12 3.83 -14.20 -3.59
CA ASP A 12 2.61 -14.58 -4.29
C ASP A 12 1.39 -14.48 -3.38
N LYS A 13 1.62 -14.49 -2.07
CA LYS A 13 0.56 -14.40 -1.10
C LYS A 13 0.26 -12.94 -0.74
N GLN A 14 1.27 -12.08 -0.93
CA GLN A 14 1.13 -10.66 -0.64
C GLN A 14 0.60 -9.90 -1.85
N LEU A 15 1.08 -10.27 -3.03
CA LEU A 15 0.66 -9.63 -4.27
C LEU A 15 -0.82 -9.92 -4.56
N LYS A 16 -1.22 -11.17 -4.37
CA LYS A 16 -2.59 -11.58 -4.60
C LYS A 16 -3.56 -10.69 -3.82
N VAL A 17 -3.13 -10.25 -2.64
CA VAL A 17 -3.96 -9.40 -1.80
C VAL A 17 -4.02 -7.97 -2.35
N LEU A 18 -2.88 -7.48 -2.83
CA LEU A 18 -2.81 -6.13 -3.38
C LEU A 18 -3.72 -5.99 -4.59
N LEU A 19 -3.49 -6.80 -5.61
CA LEU A 19 -4.29 -6.77 -6.82
C LEU A 19 -5.79 -6.77 -6.48
N SER A 20 -6.23 -7.83 -5.81
CA SER A 20 -7.63 -7.96 -5.43
C SER A 20 -8.23 -6.58 -5.11
N GLY A 21 -7.46 -5.78 -4.38
CA GLY A 21 -7.94 -4.45 -4.01
C GLY A 21 -8.84 -4.47 -2.79
N ALA A 22 -8.64 -3.51 -1.89
CA ALA A 22 -9.44 -3.43 -0.68
C ALA A 22 -9.90 -2.00 -0.43
N THR A 23 -10.75 -1.83 0.58
CA THR A 23 -11.27 -0.51 0.93
C THR A 23 -10.35 0.20 1.91
N PHE A 24 -10.28 1.53 1.81
CA PHE A 24 -9.44 2.33 2.69
C PHE A 24 -9.97 3.75 2.80
N LEU A 25 -9.61 4.42 3.90
CA LEU A 25 -10.05 5.79 4.14
C LEU A 25 -8.99 6.79 3.69
N VAL A 26 -9.24 7.45 2.56
CA VAL A 26 -8.31 8.43 2.02
C VAL A 26 -8.66 9.84 2.50
N THR A 27 -7.67 10.56 3.01
CA THR A 27 -7.87 11.91 3.50
C THR A 27 -6.96 12.90 2.77
N PHE A 28 -7.55 13.72 1.92
CA PHE A 28 -6.80 14.71 1.15
C PHE A 28 -6.45 15.92 2.03
N GLY A 29 -5.23 16.43 1.87
CA GLY A 29 -4.80 17.57 2.65
C GLY A 29 -5.92 18.57 2.89
N ASN A 30 -6.73 18.80 1.87
CA ASN A 30 -7.85 19.73 1.98
C ASN A 30 -9.01 19.10 2.74
N SER A 31 -9.29 17.84 2.46
CA SER A 31 -10.38 17.13 3.12
C SER A 31 -10.02 16.79 4.56
N GLU A 32 -10.79 17.32 5.50
CA GLU A 32 -10.55 17.08 6.92
C GLU A 32 -11.19 15.76 7.37
N LYS A 33 -12.17 15.29 6.60
CA LYS A 33 -12.86 14.05 6.91
C LYS A 33 -12.50 12.96 5.89
N PRO A 34 -12.18 11.76 6.40
CA PRO A 34 -11.82 10.62 5.55
C PRO A 34 -13.02 10.08 4.76
N GLU A 35 -12.76 9.63 3.54
CA GLU A 35 -13.81 9.10 2.69
C GLU A 35 -13.48 7.67 2.23
N THR A 36 -14.50 6.87 2.01
CA THR A 36 -14.32 5.49 1.57
C THR A 36 -13.80 5.44 0.13
N MET A 37 -12.56 4.98 -0.02
CA MET A 37 -11.94 4.88 -1.34
C MET A 37 -11.29 3.51 -1.53
N THR A 38 -11.23 3.06 -2.77
CA THR A 38 -10.63 1.77 -3.09
C THR A 38 -9.23 1.94 -3.66
N CYS A 39 -8.26 1.26 -3.03
CA CYS A 39 -6.87 1.35 -3.47
C CYS A 39 -6.38 -0.01 -3.97
N ARG A 40 -6.00 -0.07 -5.25
CA ARG A 40 -5.52 -1.30 -5.84
C ARG A 40 -4.32 -1.04 -6.74
N LEU A 41 -3.56 -2.09 -7.04
CA LEU A 41 -2.39 -1.98 -7.89
C LEU A 41 -2.66 -2.51 -9.29
N SER A 42 -2.28 -1.74 -10.30
CA SER A 42 -2.50 -2.13 -11.69
C SER A 42 -1.72 -3.40 -12.02
N ASN A 43 -1.94 -3.93 -13.22
CA ASN A 43 -1.26 -5.15 -13.66
C ASN A 43 0.25 -5.01 -13.50
N ASN A 44 0.77 -3.83 -13.82
CA ASN A 44 2.19 -3.56 -13.72
C ASN A 44 2.61 -3.38 -12.26
N GLN A 45 1.63 -3.13 -11.40
CA GLN A 45 1.90 -2.93 -9.98
C GLN A 45 2.94 -1.84 -9.77
N ARG A 46 2.84 -0.77 -10.55
CA ARG A 46 3.77 0.34 -10.45
C ARG A 46 3.04 1.64 -10.14
N TYR A 47 1.73 1.65 -10.42
CA TYR A 47 0.92 2.83 -10.19
C TYR A 47 -0.26 2.51 -9.27
N LEU A 48 -0.58 3.43 -8.38
CA LEU A 48 -1.69 3.23 -7.45
C LEU A 48 -2.92 4.02 -7.91
N PHE A 49 -4.08 3.35 -7.90
CA PHE A 49 -5.33 3.98 -8.31
C PHE A 49 -6.27 4.14 -7.12
N LEU A 50 -7.16 5.12 -7.21
CA LEU A 50 -8.12 5.38 -6.14
C LEU A 50 -9.52 5.59 -6.71
N ASP A 51 -10.50 4.94 -6.09
CA ASP A 51 -11.89 5.06 -6.53
C ASP A 51 -12.75 5.69 -5.45
N GLY A 52 -13.56 6.67 -5.84
CA GLY A 52 -14.43 7.34 -4.88
C GLY A 52 -14.85 8.72 -5.35
N ASP A 53 -14.75 9.70 -4.48
CA ASP A 53 -15.13 11.07 -4.80
C ASP A 53 -14.78 11.39 -6.26
N SER A 54 -13.57 11.01 -6.67
CA SER A 54 -13.13 11.26 -8.03
C SER A 54 -12.10 10.21 -8.46
N HIS A 55 -11.60 10.36 -9.69
CA HIS A 55 -10.61 9.44 -10.22
C HIS A 55 -9.20 9.86 -9.85
N TYR A 56 -8.76 9.47 -8.66
CA TYR A 56 -7.43 9.82 -8.18
C TYR A 56 -6.43 8.71 -8.48
N GLU A 57 -5.19 9.10 -8.77
CA GLU A 57 -4.15 8.13 -9.07
C GLU A 57 -2.78 8.63 -8.59
N ILE A 58 -2.13 7.83 -7.75
CA ILE A 58 -0.83 8.19 -7.21
C ILE A 58 0.26 7.27 -7.75
N GLU A 59 0.99 7.76 -8.76
CA GLU A 59 2.07 6.98 -9.36
C GLU A 59 3.22 6.78 -8.38
N ILE A 60 3.62 5.52 -8.20
CA ILE A 60 4.71 5.19 -7.29
C ILE A 60 5.99 5.91 -7.69
N VAL A 61 6.16 6.15 -8.98
CA VAL A 61 7.34 6.83 -9.50
C VAL A 61 7.58 8.14 -8.75
N HIS A 62 6.51 8.73 -8.24
CA HIS A 62 6.60 9.99 -7.51
C HIS A 62 6.76 9.74 -6.01
N ILE A 63 5.97 8.83 -5.48
CA ILE A 63 6.02 8.49 -4.07
C ILE A 63 7.47 8.36 -3.59
N SER A 64 7.79 9.06 -2.51
CA SER A 64 9.14 9.03 -1.95
C SER A 64 9.17 8.22 -0.65
N THR A 65 8.27 8.56 0.26
CA THR A 65 8.19 7.87 1.55
C THR A 65 7.01 6.92 1.59
N VAL A 66 7.27 5.68 2.03
CA VAL A 66 6.22 4.67 2.12
C VAL A 66 6.29 3.93 3.45
N GLN A 67 5.40 4.28 4.37
CA GLN A 67 5.36 3.66 5.68
C GLN A 67 3.94 3.23 6.04
N ILE A 68 3.82 2.30 6.97
CA ILE A 68 2.52 1.80 7.40
C ILE A 68 2.14 2.36 8.77
N LEU A 69 0.89 2.77 8.92
CA LEU A 69 0.40 3.32 10.17
C LEU A 69 -0.17 2.23 11.07
N THR A 70 0.30 2.16 12.30
CA THR A 70 -0.16 1.17 13.25
C THR A 70 -0.49 1.80 14.60
N GLU A 71 -1.74 1.67 15.02
CA GLU A 71 -2.18 2.24 16.29
C GLU A 71 -1.65 1.41 17.46
N GLY A 72 -0.94 2.08 18.36
CA GLY A 72 -0.38 1.39 19.52
C GLY A 72 0.67 0.38 19.14
N PHE A 73 1.90 0.58 19.61
CA PHE A 73 3.00 -0.33 19.31
C PHE A 73 3.35 -1.17 20.53
N PRO A 74 3.67 -2.46 20.29
CA PRO A 74 4.03 -3.39 21.36
C PRO A 74 5.39 -3.07 21.98
N PRO A 75 5.61 -3.55 23.21
CA PRO A 75 6.86 -3.32 23.93
C PRO A 75 8.03 -4.09 23.33
N GLY A 76 7.71 -5.19 22.65
CA GLY A 76 8.74 -6.01 22.04
C GLY A 76 8.55 -6.14 20.53
N GLY A 77 7.43 -6.70 20.12
CA GLY A 77 7.16 -6.87 18.71
C GLY A 77 6.60 -8.25 18.39
N GLY A 78 6.06 -8.40 17.18
CA GLY A 78 5.49 -9.67 16.78
C GLY A 78 4.22 -9.52 15.97
N ASN A 79 3.30 -8.70 16.47
CA ASN A 79 2.03 -8.47 15.79
C ASN A 79 1.83 -6.98 15.51
N ALA A 80 2.21 -6.54 14.32
CA ALA A 80 2.07 -5.14 13.94
C ALA A 80 0.81 -4.92 13.11
N ARG A 81 -0.32 -4.74 13.80
CA ARG A 81 -1.59 -4.53 13.13
C ARG A 81 -1.57 -3.23 12.32
N ALA A 82 -1.43 -3.35 11.00
CA ALA A 82 -1.39 -2.19 10.13
C ALA A 82 -2.79 -1.61 9.95
N THR A 83 -3.18 -0.74 10.88
CA THR A 83 -4.49 -0.10 10.82
C THR A 83 -4.46 1.13 9.92
N GLY A 84 -3.64 1.07 8.87
CA GLY A 84 -3.55 2.19 7.95
C GLY A 84 -2.25 2.19 7.17
N MET A 85 -2.01 3.26 6.42
CA MET A 85 -0.78 3.38 5.64
C MET A 85 -0.47 4.83 5.33
N PHE A 86 0.76 5.25 5.63
CA PHE A 86 1.19 6.62 5.39
C PHE A 86 2.18 6.70 4.24
N LEU A 87 1.84 7.47 3.22
CA LEU A 87 2.70 7.63 2.06
C LEU A 87 2.95 9.10 1.75
N GLN A 88 3.91 9.37 0.87
CA GLN A 88 4.24 10.74 0.50
C GLN A 88 4.65 10.82 -0.98
N TYR A 89 4.08 11.77 -1.69
CA TYR A 89 4.38 11.96 -3.11
C TYR A 89 4.47 13.43 -3.47
N THR A 90 4.99 13.72 -4.65
CA THR A 90 5.14 15.10 -5.11
C THR A 90 4.39 15.33 -6.42
N VAL A 91 3.63 16.41 -6.48
CA VAL A 91 2.87 16.73 -7.68
C VAL A 91 3.58 17.79 -8.52
N PRO A 92 3.75 17.51 -9.82
CA PRO A 92 4.42 18.43 -10.76
C PRO A 92 3.58 19.68 -11.02
N GLY A 93 2.45 19.79 -10.34
CA GLY A 93 1.59 20.94 -10.53
C GLY A 93 1.23 21.62 -9.23
N THR A 94 2.02 21.34 -8.18
CA THR A 94 1.79 21.94 -6.87
C THR A 94 3.10 22.29 -6.19
N GLU A 95 3.03 23.17 -5.19
CA GLU A 95 4.21 23.60 -4.46
C GLU A 95 4.29 22.90 -3.11
N GLY A 96 5.27 22.01 -2.96
CA GLY A 96 5.44 21.29 -1.72
C GLY A 96 5.20 19.80 -1.88
N VAL A 97 5.03 19.11 -0.75
CA VAL A 97 4.79 17.67 -0.77
C VAL A 97 3.42 17.33 -0.20
N THR A 98 2.86 16.21 -0.64
CA THR A 98 1.55 15.78 -0.18
C THR A 98 1.61 14.39 0.44
N GLN A 99 0.94 14.21 1.58
CA GLN A 99 0.93 12.93 2.26
C GLN A 99 -0.46 12.30 2.20
N LEU A 100 -0.50 10.97 2.18
CA LEU A 100 -1.76 10.23 2.12
C LEU A 100 -1.94 9.34 3.35
N LYS A 101 -3.15 9.30 3.88
CA LYS A 101 -3.44 8.48 5.05
C LYS A 101 -4.54 7.46 4.73
N LEU A 102 -4.30 6.21 5.09
CA LEU A 102 -5.26 5.15 4.86
C LEU A 102 -5.65 4.46 6.17
N THR A 103 -6.89 3.99 6.23
CA THR A 103 -7.38 3.32 7.43
C THR A 103 -8.32 2.16 7.06
N VAL A 104 -8.57 1.28 8.02
CA VAL A 104 -9.45 0.14 7.80
C VAL A 104 -10.85 0.42 8.30
N VAL A 105 -11.84 0.06 7.50
CA VAL A 105 -13.24 0.27 7.85
C VAL A 105 -14.04 -1.03 7.76
N GLU A 106 -15.10 -1.12 8.56
CA GLU A 106 -15.93 -2.31 8.57
C GLU A 106 -17.41 -1.93 8.44
N ASP A 107 -17.77 -0.76 8.95
CA ASP A 107 -19.14 -0.28 8.89
C ASP A 107 -19.65 -0.29 7.45
N VAL A 108 -18.82 0.20 6.53
CA VAL A 108 -19.19 0.25 5.12
C VAL A 108 -19.15 -1.14 4.50
N THR A 109 -18.07 -1.86 4.74
CA THR A 109 -17.92 -3.20 4.19
C THR A 109 -16.97 -4.05 5.05
N VAL A 110 -17.41 -5.25 5.39
CA VAL A 110 -16.60 -6.15 6.21
C VAL A 110 -15.41 -6.69 5.42
N GLY A 111 -14.29 -5.97 5.48
CA GLY A 111 -13.09 -6.38 4.78
C GLY A 111 -11.83 -6.02 5.52
N ARG A 112 -11.79 -6.30 6.81
CA ARG A 112 -10.63 -6.00 7.63
C ARG A 112 -9.45 -6.90 7.27
N ARG A 113 -9.74 -8.15 6.97
CA ARG A 113 -8.71 -9.11 6.61
C ARG A 113 -8.01 -8.70 5.32
N GLN A 114 -8.80 -8.24 4.34
CA GLN A 114 -8.25 -7.81 3.06
C GLN A 114 -7.49 -6.51 3.21
N ALA A 115 -8.14 -5.49 3.76
CA ALA A 115 -7.51 -4.19 3.95
C ALA A 115 -6.16 -4.34 4.63
N VAL A 116 -6.18 -4.77 5.89
CA VAL A 116 -4.94 -4.95 6.64
C VAL A 116 -3.91 -5.73 5.84
N ALA A 117 -4.37 -6.77 5.15
CA ALA A 117 -3.49 -7.59 4.33
C ALA A 117 -2.92 -6.81 3.15
N TRP A 118 -3.72 -5.88 2.63
CA TRP A 118 -3.31 -5.07 1.50
C TRP A 118 -2.20 -4.11 1.90
N LEU A 119 -2.35 -3.47 3.06
CA LEU A 119 -1.36 -2.53 3.56
C LEU A 119 -0.01 -3.21 3.75
N VAL A 120 0.02 -4.20 4.64
CA VAL A 120 1.25 -4.94 4.91
C VAL A 120 1.94 -5.37 3.62
N ALA A 121 1.16 -5.90 2.68
CA ALA A 121 1.68 -6.34 1.40
C ALA A 121 2.23 -5.16 0.59
N MET A 122 1.49 -4.06 0.60
CA MET A 122 1.89 -2.86 -0.13
C MET A 122 3.34 -2.49 0.20
N HIS A 123 3.64 -2.40 1.50
CA HIS A 123 4.98 -2.04 1.94
C HIS A 123 5.98 -3.13 1.57
N LYS A 124 5.76 -4.33 2.09
CA LYS A 124 6.65 -5.46 1.81
C LYS A 124 7.08 -5.46 0.36
N ALA A 125 6.13 -5.29 -0.55
CA ALA A 125 6.41 -5.27 -1.97
C ALA A 125 7.13 -3.99 -2.37
N ALA A 126 6.71 -2.87 -1.80
CA ALA A 126 7.31 -1.57 -2.09
C ALA A 126 8.83 -1.63 -1.91
N LYS A 127 9.27 -2.37 -0.88
CA LYS A 127 10.69 -2.50 -0.60
C LYS A 127 11.41 -3.23 -1.73
N LEU A 128 10.68 -4.11 -2.42
CA LEU A 128 11.24 -4.88 -3.52
C LEU A 128 11.31 -4.03 -4.79
N LEU A 129 10.34 -3.13 -4.94
CA LEU A 129 10.28 -2.27 -6.11
C LEU A 129 11.55 -1.41 -6.21
N TYR A 130 11.78 -0.59 -5.20
CA TYR A 130 12.95 0.29 -5.17
C TYR A 130 14.22 -0.51 -4.84
N GLU A 131 14.19 -1.22 -3.72
CA GLU A 131 15.32 -2.02 -3.30
C GLU A 131 15.11 -3.49 -3.62
N SER A 132 16.19 -4.27 -3.55
CA SER A 132 16.10 -5.70 -3.83
C SER A 132 17.34 -6.43 -3.30
N ARG A 133 17.24 -7.74 -3.19
CA ARG A 133 18.35 -8.55 -2.69
C ARG A 133 18.42 -9.88 -3.44
N ASP A 134 19.62 -10.46 -3.49
CA ASP A 134 19.82 -11.74 -4.18
C ASP A 134 19.79 -12.89 -3.18
N GLN A 135 20.58 -12.78 -2.12
CA GLN A 135 20.63 -13.81 -1.09
C GLN A 135 20.74 -13.20 0.30
N SER A 136 20.31 -13.96 1.31
CA SER A 136 20.36 -13.49 2.69
C SER A 136 21.37 -14.30 3.51
N GLY A 137 22.52 -14.56 2.91
CA GLY A 137 23.55 -15.32 3.60
C GLY A 137 23.12 -16.75 3.90
N PRO A 138 23.27 -17.63 2.89
CA PRO A 138 22.90 -19.04 3.01
C PRO A 138 23.83 -19.81 3.97
N SER A 139 24.86 -19.13 4.44
CA SER A 139 25.82 -19.74 5.35
C SER A 139 25.11 -20.61 6.39
N SER A 140 25.86 -21.54 6.97
CA SER A 140 25.29 -22.45 7.97
C SER A 140 24.07 -23.18 7.42
N GLY A 141 24.24 -23.80 6.25
CA GLY A 141 23.14 -24.52 5.64
C GLY A 141 23.19 -24.49 4.13
N GLY A 1 7.30 -12.69 -18.74
CA GLY A 1 6.66 -13.86 -18.17
C GLY A 1 7.66 -14.96 -17.85
N SER A 2 7.25 -16.20 -18.09
CA SER A 2 8.12 -17.35 -17.82
C SER A 2 7.67 -18.57 -18.61
N SER A 3 8.60 -19.47 -18.88
CA SER A 3 8.30 -20.69 -19.63
C SER A 3 7.33 -21.57 -18.87
N GLY A 4 6.65 -22.46 -19.59
CA GLY A 4 5.70 -23.35 -18.97
C GLY A 4 4.91 -22.69 -17.86
N SER A 5 4.59 -23.45 -16.81
CA SER A 5 3.84 -22.92 -15.69
C SER A 5 4.73 -22.10 -14.76
N SER A 6 4.13 -21.48 -13.75
CA SER A 6 4.87 -20.67 -12.80
C SER A 6 4.34 -20.87 -11.38
N GLY A 7 5.24 -20.78 -10.41
CA GLY A 7 4.84 -20.95 -9.01
C GLY A 7 4.81 -19.65 -8.25
N ALA A 8 5.81 -19.44 -7.41
CA ALA A 8 5.91 -18.23 -6.61
C ALA A 8 4.76 -18.13 -5.61
N GLU A 9 4.54 -19.20 -4.86
CA GLU A 9 3.48 -19.25 -3.88
C GLU A 9 3.83 -18.40 -2.65
N PHE A 10 5.05 -17.90 -2.63
CA PHE A 10 5.52 -17.07 -1.53
C PHE A 10 4.91 -15.67 -1.59
N TYR A 11 4.91 -15.09 -2.79
CA TYR A 11 4.36 -13.76 -2.98
C TYR A 11 2.91 -13.83 -3.47
N ASP A 12 2.63 -14.81 -4.32
CA ASP A 12 1.29 -14.99 -4.86
C ASP A 12 0.24 -14.82 -3.78
N LYS A 13 0.65 -15.01 -2.53
CA LYS A 13 -0.25 -14.88 -1.39
C LYS A 13 -0.67 -13.44 -1.19
N GLN A 14 0.30 -12.52 -1.21
CA GLN A 14 0.02 -11.10 -1.04
C GLN A 14 -0.28 -10.44 -2.38
N LEU A 15 0.54 -10.76 -3.39
CA LEU A 15 0.37 -10.19 -4.72
C LEU A 15 -1.11 -10.14 -5.10
N LYS A 16 -1.78 -11.28 -5.00
CA LYS A 16 -3.20 -11.37 -5.33
C LYS A 16 -4.01 -10.37 -4.50
N VAL A 17 -3.62 -10.21 -3.24
CA VAL A 17 -4.31 -9.28 -2.35
C VAL A 17 -4.14 -7.84 -2.80
N LEU A 18 -2.91 -7.48 -3.15
CA LEU A 18 -2.61 -6.13 -3.60
C LEU A 18 -3.36 -5.81 -4.89
N LEU A 19 -3.24 -6.68 -5.87
CA LEU A 19 -3.91 -6.49 -7.16
C LEU A 19 -5.40 -6.26 -6.96
N SER A 20 -6.08 -7.23 -6.36
CA SER A 20 -7.51 -7.13 -6.11
C SER A 20 -7.88 -5.74 -5.59
N GLY A 21 -7.07 -5.24 -4.65
CA GLY A 21 -7.33 -3.92 -4.10
C GLY A 21 -8.21 -3.97 -2.86
N ALA A 22 -7.81 -3.23 -1.82
CA ALA A 22 -8.56 -3.21 -0.58
C ALA A 22 -9.26 -1.86 -0.39
N THR A 23 -9.95 -1.72 0.74
CA THR A 23 -10.66 -0.47 1.03
C THR A 23 -9.96 0.30 2.14
N PHE A 24 -10.07 1.63 2.08
CA PHE A 24 -9.45 2.48 3.08
C PHE A 24 -10.15 3.84 3.14
N LEU A 25 -9.82 4.62 4.17
CA LEU A 25 -10.42 5.94 4.35
C LEU A 25 -9.41 7.04 4.03
N VAL A 26 -9.58 7.65 2.86
CA VAL A 26 -8.69 8.72 2.42
C VAL A 26 -9.24 10.09 2.81
N THR A 27 -8.37 10.94 3.36
CA THR A 27 -8.76 12.27 3.79
C THR A 27 -8.01 13.34 3.01
N PHE A 28 -8.74 14.20 2.32
CA PHE A 28 -8.14 15.26 1.53
C PHE A 28 -7.99 16.54 2.37
N GLY A 29 -6.87 17.23 2.18
CA GLY A 29 -6.63 18.45 2.91
C GLY A 29 -7.88 19.28 3.11
N ASN A 30 -8.69 19.38 2.06
CA ASN A 30 -9.93 20.15 2.10
C ASN A 30 -11.01 19.38 2.84
N SER A 31 -11.19 18.11 2.47
CA SER A 31 -12.21 17.27 3.08
C SER A 31 -11.75 16.80 4.47
N GLU A 32 -12.23 17.47 5.51
CA GLU A 32 -11.88 17.12 6.88
C GLU A 32 -12.40 15.74 7.24
N LYS A 33 -13.45 15.30 6.53
CA LYS A 33 -14.05 14.00 6.78
C LYS A 33 -13.49 12.95 5.81
N PRO A 34 -13.17 11.77 6.35
CA PRO A 34 -12.63 10.66 5.55
C PRO A 34 -13.66 10.06 4.62
N GLU A 35 -13.20 9.57 3.47
CA GLU A 35 -14.10 8.97 2.49
C GLU A 35 -13.68 7.53 2.17
N THR A 36 -14.66 6.67 1.95
CA THR A 36 -14.39 5.27 1.63
C THR A 36 -13.90 5.11 0.20
N MET A 37 -12.61 4.87 0.04
CA MET A 37 -12.03 4.69 -1.28
C MET A 37 -11.40 3.31 -1.42
N THR A 38 -10.94 2.98 -2.63
CA THR A 38 -10.33 1.69 -2.89
C THR A 38 -8.94 1.85 -3.50
N CYS A 39 -7.96 1.18 -2.91
CA CYS A 39 -6.58 1.25 -3.39
C CYS A 39 -6.15 -0.09 -3.98
N ARG A 40 -5.40 -0.02 -5.07
CA ARG A 40 -4.92 -1.23 -5.73
C ARG A 40 -3.65 -0.94 -6.53
N LEU A 41 -2.95 -2.00 -6.92
CA LEU A 41 -1.71 -1.86 -7.68
C LEU A 41 -1.93 -2.26 -9.14
N SER A 42 -1.01 -1.83 -10.01
CA SER A 42 -1.10 -2.14 -11.43
C SER A 42 -0.79 -3.61 -11.69
N ASN A 43 -0.99 -4.05 -12.93
CA ASN A 43 -0.71 -5.43 -13.31
C ASN A 43 0.68 -5.87 -12.84
N ASN A 44 1.65 -4.99 -13.04
CA ASN A 44 3.03 -5.28 -12.63
C ASN A 44 3.40 -4.54 -11.35
N GLN A 45 2.37 -4.17 -10.58
CA GLN A 45 2.58 -3.46 -9.32
C GLN A 45 3.65 -2.38 -9.49
N ARG A 46 3.60 -1.67 -10.61
CA ARG A 46 4.56 -0.61 -10.89
C ARG A 46 3.95 0.76 -10.58
N TYR A 47 2.63 0.81 -10.50
CA TYR A 47 1.94 2.06 -10.22
C TYR A 47 0.68 1.81 -9.38
N LEU A 48 0.33 2.78 -8.55
CA LEU A 48 -0.85 2.67 -7.69
C LEU A 48 -2.03 3.42 -8.29
N PHE A 49 -3.23 2.90 -8.05
CA PHE A 49 -4.45 3.52 -8.56
C PHE A 49 -5.54 3.55 -7.49
N LEU A 50 -6.29 4.64 -7.44
CA LEU A 50 -7.37 4.79 -6.48
C LEU A 50 -8.73 4.65 -7.14
N ASP A 51 -9.75 4.35 -6.35
CA ASP A 51 -11.11 4.20 -6.86
C ASP A 51 -12.14 4.44 -5.76
N GLY A 52 -12.98 5.45 -5.96
CA GLY A 52 -14.00 5.77 -4.98
C GLY A 52 -14.79 7.01 -5.35
N ASP A 53 -15.00 7.89 -4.38
CA ASP A 53 -15.75 9.11 -4.60
C ASP A 53 -15.44 9.69 -5.98
N SER A 54 -14.16 9.66 -6.36
CA SER A 54 -13.73 10.18 -7.65
C SER A 54 -12.52 9.42 -8.17
N HIS A 55 -12.25 9.54 -9.46
CA HIS A 55 -11.12 8.86 -10.09
C HIS A 55 -9.81 9.51 -9.67
N TYR A 56 -8.89 8.70 -9.16
CA TYR A 56 -7.59 9.19 -8.71
C TYR A 56 -6.51 8.12 -8.88
N GLU A 57 -5.26 8.55 -9.02
CA GLU A 57 -4.14 7.64 -9.18
C GLU A 57 -2.83 8.29 -8.75
N ILE A 58 -2.02 7.53 -8.02
CA ILE A 58 -0.74 8.02 -7.54
C ILE A 58 0.42 7.19 -8.06
N GLU A 59 1.18 7.74 -8.99
CA GLU A 59 2.32 7.05 -9.56
C GLU A 59 3.41 6.82 -8.52
N ILE A 60 3.93 5.60 -8.47
CA ILE A 60 4.98 5.25 -7.52
C ILE A 60 6.26 6.04 -7.80
N VAL A 61 6.30 6.69 -8.96
CA VAL A 61 7.46 7.48 -9.35
C VAL A 61 7.48 8.82 -8.61
N HIS A 62 6.30 9.36 -8.36
CA HIS A 62 6.19 10.64 -7.66
C HIS A 62 6.31 10.45 -6.16
N ILE A 63 5.94 9.27 -5.67
CA ILE A 63 6.02 8.96 -4.26
C ILE A 63 7.46 8.98 -3.76
N SER A 64 7.69 9.62 -2.62
CA SER A 64 9.03 9.71 -2.05
C SER A 64 9.11 8.91 -0.75
N THR A 65 8.22 9.22 0.19
CA THR A 65 8.21 8.52 1.48
C THR A 65 7.05 7.52 1.54
N VAL A 66 7.31 6.38 2.16
CA VAL A 66 6.29 5.34 2.30
C VAL A 66 6.41 4.64 3.64
N GLN A 67 5.43 4.87 4.51
CA GLN A 67 5.42 4.26 5.83
C GLN A 67 4.02 3.81 6.22
N ILE A 68 3.93 2.89 7.17
CA ILE A 68 2.65 2.37 7.63
C ILE A 68 2.26 2.96 8.99
N LEU A 69 1.00 3.30 9.14
CA LEU A 69 0.51 3.86 10.40
C LEU A 69 -0.03 2.78 11.32
N THR A 70 0.51 2.70 12.53
CA THR A 70 0.08 1.71 13.50
C THR A 70 -0.19 2.34 14.87
N GLU A 71 -1.42 2.20 15.34
CA GLU A 71 -1.81 2.76 16.63
C GLU A 71 -0.80 2.37 17.72
N GLY A 72 -1.05 2.84 18.94
CA GLY A 72 -0.15 2.53 20.04
C GLY A 72 0.91 3.59 20.24
N PHE A 73 0.52 4.70 20.86
CA PHE A 73 1.45 5.81 21.12
C PHE A 73 2.76 5.29 21.71
N PRO A 74 2.65 4.64 22.88
CA PRO A 74 3.82 4.09 23.58
C PRO A 74 4.42 2.88 22.85
N PRO A 75 5.61 2.46 23.28
CA PRO A 75 6.31 1.31 22.68
C PRO A 75 5.63 -0.01 23.01
N GLY A 76 5.04 -0.10 24.20
CA GLY A 76 4.37 -1.31 24.60
C GLY A 76 5.10 -2.56 24.16
N GLY A 77 4.35 -3.61 23.86
CA GLY A 77 4.95 -4.87 23.42
C GLY A 77 5.40 -4.82 21.98
N GLY A 78 4.45 -4.57 21.08
CA GLY A 78 4.78 -4.51 19.67
C GLY A 78 3.86 -5.37 18.82
N ASN A 79 2.57 -5.03 18.83
CA ASN A 79 1.58 -5.78 18.06
C ASN A 79 1.87 -5.69 16.56
N ALA A 80 1.64 -6.79 15.86
CA ALA A 80 1.87 -6.85 14.43
C ALA A 80 0.58 -6.64 13.64
N ARG A 81 -0.02 -5.46 13.77
CA ARG A 81 -1.26 -5.14 13.08
C ARG A 81 -1.24 -3.70 12.57
N ALA A 82 -1.53 -3.54 11.29
CA ALA A 82 -1.56 -2.22 10.67
C ALA A 82 -2.96 -1.63 10.68
N THR A 83 -3.08 -0.41 11.17
CA THR A 83 -4.37 0.27 11.25
C THR A 83 -4.54 1.25 10.09
N GLY A 84 -3.42 1.77 9.59
CA GLY A 84 -3.46 2.72 8.50
C GLY A 84 -2.16 2.77 7.73
N MET A 85 -2.10 3.66 6.74
CA MET A 85 -0.90 3.80 5.91
C MET A 85 -0.65 5.27 5.58
N PHE A 86 0.63 5.64 5.49
CA PHE A 86 1.01 7.01 5.17
C PHE A 86 1.91 7.05 3.94
N LEU A 87 1.57 7.91 2.99
CA LEU A 87 2.34 8.05 1.76
C LEU A 87 2.55 9.52 1.42
N GLN A 88 3.65 9.81 0.74
CA GLN A 88 3.97 11.18 0.34
C GLN A 88 4.27 11.26 -1.15
N TYR A 89 3.72 12.26 -1.81
CA TYR A 89 3.94 12.45 -3.24
C TYR A 89 3.80 13.92 -3.63
N THR A 90 4.59 14.34 -4.61
CA THR A 90 4.55 15.72 -5.08
C THR A 90 3.71 15.86 -6.34
N VAL A 91 2.94 16.93 -6.41
CA VAL A 91 2.08 17.18 -7.57
C VAL A 91 2.79 18.04 -8.61
N PRO A 92 2.61 17.68 -9.89
CA PRO A 92 3.24 18.41 -11.01
C PRO A 92 2.62 19.80 -11.20
N GLY A 93 3.47 20.82 -11.23
CA GLY A 93 3.01 22.18 -11.41
C GLY A 93 2.70 22.87 -10.09
N THR A 94 2.30 22.09 -9.10
CA THR A 94 1.98 22.63 -7.79
C THR A 94 3.21 22.64 -6.88
N GLU A 95 3.38 23.74 -6.14
CA GLU A 95 4.52 23.87 -5.23
C GLU A 95 4.16 23.36 -3.84
N GLY A 96 4.80 22.28 -3.43
CA GLY A 96 4.54 21.72 -2.12
C GLY A 96 4.34 20.21 -2.15
N VAL A 97 4.37 19.58 -0.99
CA VAL A 97 4.20 18.13 -0.91
C VAL A 97 2.85 17.79 -0.28
N THR A 98 2.18 16.79 -0.85
CA THR A 98 0.88 16.37 -0.35
C THR A 98 0.96 15.00 0.30
N GLN A 99 0.32 14.84 1.46
CA GLN A 99 0.32 13.58 2.19
C GLN A 99 -1.02 12.86 2.04
N LEU A 100 -1.00 11.55 2.26
CA LEU A 100 -2.22 10.75 2.15
C LEU A 100 -2.32 9.76 3.31
N LYS A 101 -3.43 9.82 4.04
CA LYS A 101 -3.65 8.92 5.16
C LYS A 101 -4.65 7.83 4.80
N LEU A 102 -4.44 6.64 5.35
CA LEU A 102 -5.33 5.50 5.09
C LEU A 102 -5.73 4.82 6.39
N THR A 103 -7.04 4.62 6.56
CA THR A 103 -7.56 3.97 7.76
C THR A 103 -8.65 2.96 7.40
N VAL A 104 -8.67 1.85 8.14
CA VAL A 104 -9.67 0.81 7.91
C VAL A 104 -11.02 1.21 8.46
N VAL A 105 -12.07 1.03 7.66
CA VAL A 105 -13.43 1.38 8.06
C VAL A 105 -14.20 0.15 8.53
N GLU A 106 -15.22 0.36 9.34
CA GLU A 106 -16.04 -0.73 9.85
C GLU A 106 -17.38 -0.80 9.13
N ASP A 107 -17.82 -2.02 8.82
CA ASP A 107 -19.09 -2.22 8.14
C ASP A 107 -19.52 -3.68 8.20
N VAL A 108 -20.62 -4.01 7.52
CA VAL A 108 -21.13 -5.37 7.51
C VAL A 108 -20.14 -6.32 6.85
N THR A 109 -19.21 -5.77 6.08
CA THR A 109 -18.21 -6.57 5.39
C THR A 109 -17.22 -7.18 6.38
N VAL A 110 -16.93 -6.44 7.46
CA VAL A 110 -16.01 -6.91 8.48
C VAL A 110 -14.87 -7.71 7.86
N GLY A 111 -14.39 -7.26 6.69
CA GLY A 111 -13.31 -7.95 6.02
C GLY A 111 -11.96 -7.32 6.31
N ARG A 112 -11.71 -7.01 7.58
CA ARG A 112 -10.46 -6.40 7.98
C ARG A 112 -9.26 -7.20 7.46
N ARG A 113 -9.30 -8.50 7.68
CA ARG A 113 -8.22 -9.38 7.21
C ARG A 113 -7.74 -8.97 5.83
N GLN A 114 -8.63 -8.35 5.06
CA GLN A 114 -8.28 -7.90 3.71
C GLN A 114 -7.40 -6.66 3.75
N ALA A 115 -7.95 -5.57 4.26
CA ALA A 115 -7.22 -4.32 4.35
C ALA A 115 -5.92 -4.51 5.14
N VAL A 116 -6.05 -4.96 6.38
CA VAL A 116 -4.88 -5.19 7.23
C VAL A 116 -3.75 -5.85 6.45
N ALA A 117 -4.11 -6.77 5.56
CA ALA A 117 -3.12 -7.47 4.75
C ALA A 117 -2.55 -6.56 3.67
N TRP A 118 -3.40 -6.11 2.77
CA TRP A 118 -2.99 -5.23 1.69
C TRP A 118 -1.98 -4.20 2.18
N LEU A 119 -2.10 -3.82 3.45
CA LEU A 119 -1.20 -2.83 4.05
C LEU A 119 0.22 -3.37 4.12
N VAL A 120 0.41 -4.42 4.91
CA VAL A 120 1.72 -5.05 5.06
C VAL A 120 2.27 -5.52 3.72
N ALA A 121 1.39 -6.03 2.87
CA ALA A 121 1.78 -6.51 1.56
C ALA A 121 2.27 -5.38 0.68
N MET A 122 1.68 -4.20 0.85
CA MET A 122 2.06 -3.03 0.06
C MET A 122 3.48 -2.59 0.40
N HIS A 123 3.73 -2.37 1.69
CA HIS A 123 5.05 -1.95 2.15
C HIS A 123 6.10 -3.01 1.87
N LYS A 124 5.78 -4.25 2.25
CA LYS A 124 6.69 -5.37 2.03
C LYS A 124 7.15 -5.43 0.58
N ALA A 125 6.22 -5.21 -0.34
CA ALA A 125 6.53 -5.23 -1.76
C ALA A 125 7.24 -3.94 -2.19
N ALA A 126 6.77 -2.81 -1.68
CA ALA A 126 7.37 -1.52 -2.01
C ALA A 126 8.87 -1.54 -1.82
N LYS A 127 9.34 -2.40 -0.91
CA LYS A 127 10.76 -2.52 -0.63
C LYS A 127 11.53 -2.95 -1.88
N LEU A 128 11.13 -4.07 -2.45
CA LEU A 128 11.79 -4.59 -3.65
C LEU A 128 11.86 -3.52 -4.74
N LEU A 129 10.89 -2.61 -4.73
CA LEU A 129 10.85 -1.52 -5.71
C LEU A 129 11.99 -0.53 -5.48
N TYR A 130 12.26 -0.24 -4.22
CA TYR A 130 13.33 0.69 -3.86
C TYR A 130 14.56 -0.05 -3.38
N GLU A 131 14.41 -0.78 -2.27
CA GLU A 131 15.52 -1.53 -1.71
C GLU A 131 16.21 -2.37 -2.78
N SER A 132 15.47 -2.70 -3.84
CA SER A 132 16.02 -3.50 -4.93
C SER A 132 15.67 -2.87 -6.28
N ARG A 133 16.27 -3.40 -7.34
CA ARG A 133 16.04 -2.90 -8.68
C ARG A 133 15.47 -3.99 -9.59
N ASP A 134 15.23 -3.64 -10.85
CA ASP A 134 14.69 -4.61 -11.81
C ASP A 134 15.33 -5.98 -11.61
N GLN A 135 16.65 -6.03 -11.67
CA GLN A 135 17.37 -7.28 -11.50
C GLN A 135 17.22 -7.82 -10.08
N SER A 136 16.48 -8.92 -9.94
CA SER A 136 16.25 -9.52 -8.63
C SER A 136 16.33 -11.04 -8.72
N GLY A 137 16.30 -11.70 -7.57
CA GLY A 137 16.37 -13.15 -7.53
C GLY A 137 17.29 -13.65 -6.44
N PRO A 138 16.88 -13.46 -5.18
CA PRO A 138 17.66 -13.89 -4.01
C PRO A 138 17.69 -15.42 -3.87
N SER A 139 18.72 -15.93 -3.21
CA SER A 139 18.86 -17.36 -3.01
C SER A 139 17.73 -17.90 -2.14
N SER A 140 17.14 -19.01 -2.57
CA SER A 140 16.04 -19.63 -1.83
C SER A 140 16.31 -21.11 -1.58
N GLY A 141 16.20 -21.53 -0.32
CA GLY A 141 16.43 -22.91 0.02
C GLY A 141 16.46 -23.14 1.52
N GLY A 1 8.55 -10.17 -14.17
CA GLY A 1 8.75 -10.40 -15.59
C GLY A 1 8.96 -11.86 -15.92
N SER A 2 9.75 -12.55 -15.11
CA SER A 2 10.03 -13.97 -15.31
C SER A 2 9.88 -14.76 -14.01
N SER A 3 8.92 -15.67 -14.00
CA SER A 3 8.67 -16.50 -12.82
C SER A 3 8.12 -17.87 -13.21
N GLY A 4 8.47 -18.88 -12.44
CA GLY A 4 8.00 -20.23 -12.73
C GLY A 4 8.04 -21.12 -11.51
N SER A 5 9.11 -21.03 -10.73
CA SER A 5 9.27 -21.84 -9.53
C SER A 5 8.62 -21.16 -8.33
N SER A 6 7.69 -21.85 -7.69
CA SER A 6 6.99 -21.32 -6.52
C SER A 6 7.81 -21.52 -5.27
N GLY A 7 8.52 -20.48 -4.84
CA GLY A 7 9.33 -20.57 -3.64
C GLY A 7 8.91 -19.58 -2.57
N ALA A 8 8.75 -18.32 -2.98
CA ALA A 8 8.34 -17.27 -2.04
C ALA A 8 6.83 -17.23 -1.89
N GLU A 9 6.28 -18.18 -1.15
CA GLU A 9 4.85 -18.25 -0.92
C GLU A 9 4.29 -16.90 -0.52
N PHE A 10 4.82 -16.34 0.56
CA PHE A 10 4.37 -15.04 1.06
C PHE A 10 4.06 -14.11 -0.10
N TYR A 11 5.06 -13.87 -0.96
CA TYR A 11 4.88 -12.99 -2.11
C TYR A 11 3.72 -13.46 -2.99
N ASP A 12 3.82 -14.69 -3.47
CA ASP A 12 2.78 -15.26 -4.31
C ASP A 12 1.39 -14.83 -3.84
N LYS A 13 1.26 -14.59 -2.54
CA LYS A 13 0.00 -14.17 -1.96
C LYS A 13 -0.18 -12.65 -2.06
N GLN A 14 0.89 -11.92 -1.72
CA GLN A 14 0.86 -10.47 -1.76
C GLN A 14 0.54 -9.97 -3.17
N LEU A 15 0.73 -10.85 -4.16
CA LEU A 15 0.47 -10.50 -5.55
C LEU A 15 -1.02 -10.59 -5.87
N LYS A 16 -1.66 -11.64 -5.39
CA LYS A 16 -3.09 -11.84 -5.61
C LYS A 16 -3.91 -10.92 -4.72
N VAL A 17 -3.47 -10.75 -3.47
CA VAL A 17 -4.16 -9.89 -2.52
C VAL A 17 -4.05 -8.43 -2.93
N LEU A 18 -2.87 -8.04 -3.38
CA LEU A 18 -2.63 -6.65 -3.79
C LEU A 18 -3.54 -6.28 -4.97
N LEU A 19 -3.36 -6.98 -6.09
CA LEU A 19 -4.17 -6.72 -7.27
C LEU A 19 -5.64 -6.58 -6.92
N SER A 20 -6.17 -7.56 -6.18
CA SER A 20 -7.57 -7.55 -5.77
C SER A 20 -8.01 -6.15 -5.38
N GLY A 21 -7.27 -5.55 -4.44
CA GLY A 21 -7.61 -4.21 -3.99
C GLY A 21 -8.42 -4.22 -2.71
N ALA A 22 -8.19 -3.22 -1.86
CA ALA A 22 -8.90 -3.12 -0.59
C ALA A 22 -9.42 -1.70 -0.36
N THR A 23 -10.46 -1.57 0.44
CA THR A 23 -11.05 -0.27 0.74
C THR A 23 -10.37 0.39 1.93
N PHE A 24 -10.25 1.70 1.88
CA PHE A 24 -9.60 2.46 2.95
C PHE A 24 -10.14 3.89 3.01
N LEU A 25 -9.69 4.64 4.01
CA LEU A 25 -10.12 6.03 4.18
C LEU A 25 -9.02 6.99 3.75
N VAL A 26 -9.27 7.72 2.65
CA VAL A 26 -8.30 8.67 2.14
C VAL A 26 -8.69 10.10 2.51
N THR A 27 -7.71 10.88 2.97
CA THR A 27 -7.96 12.26 3.35
C THR A 27 -7.04 13.21 2.60
N PHE A 28 -7.61 13.97 1.66
CA PHE A 28 -6.83 14.92 0.87
C PHE A 28 -6.68 16.25 1.61
N GLY A 29 -5.82 17.11 1.09
CA GLY A 29 -5.60 18.41 1.71
C GLY A 29 -6.86 19.26 1.74
N ASN A 30 -7.67 19.16 0.68
CA ASN A 30 -8.90 19.93 0.60
C ASN A 30 -10.00 19.29 1.44
N SER A 31 -10.09 17.97 1.38
CA SER A 31 -11.10 17.23 2.14
C SER A 31 -10.67 17.06 3.58
N GLU A 32 -11.46 17.60 4.51
CA GLU A 32 -11.15 17.50 5.93
C GLU A 32 -11.60 16.15 6.49
N LYS A 33 -12.66 15.60 5.91
CA LYS A 33 -13.19 14.32 6.35
C LYS A 33 -12.78 13.21 5.39
N PRO A 34 -12.42 12.04 5.95
CA PRO A 34 -12.00 10.88 5.16
C PRO A 34 -13.16 10.25 4.39
N GLU A 35 -12.87 9.79 3.18
CA GLU A 35 -13.90 9.16 2.34
C GLU A 35 -13.51 7.73 1.99
N THR A 36 -14.51 6.87 1.87
CA THR A 36 -14.29 5.46 1.54
C THR A 36 -13.80 5.31 0.10
N MET A 37 -12.52 4.99 -0.05
CA MET A 37 -11.93 4.82 -1.37
C MET A 37 -11.34 3.42 -1.52
N THR A 38 -10.82 3.12 -2.70
CA THR A 38 -10.23 1.81 -2.97
C THR A 38 -8.81 1.95 -3.52
N CYS A 39 -7.86 1.26 -2.90
CA CYS A 39 -6.48 1.31 -3.34
C CYS A 39 -5.99 -0.07 -3.78
N ARG A 40 -5.63 -0.18 -5.05
CA ARG A 40 -5.15 -1.44 -5.61
C ARG A 40 -3.99 -1.21 -6.57
N LEU A 41 -3.26 -2.28 -6.87
CA LEU A 41 -2.12 -2.19 -7.79
C LEU A 41 -2.49 -2.75 -9.16
N SER A 42 -2.21 -1.97 -10.20
CA SER A 42 -2.50 -2.39 -11.57
C SER A 42 -1.88 -3.75 -11.87
N ASN A 43 -2.27 -4.35 -12.99
CA ASN A 43 -1.75 -5.65 -13.39
C ASN A 43 -0.22 -5.64 -13.37
N ASN A 44 0.37 -4.51 -13.72
CA ASN A 44 1.82 -4.38 -13.75
C ASN A 44 2.38 -4.23 -12.33
N GLN A 45 1.52 -3.83 -11.41
CA GLN A 45 1.92 -3.65 -10.01
C GLN A 45 3.09 -2.66 -9.92
N ARG A 46 3.03 -1.60 -10.71
CA ARG A 46 4.08 -0.58 -10.71
C ARG A 46 3.48 0.80 -10.48
N TYR A 47 2.16 0.88 -10.39
CA TYR A 47 1.47 2.14 -10.18
C TYR A 47 0.22 1.94 -9.32
N LEU A 48 -0.07 2.95 -8.49
CA LEU A 48 -1.24 2.89 -7.62
C LEU A 48 -2.39 3.70 -8.19
N PHE A 49 -3.61 3.22 -7.98
CA PHE A 49 -4.80 3.91 -8.48
C PHE A 49 -5.87 4.02 -7.39
N LEU A 50 -6.62 5.11 -7.41
CA LEU A 50 -7.68 5.33 -6.42
C LEU A 50 -9.05 5.42 -7.10
N ASP A 51 -10.09 5.12 -6.35
CA ASP A 51 -11.45 5.18 -6.87
C ASP A 51 -12.44 5.54 -5.77
N GLY A 52 -13.34 6.47 -6.07
CA GLY A 52 -14.33 6.89 -5.08
C GLY A 52 -14.90 8.27 -5.38
N ASP A 53 -14.94 9.12 -4.37
CA ASP A 53 -15.46 10.47 -4.53
C ASP A 53 -15.12 11.02 -5.91
N SER A 54 -13.86 10.90 -6.30
CA SER A 54 -13.41 11.39 -7.59
C SER A 54 -12.25 10.55 -8.12
N HIS A 55 -11.91 10.76 -9.38
CA HIS A 55 -10.81 10.02 -10.01
C HIS A 55 -9.47 10.47 -9.48
N TYR A 56 -8.70 9.54 -8.93
CA TYR A 56 -7.39 9.85 -8.36
C TYR A 56 -6.39 8.76 -8.71
N GLU A 57 -5.12 9.15 -8.81
CA GLU A 57 -4.05 8.20 -9.15
C GLU A 57 -2.73 8.63 -8.51
N ILE A 58 -2.11 7.72 -7.78
CA ILE A 58 -0.84 8.00 -7.12
C ILE A 58 0.30 7.23 -7.77
N GLU A 59 1.05 7.91 -8.63
CA GLU A 59 2.18 7.29 -9.32
C GLU A 59 3.28 6.91 -8.33
N ILE A 60 3.49 5.60 -8.17
CA ILE A 60 4.51 5.11 -7.25
C ILE A 60 5.87 5.74 -7.56
N VAL A 61 6.08 6.10 -8.82
CA VAL A 61 7.34 6.71 -9.24
C VAL A 61 7.57 8.03 -8.51
N HIS A 62 6.49 8.69 -8.13
CA HIS A 62 6.58 9.96 -7.42
C HIS A 62 6.74 9.73 -5.92
N ILE A 63 5.99 8.78 -5.38
CA ILE A 63 6.05 8.46 -3.96
C ILE A 63 7.50 8.37 -3.48
N SER A 64 7.85 9.22 -2.53
CA SER A 64 9.21 9.24 -1.98
C SER A 64 9.31 8.35 -0.74
N THR A 65 8.51 8.67 0.27
CA THR A 65 8.50 7.91 1.51
C THR A 65 7.28 7.01 1.60
N VAL A 66 7.44 5.84 2.22
CA VAL A 66 6.35 4.89 2.37
C VAL A 66 6.41 4.21 3.73
N GLN A 67 5.50 4.60 4.62
CA GLN A 67 5.45 4.03 5.97
C GLN A 67 4.01 3.72 6.36
N ILE A 68 3.83 2.66 7.14
CA ILE A 68 2.50 2.26 7.59
C ILE A 68 2.27 2.66 9.05
N LEU A 69 1.09 3.20 9.33
CA LEU A 69 0.76 3.63 10.68
C LEU A 69 0.19 2.47 11.49
N THR A 70 0.83 2.17 12.62
CA THR A 70 0.39 1.09 13.48
C THR A 70 -0.02 1.61 14.86
N GLU A 71 -1.31 1.50 15.17
CA GLU A 71 -1.82 1.96 16.46
C GLU A 71 -1.64 0.89 17.52
N GLY A 72 -2.21 -0.29 17.28
CA GLY A 72 -2.10 -1.39 18.23
C GLY A 72 -3.36 -1.54 19.07
N PHE A 73 -3.58 -0.59 19.97
CA PHE A 73 -4.75 -0.63 20.85
C PHE A 73 -6.00 -1.02 20.06
N PRO A 74 -6.60 -2.15 20.46
CA PRO A 74 -7.81 -2.67 19.80
C PRO A 74 -9.03 -1.79 20.08
N PRO A 75 -9.72 -1.38 19.01
CA PRO A 75 -10.92 -0.54 19.12
C PRO A 75 -12.10 -1.29 19.71
N GLY A 76 -12.01 -2.61 19.73
CA GLY A 76 -13.08 -3.43 20.26
C GLY A 76 -13.82 -4.20 19.19
N GLY A 77 -13.15 -5.18 18.60
CA GLY A 77 -13.77 -5.97 17.55
C GLY A 77 -12.74 -6.61 16.63
N GLY A 78 -11.75 -7.27 17.22
CA GLY A 78 -10.71 -7.92 16.42
C GLY A 78 -9.39 -7.17 16.48
N ASN A 79 -8.38 -7.81 17.04
CA ASN A 79 -7.06 -7.20 17.15
C ASN A 79 -6.28 -7.35 15.86
N ALA A 80 -6.13 -6.24 15.13
CA ALA A 80 -5.41 -6.24 13.86
C ALA A 80 -4.01 -5.66 14.03
N ARG A 81 -3.10 -6.04 13.15
CA ARG A 81 -1.73 -5.55 13.20
C ARG A 81 -1.62 -4.16 12.58
N ALA A 82 -2.05 -4.03 11.33
CA ALA A 82 -2.00 -2.76 10.63
C ALA A 82 -3.34 -2.02 10.74
N THR A 83 -3.33 -0.87 11.40
CA THR A 83 -4.54 -0.07 11.57
C THR A 83 -4.66 0.98 10.48
N GLY A 84 -3.53 1.56 10.08
CA GLY A 84 -3.53 2.57 9.05
C GLY A 84 -2.27 2.55 8.20
N MET A 85 -2.21 3.42 7.21
CA MET A 85 -1.06 3.49 6.32
C MET A 85 -0.70 4.95 6.00
N PHE A 86 0.56 5.19 5.65
CA PHE A 86 1.02 6.53 5.32
C PHE A 86 1.84 6.52 4.04
N LEU A 87 1.73 7.60 3.27
CA LEU A 87 2.46 7.72 2.02
C LEU A 87 2.76 9.19 1.70
N GLN A 88 3.96 9.44 1.17
CA GLN A 88 4.37 10.79 0.81
C GLN A 88 4.74 10.88 -0.66
N TYR A 89 4.15 11.85 -1.36
CA TYR A 89 4.43 12.04 -2.78
C TYR A 89 4.41 13.52 -3.14
N THR A 90 4.75 13.83 -4.39
CA THR A 90 4.77 15.20 -4.87
C THR A 90 3.82 15.39 -6.04
N VAL A 91 3.18 16.55 -6.09
CA VAL A 91 2.23 16.86 -7.14
C VAL A 91 2.94 17.55 -8.32
N PRO A 92 2.56 17.16 -9.54
CA PRO A 92 3.13 17.73 -10.77
C PRO A 92 2.72 19.17 -10.99
N GLY A 93 3.69 20.08 -10.98
CA GLY A 93 3.39 21.49 -11.19
C GLY A 93 2.95 22.18 -9.91
N THR A 94 3.47 21.71 -8.77
CA THR A 94 3.11 22.29 -7.48
C THR A 94 4.30 22.25 -6.52
N GLU A 95 4.48 23.32 -5.76
CA GLU A 95 5.57 23.41 -4.81
C GLU A 95 5.16 22.88 -3.44
N GLY A 96 5.78 21.78 -3.03
CA GLY A 96 5.47 21.18 -1.75
C GLY A 96 5.25 19.68 -1.85
N VAL A 97 5.06 19.04 -0.70
CA VAL A 97 4.86 17.59 -0.66
C VAL A 97 3.51 17.25 -0.02
N THR A 98 2.77 16.35 -0.65
CA THR A 98 1.47 15.93 -0.15
C THR A 98 1.54 14.54 0.46
N GLN A 99 0.92 14.38 1.64
CA GLN A 99 0.91 13.10 2.32
C GLN A 99 -0.50 12.51 2.38
N LEU A 100 -0.59 11.20 2.24
CA LEU A 100 -1.89 10.52 2.28
C LEU A 100 -2.02 9.64 3.52
N LYS A 101 -3.25 9.33 3.90
CA LYS A 101 -3.50 8.50 5.06
C LYS A 101 -4.61 7.50 4.78
N LEU A 102 -4.40 6.25 5.19
CA LEU A 102 -5.40 5.19 4.98
C LEU A 102 -5.71 4.48 6.29
N THR A 103 -7.00 4.31 6.57
CA THR A 103 -7.44 3.65 7.79
C THR A 103 -8.69 2.81 7.54
N VAL A 104 -8.84 1.74 8.31
CA VAL A 104 -10.00 0.85 8.18
C VAL A 104 -11.23 1.47 8.81
N VAL A 105 -12.29 1.62 8.00
CA VAL A 105 -13.54 2.20 8.47
C VAL A 105 -14.05 1.45 9.71
N GLU A 106 -14.68 2.19 10.61
CA GLU A 106 -15.21 1.60 11.84
C GLU A 106 -16.61 1.04 11.60
N ASP A 107 -16.80 0.39 10.45
CA ASP A 107 -18.08 -0.20 10.10
C ASP A 107 -18.08 -1.70 10.38
N VAL A 108 -19.28 -2.27 10.52
CA VAL A 108 -19.42 -3.69 10.79
C VAL A 108 -18.34 -4.49 10.09
N THR A 109 -17.90 -5.57 10.72
CA THR A 109 -16.86 -6.44 10.16
C THR A 109 -17.28 -6.97 8.80
N VAL A 110 -16.45 -6.71 7.78
CA VAL A 110 -16.72 -7.16 6.43
C VAL A 110 -15.53 -7.91 5.85
N GLY A 111 -14.33 -7.39 6.11
CA GLY A 111 -13.12 -8.03 5.61
C GLY A 111 -11.86 -7.41 6.18
N ARG A 112 -11.77 -7.37 7.51
CA ARG A 112 -10.61 -6.79 8.18
C ARG A 112 -9.33 -7.45 7.69
N ARG A 113 -9.29 -8.78 7.77
CA ARG A 113 -8.11 -9.54 7.35
C ARG A 113 -7.67 -9.11 5.95
N GLN A 114 -8.63 -8.90 5.06
CA GLN A 114 -8.33 -8.48 3.70
C GLN A 114 -7.54 -7.18 3.68
N ALA A 115 -8.14 -6.12 4.21
CA ALA A 115 -7.49 -4.81 4.25
C ALA A 115 -6.11 -4.92 4.90
N VAL A 116 -6.09 -5.21 6.19
CA VAL A 116 -4.84 -5.34 6.93
C VAL A 116 -3.78 -6.04 6.09
N ALA A 117 -4.20 -7.08 5.37
CA ALA A 117 -3.29 -7.85 4.53
C ALA A 117 -2.70 -6.98 3.42
N TRP A 118 -3.57 -6.30 2.69
CA TRP A 118 -3.14 -5.42 1.60
C TRP A 118 -2.26 -4.29 2.13
N LEU A 119 -2.50 -3.89 3.37
CA LEU A 119 -1.74 -2.82 3.99
C LEU A 119 -0.26 -3.18 4.07
N VAL A 120 0.05 -4.25 4.78
CA VAL A 120 1.42 -4.72 4.93
C VAL A 120 1.98 -5.23 3.61
N ALA A 121 1.12 -5.84 2.81
CA ALA A 121 1.51 -6.38 1.51
C ALA A 121 2.11 -5.29 0.63
N MET A 122 1.30 -4.28 0.32
CA MET A 122 1.75 -3.17 -0.51
C MET A 122 3.15 -2.71 -0.12
N HIS A 123 3.26 -2.12 1.08
CA HIS A 123 4.55 -1.65 1.57
C HIS A 123 5.65 -2.66 1.28
N LYS A 124 5.52 -3.85 1.85
CA LYS A 124 6.51 -4.90 1.65
C LYS A 124 6.99 -4.94 0.20
N ALA A 125 6.06 -4.74 -0.73
CA ALA A 125 6.39 -4.74 -2.15
C ALA A 125 7.04 -3.43 -2.57
N ALA A 126 6.50 -2.33 -2.06
CA ALA A 126 7.03 -1.00 -2.38
C ALA A 126 8.56 -1.00 -2.37
N LYS A 127 9.14 -1.87 -1.54
CA LYS A 127 10.58 -1.97 -1.44
C LYS A 127 11.16 -2.83 -2.57
N LEU A 128 10.39 -3.83 -2.97
CA LEU A 128 10.81 -4.73 -4.05
C LEU A 128 11.15 -3.94 -5.32
N LEU A 129 10.36 -2.92 -5.61
CA LEU A 129 10.59 -2.09 -6.78
C LEU A 129 11.94 -1.39 -6.71
N TYR A 130 12.15 -0.63 -5.64
CA TYR A 130 13.40 0.08 -5.45
C TYR A 130 14.55 -0.88 -5.17
N GLU A 131 14.44 -1.62 -4.08
CA GLU A 131 15.46 -2.59 -3.70
C GLU A 131 15.76 -3.55 -4.84
N SER A 132 14.71 -3.96 -5.54
CA SER A 132 14.85 -4.88 -6.67
C SER A 132 15.41 -6.23 -6.19
N ARG A 133 15.06 -6.60 -4.97
CA ARG A 133 15.53 -7.86 -4.40
C ARG A 133 14.35 -8.74 -3.99
N ASP A 134 14.13 -9.81 -4.73
CA ASP A 134 13.04 -10.73 -4.44
C ASP A 134 13.48 -11.82 -3.46
N GLN A 135 14.23 -11.42 -2.45
CA GLN A 135 14.73 -12.36 -1.45
C GLN A 135 13.57 -13.05 -0.74
N SER A 136 13.89 -14.05 0.08
CA SER A 136 12.88 -14.80 0.82
C SER A 136 12.54 -14.10 2.14
N GLY A 137 12.42 -12.77 2.08
CA GLY A 137 12.10 -12.02 3.28
C GLY A 137 13.15 -12.17 4.36
N PRO A 138 13.15 -11.25 5.33
CA PRO A 138 14.12 -11.26 6.44
C PRO A 138 13.85 -12.41 7.41
N SER A 139 14.69 -12.51 8.44
CA SER A 139 14.55 -13.56 9.44
C SER A 139 13.08 -13.88 9.68
N SER A 140 12.75 -15.17 9.69
CA SER A 140 11.37 -15.60 9.92
C SER A 140 10.67 -14.68 10.92
N GLY A 141 11.27 -14.53 12.09
CA GLY A 141 10.68 -13.68 13.11
C GLY A 141 10.77 -14.30 14.49
N GLY A 1 14.83 -9.98 -19.29
CA GLY A 1 14.37 -11.33 -19.05
C GLY A 1 12.86 -11.43 -18.93
N SER A 2 12.39 -12.40 -18.18
CA SER A 2 10.95 -12.60 -17.98
C SER A 2 10.58 -12.49 -16.51
N SER A 3 9.46 -11.83 -16.24
CA SER A 3 9.00 -11.65 -14.87
C SER A 3 8.36 -12.93 -14.34
N GLY A 4 7.45 -13.49 -15.12
CA GLY A 4 6.77 -14.71 -14.71
C GLY A 4 7.69 -15.64 -13.93
N SER A 5 7.38 -15.84 -12.66
CA SER A 5 8.18 -16.72 -11.80
C SER A 5 7.31 -17.40 -10.76
N SER A 6 7.23 -18.73 -10.84
CA SER A 6 6.43 -19.51 -9.90
C SER A 6 7.31 -20.15 -8.84
N GLY A 7 6.74 -20.37 -7.66
CA GLY A 7 7.49 -20.97 -6.57
C GLY A 7 7.41 -20.17 -5.29
N ALA A 8 7.51 -18.84 -5.43
CA ALA A 8 7.46 -17.95 -4.28
C ALA A 8 6.02 -17.72 -3.83
N GLU A 9 5.46 -18.65 -3.07
CA GLU A 9 4.10 -18.55 -2.59
C GLU A 9 3.90 -17.24 -1.82
N PHE A 10 4.83 -16.93 -0.93
CA PHE A 10 4.76 -15.72 -0.13
C PHE A 10 4.45 -14.50 -1.00
N TYR A 11 5.20 -14.36 -2.09
CA TYR A 11 5.01 -13.26 -3.02
C TYR A 11 3.69 -13.40 -3.78
N ASP A 12 3.26 -14.64 -3.97
CA ASP A 12 2.02 -14.91 -4.68
C ASP A 12 0.81 -14.55 -3.83
N LYS A 13 1.01 -14.51 -2.51
CA LYS A 13 -0.06 -14.17 -1.59
C LYS A 13 -0.16 -12.66 -1.39
N GLN A 14 0.95 -11.97 -1.59
CA GLN A 14 0.98 -10.52 -1.45
C GLN A 14 0.45 -9.83 -2.70
N LEU A 15 0.84 -10.35 -3.86
CA LEU A 15 0.41 -9.78 -5.14
C LEU A 15 -1.09 -9.97 -5.33
N LYS A 16 -1.57 -11.16 -5.05
CA LYS A 16 -3.00 -11.47 -5.18
C LYS A 16 -3.84 -10.58 -4.28
N VAL A 17 -3.38 -10.40 -3.04
CA VAL A 17 -4.09 -9.57 -2.08
C VAL A 17 -4.11 -8.11 -2.52
N LEU A 18 -2.97 -7.64 -3.00
CA LEU A 18 -2.85 -6.25 -3.47
C LEU A 18 -3.76 -6.00 -4.65
N LEU A 19 -3.49 -6.69 -5.76
CA LEU A 19 -4.31 -6.53 -6.97
C LEU A 19 -5.80 -6.56 -6.64
N SER A 20 -6.20 -7.55 -5.85
CA SER A 20 -7.60 -7.69 -5.45
C SER A 20 -8.21 -6.34 -5.11
N GLY A 21 -7.40 -5.48 -4.49
CA GLY A 21 -7.88 -4.16 -4.11
C GLY A 21 -8.63 -4.17 -2.80
N ALA A 22 -8.33 -3.20 -1.94
CA ALA A 22 -9.00 -3.10 -0.64
C ALA A 22 -9.55 -1.70 -0.40
N THR A 23 -10.54 -1.60 0.47
CA THR A 23 -11.16 -0.31 0.78
C THR A 23 -10.42 0.39 1.92
N PHE A 24 -10.31 1.71 1.82
CA PHE A 24 -9.64 2.50 2.85
C PHE A 24 -10.16 3.94 2.85
N LEU A 25 -9.91 4.63 3.96
CA LEU A 25 -10.36 6.02 4.10
C LEU A 25 -9.23 6.99 3.76
N VAL A 26 -9.45 7.82 2.75
CA VAL A 26 -8.46 8.80 2.33
C VAL A 26 -8.84 10.20 2.78
N THR A 27 -7.95 10.83 3.56
CA THR A 27 -8.20 12.17 4.06
C THR A 27 -7.38 13.21 3.30
N PHE A 28 -8.07 14.11 2.60
CA PHE A 28 -7.40 15.15 1.83
C PHE A 28 -7.24 16.42 2.65
N GLY A 29 -6.05 17.02 2.58
CA GLY A 29 -5.80 18.24 3.32
C GLY A 29 -6.95 19.21 3.26
N ASN A 30 -7.65 19.22 2.13
CA ASN A 30 -8.79 20.12 1.94
C ASN A 30 -10.00 19.65 2.74
N SER A 31 -10.28 18.35 2.65
CA SER A 31 -11.42 17.77 3.36
C SER A 31 -11.00 17.31 4.76
N GLU A 32 -11.78 17.70 5.76
CA GLU A 32 -11.49 17.33 7.14
C GLU A 32 -11.96 15.90 7.43
N LYS A 33 -12.95 15.45 6.67
CA LYS A 33 -13.50 14.11 6.84
C LYS A 33 -13.03 13.19 5.72
N PRO A 34 -12.69 11.95 6.07
CA PRO A 34 -12.24 10.94 5.11
C PRO A 34 -13.35 10.47 4.18
N GLU A 35 -12.98 9.72 3.15
CA GLU A 35 -13.95 9.20 2.20
C GLU A 35 -13.60 7.78 1.77
N THR A 36 -14.62 6.96 1.57
CA THR A 36 -14.42 5.57 1.16
C THR A 36 -13.83 5.50 -0.25
N MET A 37 -12.58 5.05 -0.33
CA MET A 37 -11.90 4.92 -1.62
C MET A 37 -11.25 3.56 -1.77
N THR A 38 -11.17 3.07 -3.01
CA THR A 38 -10.57 1.78 -3.28
C THR A 38 -9.13 1.91 -3.75
N CYS A 39 -8.22 1.25 -3.06
CA CYS A 39 -6.80 1.31 -3.42
C CYS A 39 -6.34 -0.02 -3.98
N ARG A 40 -5.87 -0.01 -5.23
CA ARG A 40 -5.40 -1.21 -5.88
C ARG A 40 -4.13 -0.93 -6.69
N LEU A 41 -3.40 -1.99 -7.03
CA LEU A 41 -2.16 -1.86 -7.79
C LEU A 41 -2.37 -2.31 -9.24
N SER A 42 -1.43 -1.95 -10.10
CA SER A 42 -1.51 -2.31 -11.51
C SER A 42 -1.16 -3.78 -11.71
N ASN A 43 -1.29 -4.25 -12.95
CA ASN A 43 -1.00 -5.64 -13.29
C ASN A 43 0.31 -6.08 -12.62
N ASN A 44 1.38 -5.35 -12.89
CA ASN A 44 2.69 -5.66 -12.33
C ASN A 44 3.00 -4.78 -11.13
N GLN A 45 1.95 -4.19 -10.55
CA GLN A 45 2.10 -3.31 -9.40
C GLN A 45 3.14 -2.23 -9.67
N ARG A 46 3.01 -1.57 -10.82
CA ARG A 46 3.93 -0.51 -11.20
C ARG A 46 3.34 0.86 -10.89
N TYR A 47 2.06 0.89 -10.53
CA TYR A 47 1.39 2.13 -10.19
C TYR A 47 0.13 1.87 -9.35
N LEU A 48 -0.26 2.86 -8.56
CA LEU A 48 -1.43 2.73 -7.72
C LEU A 48 -2.64 3.43 -8.35
N PHE A 49 -3.82 2.91 -8.06
CA PHE A 49 -5.06 3.48 -8.60
C PHE A 49 -6.11 3.63 -7.50
N LEU A 50 -6.76 4.79 -7.48
CA LEU A 50 -7.79 5.06 -6.47
C LEU A 50 -9.16 5.19 -7.13
N ASP A 51 -10.20 4.98 -6.35
CA ASP A 51 -11.57 5.07 -6.84
C ASP A 51 -12.47 5.78 -5.84
N GLY A 52 -13.42 6.56 -6.35
CA GLY A 52 -14.34 7.29 -5.49
C GLY A 52 -14.79 8.60 -6.10
N ASP A 53 -14.73 9.67 -5.31
CA ASP A 53 -15.13 10.99 -5.77
C ASP A 53 -14.76 11.19 -7.23
N SER A 54 -13.50 10.90 -7.56
CA SER A 54 -13.01 11.05 -8.92
C SER A 54 -11.93 10.02 -9.23
N HIS A 55 -11.43 10.04 -10.46
CA HIS A 55 -10.39 9.11 -10.89
C HIS A 55 -9.01 9.60 -10.47
N TYR A 56 -8.51 9.05 -9.37
CA TYR A 56 -7.19 9.43 -8.86
C TYR A 56 -6.19 8.29 -9.01
N GLU A 57 -4.92 8.64 -9.13
CA GLU A 57 -3.87 7.64 -9.29
C GLU A 57 -2.52 8.19 -8.81
N ILE A 58 -1.92 7.50 -7.84
CA ILE A 58 -0.64 7.91 -7.30
C ILE A 58 0.50 7.08 -7.88
N GLU A 59 1.20 7.66 -8.87
CA GLU A 59 2.31 6.96 -9.50
C GLU A 59 3.45 6.74 -8.52
N ILE A 60 3.78 5.46 -8.29
CA ILE A 60 4.84 5.10 -7.36
C ILE A 60 6.14 5.81 -7.72
N VAL A 61 6.29 6.16 -9.00
CA VAL A 61 7.49 6.85 -9.47
C VAL A 61 7.63 8.21 -8.80
N HIS A 62 6.55 8.70 -8.22
CA HIS A 62 6.56 9.99 -7.53
C HIS A 62 6.70 9.81 -6.03
N ILE A 63 6.08 8.75 -5.51
CA ILE A 63 6.14 8.46 -4.08
C ILE A 63 7.57 8.41 -3.58
N SER A 64 7.82 9.06 -2.45
CA SER A 64 9.15 9.10 -1.87
C SER A 64 9.24 8.20 -0.64
N THR A 65 8.46 8.53 0.38
CA THR A 65 8.44 7.75 1.62
C THR A 65 7.18 6.89 1.70
N VAL A 66 7.35 5.66 2.18
CA VAL A 66 6.23 4.73 2.31
C VAL A 66 6.27 4.03 3.66
N GLN A 67 5.44 4.49 4.59
CA GLN A 67 5.38 3.90 5.92
C GLN A 67 3.94 3.52 6.28
N ILE A 68 3.80 2.62 7.25
CA ILE A 68 2.48 2.17 7.67
C ILE A 68 2.14 2.71 9.06
N LEU A 69 0.88 3.06 9.27
CA LEU A 69 0.43 3.59 10.54
C LEU A 69 -0.02 2.46 11.47
N THR A 70 0.84 2.11 12.42
CA THR A 70 0.53 1.04 13.36
C THR A 70 0.29 1.61 14.76
N GLU A 71 -0.59 0.94 15.52
CA GLU A 71 -0.91 1.38 16.88
C GLU A 71 0.34 1.39 17.75
N GLY A 72 1.20 0.39 17.57
CA GLY A 72 2.41 0.30 18.35
C GLY A 72 3.56 1.06 17.71
N PHE A 73 3.84 2.25 18.24
CA PHE A 73 4.93 3.08 17.72
C PHE A 73 6.27 2.35 17.83
N PRO A 74 6.57 1.86 19.04
CA PRO A 74 7.83 1.14 19.30
C PRO A 74 7.86 -0.22 18.64
N PRO A 75 9.07 -0.67 18.26
CA PRO A 75 9.26 -1.97 17.61
C PRO A 75 9.03 -3.14 18.56
N GLY A 76 9.21 -4.35 18.04
CA GLY A 76 9.02 -5.54 18.87
C GLY A 76 7.76 -5.46 19.70
N GLY A 77 7.72 -6.23 20.79
CA GLY A 77 6.56 -6.22 21.66
C GLY A 77 5.65 -7.42 21.42
N GLY A 78 4.66 -7.23 20.54
CA GLY A 78 3.74 -8.30 20.25
C GLY A 78 3.26 -8.27 18.81
N ASN A 79 1.96 -8.44 18.62
CA ASN A 79 1.37 -8.43 17.27
C ASN A 79 1.02 -7.02 16.85
N ALA A 80 1.58 -6.59 15.72
CA ALA A 80 1.32 -5.25 15.20
C ALA A 80 0.06 -5.23 14.34
N ARG A 81 -0.86 -4.33 14.67
CA ARG A 81 -2.11 -4.21 13.93
C ARG A 81 -2.17 -2.88 13.18
N ALA A 82 -1.72 -2.88 11.93
CA ALA A 82 -1.72 -1.67 11.13
C ALA A 82 -3.15 -1.17 10.90
N THR A 83 -3.51 -0.09 11.59
CA THR A 83 -4.83 0.50 11.47
C THR A 83 -4.87 1.58 10.40
N GLY A 84 -3.94 1.51 9.45
CA GLY A 84 -3.88 2.49 8.39
C GLY A 84 -2.54 2.49 7.68
N MET A 85 -2.33 3.50 6.84
CA MET A 85 -1.07 3.61 6.09
C MET A 85 -0.73 5.07 5.84
N PHE A 86 0.57 5.36 5.73
CA PHE A 86 1.04 6.72 5.49
C PHE A 86 2.02 6.76 4.32
N LEU A 87 1.62 7.41 3.24
CA LEU A 87 2.46 7.52 2.05
C LEU A 87 2.76 8.98 1.74
N GLN A 88 3.89 9.22 1.09
CA GLN A 88 4.30 10.57 0.73
C GLN A 88 4.62 10.66 -0.76
N TYR A 89 4.22 11.77 -1.37
CA TYR A 89 4.47 11.98 -2.80
C TYR A 89 4.52 13.47 -3.13
N THR A 90 4.96 13.79 -4.34
CA THR A 90 5.06 15.17 -4.79
C THR A 90 4.15 15.43 -5.97
N VAL A 91 3.56 16.62 -6.01
CA VAL A 91 2.66 17.00 -7.09
C VAL A 91 3.18 18.22 -7.84
N PRO A 92 3.06 18.19 -9.18
CA PRO A 92 3.52 19.29 -10.03
C PRO A 92 2.65 20.54 -9.89
N GLY A 93 3.30 21.68 -9.69
CA GLY A 93 2.57 22.93 -9.54
C GLY A 93 2.55 23.42 -8.10
N THR A 94 2.20 22.52 -7.18
CA THR A 94 2.13 22.86 -5.77
C THR A 94 3.53 22.94 -5.16
N GLU A 95 3.60 23.41 -3.92
CA GLU A 95 4.87 23.54 -3.22
C GLU A 95 4.89 22.69 -1.96
N GLY A 96 5.90 21.82 -1.85
CA GLY A 96 6.01 20.95 -0.69
C GLY A 96 5.70 19.50 -1.03
N VAL A 97 5.40 18.71 0.00
CA VAL A 97 5.08 17.31 -0.18
C VAL A 97 3.73 16.97 0.43
N THR A 98 2.94 16.16 -0.28
CA THR A 98 1.63 15.76 0.18
C THR A 98 1.65 14.37 0.78
N GLN A 99 0.75 14.10 1.72
CA GLN A 99 0.67 12.80 2.37
C GLN A 99 -0.73 12.21 2.24
N LEU A 100 -0.80 10.89 2.24
CA LEU A 100 -2.08 10.19 2.13
C LEU A 100 -2.29 9.22 3.29
N LYS A 101 -3.32 9.48 4.08
CA LYS A 101 -3.63 8.64 5.23
C LYS A 101 -4.73 7.63 4.88
N LEU A 102 -4.51 6.37 5.24
CA LEU A 102 -5.48 5.32 4.97
C LEU A 102 -5.96 4.67 6.26
N THR A 103 -7.27 4.43 6.35
CA THR A 103 -7.86 3.81 7.53
C THR A 103 -8.94 2.83 7.16
N VAL A 104 -8.88 1.63 7.75
CA VAL A 104 -9.87 0.59 7.48
C VAL A 104 -11.24 0.98 8.02
N VAL A 105 -12.27 0.86 7.17
CA VAL A 105 -13.63 1.20 7.56
C VAL A 105 -14.47 -0.06 7.76
N GLU A 106 -15.31 -0.04 8.79
CA GLU A 106 -16.17 -1.17 9.09
C GLU A 106 -17.29 -1.31 8.06
N ASP A 107 -17.24 -2.39 7.28
CA ASP A 107 -18.24 -2.63 6.26
C ASP A 107 -18.79 -4.05 6.36
N VAL A 108 -17.89 -5.01 6.57
CA VAL A 108 -18.27 -6.40 6.69
C VAL A 108 -17.57 -7.08 7.86
N THR A 109 -18.25 -8.05 8.47
CA THR A 109 -17.68 -8.77 9.61
C THR A 109 -16.21 -9.09 9.38
N VAL A 110 -15.94 -10.00 8.44
CA VAL A 110 -14.57 -10.38 8.13
C VAL A 110 -13.99 -9.52 7.01
N GLY A 111 -13.26 -8.49 7.39
CA GLY A 111 -12.66 -7.60 6.40
C GLY A 111 -11.26 -7.17 6.79
N ARG A 112 -11.08 -6.79 8.05
CA ARG A 112 -9.78 -6.35 8.53
C ARG A 112 -8.66 -7.22 7.96
N ARG A 113 -8.90 -8.52 7.90
CA ARG A 113 -7.91 -9.46 7.37
C ARG A 113 -7.39 -8.99 6.01
N GLN A 114 -8.31 -8.74 5.09
CA GLN A 114 -7.94 -8.28 3.75
C GLN A 114 -7.19 -6.95 3.82
N ALA A 115 -7.90 -5.90 4.24
CA ALA A 115 -7.30 -4.58 4.36
C ALA A 115 -5.91 -4.65 4.98
N VAL A 116 -5.85 -5.18 6.20
CA VAL A 116 -4.58 -5.30 6.91
C VAL A 116 -3.51 -5.91 6.01
N ALA A 117 -3.83 -7.04 5.40
CA ALA A 117 -2.89 -7.72 4.51
C ALA A 117 -2.39 -6.79 3.42
N TRP A 118 -3.32 -6.12 2.74
CA TRP A 118 -2.97 -5.18 1.68
C TRP A 118 -1.97 -4.14 2.16
N LEU A 119 -2.19 -3.66 3.38
CA LEU A 119 -1.30 -2.65 3.97
C LEU A 119 0.12 -3.19 4.11
N VAL A 120 0.27 -4.20 4.96
CA VAL A 120 1.58 -4.80 5.19
C VAL A 120 2.21 -5.27 3.89
N ALA A 121 1.38 -5.80 2.99
CA ALA A 121 1.85 -6.28 1.70
C ALA A 121 2.40 -5.14 0.86
N MET A 122 1.59 -4.10 0.67
CA MET A 122 1.99 -2.94 -0.11
C MET A 122 3.39 -2.46 0.30
N HIS A 123 3.61 -2.39 1.61
CA HIS A 123 4.90 -1.94 2.13
C HIS A 123 6.00 -2.95 1.82
N LYS A 124 5.71 -4.23 2.07
CA LYS A 124 6.67 -5.29 1.80
C LYS A 124 7.18 -5.23 0.36
N ALA A 125 6.24 -5.24 -0.57
CA ALA A 125 6.60 -5.18 -1.99
C ALA A 125 7.28 -3.86 -2.34
N ALA A 126 6.64 -2.76 -1.97
CA ALA A 126 7.20 -1.43 -2.24
C ALA A 126 8.71 -1.43 -2.06
N LYS A 127 9.19 -2.23 -1.11
CA LYS A 127 10.63 -2.31 -0.85
C LYS A 127 11.38 -2.79 -2.08
N LEU A 128 10.97 -3.93 -2.62
CA LEU A 128 11.62 -4.48 -3.80
C LEU A 128 11.62 -3.49 -4.95
N LEU A 129 10.48 -2.84 -5.16
CA LEU A 129 10.34 -1.85 -6.23
C LEU A 129 11.51 -0.87 -6.21
N TYR A 130 11.74 -0.26 -5.04
CA TYR A 130 12.83 0.70 -4.90
C TYR A 130 14.17 -0.01 -4.72
N GLU A 131 14.29 -0.78 -3.64
CA GLU A 131 15.51 -1.52 -3.36
C GLU A 131 15.80 -2.55 -4.45
N SER A 132 16.93 -3.23 -4.32
CA SER A 132 17.32 -4.25 -5.30
C SER A 132 16.56 -5.55 -5.06
N ARG A 133 16.55 -6.42 -6.07
CA ARG A 133 15.87 -7.70 -5.97
C ARG A 133 16.87 -8.84 -5.84
N ASP A 134 16.69 -9.66 -4.82
CA ASP A 134 17.58 -10.79 -4.57
C ASP A 134 16.91 -12.10 -4.98
N GLN A 135 17.59 -12.87 -5.83
CA GLN A 135 17.05 -14.14 -6.30
C GLN A 135 16.74 -15.06 -5.11
N SER A 136 15.46 -15.40 -4.97
CA SER A 136 15.02 -16.27 -3.88
C SER A 136 14.97 -17.72 -4.34
N GLY A 137 15.14 -18.65 -3.39
CA GLY A 137 15.11 -20.06 -3.71
C GLY A 137 14.75 -20.92 -2.51
N PRO A 138 13.45 -21.04 -2.24
CA PRO A 138 12.96 -21.84 -1.11
C PRO A 138 13.16 -23.34 -1.32
N SER A 139 12.76 -24.13 -0.33
CA SER A 139 12.90 -25.58 -0.42
C SER A 139 11.63 -26.28 0.08
N SER A 140 10.90 -26.87 -0.85
CA SER A 140 9.66 -27.57 -0.53
C SER A 140 9.94 -28.99 -0.07
N GLY A 141 9.81 -29.24 1.23
CA GLY A 141 10.05 -30.55 1.77
C GLY A 141 11.05 -30.54 2.91
N GLY A 1 20.78 -9.98 -23.60
CA GLY A 1 20.72 -11.19 -22.82
C GLY A 1 19.31 -11.71 -22.66
N SER A 2 18.98 -12.18 -21.46
CA SER A 2 17.66 -12.71 -21.18
C SER A 2 17.42 -12.84 -19.67
N SER A 3 16.15 -12.92 -19.29
CA SER A 3 15.79 -13.04 -17.88
C SER A 3 15.08 -14.36 -17.61
N GLY A 4 15.22 -14.86 -16.39
CA GLY A 4 14.58 -16.12 -16.03
C GLY A 4 13.46 -15.93 -15.04
N SER A 5 12.31 -16.54 -15.33
CA SER A 5 11.14 -16.44 -14.46
C SER A 5 11.54 -16.61 -12.99
N SER A 6 10.65 -16.21 -12.10
CA SER A 6 10.90 -16.32 -10.67
C SER A 6 9.91 -17.27 -10.00
N GLY A 7 10.37 -18.00 -8.99
CA GLY A 7 9.51 -18.93 -8.28
C GLY A 7 9.30 -18.54 -6.84
N ALA A 8 8.52 -17.50 -6.61
CA ALA A 8 8.22 -17.03 -5.27
C ALA A 8 6.76 -17.23 -4.91
N GLU A 9 6.45 -18.36 -4.28
CA GLU A 9 5.09 -18.68 -3.90
C GLU A 9 4.67 -17.87 -2.67
N PHE A 10 5.60 -17.72 -1.73
CA PHE A 10 5.33 -16.98 -0.50
C PHE A 10 4.76 -15.60 -0.82
N TYR A 11 5.34 -14.93 -1.81
CA TYR A 11 4.89 -13.61 -2.20
C TYR A 11 3.62 -13.69 -3.05
N ASP A 12 3.59 -14.64 -3.97
CA ASP A 12 2.44 -14.83 -4.83
C ASP A 12 1.13 -14.70 -4.05
N LYS A 13 1.17 -15.10 -2.78
CA LYS A 13 -0.01 -15.02 -1.93
C LYS A 13 -0.36 -13.57 -1.62
N GLN A 14 0.65 -12.74 -1.42
CA GLN A 14 0.44 -11.32 -1.13
C GLN A 14 0.14 -10.55 -2.40
N LEU A 15 0.81 -10.91 -3.49
CA LEU A 15 0.63 -10.25 -4.77
C LEU A 15 -0.85 -10.16 -5.12
N LYS A 16 -1.50 -11.32 -5.21
CA LYS A 16 -2.92 -11.38 -5.54
C LYS A 16 -3.73 -10.46 -4.61
N VAL A 17 -3.34 -10.42 -3.34
CA VAL A 17 -4.03 -9.59 -2.36
C VAL A 17 -3.79 -8.10 -2.63
N LEU A 18 -2.56 -7.78 -3.05
CA LEU A 18 -2.20 -6.40 -3.34
C LEU A 18 -2.89 -5.91 -4.62
N LEU A 19 -2.53 -6.49 -5.75
CA LEU A 19 -3.11 -6.12 -7.03
C LEU A 19 -4.64 -6.08 -6.94
N SER A 20 -5.21 -7.09 -6.28
CA SER A 20 -6.65 -7.18 -6.12
C SER A 20 -7.24 -5.84 -5.70
N GLY A 21 -6.68 -5.27 -4.63
CA GLY A 21 -7.16 -3.99 -4.13
C GLY A 21 -8.08 -4.14 -2.94
N ALA A 22 -8.15 -3.10 -2.11
CA ALA A 22 -9.00 -3.12 -0.93
C ALA A 22 -9.63 -1.75 -0.69
N THR A 23 -10.43 -1.65 0.37
CA THR A 23 -11.10 -0.40 0.71
C THR A 23 -10.44 0.27 1.91
N PHE A 24 -10.24 1.57 1.83
CA PHE A 24 -9.62 2.34 2.90
C PHE A 24 -10.17 3.76 2.96
N LEU A 25 -9.79 4.49 4.00
CA LEU A 25 -10.25 5.87 4.16
C LEU A 25 -9.14 6.85 3.80
N VAL A 26 -9.36 7.61 2.73
CA VAL A 26 -8.38 8.59 2.27
C VAL A 26 -8.78 10.00 2.71
N THR A 27 -7.84 10.70 3.32
CA THR A 27 -8.08 12.06 3.79
C THR A 27 -7.26 13.08 3.00
N PHE A 28 -7.94 14.09 2.45
CA PHE A 28 -7.27 15.12 1.67
C PHE A 28 -6.99 16.36 2.53
N GLY A 29 -5.83 16.95 2.33
CA GLY A 29 -5.47 18.13 3.09
C GLY A 29 -6.59 19.15 3.17
N ASN A 30 -7.45 19.15 2.15
CA ASN A 30 -8.58 20.07 2.11
C ASN A 30 -9.72 19.58 2.99
N SER A 31 -10.04 18.29 2.87
CA SER A 31 -11.12 17.69 3.65
C SER A 31 -10.58 17.08 4.94
N GLU A 32 -11.24 17.40 6.05
CA GLU A 32 -10.83 16.88 7.35
C GLU A 32 -11.53 15.57 7.66
N LYS A 33 -12.56 15.25 6.88
CA LYS A 33 -13.32 14.02 7.07
C LYS A 33 -12.92 12.97 6.05
N PRO A 34 -12.61 11.76 6.53
CA PRO A 34 -12.20 10.64 5.67
C PRO A 34 -13.35 10.12 4.82
N GLU A 35 -13.01 9.58 3.65
CA GLU A 35 -14.02 9.04 2.75
C GLU A 35 -13.66 7.63 2.31
N THR A 36 -14.68 6.77 2.19
CA THR A 36 -14.47 5.39 1.78
C THR A 36 -14.06 5.30 0.32
N MET A 37 -12.78 5.03 0.08
CA MET A 37 -12.27 4.92 -1.28
C MET A 37 -11.66 3.54 -1.52
N THR A 38 -11.24 3.29 -2.75
CA THR A 38 -10.65 2.01 -3.12
C THR A 38 -9.22 2.19 -3.62
N CYS A 39 -8.29 1.44 -3.04
CA CYS A 39 -6.89 1.52 -3.44
C CYS A 39 -6.39 0.17 -3.94
N ARG A 40 -5.89 0.15 -5.17
CA ARG A 40 -5.38 -1.08 -5.78
C ARG A 40 -4.04 -0.84 -6.47
N LEU A 41 -3.31 -1.91 -6.72
CA LEU A 41 -2.00 -1.81 -7.36
C LEU A 41 -2.09 -2.23 -8.83
N SER A 42 -1.72 -1.32 -9.73
CA SER A 42 -1.76 -1.60 -11.16
C SER A 42 -0.91 -2.81 -11.51
N ASN A 43 -0.91 -3.19 -12.78
CA ASN A 43 -0.14 -4.33 -13.24
C ASN A 43 1.25 -4.34 -12.60
N ASN A 44 1.68 -5.51 -12.15
CA ASN A 44 2.98 -5.66 -11.52
C ASN A 44 3.18 -4.63 -10.41
N GLN A 45 2.07 -4.16 -9.86
CA GLN A 45 2.11 -3.17 -8.79
C GLN A 45 3.12 -2.06 -9.11
N ARG A 46 3.08 -1.57 -10.34
CA ARG A 46 3.99 -0.52 -10.77
C ARG A 46 3.36 0.85 -10.60
N TYR A 47 2.09 0.86 -10.19
CA TYR A 47 1.37 2.11 -9.98
C TYR A 47 0.20 1.91 -9.02
N LEU A 48 -0.30 3.01 -8.46
CA LEU A 48 -1.42 2.96 -7.54
C LEU A 48 -2.61 3.77 -8.06
N PHE A 49 -3.80 3.18 -7.99
CA PHE A 49 -5.00 3.85 -8.46
C PHE A 49 -6.00 4.01 -7.33
N LEU A 50 -6.83 5.04 -7.42
CA LEU A 50 -7.85 5.31 -6.40
C LEU A 50 -9.23 5.42 -7.02
N ASP A 51 -10.26 5.23 -6.19
CA ASP A 51 -11.64 5.30 -6.66
C ASP A 51 -12.52 5.97 -5.62
N GLY A 52 -13.40 6.85 -6.08
CA GLY A 52 -14.30 7.56 -5.18
C GLY A 52 -14.83 8.84 -5.77
N ASP A 53 -15.14 9.81 -4.92
CA ASP A 53 -15.66 11.09 -5.36
C ASP A 53 -15.00 11.52 -6.67
N SER A 54 -13.74 11.13 -6.85
CA SER A 54 -13.01 11.48 -8.06
C SER A 54 -11.93 10.43 -8.36
N HIS A 55 -11.72 10.16 -9.64
CA HIS A 55 -10.72 9.19 -10.05
C HIS A 55 -9.32 9.77 -9.97
N TYR A 56 -8.55 9.31 -8.98
CA TYR A 56 -7.18 9.79 -8.78
C TYR A 56 -6.17 8.77 -9.27
N GLU A 57 -4.90 9.19 -9.35
CA GLU A 57 -3.84 8.30 -9.80
C GLU A 57 -2.52 8.65 -9.13
N ILE A 58 -2.00 7.72 -8.33
CA ILE A 58 -0.74 7.93 -7.63
C ILE A 58 0.35 6.99 -8.15
N GLU A 59 1.21 7.53 -9.01
CA GLU A 59 2.29 6.74 -9.58
C GLU A 59 3.44 6.60 -8.59
N ILE A 60 3.79 5.35 -8.28
CA ILE A 60 4.87 5.08 -7.33
C ILE A 60 6.13 5.85 -7.71
N VAL A 61 6.34 6.05 -9.00
CA VAL A 61 7.50 6.79 -9.49
C VAL A 61 7.62 8.14 -8.81
N HIS A 62 6.49 8.69 -8.40
CA HIS A 62 6.46 9.99 -7.72
C HIS A 62 6.61 9.82 -6.21
N ILE A 63 5.81 8.93 -5.64
CA ILE A 63 5.84 8.67 -4.21
C ILE A 63 7.28 8.72 -3.68
N SER A 64 7.48 9.51 -2.63
CA SER A 64 8.81 9.66 -2.03
C SER A 64 8.92 8.81 -0.76
N THR A 65 8.08 9.12 0.22
CA THR A 65 8.09 8.39 1.48
C THR A 65 6.91 7.42 1.57
N VAL A 66 7.11 6.31 2.27
CA VAL A 66 6.07 5.31 2.42
C VAL A 66 6.18 4.60 3.77
N GLN A 67 5.28 4.93 4.69
CA GLN A 67 5.28 4.34 6.01
C GLN A 67 3.87 3.94 6.43
N ILE A 68 3.77 3.03 7.39
CA ILE A 68 2.48 2.57 7.88
C ILE A 68 2.21 3.10 9.29
N LEU A 69 1.00 3.58 9.51
CA LEU A 69 0.60 4.11 10.82
C LEU A 69 0.11 3.00 11.73
N THR A 70 0.67 2.94 12.94
CA THR A 70 0.28 1.92 13.91
C THR A 70 0.08 2.53 15.28
N GLU A 71 -1.14 2.43 15.79
CA GLU A 71 -1.47 2.98 17.12
C GLU A 71 -2.26 1.97 17.94
N GLY A 72 -1.59 1.32 18.87
CA GLY A 72 -2.24 0.33 19.71
C GLY A 72 -1.56 0.17 21.06
N PHE A 73 -1.91 1.05 22.00
CA PHE A 73 -1.33 1.01 23.34
C PHE A 73 -1.36 -0.41 23.90
N PRO A 74 -2.57 -0.96 24.06
CA PRO A 74 -2.77 -2.31 24.58
C PRO A 74 -2.31 -3.39 23.61
N PRO A 75 -1.85 -4.52 24.16
CA PRO A 75 -1.37 -5.65 23.35
C PRO A 75 -2.50 -6.35 22.60
N GLY A 76 -2.14 -7.06 21.53
CA GLY A 76 -3.13 -7.75 20.74
C GLY A 76 -2.72 -9.17 20.40
N GLY A 77 -2.20 -9.36 19.19
CA GLY A 77 -1.78 -10.69 18.77
C GLY A 77 -2.28 -11.06 17.40
N GLY A 78 -3.60 -10.96 17.21
CA GLY A 78 -4.19 -11.30 15.92
C GLY A 78 -3.63 -10.46 14.79
N ASN A 79 -4.42 -9.50 14.31
CA ASN A 79 -3.99 -8.64 13.22
C ASN A 79 -2.59 -8.09 13.48
N ALA A 80 -1.99 -7.51 12.44
CA ALA A 80 -0.65 -6.95 12.55
C ALA A 80 -0.69 -5.55 13.14
N ARG A 81 -1.57 -5.35 14.11
CA ARG A 81 -1.72 -4.05 14.76
C ARG A 81 -1.65 -2.92 13.73
N ALA A 82 -2.19 -3.17 12.55
CA ALA A 82 -2.20 -2.18 11.48
C ALA A 82 -3.55 -1.47 11.40
N THR A 83 -3.60 -0.24 11.91
CA THR A 83 -4.82 0.54 11.90
C THR A 83 -4.98 1.30 10.59
N GLY A 84 -3.87 1.58 9.93
CA GLY A 84 -3.89 2.30 8.67
C GLY A 84 -2.54 2.33 7.99
N MET A 85 -2.37 3.29 7.07
CA MET A 85 -1.11 3.43 6.34
C MET A 85 -0.88 4.88 5.96
N PHE A 86 0.39 5.23 5.72
CA PHE A 86 0.74 6.59 5.33
C PHE A 86 1.60 6.59 4.08
N LEU A 87 1.38 7.58 3.21
CA LEU A 87 2.13 7.70 1.97
C LEU A 87 2.31 9.16 1.57
N GLN A 88 3.47 9.48 1.02
CA GLN A 88 3.75 10.85 0.59
C GLN A 88 4.16 10.88 -0.88
N TYR A 89 3.55 11.79 -1.63
CA TYR A 89 3.84 11.94 -3.05
C TYR A 89 3.75 13.39 -3.49
N THR A 90 4.16 13.66 -4.73
CA THR A 90 4.13 15.01 -5.26
C THR A 90 3.24 15.08 -6.50
N VAL A 91 2.55 16.22 -6.67
CA VAL A 91 1.67 16.41 -7.81
C VAL A 91 2.30 17.34 -8.84
N PRO A 92 2.22 16.94 -10.12
CA PRO A 92 2.78 17.72 -11.22
C PRO A 92 2.00 19.01 -11.48
N GLY A 93 2.47 20.11 -10.90
CA GLY A 93 1.81 21.38 -11.07
C GLY A 93 1.46 22.05 -9.75
N THR A 94 1.99 21.50 -8.66
CA THR A 94 1.73 22.04 -7.33
C THR A 94 3.05 22.37 -6.61
N GLU A 95 2.95 23.19 -5.57
CA GLU A 95 4.12 23.58 -4.79
C GLU A 95 4.15 22.86 -3.45
N GLY A 96 5.11 21.95 -3.29
CA GLY A 96 5.23 21.21 -2.05
C GLY A 96 4.93 19.73 -2.23
N VAL A 97 4.81 19.02 -1.11
CA VAL A 97 4.53 17.59 -1.14
C VAL A 97 3.17 17.28 -0.54
N THR A 98 2.48 16.30 -1.12
CA THR A 98 1.16 15.91 -0.65
C THR A 98 1.20 14.55 0.04
N GLN A 99 0.60 14.48 1.22
CA GLN A 99 0.56 13.22 1.98
C GLN A 99 -0.81 12.57 1.88
N LEU A 100 -0.88 11.29 2.26
CA LEU A 100 -2.13 10.54 2.22
C LEU A 100 -2.26 9.64 3.43
N LYS A 101 -3.46 9.58 4.00
CA LYS A 101 -3.73 8.75 5.17
C LYS A 101 -4.77 7.68 4.85
N LEU A 102 -4.44 6.43 5.14
CA LEU A 102 -5.35 5.32 4.88
C LEU A 102 -5.73 4.62 6.19
N THR A 103 -7.01 4.29 6.33
CA THR A 103 -7.51 3.62 7.52
C THR A 103 -8.54 2.57 7.17
N VAL A 104 -8.55 1.47 7.93
CA VAL A 104 -9.49 0.39 7.70
C VAL A 104 -10.90 0.79 8.09
N VAL A 105 -11.89 0.23 7.38
CA VAL A 105 -13.28 0.54 7.66
C VAL A 105 -14.16 -0.70 7.51
N GLU A 106 -15.18 -0.80 8.35
CA GLU A 106 -16.08 -1.95 8.31
C GLU A 106 -17.53 -1.49 8.19
N ASP A 107 -17.78 -0.60 7.22
CA ASP A 107 -19.13 -0.08 7.00
C ASP A 107 -19.80 -0.81 5.83
N VAL A 108 -19.01 -1.15 4.82
CA VAL A 108 -19.53 -1.85 3.65
C VAL A 108 -19.25 -3.34 3.73
N THR A 109 -18.17 -3.70 4.42
CA THR A 109 -17.79 -5.10 4.59
C THR A 109 -17.07 -5.33 5.90
N VAL A 110 -17.32 -6.48 6.52
CA VAL A 110 -16.69 -6.82 7.79
C VAL A 110 -15.55 -7.82 7.59
N GLY A 111 -14.32 -7.32 7.60
CA GLY A 111 -13.17 -8.18 7.42
C GLY A 111 -11.87 -7.40 7.32
N ARG A 112 -11.52 -6.71 8.40
CA ARG A 112 -10.29 -5.91 8.43
C ARG A 112 -9.13 -6.68 7.81
N ARG A 113 -9.03 -7.96 8.14
CA ARG A 113 -7.97 -8.81 7.61
C ARG A 113 -7.65 -8.45 6.16
N GLN A 114 -8.71 -8.37 5.34
CA GLN A 114 -8.54 -8.04 3.93
C GLN A 114 -7.67 -6.81 3.75
N ALA A 115 -8.19 -5.66 4.17
CA ALA A 115 -7.46 -4.40 4.07
C ALA A 115 -6.10 -4.50 4.76
N VAL A 116 -6.13 -4.82 6.05
CA VAL A 116 -4.90 -4.94 6.84
C VAL A 116 -3.82 -5.67 6.05
N ALA A 117 -4.20 -6.80 5.45
CA ALA A 117 -3.26 -7.59 4.66
C ALA A 117 -2.63 -6.76 3.55
N TRP A 118 -3.45 -6.00 2.84
CA TRP A 118 -2.97 -5.16 1.75
C TRP A 118 -2.08 -4.05 2.28
N LEU A 119 -2.35 -3.61 3.50
CA LEU A 119 -1.56 -2.54 4.13
C LEU A 119 -0.14 -3.01 4.39
N VAL A 120 0.00 -4.18 4.99
CA VAL A 120 1.31 -4.74 5.30
C VAL A 120 1.97 -5.31 4.05
N ALA A 121 1.15 -5.89 3.18
CA ALA A 121 1.66 -6.48 1.95
C ALA A 121 2.32 -5.43 1.06
N MET A 122 1.65 -4.29 0.90
CA MET A 122 2.18 -3.21 0.08
C MET A 122 3.61 -2.88 0.47
N HIS A 123 3.78 -2.32 1.66
CA HIS A 123 5.10 -1.96 2.16
C HIS A 123 6.15 -3.00 1.75
N LYS A 124 6.05 -4.18 2.33
CA LYS A 124 6.98 -5.26 2.03
C LYS A 124 7.23 -5.36 0.53
N ALA A 125 6.20 -5.09 -0.26
CA ALA A 125 6.30 -5.14 -1.71
C ALA A 125 7.09 -3.94 -2.25
N ALA A 126 6.84 -2.76 -1.68
CA ALA A 126 7.51 -1.55 -2.10
C ALA A 126 9.03 -1.73 -2.08
N LYS A 127 9.51 -2.51 -1.11
CA LYS A 127 10.94 -2.77 -0.99
C LYS A 127 11.47 -3.54 -2.19
N LEU A 128 10.61 -4.36 -2.78
CA LEU A 128 10.99 -5.15 -3.95
C LEU A 128 11.14 -4.26 -5.18
N LEU A 129 10.31 -3.23 -5.27
CA LEU A 129 10.36 -2.30 -6.39
C LEU A 129 11.69 -1.55 -6.42
N TYR A 130 12.06 -0.98 -5.28
CA TYR A 130 13.32 -0.23 -5.18
C TYR A 130 14.50 -1.17 -4.93
N GLU A 131 14.38 -2.01 -3.90
CA GLU A 131 15.43 -2.96 -3.57
C GLU A 131 15.04 -4.37 -3.98
N SER A 132 16.02 -5.27 -3.96
CA SER A 132 15.78 -6.67 -4.34
C SER A 132 16.84 -7.58 -3.74
N ARG A 133 16.46 -8.84 -3.50
CA ARG A 133 17.38 -9.81 -2.92
C ARG A 133 17.73 -10.89 -3.93
N ASP A 134 18.96 -11.38 -3.86
CA ASP A 134 19.42 -12.44 -4.77
C ASP A 134 19.16 -13.82 -4.18
N GLN A 135 19.67 -14.05 -2.98
CA GLN A 135 19.48 -15.33 -2.31
C GLN A 135 18.32 -15.28 -1.32
N SER A 136 17.27 -16.05 -1.61
CA SER A 136 16.09 -16.07 -0.75
C SER A 136 16.50 -16.28 0.71
N GLY A 137 17.06 -17.46 1.01
CA GLY A 137 17.48 -17.75 2.36
C GLY A 137 17.60 -19.24 2.61
N PRO A 138 18.66 -19.86 2.08
CA PRO A 138 18.91 -21.29 2.23
C PRO A 138 19.29 -21.66 3.66
N SER A 139 19.42 -20.65 4.51
CA SER A 139 19.78 -20.87 5.90
C SER A 139 19.17 -22.17 6.43
N SER A 140 17.89 -22.38 6.12
CA SER A 140 17.19 -23.58 6.56
C SER A 140 18.08 -24.82 6.43
N GLY A 141 17.95 -25.73 7.39
CA GLY A 141 18.75 -26.94 7.37
C GLY A 141 18.16 -28.03 8.25
N GLY A 1 28.05 -15.55 -10.15
CA GLY A 1 26.97 -16.49 -10.37
C GLY A 1 25.76 -16.19 -9.50
N SER A 2 24.59 -16.68 -9.92
CA SER A 2 23.36 -16.46 -9.17
C SER A 2 22.32 -17.51 -9.52
N SER A 3 21.76 -18.14 -8.48
CA SER A 3 20.75 -19.18 -8.68
C SER A 3 19.40 -18.73 -8.14
N GLY A 4 18.62 -18.05 -8.97
CA GLY A 4 17.32 -17.57 -8.56
C GLY A 4 16.39 -18.71 -8.16
N SER A 5 15.56 -18.46 -7.16
CA SER A 5 14.62 -19.46 -6.68
C SER A 5 13.64 -19.86 -7.78
N SER A 6 13.24 -21.13 -7.78
CA SER A 6 12.32 -21.64 -8.79
C SER A 6 11.18 -20.65 -9.02
N GLY A 7 10.64 -20.11 -7.94
CA GLY A 7 9.55 -19.15 -8.04
C GLY A 7 9.36 -18.34 -6.77
N ALA A 8 8.37 -17.45 -6.78
CA ALA A 8 8.08 -16.62 -5.63
C ALA A 8 6.73 -16.97 -5.02
N GLU A 9 6.45 -18.27 -4.91
CA GLU A 9 5.19 -18.74 -4.35
C GLU A 9 4.80 -17.90 -3.12
N PHE A 10 5.78 -17.62 -2.27
CA PHE A 10 5.54 -16.84 -1.07
C PHE A 10 4.90 -15.50 -1.41
N TYR A 11 5.54 -14.76 -2.31
CA TYR A 11 5.04 -13.45 -2.72
C TYR A 11 3.67 -13.57 -3.36
N ASP A 12 3.52 -14.54 -4.27
CA ASP A 12 2.26 -14.76 -4.95
C ASP A 12 1.09 -14.65 -3.99
N LYS A 13 1.23 -15.28 -2.82
CA LYS A 13 0.18 -15.25 -1.81
C LYS A 13 -0.29 -13.82 -1.55
N GLN A 14 0.66 -12.88 -1.54
CA GLN A 14 0.34 -11.48 -1.30
C GLN A 14 -0.09 -10.79 -2.59
N LEU A 15 0.69 -10.98 -3.65
CA LEU A 15 0.39 -10.38 -4.94
C LEU A 15 -1.12 -10.31 -5.17
N LYS A 16 -1.76 -11.48 -5.21
CA LYS A 16 -3.19 -11.55 -5.41
C LYS A 16 -3.93 -10.60 -4.47
N VAL A 17 -3.58 -10.65 -3.19
CA VAL A 17 -4.20 -9.79 -2.20
C VAL A 17 -4.16 -8.33 -2.62
N LEU A 18 -3.01 -7.90 -3.13
CA LEU A 18 -2.84 -6.52 -3.58
C LEU A 18 -3.75 -6.22 -4.77
N LEU A 19 -3.51 -6.90 -5.88
CA LEU A 19 -4.30 -6.71 -7.09
C LEU A 19 -5.80 -6.70 -6.76
N SER A 20 -6.23 -7.65 -5.93
CA SER A 20 -7.62 -7.75 -5.53
C SER A 20 -8.19 -6.38 -5.21
N GLY A 21 -7.44 -5.58 -4.45
CA GLY A 21 -7.90 -4.26 -4.09
C GLY A 21 -8.70 -4.25 -2.80
N ALA A 22 -8.34 -3.35 -1.89
CA ALA A 22 -9.03 -3.24 -0.61
C ALA A 22 -9.65 -1.85 -0.44
N THR A 23 -10.56 -1.73 0.52
CA THR A 23 -11.23 -0.46 0.79
C THR A 23 -10.53 0.30 1.91
N PHE A 24 -10.55 1.62 1.81
CA PHE A 24 -9.92 2.47 2.83
C PHE A 24 -10.48 3.89 2.77
N LEU A 25 -10.10 4.70 3.76
CA LEU A 25 -10.57 6.08 3.82
C LEU A 25 -9.45 7.05 3.52
N VAL A 26 -9.65 7.90 2.52
CA VAL A 26 -8.65 8.88 2.13
C VAL A 26 -9.08 10.30 2.53
N THR A 27 -8.20 11.00 3.22
CA THR A 27 -8.49 12.36 3.66
C THR A 27 -7.62 13.37 2.92
N PHE A 28 -8.26 14.14 2.04
CA PHE A 28 -7.54 15.15 1.25
C PHE A 28 -7.47 16.47 2.01
N GLY A 29 -6.32 17.14 1.94
CA GLY A 29 -6.15 18.40 2.61
C GLY A 29 -7.43 19.22 2.66
N ASN A 30 -8.17 19.21 1.55
CA ASN A 30 -9.42 19.96 1.47
C ASN A 30 -10.54 19.21 2.17
N SER A 31 -10.82 18.00 1.71
CA SER A 31 -11.89 17.19 2.29
C SER A 31 -11.62 16.93 3.77
N GLU A 32 -12.24 17.73 4.63
CA GLU A 32 -12.06 17.59 6.08
C GLU A 32 -12.60 16.24 6.55
N LYS A 33 -13.47 15.64 5.75
CA LYS A 33 -14.05 14.34 6.09
C LYS A 33 -13.52 13.24 5.18
N PRO A 34 -13.15 12.10 5.78
CA PRO A 34 -12.61 10.96 5.04
C PRO A 34 -13.68 10.28 4.19
N GLU A 35 -13.32 9.98 2.94
CA GLU A 35 -14.24 9.32 2.02
C GLU A 35 -13.83 7.88 1.76
N THR A 36 -14.80 7.03 1.46
CA THR A 36 -14.54 5.62 1.20
C THR A 36 -14.03 5.41 -0.22
N MET A 37 -12.73 5.12 -0.33
CA MET A 37 -12.11 4.90 -1.63
C MET A 37 -11.46 3.53 -1.71
N THR A 38 -11.30 3.01 -2.91
CA THR A 38 -10.69 1.70 -3.11
C THR A 38 -9.25 1.82 -3.60
N CYS A 39 -8.33 1.22 -2.86
CA CYS A 39 -6.92 1.27 -3.23
C CYS A 39 -6.46 -0.06 -3.83
N ARG A 40 -5.94 0.00 -5.05
CA ARG A 40 -5.47 -1.19 -5.75
C ARG A 40 -4.21 -0.90 -6.55
N LEU A 41 -3.54 -1.94 -7.00
CA LEU A 41 -2.32 -1.80 -7.78
C LEU A 41 -2.55 -2.18 -9.24
N SER A 42 -1.70 -1.66 -10.13
CA SER A 42 -1.82 -1.94 -11.55
C SER A 42 -1.50 -3.40 -11.84
N ASN A 43 -1.83 -3.84 -13.05
CA ASN A 43 -1.57 -5.22 -13.47
C ASN A 43 -0.16 -5.64 -13.10
N ASN A 44 0.81 -4.77 -13.37
CA ASN A 44 2.20 -5.04 -13.07
C ASN A 44 2.62 -4.40 -11.75
N GLN A 45 1.65 -3.81 -11.06
CA GLN A 45 1.92 -3.15 -9.79
C GLN A 45 3.02 -2.10 -9.93
N ARG A 46 2.85 -1.20 -10.90
CA ARG A 46 3.82 -0.15 -11.14
C ARG A 46 3.28 1.21 -10.69
N TYR A 47 2.00 1.24 -10.33
CA TYR A 47 1.36 2.48 -9.88
C TYR A 47 0.16 2.17 -8.99
N LEU A 48 -0.38 3.21 -8.37
CA LEU A 48 -1.53 3.06 -7.48
C LEU A 48 -2.73 3.82 -8.02
N PHE A 49 -3.91 3.22 -7.88
CA PHE A 49 -5.15 3.84 -8.36
C PHE A 49 -6.17 3.96 -7.24
N LEU A 50 -7.02 4.97 -7.32
CA LEU A 50 -8.05 5.20 -6.30
C LEU A 50 -9.42 5.33 -6.94
N ASP A 51 -10.45 4.87 -6.24
CA ASP A 51 -11.82 4.95 -6.74
C ASP A 51 -12.75 5.53 -5.68
N GLY A 52 -13.36 6.67 -5.98
CA GLY A 52 -14.27 7.30 -5.05
C GLY A 52 -14.73 8.67 -5.52
N ASP A 53 -14.50 9.68 -4.68
CA ASP A 53 -14.89 11.04 -5.01
C ASP A 53 -14.55 11.37 -6.47
N SER A 54 -13.33 11.05 -6.87
CA SER A 54 -12.89 11.31 -8.24
C SER A 54 -11.81 10.32 -8.66
N HIS A 55 -11.55 10.24 -9.95
CA HIS A 55 -10.53 9.34 -10.48
C HIS A 55 -9.13 9.79 -10.09
N TYR A 56 -8.61 9.20 -9.01
CA TYR A 56 -7.29 9.55 -8.52
C TYR A 56 -6.29 8.42 -8.77
N GLU A 57 -5.04 8.78 -8.98
CA GLU A 57 -3.99 7.79 -9.23
C GLU A 57 -2.64 8.28 -8.71
N ILE A 58 -2.08 7.55 -7.75
CA ILE A 58 -0.80 7.91 -7.17
C ILE A 58 0.33 7.08 -7.77
N GLU A 59 1.11 7.69 -8.65
CA GLU A 59 2.22 7.00 -9.30
C GLU A 59 3.34 6.72 -8.30
N ILE A 60 3.70 5.45 -8.16
CA ILE A 60 4.77 5.06 -7.24
C ILE A 60 6.07 5.77 -7.58
N VAL A 61 6.36 5.89 -8.87
CA VAL A 61 7.59 6.54 -9.32
C VAL A 61 7.79 7.88 -8.61
N HIS A 62 6.68 8.49 -8.19
CA HIS A 62 6.74 9.77 -7.50
C HIS A 62 6.89 9.58 -6.00
N ILE A 63 6.08 8.68 -5.44
CA ILE A 63 6.13 8.40 -4.01
C ILE A 63 7.58 8.32 -3.52
N SER A 64 7.86 9.01 -2.42
CA SER A 64 9.20 9.02 -1.84
C SER A 64 9.25 8.17 -0.57
N THR A 65 8.41 8.51 0.39
CA THR A 65 8.35 7.79 1.65
C THR A 65 7.14 6.87 1.71
N VAL A 66 7.30 5.72 2.36
CA VAL A 66 6.21 4.75 2.49
C VAL A 66 6.30 4.00 3.81
N GLN A 67 5.40 4.32 4.73
CA GLN A 67 5.37 3.68 6.04
C GLN A 67 3.94 3.36 6.46
N ILE A 68 3.81 2.43 7.41
CA ILE A 68 2.49 2.03 7.90
C ILE A 68 2.18 2.71 9.24
N LEU A 69 0.94 3.18 9.38
CA LEU A 69 0.51 3.85 10.60
C LEU A 69 0.06 2.83 11.64
N THR A 70 0.49 3.03 12.89
CA THR A 70 0.13 2.13 13.97
C THR A 70 -0.18 2.91 15.25
N GLU A 71 -1.37 2.69 15.80
CA GLU A 71 -1.79 3.37 17.02
C GLU A 71 -0.95 2.92 18.21
N GLY A 72 -0.72 1.61 18.31
CA GLY A 72 0.05 1.07 19.40
C GLY A 72 1.49 0.78 19.00
N PHE A 73 1.94 -0.44 19.28
CA PHE A 73 3.31 -0.83 18.95
C PHE A 73 3.55 -0.74 17.44
N PRO A 74 4.68 -0.11 17.07
CA PRO A 74 5.04 0.07 15.66
C PRO A 74 5.44 -1.25 15.00
N PRO A 75 5.50 -1.25 13.66
CA PRO A 75 5.85 -2.44 12.87
C PRO A 75 7.33 -2.80 13.03
N GLY A 76 7.59 -4.06 13.37
CA GLY A 76 8.96 -4.51 13.54
C GLY A 76 9.08 -6.02 13.50
N GLY A 77 8.56 -6.68 14.52
CA GLY A 77 8.63 -8.13 14.58
C GLY A 77 7.65 -8.71 15.59
N GLY A 78 6.39 -8.85 15.17
CA GLY A 78 5.38 -9.41 16.05
C GLY A 78 4.00 -8.84 15.78
N ASN A 79 3.14 -8.85 16.80
CA ASN A 79 1.79 -8.33 16.65
C ASN A 79 1.80 -6.89 16.15
N ALA A 80 1.23 -6.69 14.97
CA ALA A 80 1.17 -5.36 14.38
C ALA A 80 -0.24 -5.03 13.88
N ARG A 81 -1.07 -4.51 14.79
CA ARG A 81 -2.44 -4.17 14.44
C ARG A 81 -2.49 -2.89 13.61
N ALA A 82 -2.25 -3.05 12.30
CA ALA A 82 -2.26 -1.90 11.39
C ALA A 82 -3.59 -1.15 11.47
N THR A 83 -3.52 0.15 11.67
CA THR A 83 -4.71 0.98 11.76
C THR A 83 -4.91 1.80 10.48
N GLY A 84 -3.81 2.31 9.93
CA GLY A 84 -3.89 3.10 8.73
C GLY A 84 -2.64 3.00 7.88
N MET A 85 -2.44 3.95 6.98
CA MET A 85 -1.27 3.95 6.10
C MET A 85 -0.80 5.38 5.84
N PHE A 86 0.49 5.52 5.55
CA PHE A 86 1.06 6.84 5.28
C PHE A 86 1.95 6.79 4.03
N LEU A 87 1.46 7.39 2.94
CA LEU A 87 2.20 7.42 1.69
C LEU A 87 2.47 8.85 1.25
N GLN A 88 3.74 9.17 1.04
CA GLN A 88 4.13 10.52 0.61
C GLN A 88 4.42 10.54 -0.90
N TYR A 89 4.27 11.71 -1.50
CA TYR A 89 4.51 11.88 -2.93
C TYR A 89 4.50 13.35 -3.31
N THR A 90 5.04 13.64 -4.49
CA THR A 90 5.10 15.03 -4.98
C THR A 90 4.15 15.22 -6.15
N VAL A 91 3.83 16.49 -6.44
CA VAL A 91 2.93 16.82 -7.54
C VAL A 91 3.57 17.80 -8.50
N PRO A 92 3.50 17.50 -9.80
CA PRO A 92 4.09 18.35 -10.85
C PRO A 92 3.31 19.66 -11.02
N GLY A 93 3.92 20.75 -10.56
CA GLY A 93 3.27 22.05 -10.67
C GLY A 93 3.21 22.78 -9.34
N THR A 94 2.89 22.05 -8.29
CA THR A 94 2.80 22.64 -6.95
C THR A 94 4.15 22.64 -6.25
N GLU A 95 4.25 23.39 -5.16
CA GLU A 95 5.48 23.47 -4.40
C GLU A 95 5.34 22.79 -3.05
N GLY A 96 6.15 21.76 -2.81
CA GLY A 96 6.10 21.03 -1.56
C GLY A 96 5.80 19.57 -1.75
N VAL A 97 5.45 18.88 -0.67
CA VAL A 97 5.13 17.47 -0.72
C VAL A 97 3.77 17.18 -0.10
N THR A 98 3.04 16.24 -0.69
CA THR A 98 1.71 15.87 -0.19
C THR A 98 1.74 14.52 0.48
N GLN A 99 0.90 14.36 1.50
CA GLN A 99 0.82 13.09 2.24
C GLN A 99 -0.58 12.49 2.15
N LEU A 100 -0.66 11.18 2.27
CA LEU A 100 -1.94 10.48 2.21
C LEU A 100 -2.14 9.60 3.44
N LYS A 101 -3.36 9.59 3.97
CA LYS A 101 -3.69 8.79 5.14
C LYS A 101 -4.81 7.80 4.82
N LEU A 102 -4.56 6.53 5.13
CA LEU A 102 -5.55 5.48 4.87
C LEU A 102 -6.04 4.86 6.19
N THR A 103 -7.33 4.57 6.25
CA THR A 103 -7.91 3.97 7.45
C THR A 103 -8.74 2.74 7.10
N VAL A 104 -8.72 1.75 7.99
CA VAL A 104 -9.48 0.52 7.77
C VAL A 104 -10.98 0.78 7.81
N VAL A 105 -11.69 0.20 6.84
CA VAL A 105 -13.13 0.37 6.76
C VAL A 105 -13.85 -0.98 6.82
N GLU A 106 -15.02 -1.00 7.46
CA GLU A 106 -15.79 -2.22 7.58
C GLU A 106 -16.85 -2.32 6.48
N ASP A 107 -16.77 -3.37 5.69
CA ASP A 107 -17.72 -3.57 4.59
C ASP A 107 -17.93 -5.06 4.34
N VAL A 108 -18.83 -5.37 3.40
CA VAL A 108 -19.14 -6.75 3.07
C VAL A 108 -17.88 -7.61 3.09
N THR A 109 -16.77 -7.04 2.63
CA THR A 109 -15.49 -7.75 2.61
C THR A 109 -15.18 -8.36 3.97
N VAL A 110 -14.39 -9.43 3.97
CA VAL A 110 -14.01 -10.10 5.21
C VAL A 110 -13.85 -9.09 6.34
N GLY A 111 -13.25 -7.94 6.04
CA GLY A 111 -13.05 -6.92 7.04
C GLY A 111 -11.60 -6.50 7.16
N ARG A 112 -11.19 -6.11 8.37
CA ARG A 112 -9.82 -5.68 8.61
C ARG A 112 -8.83 -6.68 8.03
N ARG A 113 -9.08 -7.97 8.26
CA ARG A 113 -8.21 -9.02 7.75
C ARG A 113 -7.69 -8.68 6.36
N GLN A 114 -8.60 -8.28 5.48
CA GLN A 114 -8.24 -7.93 4.12
C GLN A 114 -7.37 -6.67 4.08
N ALA A 115 -7.92 -5.57 4.58
CA ALA A 115 -7.19 -4.30 4.62
C ALA A 115 -5.75 -4.51 5.08
N VAL A 116 -5.60 -4.92 6.33
CA VAL A 116 -4.28 -5.15 6.91
C VAL A 116 -3.38 -5.91 5.94
N ALA A 117 -3.89 -7.02 5.43
CA ALA A 117 -3.14 -7.84 4.48
C ALA A 117 -2.58 -6.99 3.35
N TRP A 118 -3.38 -6.03 2.89
CA TRP A 118 -2.95 -5.15 1.80
C TRP A 118 -1.97 -4.09 2.30
N LEU A 119 -2.31 -3.47 3.43
CA LEU A 119 -1.45 -2.44 4.01
C LEU A 119 -0.03 -2.95 4.18
N VAL A 120 0.10 -4.14 4.77
CA VAL A 120 1.41 -4.74 4.99
C VAL A 120 2.02 -5.22 3.68
N ALA A 121 1.17 -5.56 2.72
CA ALA A 121 1.63 -6.03 1.42
C ALA A 121 2.40 -4.94 0.68
N MET A 122 1.79 -3.76 0.59
CA MET A 122 2.42 -2.63 -0.09
C MET A 122 3.79 -2.33 0.51
N HIS A 123 3.83 -2.16 1.82
CA HIS A 123 5.08 -1.87 2.51
C HIS A 123 6.13 -2.94 2.22
N LYS A 124 5.68 -4.18 2.06
CA LYS A 124 6.58 -5.29 1.78
C LYS A 124 7.10 -5.21 0.34
N ALA A 125 6.19 -5.01 -0.60
CA ALA A 125 6.56 -4.91 -2.01
C ALA A 125 7.45 -3.70 -2.26
N ALA A 126 6.97 -2.52 -1.87
CA ALA A 126 7.73 -1.29 -2.05
C ALA A 126 9.22 -1.53 -1.88
N LYS A 127 9.57 -2.36 -0.89
CA LYS A 127 10.97 -2.67 -0.62
C LYS A 127 11.66 -3.20 -1.88
N LEU A 128 11.03 -4.17 -2.53
CA LEU A 128 11.58 -4.77 -3.75
C LEU A 128 11.85 -3.70 -4.79
N LEU A 129 10.90 -2.79 -4.96
CA LEU A 129 11.02 -1.71 -5.94
C LEU A 129 12.34 -0.96 -5.75
N TYR A 130 12.57 -0.47 -4.54
CA TYR A 130 13.79 0.26 -4.23
C TYR A 130 14.94 -0.69 -3.91
N GLU A 131 14.78 -1.48 -2.86
CA GLU A 131 15.81 -2.43 -2.45
C GLU A 131 15.91 -3.58 -3.46
N SER A 132 16.87 -4.47 -3.24
CA SER A 132 17.07 -5.61 -4.13
C SER A 132 16.85 -6.93 -3.39
N ARG A 133 17.49 -7.06 -2.24
CA ARG A 133 17.37 -8.27 -1.42
C ARG A 133 17.08 -7.92 0.03
N ASP A 134 16.18 -8.68 0.65
CA ASP A 134 15.81 -8.46 2.04
C ASP A 134 16.03 -9.72 2.86
N GLN A 135 16.69 -9.56 4.01
CA GLN A 135 16.95 -10.70 4.89
C GLN A 135 15.69 -11.16 5.59
N SER A 136 14.91 -11.99 4.91
CA SER A 136 13.65 -12.50 5.47
C SER A 136 13.83 -13.92 5.96
N GLY A 137 13.52 -14.15 7.24
CA GLY A 137 13.64 -15.48 7.81
C GLY A 137 15.08 -15.83 8.14
N PRO A 138 15.55 -15.40 9.31
CA PRO A 138 16.92 -15.66 9.77
C PRO A 138 17.14 -17.13 10.12
N SER A 139 17.64 -17.89 9.15
CA SER A 139 17.89 -19.31 9.36
C SER A 139 16.65 -20.02 9.90
N SER A 140 15.51 -19.73 9.27
CA SER A 140 14.25 -20.33 9.69
C SER A 140 14.28 -21.85 9.52
N GLY A 141 14.48 -22.29 8.28
CA GLY A 141 14.53 -23.71 7.99
C GLY A 141 15.81 -24.11 7.29
N GLY A 1 11.45 -26.12 -20.64
CA GLY A 1 11.65 -26.69 -19.31
C GLY A 1 11.69 -25.63 -18.22
N SER A 2 11.04 -25.93 -17.10
CA SER A 2 11.00 -25.00 -15.98
C SER A 2 12.36 -24.91 -15.28
N SER A 3 13.26 -24.13 -15.84
CA SER A 3 14.60 -23.96 -15.28
C SER A 3 14.52 -23.53 -13.82
N GLY A 4 15.50 -23.97 -13.03
CA GLY A 4 15.53 -23.62 -11.62
C GLY A 4 15.97 -22.18 -11.38
N SER A 5 15.20 -21.23 -11.90
CA SER A 5 15.52 -19.82 -11.75
C SER A 5 14.99 -19.29 -10.42
N SER A 6 15.34 -18.04 -10.11
CA SER A 6 14.90 -17.41 -8.88
C SER A 6 13.50 -16.83 -9.02
N GLY A 7 12.72 -16.87 -7.94
CA GLY A 7 11.37 -16.35 -7.98
C GLY A 7 10.83 -16.05 -6.59
N ALA A 8 10.02 -15.00 -6.49
CA ALA A 8 9.44 -14.61 -5.21
C ALA A 8 8.04 -15.20 -5.04
N GLU A 9 7.97 -16.36 -4.39
CA GLU A 9 6.69 -17.03 -4.16
C GLU A 9 5.94 -16.39 -3.00
N PHE A 10 6.64 -16.20 -1.89
CA PHE A 10 6.04 -15.60 -0.69
C PHE A 10 5.35 -14.27 -1.04
N TYR A 11 5.99 -13.49 -1.91
CA TYR A 11 5.46 -12.21 -2.32
C TYR A 11 4.22 -12.39 -3.20
N ASP A 12 4.24 -13.41 -4.05
CA ASP A 12 3.13 -13.69 -4.94
C ASP A 12 1.82 -13.80 -4.15
N LYS A 13 1.85 -14.59 -3.08
CA LYS A 13 0.67 -14.78 -2.24
C LYS A 13 -0.03 -13.45 -1.98
N GLN A 14 0.72 -12.37 -2.05
CA GLN A 14 0.17 -11.04 -1.82
C GLN A 14 -0.41 -10.46 -3.10
N LEU A 15 0.26 -10.73 -4.22
CA LEU A 15 -0.20 -10.25 -5.52
C LEU A 15 -1.71 -10.39 -5.66
N LYS A 16 -2.23 -11.51 -5.18
CA LYS A 16 -3.67 -11.78 -5.25
C LYS A 16 -4.43 -10.86 -4.31
N VAL A 17 -3.80 -10.51 -3.19
CA VAL A 17 -4.43 -9.65 -2.20
C VAL A 17 -4.39 -8.19 -2.65
N LEU A 18 -3.29 -7.79 -3.26
CA LEU A 18 -3.12 -6.41 -3.74
C LEU A 18 -4.16 -6.10 -4.82
N LEU A 19 -4.27 -6.97 -5.80
CA LEU A 19 -5.22 -6.78 -6.89
C LEU A 19 -6.65 -6.75 -6.37
N SER A 20 -6.98 -7.71 -5.50
CA SER A 20 -8.32 -7.79 -4.93
C SER A 20 -8.88 -6.40 -4.68
N GLY A 21 -8.08 -5.55 -4.03
CA GLY A 21 -8.51 -4.20 -3.74
C GLY A 21 -9.39 -4.12 -2.50
N ALA A 22 -9.07 -3.18 -1.62
CA ALA A 22 -9.83 -3.01 -0.38
C ALA A 22 -10.13 -1.53 -0.12
N THR A 23 -11.29 -1.28 0.48
CA THR A 23 -11.70 0.09 0.79
C THR A 23 -10.87 0.67 1.92
N PHE A 24 -10.55 1.95 1.82
CA PHE A 24 -9.77 2.62 2.85
C PHE A 24 -10.16 4.10 2.96
N LEU A 25 -9.82 4.71 4.09
CA LEU A 25 -10.12 6.12 4.31
C LEU A 25 -8.96 7.01 3.90
N VAL A 26 -9.16 7.78 2.83
CA VAL A 26 -8.13 8.68 2.34
C VAL A 26 -8.42 10.12 2.73
N THR A 27 -7.43 10.80 3.32
CA THR A 27 -7.59 12.18 3.74
C THR A 27 -6.95 13.13 2.74
N PHE A 28 -7.77 13.69 1.85
CA PHE A 28 -7.28 14.62 0.84
C PHE A 28 -6.97 15.99 1.45
N GLY A 29 -6.10 16.73 0.80
CA GLY A 29 -5.73 18.05 1.30
C GLY A 29 -5.65 18.09 2.81
N ASN A 30 -6.52 18.90 3.43
CA ASN A 30 -6.54 19.03 4.88
C ASN A 30 -7.93 18.75 5.44
N SER A 31 -8.60 17.75 4.86
CA SER A 31 -9.94 17.37 5.29
C SER A 31 -9.89 16.52 6.57
N GLU A 32 -10.17 17.15 7.70
CA GLU A 32 -10.15 16.46 8.98
C GLU A 32 -10.70 15.04 8.84
N LYS A 33 -11.72 14.88 7.99
CA LYS A 33 -12.33 13.58 7.76
C LYS A 33 -11.93 13.02 6.40
N PRO A 34 -11.48 11.76 6.38
CA PRO A 34 -11.05 11.09 5.16
C PRO A 34 -12.22 10.78 4.23
N GLU A 35 -11.95 10.05 3.15
CA GLU A 35 -12.98 9.71 2.18
C GLU A 35 -12.84 8.24 1.76
N THR A 36 -13.99 7.56 1.62
CA THR A 36 -14.00 6.17 1.23
C THR A 36 -13.45 5.99 -0.19
N MET A 37 -12.25 5.43 -0.28
CA MET A 37 -11.60 5.20 -1.58
C MET A 37 -11.08 3.78 -1.68
N THR A 38 -10.84 3.33 -2.91
CA THR A 38 -10.34 1.98 -3.15
C THR A 38 -8.88 2.01 -3.57
N CYS A 39 -8.07 1.18 -2.93
CA CYS A 39 -6.64 1.10 -3.25
C CYS A 39 -6.27 -0.29 -3.75
N ARG A 40 -5.90 -0.36 -5.03
CA ARG A 40 -5.52 -1.64 -5.64
C ARG A 40 -4.44 -1.43 -6.69
N LEU A 41 -3.81 -2.52 -7.11
CA LEU A 41 -2.76 -2.46 -8.12
C LEU A 41 -3.27 -2.92 -9.48
N SER A 42 -2.90 -2.20 -10.53
CA SER A 42 -3.33 -2.55 -11.88
C SER A 42 -2.81 -3.92 -12.28
N ASN A 43 -3.37 -4.47 -13.36
CA ASN A 43 -2.97 -5.78 -13.86
C ASN A 43 -1.44 -5.89 -13.91
N ASN A 44 -0.79 -4.82 -14.34
CA ASN A 44 0.66 -4.79 -14.45
C ASN A 44 1.30 -4.79 -13.06
N GLN A 45 0.56 -4.28 -12.08
CA GLN A 45 1.07 -4.21 -10.71
C GLN A 45 2.30 -3.32 -10.63
N ARG A 46 2.26 -2.18 -11.32
CA ARG A 46 3.37 -1.24 -11.33
C ARG A 46 2.92 0.15 -10.88
N TYR A 47 1.61 0.39 -10.96
CA TYR A 47 1.05 1.67 -10.57
C TYR A 47 -0.20 1.49 -9.72
N LEU A 48 -0.43 2.42 -8.81
CA LEU A 48 -1.60 2.36 -7.92
C LEU A 48 -2.71 3.26 -8.43
N PHE A 49 -3.95 2.81 -8.30
CA PHE A 49 -5.10 3.58 -8.74
C PHE A 49 -6.10 3.77 -7.60
N LEU A 50 -6.92 4.80 -7.71
CA LEU A 50 -7.92 5.11 -6.68
C LEU A 50 -9.31 5.23 -7.30
N ASP A 51 -10.34 4.96 -6.50
CA ASP A 51 -11.71 5.05 -6.97
C ASP A 51 -12.60 5.71 -5.92
N GLY A 52 -13.04 6.93 -6.21
CA GLY A 52 -13.89 7.66 -5.28
C GLY A 52 -14.51 8.90 -5.91
N ASP A 53 -14.30 10.04 -5.27
CA ASP A 53 -14.85 11.30 -5.77
C ASP A 53 -14.64 11.42 -7.28
N SER A 54 -13.46 11.04 -7.74
CA SER A 54 -13.13 11.11 -9.15
C SER A 54 -12.02 10.13 -9.51
N HIS A 55 -11.67 10.07 -10.79
CA HIS A 55 -10.62 9.17 -11.26
C HIS A 55 -9.25 9.64 -10.78
N TYR A 56 -8.72 8.96 -9.77
CA TYR A 56 -7.41 9.32 -9.22
C TYR A 56 -6.46 8.12 -9.28
N GLU A 57 -5.16 8.42 -9.24
CA GLU A 57 -4.14 7.37 -9.30
C GLU A 57 -2.83 7.86 -8.69
N ILE A 58 -2.19 7.00 -7.92
CA ILE A 58 -0.91 7.33 -7.28
C ILE A 58 0.26 6.65 -7.99
N GLU A 59 0.94 7.41 -8.84
CA GLU A 59 2.09 6.88 -9.58
C GLU A 59 3.22 6.49 -8.63
N ILE A 60 3.33 5.20 -8.35
CA ILE A 60 4.38 4.71 -7.45
C ILE A 60 5.72 5.38 -7.74
N VAL A 61 6.12 5.36 -9.00
CA VAL A 61 7.38 5.97 -9.41
C VAL A 61 7.66 7.25 -8.62
N HIS A 62 6.60 8.01 -8.35
CA HIS A 62 6.72 9.26 -7.60
C HIS A 62 6.92 8.97 -6.11
N ILE A 63 5.99 8.21 -5.54
CA ILE A 63 6.06 7.86 -4.13
C ILE A 63 7.51 7.71 -3.67
N SER A 64 7.88 8.50 -2.66
CA SER A 64 9.25 8.45 -2.13
C SER A 64 9.29 7.67 -0.83
N THR A 65 8.47 8.08 0.14
CA THR A 65 8.41 7.41 1.44
C THR A 65 7.17 6.54 1.55
N VAL A 66 7.32 5.37 2.17
CA VAL A 66 6.21 4.45 2.35
C VAL A 66 6.31 3.72 3.69
N GLN A 67 5.48 4.12 4.64
CA GLN A 67 5.48 3.50 5.96
C GLN A 67 4.05 3.20 6.41
N ILE A 68 3.93 2.30 7.39
CA ILE A 68 2.63 1.91 7.91
C ILE A 68 2.39 2.51 9.30
N LEU A 69 1.16 2.94 9.54
CA LEU A 69 0.80 3.53 10.83
C LEU A 69 0.20 2.48 11.76
N THR A 70 0.80 2.30 12.93
CA THR A 70 0.32 1.34 13.90
C THR A 70 -0.36 2.03 15.07
N GLU A 71 -1.39 1.38 15.63
CA GLU A 71 -2.12 1.94 16.76
C GLU A 71 -1.24 1.96 18.01
N GLY A 72 -0.24 2.83 18.02
CA GLY A 72 0.65 2.93 19.16
C GLY A 72 2.11 2.80 18.77
N PHE A 73 2.95 3.69 19.32
CA PHE A 73 4.37 3.68 19.02
C PHE A 73 4.95 2.27 19.17
N PRO A 74 5.24 1.63 18.03
CA PRO A 74 5.79 0.27 18.00
C PRO A 74 7.23 0.23 18.50
N PRO A 75 7.50 -0.69 19.45
CA PRO A 75 8.83 -0.85 20.03
C PRO A 75 9.83 -1.44 19.04
N GLY A 76 9.37 -1.70 17.82
CA GLY A 76 10.23 -2.26 16.80
C GLY A 76 9.66 -3.53 16.19
N GLY A 77 9.67 -4.61 16.96
CA GLY A 77 9.16 -5.87 16.48
C GLY A 77 8.13 -6.48 17.42
N GLY A 78 6.90 -6.63 16.94
CA GLY A 78 5.84 -7.20 17.76
C GLY A 78 4.58 -7.46 16.97
N ASN A 79 4.18 -8.73 16.89
CA ASN A 79 2.99 -9.11 16.16
C ASN A 79 1.88 -8.08 16.35
N ALA A 80 1.61 -7.31 15.30
CA ALA A 80 0.57 -6.28 15.35
C ALA A 80 -0.14 -6.15 14.01
N ARG A 81 -1.41 -5.79 14.05
CA ARG A 81 -2.21 -5.62 12.83
C ARG A 81 -2.21 -4.17 12.38
N ALA A 82 -1.70 -3.93 11.19
CA ALA A 82 -1.64 -2.57 10.63
C ALA A 82 -3.04 -1.97 10.53
N THR A 83 -3.29 -0.93 11.32
CA THR A 83 -4.59 -0.27 11.33
C THR A 83 -4.61 0.90 10.35
N GLY A 84 -3.51 1.63 10.27
CA GLY A 84 -3.41 2.76 9.37
C GLY A 84 -2.22 2.67 8.44
N MET A 85 -2.07 3.66 7.57
CA MET A 85 -0.97 3.69 6.63
C MET A 85 -0.54 5.13 6.33
N PHE A 86 0.71 5.29 5.92
CA PHE A 86 1.25 6.62 5.61
C PHE A 86 2.15 6.55 4.38
N LEU A 87 1.88 7.44 3.42
CA LEU A 87 2.67 7.49 2.19
C LEU A 87 3.01 8.92 1.82
N GLN A 88 3.96 9.09 0.91
CA GLN A 88 4.37 10.42 0.47
C GLN A 88 4.68 10.42 -1.03
N TYR A 89 4.19 11.45 -1.72
CA TYR A 89 4.40 11.57 -3.15
C TYR A 89 4.21 13.02 -3.61
N THR A 90 4.83 13.37 -4.74
CA THR A 90 4.73 14.71 -5.29
C THR A 90 3.69 14.78 -6.40
N VAL A 91 2.95 15.89 -6.44
CA VAL A 91 1.93 16.08 -7.47
C VAL A 91 2.34 17.15 -8.47
N PRO A 92 2.07 16.89 -9.76
CA PRO A 92 2.40 17.82 -10.84
C PRO A 92 1.54 19.08 -10.81
N GLY A 93 2.18 20.24 -10.94
CA GLY A 93 1.46 21.49 -10.92
C GLY A 93 1.52 22.18 -9.57
N THR A 94 1.35 21.40 -8.50
CA THR A 94 1.38 21.94 -7.15
C THR A 94 2.81 22.09 -6.65
N GLU A 95 2.98 22.79 -5.53
CA GLU A 95 4.30 23.00 -4.95
C GLU A 95 4.41 22.33 -3.58
N GLY A 96 5.42 21.49 -3.42
CA GLY A 96 5.62 20.80 -2.15
C GLY A 96 5.38 19.32 -2.26
N VAL A 97 5.26 18.65 -1.12
CA VAL A 97 5.03 17.21 -1.09
C VAL A 97 3.68 16.88 -0.46
N THR A 98 2.95 15.97 -1.10
CA THR A 98 1.64 15.56 -0.60
C THR A 98 1.67 14.15 -0.06
N GLN A 99 1.17 13.96 1.16
CA GLN A 99 1.14 12.65 1.79
C GLN A 99 -0.29 12.13 1.90
N LEU A 100 -0.43 10.81 1.81
CA LEU A 100 -1.75 10.19 1.91
C LEU A 100 -1.84 9.28 3.13
N LYS A 101 -3.06 8.99 3.57
CA LYS A 101 -3.28 8.13 4.73
C LYS A 101 -4.43 7.17 4.47
N LEU A 102 -4.32 5.96 5.02
CA LEU A 102 -5.35 4.94 4.86
C LEU A 102 -5.72 4.32 6.20
N THR A 103 -7.01 4.16 6.44
CA THR A 103 -7.49 3.56 7.69
C THR A 103 -8.65 2.61 7.43
N VAL A 104 -8.74 1.57 8.26
CA VAL A 104 -9.80 0.57 8.12
C VAL A 104 -11.16 1.18 8.44
N VAL A 105 -12.13 0.95 7.55
CA VAL A 105 -13.47 1.47 7.73
C VAL A 105 -14.37 0.45 8.43
N GLU A 106 -15.19 0.93 9.36
CA GLU A 106 -16.09 0.06 10.10
C GLU A 106 -17.42 -0.08 9.37
N ASP A 107 -17.36 -0.18 8.05
CA ASP A 107 -18.56 -0.32 7.24
C ASP A 107 -18.96 -1.79 7.11
N VAL A 108 -20.14 -2.03 6.55
CA VAL A 108 -20.63 -3.39 6.37
C VAL A 108 -19.59 -4.27 5.71
N THR A 109 -19.82 -5.58 5.74
CA THR A 109 -18.90 -6.54 5.14
C THR A 109 -17.53 -6.48 5.81
N VAL A 110 -17.53 -6.15 7.10
CA VAL A 110 -16.29 -6.07 7.86
C VAL A 110 -15.28 -7.09 7.38
N GLY A 111 -14.04 -6.65 7.16
CA GLY A 111 -13.00 -7.55 6.69
C GLY A 111 -11.62 -7.11 7.13
N ARG A 112 -11.41 -7.01 8.43
CA ARG A 112 -10.12 -6.58 8.98
C ARG A 112 -8.98 -7.32 8.29
N ARG A 113 -9.04 -8.65 8.30
CA ARG A 113 -8.01 -9.47 7.68
C ARG A 113 -7.69 -8.97 6.28
N GLN A 114 -8.74 -8.63 5.53
CA GLN A 114 -8.56 -8.15 4.16
C GLN A 114 -7.81 -6.82 4.15
N ALA A 115 -8.40 -5.80 4.76
CA ALA A 115 -7.79 -4.49 4.82
C ALA A 115 -6.32 -4.58 5.21
N VAL A 116 -6.08 -5.07 6.43
CA VAL A 116 -4.71 -5.21 6.93
C VAL A 116 -3.82 -5.91 5.91
N ALA A 117 -4.34 -6.96 5.30
CA ALA A 117 -3.59 -7.71 4.30
C ALA A 117 -2.99 -6.78 3.25
N TRP A 118 -3.83 -5.90 2.70
CA TRP A 118 -3.38 -4.95 1.68
C TRP A 118 -2.36 -3.99 2.26
N LEU A 119 -2.67 -3.42 3.41
CA LEU A 119 -1.79 -2.46 4.07
C LEU A 119 -0.37 -3.03 4.18
N VAL A 120 -0.28 -4.28 4.61
CA VAL A 120 1.02 -4.94 4.75
C VAL A 120 1.60 -5.32 3.39
N ALA A 121 0.73 -5.72 2.47
CA ALA A 121 1.14 -6.11 1.13
C ALA A 121 1.90 -4.97 0.45
N MET A 122 1.28 -3.79 0.38
CA MET A 122 1.89 -2.64 -0.25
C MET A 122 3.31 -2.43 0.27
N HIS A 123 3.43 -2.20 1.57
CA HIS A 123 4.73 -1.99 2.20
C HIS A 123 5.74 -3.02 1.72
N LYS A 124 5.36 -4.29 1.74
CA LYS A 124 6.22 -5.37 1.31
C LYS A 124 6.76 -5.11 -0.10
N ALA A 125 5.86 -4.74 -1.00
CA ALA A 125 6.24 -4.45 -2.38
C ALA A 125 7.18 -3.26 -2.46
N ALA A 126 6.83 -2.19 -1.75
CA ALA A 126 7.65 -0.98 -1.74
C ALA A 126 9.11 -1.31 -1.42
N LYS A 127 9.31 -2.16 -0.42
CA LYS A 127 10.66 -2.55 -0.02
C LYS A 127 11.44 -3.08 -1.21
N LEU A 128 10.85 -4.00 -1.95
CA LEU A 128 11.49 -4.59 -3.12
C LEU A 128 11.78 -3.52 -4.17
N LEU A 129 10.82 -2.63 -4.39
CA LEU A 129 10.98 -1.56 -5.36
C LEU A 129 12.30 -0.83 -5.17
N TYR A 130 12.49 -0.26 -3.99
CA TYR A 130 13.72 0.47 -3.68
C TYR A 130 14.83 -0.49 -3.28
N GLU A 131 14.62 -1.21 -2.18
CA GLU A 131 15.61 -2.17 -1.69
C GLU A 131 15.29 -3.57 -2.18
N SER A 132 16.17 -4.52 -1.87
CA SER A 132 16.00 -5.90 -2.29
C SER A 132 16.39 -6.86 -1.17
N ARG A 133 15.88 -8.09 -1.24
CA ARG A 133 16.16 -9.10 -0.24
C ARG A 133 16.78 -10.34 -0.88
N ASP A 134 17.99 -10.68 -0.45
CA ASP A 134 18.68 -11.86 -0.98
C ASP A 134 18.83 -12.93 0.09
N GLN A 135 17.80 -13.76 0.24
CA GLN A 135 17.82 -14.84 1.22
C GLN A 135 17.87 -16.19 0.55
N SER A 136 18.15 -17.24 1.33
CA SER A 136 18.24 -18.59 0.81
C SER A 136 17.42 -19.55 1.65
N GLY A 137 16.97 -20.64 1.04
CA GLY A 137 16.17 -21.62 1.75
C GLY A 137 14.69 -21.36 1.64
N PRO A 138 13.88 -22.41 1.80
CA PRO A 138 12.42 -22.32 1.72
C PRO A 138 11.83 -21.57 2.91
N SER A 139 10.58 -21.14 2.77
CA SER A 139 9.90 -20.40 3.83
C SER A 139 8.53 -21.00 4.11
N SER A 140 8.32 -21.45 5.35
CA SER A 140 7.06 -22.05 5.75
C SER A 140 6.32 -21.16 6.75
N GLY A 141 5.46 -20.29 6.25
CA GLY A 141 4.71 -19.39 7.11
C GLY A 141 3.64 -18.64 6.36
N GLY A 1 17.14 -6.11 -17.60
CA GLY A 1 16.92 -7.42 -18.17
C GLY A 1 15.52 -7.94 -17.90
N SER A 2 14.61 -7.70 -18.83
CA SER A 2 13.22 -8.14 -18.68
C SER A 2 13.09 -9.62 -18.99
N SER A 3 12.34 -10.33 -18.16
CA SER A 3 12.13 -11.76 -18.34
C SER A 3 10.86 -12.22 -17.62
N GLY A 4 10.20 -13.23 -18.18
CA GLY A 4 8.98 -13.75 -17.59
C GLY A 4 9.25 -14.82 -16.56
N SER A 5 10.11 -14.51 -15.59
CA SER A 5 10.46 -15.47 -14.55
C SER A 5 9.26 -15.75 -13.66
N SER A 6 8.61 -16.88 -13.91
CA SER A 6 7.43 -17.27 -13.13
C SER A 6 7.85 -17.95 -11.83
N GLY A 7 7.03 -17.78 -10.80
CA GLY A 7 7.33 -18.38 -9.50
C GLY A 7 7.11 -17.41 -8.36
N ALA A 8 8.04 -17.41 -7.40
CA ALA A 8 7.95 -16.54 -6.25
C ALA A 8 6.67 -16.80 -5.46
N GLU A 9 6.31 -18.06 -5.32
CA GLU A 9 5.10 -18.43 -4.60
C GLU A 9 4.87 -17.50 -3.41
N PHE A 10 5.84 -17.44 -2.50
CA PHE A 10 5.74 -16.57 -1.33
C PHE A 10 5.17 -15.22 -1.70
N TYR A 11 5.79 -14.55 -2.66
CA TYR A 11 5.34 -13.24 -3.10
C TYR A 11 3.92 -13.30 -3.65
N ASP A 12 3.69 -14.21 -4.59
CA ASP A 12 2.38 -14.39 -5.19
C ASP A 12 1.28 -14.20 -4.15
N LYS A 13 1.60 -14.49 -2.90
CA LYS A 13 0.65 -14.36 -1.80
C LYS A 13 0.21 -12.91 -1.64
N GLN A 14 1.16 -12.02 -1.38
CA GLN A 14 0.86 -10.61 -1.20
C GLN A 14 0.44 -9.97 -2.51
N LEU A 15 0.74 -10.65 -3.62
CA LEU A 15 0.39 -10.15 -4.95
C LEU A 15 -1.12 -10.15 -5.14
N LYS A 16 -1.69 -11.34 -5.29
CA LYS A 16 -3.12 -11.49 -5.48
C LYS A 16 -3.90 -10.64 -4.48
N VAL A 17 -3.40 -10.60 -3.25
CA VAL A 17 -4.04 -9.82 -2.19
C VAL A 17 -4.08 -8.34 -2.53
N LEU A 18 -2.96 -7.84 -3.04
CA LEU A 18 -2.86 -6.42 -3.41
C LEU A 18 -3.77 -6.12 -4.59
N LEU A 19 -3.53 -6.77 -5.72
CA LEU A 19 -4.33 -6.57 -6.92
C LEU A 19 -5.80 -6.40 -6.57
N SER A 20 -6.34 -7.37 -5.84
CA SER A 20 -7.74 -7.33 -5.43
C SER A 20 -8.13 -5.93 -4.95
N GLY A 21 -7.36 -5.41 -4.00
CA GLY A 21 -7.64 -4.08 -3.47
C GLY A 21 -8.49 -4.14 -2.21
N ALA A 22 -8.38 -3.11 -1.38
CA ALA A 22 -9.14 -3.03 -0.15
C ALA A 22 -9.69 -1.63 0.09
N THR A 23 -10.93 -1.55 0.56
CA THR A 23 -11.56 -0.26 0.82
C THR A 23 -10.91 0.44 2.01
N PHE A 24 -10.57 1.71 1.82
CA PHE A 24 -9.94 2.50 2.87
C PHE A 24 -10.47 3.93 2.88
N LEU A 25 -10.07 4.69 3.88
CA LEU A 25 -10.51 6.08 4.00
C LEU A 25 -9.38 7.04 3.63
N VAL A 26 -9.59 7.82 2.57
CA VAL A 26 -8.60 8.77 2.11
C VAL A 26 -8.96 10.19 2.56
N THR A 27 -7.96 10.89 3.10
CA THR A 27 -8.17 12.25 3.58
C THR A 27 -7.27 13.24 2.82
N PHE A 28 -7.85 14.37 2.43
CA PHE A 28 -7.12 15.39 1.70
C PHE A 28 -6.97 16.66 2.53
N GLY A 29 -6.00 17.49 2.18
CA GLY A 29 -5.77 18.73 2.90
C GLY A 29 -6.93 19.70 2.78
N ASN A 30 -7.85 19.40 1.86
CA ASN A 30 -9.01 20.25 1.64
C ASN A 30 -10.22 19.73 2.39
N SER A 31 -10.34 18.41 2.47
CA SER A 31 -11.46 17.78 3.16
C SER A 31 -11.06 17.38 4.57
N GLU A 32 -11.76 17.94 5.56
CA GLU A 32 -11.49 17.66 6.96
C GLU A 32 -12.09 16.31 7.36
N LYS A 33 -12.87 15.72 6.46
CA LYS A 33 -13.49 14.43 6.72
C LYS A 33 -13.02 13.38 5.73
N PRO A 34 -12.76 12.16 6.22
CA PRO A 34 -12.30 11.05 5.39
C PRO A 34 -13.39 10.54 4.46
N GLU A 35 -12.98 10.11 3.26
CA GLU A 35 -13.93 9.60 2.27
C GLU A 35 -13.60 8.15 1.91
N THR A 36 -14.63 7.34 1.74
CA THR A 36 -14.46 5.94 1.39
C THR A 36 -13.98 5.79 -0.04
N MET A 37 -12.72 5.37 -0.20
CA MET A 37 -12.13 5.19 -1.52
C MET A 37 -11.50 3.81 -1.65
N THR A 38 -11.41 3.30 -2.87
CA THR A 38 -10.82 2.00 -3.13
C THR A 38 -9.34 2.11 -3.46
N CYS A 39 -8.57 1.10 -3.06
CA CYS A 39 -7.13 1.10 -3.32
C CYS A 39 -6.68 -0.27 -3.83
N ARG A 40 -5.99 -0.27 -4.97
CA ARG A 40 -5.51 -1.50 -5.56
C ARG A 40 -4.31 -1.24 -6.47
N LEU A 41 -3.60 -2.30 -6.85
CA LEU A 41 -2.44 -2.18 -7.72
C LEU A 41 -2.77 -2.61 -9.14
N SER A 42 -2.07 -2.02 -10.10
CA SER A 42 -2.29 -2.34 -11.51
C SER A 42 -1.87 -3.78 -11.81
N ASN A 43 -2.22 -4.25 -13.01
CA ASN A 43 -1.88 -5.61 -13.42
C ASN A 43 -0.41 -5.91 -13.14
N ASN A 44 0.45 -4.93 -13.39
CA ASN A 44 1.89 -5.08 -13.16
C ASN A 44 2.27 -4.61 -11.77
N GLN A 45 1.35 -3.90 -11.12
CA GLN A 45 1.60 -3.39 -9.77
C GLN A 45 2.70 -2.34 -9.77
N ARG A 46 2.69 -1.48 -10.80
CA ARG A 46 3.68 -0.43 -10.92
C ARG A 46 3.10 0.93 -10.54
N TYR A 47 1.77 1.02 -10.56
CA TYR A 47 1.09 2.25 -10.22
C TYR A 47 -0.10 1.99 -9.30
N LEU A 48 -0.49 3.00 -8.53
CA LEU A 48 -1.60 2.87 -7.61
C LEU A 48 -2.82 3.62 -8.12
N PHE A 49 -4.00 3.02 -7.95
CA PHE A 49 -5.25 3.64 -8.41
C PHE A 49 -6.19 3.89 -7.23
N LEU A 50 -6.94 4.98 -7.30
CA LEU A 50 -7.88 5.33 -6.25
C LEU A 50 -9.25 5.69 -6.82
N ASP A 51 -10.26 4.94 -6.43
CA ASP A 51 -11.62 5.17 -6.91
C ASP A 51 -12.51 5.68 -5.78
N GLY A 52 -13.35 6.67 -6.10
CA GLY A 52 -14.24 7.24 -5.11
C GLY A 52 -14.74 8.61 -5.50
N ASP A 53 -14.70 9.55 -4.55
CA ASP A 53 -15.15 10.91 -4.81
C ASP A 53 -14.70 11.38 -6.18
N SER A 54 -13.42 11.17 -6.49
CA SER A 54 -12.87 11.58 -7.77
C SER A 54 -11.80 10.60 -8.25
N HIS A 55 -11.55 10.60 -9.55
CA HIS A 55 -10.55 9.70 -10.12
C HIS A 55 -9.14 10.18 -9.79
N TYR A 56 -8.42 9.37 -9.01
CA TYR A 56 -7.05 9.71 -8.61
C TYR A 56 -6.08 8.60 -9.02
N GLU A 57 -4.84 8.99 -9.28
CA GLU A 57 -3.81 8.02 -9.66
C GLU A 57 -2.44 8.45 -9.13
N ILE A 58 -1.91 7.66 -8.21
CA ILE A 58 -0.61 7.95 -7.61
C ILE A 58 0.46 6.98 -8.11
N GLU A 59 1.28 7.44 -9.04
CA GLU A 59 2.34 6.60 -9.59
C GLU A 59 3.45 6.37 -8.57
N ILE A 60 3.86 5.11 -8.43
CA ILE A 60 4.91 4.76 -7.49
C ILE A 60 6.23 5.40 -7.87
N VAL A 61 6.28 6.00 -9.05
CA VAL A 61 7.49 6.66 -9.54
C VAL A 61 7.68 8.02 -8.87
N HIS A 62 6.57 8.63 -8.46
CA HIS A 62 6.63 9.93 -7.80
C HIS A 62 6.73 9.78 -6.29
N ILE A 63 6.26 8.65 -5.78
CA ILE A 63 6.30 8.37 -4.35
C ILE A 63 7.75 8.34 -3.84
N SER A 64 7.98 8.98 -2.70
CA SER A 64 9.31 9.03 -2.11
C SER A 64 9.36 8.22 -0.82
N THR A 65 8.46 8.53 0.10
CA THR A 65 8.39 7.85 1.38
C THR A 65 7.16 6.95 1.47
N VAL A 66 7.33 5.78 2.07
CA VAL A 66 6.22 4.84 2.22
C VAL A 66 6.29 4.11 3.55
N GLN A 67 5.40 4.48 4.47
CA GLN A 67 5.37 3.86 5.79
C GLN A 67 3.93 3.58 6.23
N ILE A 68 3.76 2.62 7.14
CA ILE A 68 2.44 2.27 7.64
C ILE A 68 2.21 2.83 9.03
N LEU A 69 1.01 3.37 9.26
CA LEU A 69 0.66 3.94 10.55
C LEU A 69 0.15 2.87 11.50
N THR A 70 0.93 2.57 12.53
CA THR A 70 0.55 1.56 13.52
C THR A 70 0.55 2.14 14.93
N GLU A 71 -0.65 2.31 15.48
CA GLU A 71 -0.78 2.86 16.83
C GLU A 71 0.15 2.16 17.80
N GLY A 72 0.58 2.89 18.82
CA GLY A 72 1.49 2.32 19.81
C GLY A 72 2.71 3.19 20.04
N PHE A 73 2.53 4.26 20.81
CA PHE A 73 3.64 5.18 21.10
C PHE A 73 4.87 4.41 21.53
N PRO A 74 4.75 3.65 22.62
CA PRO A 74 5.86 2.85 23.16
C PRO A 74 6.22 1.67 22.26
N PRO A 75 7.37 1.04 22.55
CA PRO A 75 7.85 -0.11 21.78
C PRO A 75 6.99 -1.36 22.00
N GLY A 76 7.08 -2.31 21.07
CA GLY A 76 6.32 -3.53 21.19
C GLY A 76 7.12 -4.76 20.80
N GLY A 77 6.57 -5.56 19.90
CA GLY A 77 7.26 -6.77 19.46
C GLY A 77 6.30 -7.79 18.87
N GLY A 78 5.16 -7.98 19.51
CA GLY A 78 4.18 -8.94 19.02
C GLY A 78 2.83 -8.30 18.77
N ASN A 79 2.39 -7.46 19.69
CA ASN A 79 1.10 -6.79 19.55
C ASN A 79 1.21 -5.56 18.66
N ALA A 80 0.59 -5.64 17.49
CA ALA A 80 0.62 -4.53 16.54
C ALA A 80 -0.40 -4.74 15.42
N ARG A 81 -1.37 -3.83 15.34
CA ARG A 81 -2.41 -3.90 14.32
C ARG A 81 -2.39 -2.67 13.43
N ALA A 82 -2.31 -2.88 12.12
CA ALA A 82 -2.30 -1.78 11.17
C ALA A 82 -3.59 -0.99 11.22
N THR A 83 -3.50 0.29 11.60
CA THR A 83 -4.66 1.15 11.71
C THR A 83 -4.78 2.04 10.48
N GLY A 84 -3.65 2.30 9.83
CA GLY A 84 -3.65 3.15 8.64
C GLY A 84 -2.32 3.12 7.91
N MET A 85 -2.29 3.70 6.72
CA MET A 85 -1.07 3.73 5.91
C MET A 85 -0.70 5.17 5.57
N PHE A 86 0.61 5.42 5.47
CA PHE A 86 1.10 6.76 5.15
C PHE A 86 2.01 6.72 3.94
N LEU A 87 1.64 7.47 2.89
CA LEU A 87 2.43 7.53 1.67
C LEU A 87 2.67 8.97 1.25
N GLN A 88 3.88 9.23 0.75
CA GLN A 88 4.25 10.57 0.31
C GLN A 88 4.56 10.59 -1.18
N TYR A 89 4.10 11.64 -1.86
CA TYR A 89 4.33 11.77 -3.30
C TYR A 89 4.21 13.23 -3.73
N THR A 90 5.00 13.61 -4.73
CA THR A 90 5.00 14.98 -5.24
C THR A 90 4.09 15.10 -6.46
N VAL A 91 3.31 16.17 -6.50
CA VAL A 91 2.39 16.41 -7.62
C VAL A 91 3.10 17.12 -8.77
N PRO A 92 2.88 16.63 -10.00
CA PRO A 92 3.49 17.21 -11.19
C PRO A 92 2.92 18.58 -11.53
N GLY A 93 3.69 19.63 -11.25
CA GLY A 93 3.24 20.98 -11.53
C GLY A 93 2.84 21.72 -10.28
N THR A 94 3.35 21.27 -9.13
CA THR A 94 3.04 21.91 -7.86
C THR A 94 4.25 21.90 -6.94
N GLU A 95 4.39 22.95 -6.13
CA GLU A 95 5.50 23.06 -5.21
C GLU A 95 5.16 22.45 -3.86
N GLY A 96 5.97 21.50 -3.41
CA GLY A 96 5.73 20.85 -2.14
C GLY A 96 5.34 19.39 -2.30
N VAL A 97 5.49 18.62 -1.22
CA VAL A 97 5.15 17.20 -1.25
C VAL A 97 3.83 16.94 -0.53
N THR A 98 3.03 16.03 -1.09
CA THR A 98 1.74 15.69 -0.50
C THR A 98 1.79 14.33 0.17
N GLN A 99 0.92 14.14 1.16
CA GLN A 99 0.87 12.87 1.90
C GLN A 99 -0.50 12.23 1.76
N LEU A 100 -0.59 10.94 2.10
CA LEU A 100 -1.84 10.20 2.02
C LEU A 100 -2.04 9.33 3.26
N LYS A 101 -3.26 9.33 3.78
CA LYS A 101 -3.59 8.54 4.96
C LYS A 101 -4.76 7.60 4.68
N LEU A 102 -4.62 6.35 5.09
CA LEU A 102 -5.66 5.37 4.89
C LEU A 102 -6.09 4.75 6.21
N THR A 103 -7.35 4.30 6.27
CA THR A 103 -7.88 3.69 7.49
C THR A 103 -8.79 2.52 7.15
N VAL A 104 -8.81 1.51 8.03
CA VAL A 104 -9.64 0.33 7.82
C VAL A 104 -11.11 0.65 8.05
N VAL A 105 -11.94 0.37 7.06
CA VAL A 105 -13.38 0.63 7.16
C VAL A 105 -14.18 -0.66 7.07
N GLU A 106 -13.47 -1.78 7.11
CA GLU A 106 -14.12 -3.09 7.03
C GLU A 106 -13.83 -3.92 8.28
N ASP A 107 -14.69 -3.78 9.29
CA ASP A 107 -14.53 -4.51 10.53
C ASP A 107 -15.64 -5.54 10.71
N VAL A 108 -15.59 -6.60 9.91
CA VAL A 108 -16.59 -7.66 9.97
C VAL A 108 -15.95 -9.02 10.16
N THR A 109 -16.77 -10.07 10.14
CA THR A 109 -16.27 -11.43 10.30
C THR A 109 -14.93 -11.62 9.60
N VAL A 110 -14.90 -11.33 8.30
CA VAL A 110 -13.68 -11.46 7.52
C VAL A 110 -13.36 -10.17 6.78
N GLY A 111 -13.02 -9.12 7.53
CA GLY A 111 -12.70 -7.84 6.93
C GLY A 111 -11.32 -7.37 7.31
N ARG A 112 -11.09 -7.17 8.61
CA ARG A 112 -9.80 -6.71 9.10
C ARG A 112 -8.66 -7.43 8.40
N ARG A 113 -8.75 -8.74 8.34
CA ARG A 113 -7.72 -9.56 7.71
C ARG A 113 -7.39 -9.02 6.31
N GLN A 114 -8.41 -8.91 5.47
CA GLN A 114 -8.23 -8.41 4.11
C GLN A 114 -7.49 -7.07 4.12
N ALA A 115 -8.13 -6.05 4.71
CA ALA A 115 -7.53 -4.73 4.78
C ALA A 115 -6.06 -4.81 5.18
N VAL A 116 -5.81 -5.20 6.42
CA VAL A 116 -4.44 -5.32 6.93
C VAL A 116 -3.53 -5.98 5.90
N ALA A 117 -3.96 -7.12 5.38
CA ALA A 117 -3.19 -7.84 4.37
C ALA A 117 -2.66 -6.90 3.29
N TRP A 118 -3.55 -6.07 2.77
CA TRP A 118 -3.18 -5.11 1.72
C TRP A 118 -2.21 -4.06 2.27
N LEU A 119 -2.54 -3.52 3.44
CA LEU A 119 -1.70 -2.50 4.07
C LEU A 119 -0.26 -2.99 4.19
N VAL A 120 -0.07 -4.14 4.82
CA VAL A 120 1.25 -4.71 5.01
C VAL A 120 1.85 -5.14 3.67
N ALA A 121 1.03 -5.79 2.85
CA ALA A 121 1.48 -6.27 1.54
C ALA A 121 2.02 -5.11 0.69
N MET A 122 1.51 -3.91 0.96
CA MET A 122 1.94 -2.73 0.22
C MET A 122 3.38 -2.37 0.56
N HIS A 123 3.62 -2.06 1.83
CA HIS A 123 4.95 -1.69 2.30
C HIS A 123 5.95 -2.81 1.99
N LYS A 124 5.57 -4.03 2.34
CA LYS A 124 6.44 -5.19 2.12
C LYS A 124 6.84 -5.28 0.65
N ALA A 125 5.86 -5.23 -0.24
CA ALA A 125 6.12 -5.31 -1.67
C ALA A 125 6.74 -4.01 -2.19
N ALA A 126 6.55 -2.93 -1.45
CA ALA A 126 7.09 -1.63 -1.83
C ALA A 126 8.59 -1.59 -1.63
N LYS A 127 9.09 -2.46 -0.76
CA LYS A 127 10.53 -2.52 -0.48
C LYS A 127 11.30 -3.10 -1.67
N LEU A 128 10.92 -4.31 -2.08
CA LEU A 128 11.57 -4.96 -3.21
C LEU A 128 11.91 -3.96 -4.30
N LEU A 129 11.06 -2.94 -4.45
CA LEU A 129 11.27 -1.92 -5.46
C LEU A 129 12.63 -1.24 -5.29
N TYR A 130 12.82 -0.60 -4.13
CA TYR A 130 14.07 0.08 -3.83
C TYR A 130 14.98 -0.80 -2.99
N GLU A 131 14.46 -1.27 -1.86
CA GLU A 131 15.23 -2.13 -0.96
C GLU A 131 16.03 -3.15 -1.75
N SER A 132 15.58 -3.46 -2.96
CA SER A 132 16.25 -4.44 -3.80
C SER A 132 17.74 -4.16 -3.86
N ARG A 133 18.52 -5.18 -4.23
CA ARG A 133 19.96 -5.05 -4.33
C ARG A 133 20.41 -4.95 -5.79
N ASP A 134 21.45 -4.17 -6.03
CA ASP A 134 21.97 -4.00 -7.39
C ASP A 134 22.57 -5.30 -7.91
N GLN A 135 22.32 -5.58 -9.18
CA GLN A 135 22.83 -6.80 -9.81
C GLN A 135 24.31 -6.66 -10.12
N SER A 136 24.68 -5.57 -10.79
CA SER A 136 26.06 -5.32 -11.16
C SER A 136 26.97 -5.36 -9.93
N GLY A 137 26.47 -4.84 -8.82
CA GLY A 137 27.24 -4.83 -7.59
C GLY A 137 26.75 -5.85 -6.59
N PRO A 138 27.21 -7.10 -6.72
CA PRO A 138 26.82 -8.19 -5.82
C PRO A 138 27.41 -8.03 -4.43
N SER A 139 28.14 -6.93 -4.22
CA SER A 139 28.75 -6.65 -2.92
C SER A 139 27.74 -6.03 -1.96
N SER A 140 27.45 -6.74 -0.88
CA SER A 140 26.50 -6.27 0.12
C SER A 140 27.23 -5.67 1.32
N GLY A 141 26.99 -4.39 1.57
CA GLY A 141 27.63 -3.72 2.69
C GLY A 141 26.72 -3.60 3.90
N GLY A 1 3.14 -36.81 -1.35
CA GLY A 1 4.33 -36.80 -2.17
C GLY A 1 4.08 -36.22 -3.55
N SER A 2 4.23 -34.90 -3.67
CA SER A 2 4.02 -34.22 -4.94
C SER A 2 5.29 -33.52 -5.41
N SER A 3 6.02 -34.17 -6.29
CA SER A 3 7.27 -33.61 -6.82
C SER A 3 6.99 -32.59 -7.91
N GLY A 4 7.59 -31.41 -7.78
CA GLY A 4 7.39 -30.36 -8.76
C GLY A 4 6.61 -29.19 -8.21
N SER A 5 5.50 -29.50 -7.54
CA SER A 5 4.65 -28.45 -6.97
C SER A 5 5.49 -27.30 -6.43
N SER A 6 5.35 -26.13 -7.07
CA SER A 6 6.10 -24.95 -6.66
C SER A 6 5.47 -24.31 -5.42
N GLY A 7 6.31 -24.01 -4.45
CA GLY A 7 5.82 -23.40 -3.22
C GLY A 7 5.96 -21.89 -3.23
N ALA A 8 5.16 -21.23 -4.08
CA ALA A 8 5.20 -19.78 -4.19
C ALA A 8 3.91 -19.16 -3.69
N GLU A 9 3.87 -18.81 -2.40
CA GLU A 9 2.70 -18.21 -1.81
C GLU A 9 3.07 -16.97 -1.00
N PHE A 10 4.18 -17.05 -0.26
CA PHE A 10 4.64 -15.93 0.54
C PHE A 10 4.38 -14.60 -0.15
N TYR A 11 4.76 -14.54 -1.43
CA TYR A 11 4.56 -13.32 -2.21
C TYR A 11 3.26 -13.37 -3.00
N ASP A 12 3.08 -14.44 -3.77
CA ASP A 12 1.88 -14.61 -4.58
C ASP A 12 0.64 -14.18 -3.79
N LYS A 13 0.50 -14.69 -2.57
CA LYS A 13 -0.63 -14.35 -1.73
C LYS A 13 -0.69 -12.84 -1.48
N GLN A 14 0.46 -12.21 -1.42
CA GLN A 14 0.54 -10.77 -1.19
C GLN A 14 0.20 -9.99 -2.45
N LEU A 15 0.93 -10.27 -3.53
CA LEU A 15 0.71 -9.61 -4.80
C LEU A 15 -0.75 -9.75 -5.25
N LYS A 16 -1.29 -10.96 -5.10
CA LYS A 16 -2.67 -11.23 -5.49
C LYS A 16 -3.63 -10.34 -4.70
N VAL A 17 -3.32 -10.10 -3.43
CA VAL A 17 -4.15 -9.26 -2.58
C VAL A 17 -4.13 -7.80 -3.03
N LEU A 18 -2.93 -7.32 -3.37
CA LEU A 18 -2.77 -5.94 -3.82
C LEU A 18 -3.63 -5.67 -5.06
N LEU A 19 -3.65 -6.63 -5.98
CA LEU A 19 -4.43 -6.49 -7.20
C LEU A 19 -5.92 -6.49 -6.89
N SER A 20 -6.37 -7.48 -6.13
CA SER A 20 -7.78 -7.59 -5.77
C SER A 20 -8.37 -6.22 -5.44
N GLY A 21 -7.63 -5.44 -4.65
CA GLY A 21 -8.09 -4.12 -4.28
C GLY A 21 -8.92 -4.13 -3.00
N ALA A 22 -8.53 -3.31 -2.04
CA ALA A 22 -9.24 -3.23 -0.77
C ALA A 22 -9.76 -1.81 -0.52
N THR A 23 -10.67 -1.68 0.44
CA THR A 23 -11.24 -0.38 0.78
C THR A 23 -10.51 0.26 1.95
N PHE A 24 -10.41 1.58 1.93
CA PHE A 24 -9.74 2.32 3.00
C PHE A 24 -10.23 3.75 3.07
N LEU A 25 -10.20 4.33 4.27
CA LEU A 25 -10.64 5.71 4.46
C LEU A 25 -9.52 6.69 4.15
N VAL A 26 -9.61 7.35 3.00
CA VAL A 26 -8.61 8.32 2.58
C VAL A 26 -9.00 9.72 3.02
N THR A 27 -8.28 10.25 4.00
CA THR A 27 -8.55 11.59 4.51
C THR A 27 -7.67 12.63 3.81
N PHE A 28 -8.32 13.62 3.21
CA PHE A 28 -7.60 14.67 2.50
C PHE A 28 -7.28 15.83 3.43
N GLY A 29 -6.10 16.43 3.27
CA GLY A 29 -5.70 17.54 4.10
C GLY A 29 -6.56 18.77 3.88
N ASN A 30 -7.04 18.94 2.65
CA ASN A 30 -7.88 20.09 2.32
C ASN A 30 -9.27 19.94 2.92
N SER A 31 -9.82 18.72 2.84
CA SER A 31 -11.15 18.45 3.39
C SER A 31 -11.05 17.91 4.81
N GLU A 32 -9.84 17.63 5.25
CA GLU A 32 -9.60 17.10 6.59
C GLU A 32 -10.69 16.09 6.97
N LYS A 33 -11.29 15.49 5.95
CA LYS A 33 -12.34 14.50 6.18
C LYS A 33 -12.04 13.20 5.41
N PRO A 34 -12.26 12.06 6.08
CA PRO A 34 -12.03 10.75 5.47
C PRO A 34 -13.04 10.41 4.38
N GLU A 35 -12.67 9.48 3.51
CA GLU A 35 -13.55 9.07 2.42
C GLU A 35 -13.32 7.60 2.06
N THR A 36 -14.41 6.92 1.70
CA THR A 36 -14.34 5.51 1.33
C THR A 36 -13.81 5.33 -0.09
N MET A 37 -12.55 4.92 -0.21
CA MET A 37 -11.94 4.70 -1.51
C MET A 37 -11.26 3.35 -1.57
N THR A 38 -10.86 2.94 -2.78
CA THR A 38 -10.21 1.66 -2.97
C THR A 38 -8.77 1.84 -3.45
N CYS A 39 -7.83 1.15 -2.80
CA CYS A 39 -6.43 1.24 -3.16
C CYS A 39 -5.91 -0.10 -3.67
N ARG A 40 -5.54 -0.15 -4.94
CA ARG A 40 -5.04 -1.37 -5.55
C ARG A 40 -3.82 -1.09 -6.41
N LEU A 41 -3.08 -2.14 -6.76
CA LEU A 41 -1.89 -2.01 -7.57
C LEU A 41 -2.17 -2.43 -9.02
N SER A 42 -1.50 -1.76 -9.96
CA SER A 42 -1.68 -2.04 -11.38
C SER A 42 -1.29 -3.49 -11.69
N ASN A 43 -1.46 -3.88 -12.94
CA ASN A 43 -1.13 -5.24 -13.36
C ASN A 43 0.30 -5.61 -12.95
N ASN A 44 1.23 -4.68 -13.16
CA ASN A 44 2.62 -4.91 -12.81
C ASN A 44 2.99 -4.16 -11.54
N GLN A 45 1.98 -3.85 -10.73
CA GLN A 45 2.20 -3.14 -9.47
C GLN A 45 3.23 -2.02 -9.65
N ARG A 46 3.08 -1.26 -10.72
CA ARG A 46 3.99 -0.16 -11.00
C ARG A 46 3.32 1.18 -10.77
N TYR A 47 1.99 1.21 -10.89
CA TYR A 47 1.23 2.43 -10.68
C TYR A 47 0.04 2.18 -9.77
N LEU A 48 -0.28 3.17 -8.95
CA LEU A 48 -1.39 3.07 -8.01
C LEU A 48 -2.61 3.84 -8.52
N PHE A 49 -3.78 3.46 -8.04
CA PHE A 49 -5.03 4.10 -8.45
C PHE A 49 -6.05 4.10 -7.31
N LEU A 50 -6.98 5.05 -7.36
CA LEU A 50 -8.01 5.15 -6.34
C LEU A 50 -9.40 5.23 -6.97
N ASP A 51 -10.42 4.92 -6.18
CA ASP A 51 -11.79 4.96 -6.66
C ASP A 51 -12.71 5.63 -5.63
N GLY A 52 -13.41 6.66 -6.06
CA GLY A 52 -14.31 7.38 -5.17
C GLY A 52 -14.85 8.65 -5.78
N ASP A 53 -14.84 9.73 -5.00
CA ASP A 53 -15.33 11.02 -5.48
C ASP A 53 -14.97 11.23 -6.93
N SER A 54 -13.71 10.95 -7.28
CA SER A 54 -13.24 11.12 -8.65
C SER A 54 -12.09 10.17 -8.94
N HIS A 55 -11.60 10.21 -10.18
CA HIS A 55 -10.50 9.34 -10.59
C HIS A 55 -9.16 9.89 -10.08
N TYR A 56 -8.48 9.09 -9.28
CA TYR A 56 -7.19 9.49 -8.72
C TYR A 56 -6.14 8.41 -8.93
N GLU A 57 -4.88 8.82 -9.01
CA GLU A 57 -3.78 7.89 -9.20
C GLU A 57 -2.47 8.45 -8.66
N ILE A 58 -1.76 7.63 -7.88
CA ILE A 58 -0.49 8.05 -7.30
C ILE A 58 0.68 7.29 -7.91
N GLU A 59 1.37 7.92 -8.86
CA GLU A 59 2.51 7.30 -9.52
C GLU A 59 3.63 7.02 -8.53
N ILE A 60 3.90 5.74 -8.28
CA ILE A 60 4.94 5.35 -7.35
C ILE A 60 6.24 6.11 -7.63
N VAL A 61 6.56 6.28 -8.90
CA VAL A 61 7.77 6.99 -9.30
C VAL A 61 7.88 8.33 -8.58
N HIS A 62 6.73 8.92 -8.26
CA HIS A 62 6.70 10.20 -7.57
C HIS A 62 6.87 10.01 -6.06
N ILE A 63 6.12 9.08 -5.51
CA ILE A 63 6.18 8.80 -4.08
C ILE A 63 7.63 8.80 -3.58
N SER A 64 7.87 9.46 -2.45
CA SER A 64 9.20 9.54 -1.88
C SER A 64 9.28 8.75 -0.57
N THR A 65 8.19 8.77 0.19
CA THR A 65 8.13 8.07 1.46
C THR A 65 6.99 7.06 1.48
N VAL A 66 7.22 5.92 2.13
CA VAL A 66 6.20 4.87 2.22
C VAL A 66 6.30 4.13 3.54
N GLN A 67 5.36 4.41 4.44
CA GLN A 67 5.35 3.76 5.75
C GLN A 67 3.93 3.34 6.13
N ILE A 68 3.84 2.35 7.01
CA ILE A 68 2.54 1.84 7.46
C ILE A 68 2.18 2.39 8.84
N LEU A 69 0.91 2.66 9.05
CA LEU A 69 0.44 3.18 10.34
C LEU A 69 0.05 2.03 11.27
N THR A 70 0.85 1.83 12.32
CA THR A 70 0.59 0.77 13.28
C THR A 70 0.43 1.34 14.69
N GLU A 71 -0.67 0.98 15.34
CA GLU A 71 -0.94 1.45 16.69
C GLU A 71 -1.09 0.28 17.66
N GLY A 72 -0.26 0.26 18.70
CA GLY A 72 -0.32 -0.80 19.68
C GLY A 72 0.66 -1.92 19.37
N PHE A 73 0.41 -2.64 18.28
CA PHE A 73 1.27 -3.75 17.89
C PHE A 73 2.18 -3.34 16.74
N PRO A 74 3.42 -2.94 17.07
CA PRO A 74 4.42 -2.52 16.09
C PRO A 74 4.91 -3.69 15.23
N PRO A 75 5.51 -3.35 14.07
CA PRO A 75 6.04 -4.35 13.15
C PRO A 75 7.27 -5.06 13.70
N GLY A 76 7.26 -6.39 13.64
CA GLY A 76 8.39 -7.17 14.14
C GLY A 76 8.50 -8.51 13.46
N GLY A 77 7.93 -9.54 14.09
CA GLY A 77 7.98 -10.87 13.54
C GLY A 77 6.61 -11.42 13.19
N GLY A 78 6.51 -12.09 12.04
CA GLY A 78 5.24 -12.65 11.63
C GLY A 78 4.25 -11.58 11.21
N ASN A 79 3.02 -12.00 10.92
CA ASN A 79 1.98 -11.06 10.50
C ASN A 79 2.08 -9.76 11.27
N ALA A 80 1.67 -8.67 10.63
CA ALA A 80 1.71 -7.35 11.26
C ALA A 80 0.32 -6.73 11.30
N ARG A 81 -0.07 -6.24 12.48
CA ARG A 81 -1.37 -5.61 12.65
C ARG A 81 -1.32 -4.13 12.29
N ALA A 82 -1.52 -3.83 11.02
CA ALA A 82 -1.50 -2.45 10.54
C ALA A 82 -2.90 -1.85 10.55
N THR A 83 -3.06 -0.74 11.28
CA THR A 83 -4.35 -0.07 11.37
C THR A 83 -4.37 1.18 10.51
N GLY A 84 -3.76 1.11 9.33
CA GLY A 84 -3.72 2.24 8.43
C GLY A 84 -2.44 2.29 7.62
N MET A 85 -2.36 3.27 6.72
CA MET A 85 -1.18 3.42 5.86
C MET A 85 -0.84 4.89 5.68
N PHE A 86 0.44 5.17 5.45
CA PHE A 86 0.90 6.54 5.25
C PHE A 86 1.86 6.63 4.06
N LEU A 87 1.42 7.30 3.00
CA LEU A 87 2.24 7.47 1.81
C LEU A 87 2.40 8.94 1.45
N GLN A 88 3.53 9.27 0.84
CA GLN A 88 3.81 10.65 0.45
C GLN A 88 4.10 10.73 -1.04
N TYR A 89 3.87 11.91 -1.63
CA TYR A 89 4.11 12.12 -3.05
C TYR A 89 4.01 13.60 -3.40
N THR A 90 4.70 14.00 -4.47
CA THR A 90 4.69 15.39 -4.91
C THR A 90 3.94 15.53 -6.24
N VAL A 91 3.20 16.62 -6.38
CA VAL A 91 2.44 16.88 -7.60
C VAL A 91 3.05 18.05 -8.38
N PRO A 92 3.27 17.84 -9.68
CA PRO A 92 3.84 18.87 -10.56
C PRO A 92 2.87 20.01 -10.82
N GLY A 93 3.22 21.21 -10.35
CA GLY A 93 2.37 22.36 -10.52
C GLY A 93 1.92 22.97 -9.22
N THR A 94 1.57 22.11 -8.26
CA THR A 94 1.12 22.58 -6.95
C THR A 94 2.29 22.76 -6.00
N GLU A 95 2.13 23.66 -5.04
CA GLU A 95 3.17 23.94 -4.06
C GLU A 95 2.97 23.12 -2.79
N GLY A 96 4.02 22.41 -2.38
CA GLY A 96 3.92 21.59 -1.18
C GLY A 96 3.83 20.11 -1.50
N VAL A 97 3.75 19.29 -0.46
CA VAL A 97 3.66 17.84 -0.64
C VAL A 97 2.31 17.31 -0.16
N THR A 98 1.81 16.28 -0.83
CA THR A 98 0.54 15.68 -0.47
C THR A 98 0.72 14.32 0.18
N GLN A 99 0.08 14.11 1.32
CA GLN A 99 0.18 12.84 2.03
C GLN A 99 -1.08 12.02 1.86
N LEU A 100 -1.04 10.77 2.32
CA LEU A 100 -2.19 9.88 2.21
C LEU A 100 -2.29 8.98 3.43
N LYS A 101 -3.42 9.07 4.14
CA LYS A 101 -3.64 8.26 5.34
C LYS A 101 -4.80 7.29 5.12
N LEU A 102 -4.52 6.00 5.32
CA LEU A 102 -5.54 4.97 5.15
C LEU A 102 -5.97 4.40 6.50
N THR A 103 -7.24 4.02 6.59
CA THR A 103 -7.78 3.46 7.83
C THR A 103 -8.77 2.34 7.54
N VAL A 104 -8.86 1.39 8.46
CA VAL A 104 -9.78 0.26 8.30
C VAL A 104 -11.23 0.70 8.53
N VAL A 105 -12.14 0.16 7.72
CA VAL A 105 -13.55 0.50 7.84
C VAL A 105 -14.36 -0.69 8.34
N GLU A 106 -15.33 -0.43 9.20
CA GLU A 106 -16.18 -1.48 9.75
C GLU A 106 -17.15 -2.01 8.70
N ASP A 107 -16.79 -3.13 8.08
CA ASP A 107 -17.63 -3.73 7.05
C ASP A 107 -18.00 -5.16 7.43
N VAL A 108 -18.83 -5.79 6.60
CA VAL A 108 -19.24 -7.17 6.84
C VAL A 108 -18.23 -8.17 6.30
N THR A 109 -17.69 -7.86 5.12
CA THR A 109 -16.70 -8.74 4.49
C THR A 109 -15.40 -7.99 4.23
N VAL A 110 -14.41 -8.70 3.70
CA VAL A 110 -13.12 -8.10 3.40
C VAL A 110 -12.75 -7.03 4.43
N GLY A 111 -13.02 -7.32 5.70
CA GLY A 111 -12.72 -6.37 6.76
C GLY A 111 -11.23 -6.06 6.85
N ARG A 112 -10.67 -6.24 8.03
CA ARG A 112 -9.25 -5.97 8.24
C ARG A 112 -8.38 -6.95 7.45
N ARG A 113 -8.70 -8.24 7.56
CA ARG A 113 -7.95 -9.27 6.87
C ARG A 113 -7.54 -8.80 5.47
N GLN A 114 -8.47 -8.17 4.77
CA GLN A 114 -8.20 -7.68 3.43
C GLN A 114 -7.42 -6.37 3.47
N ALA A 115 -7.83 -5.45 4.35
CA ALA A 115 -7.16 -4.18 4.50
C ALA A 115 -5.73 -4.36 5.00
N VAL A 116 -5.59 -4.87 6.21
CA VAL A 116 -4.28 -5.10 6.81
C VAL A 116 -3.36 -5.82 5.84
N ALA A 117 -3.86 -6.89 5.23
CA ALA A 117 -3.08 -7.66 4.28
C ALA A 117 -2.51 -6.77 3.18
N TRP A 118 -3.32 -5.87 2.66
CA TRP A 118 -2.88 -4.95 1.61
C TRP A 118 -1.85 -3.97 2.14
N LEU A 119 -2.11 -3.41 3.31
CA LEU A 119 -1.20 -2.44 3.92
C LEU A 119 0.23 -3.00 3.94
N VAL A 120 0.41 -4.14 4.60
CA VAL A 120 1.73 -4.76 4.70
C VAL A 120 2.24 -5.15 3.32
N ALA A 121 1.35 -5.73 2.50
CA ALA A 121 1.72 -6.15 1.16
C ALA A 121 2.39 -5.03 0.39
N MET A 122 1.83 -3.82 0.49
CA MET A 122 2.37 -2.66 -0.20
C MET A 122 3.82 -2.40 0.25
N HIS A 123 4.00 -2.14 1.53
CA HIS A 123 5.32 -1.87 2.07
C HIS A 123 6.30 -2.97 1.69
N LYS A 124 6.02 -4.20 2.12
CA LYS A 124 6.87 -5.34 1.81
C LYS A 124 7.40 -5.25 0.38
N ALA A 125 6.49 -5.27 -0.59
CA ALA A 125 6.87 -5.19 -1.99
C ALA A 125 7.67 -3.92 -2.28
N ALA A 126 7.19 -2.79 -1.76
CA ALA A 126 7.87 -1.52 -1.96
C ALA A 126 9.38 -1.69 -1.87
N LYS A 127 9.83 -2.46 -0.90
CA LYS A 127 11.25 -2.71 -0.69
C LYS A 127 11.92 -3.11 -2.00
N LEU A 128 11.42 -4.18 -2.61
CA LEU A 128 11.97 -4.67 -3.87
C LEU A 128 12.08 -3.56 -4.89
N LEU A 129 10.96 -2.86 -5.12
CA LEU A 129 10.93 -1.76 -6.08
C LEU A 129 12.21 -0.92 -5.99
N TYR A 130 12.43 -0.33 -4.83
CA TYR A 130 13.61 0.50 -4.61
C TYR A 130 14.85 -0.36 -4.42
N GLU A 131 14.85 -1.16 -3.36
CA GLU A 131 15.98 -2.03 -3.06
C GLU A 131 16.37 -2.85 -4.28
N SER A 132 17.50 -3.55 -4.19
CA SER A 132 17.98 -4.37 -5.28
C SER A 132 16.82 -5.08 -5.99
N ARG A 133 17.04 -5.43 -7.25
CA ARG A 133 16.02 -6.11 -8.04
C ARG A 133 16.62 -7.24 -8.87
N ASP A 134 16.20 -8.46 -8.60
CA ASP A 134 16.70 -9.63 -9.32
C ASP A 134 16.84 -9.32 -10.81
N GLN A 135 18.05 -9.51 -11.33
CA GLN A 135 18.32 -9.26 -12.74
C GLN A 135 18.92 -10.48 -13.41
N SER A 136 18.93 -10.48 -14.74
CA SER A 136 19.46 -11.60 -15.50
C SER A 136 20.43 -11.10 -16.58
N GLY A 137 19.95 -10.20 -17.42
CA GLY A 137 20.78 -9.67 -18.49
C GLY A 137 22.10 -9.12 -17.97
N PRO A 138 23.17 -9.30 -18.75
CA PRO A 138 24.52 -8.84 -18.39
C PRO A 138 24.63 -7.31 -18.44
N SER A 139 25.41 -6.75 -17.52
CA SER A 139 25.59 -5.31 -17.45
C SER A 139 27.04 -4.94 -17.74
N SER A 140 27.24 -3.96 -18.62
CA SER A 140 28.58 -3.52 -18.99
C SER A 140 28.70 -2.00 -18.82
N GLY A 141 29.95 -1.52 -18.76
CA GLY A 141 30.18 -0.11 -18.61
C GLY A 141 31.64 0.26 -18.77
N GLY A 1 20.47 -11.09 -13.99
CA GLY A 1 19.62 -12.25 -14.20
C GLY A 1 18.67 -12.07 -15.37
N SER A 2 18.53 -13.12 -16.17
CA SER A 2 17.67 -13.08 -17.35
C SER A 2 16.24 -13.48 -16.98
N SER A 3 15.33 -13.34 -17.93
CA SER A 3 13.93 -13.68 -17.71
C SER A 3 13.81 -14.99 -16.93
N GLY A 4 12.84 -15.04 -16.02
CA GLY A 4 12.63 -16.22 -15.22
C GLY A 4 12.41 -15.90 -13.75
N SER A 5 11.40 -16.55 -13.16
CA SER A 5 11.08 -16.33 -11.75
C SER A 5 12.12 -16.98 -10.85
N SER A 6 11.94 -16.81 -9.54
CA SER A 6 12.86 -17.39 -8.56
C SER A 6 12.10 -18.09 -7.45
N GLY A 7 11.21 -17.35 -6.80
CA GLY A 7 10.42 -17.91 -5.72
C GLY A 7 9.55 -16.88 -5.02
N ALA A 8 9.93 -16.50 -3.81
CA ALA A 8 9.18 -15.52 -3.04
C ALA A 8 7.74 -15.98 -2.81
N GLU A 9 7.59 -17.23 -2.37
CA GLU A 9 6.27 -17.79 -2.10
C GLU A 9 5.41 -16.80 -1.33
N PHE A 10 5.96 -16.26 -0.25
CA PHE A 10 5.23 -15.30 0.58
C PHE A 10 4.56 -14.23 -0.30
N TYR A 11 5.30 -13.74 -1.27
CA TYR A 11 4.79 -12.72 -2.18
C TYR A 11 3.69 -13.26 -3.07
N ASP A 12 4.00 -14.36 -3.77
CA ASP A 12 3.04 -14.99 -4.66
C ASP A 12 1.63 -14.92 -4.08
N LYS A 13 1.52 -15.05 -2.77
CA LYS A 13 0.23 -14.99 -2.09
C LYS A 13 -0.31 -13.56 -2.06
N GLN A 14 0.53 -12.62 -1.63
CA GLN A 14 0.14 -11.23 -1.55
C GLN A 14 -0.41 -10.74 -2.90
N LEU A 15 -0.03 -11.44 -3.97
CA LEU A 15 -0.48 -11.07 -5.31
C LEU A 15 -1.97 -10.81 -5.33
N LYS A 16 -2.76 -11.86 -5.20
CA LYS A 16 -4.21 -11.74 -5.19
C LYS A 16 -4.67 -10.62 -4.27
N VAL A 17 -4.01 -10.51 -3.12
CA VAL A 17 -4.35 -9.47 -2.14
C VAL A 17 -4.18 -8.08 -2.74
N LEU A 18 -3.06 -7.86 -3.41
CA LEU A 18 -2.78 -6.57 -4.04
C LEU A 18 -3.80 -6.26 -5.13
N LEU A 19 -3.89 -7.14 -6.12
CA LEU A 19 -4.83 -6.96 -7.22
C LEU A 19 -6.26 -6.81 -6.70
N SER A 20 -6.69 -7.76 -5.87
CA SER A 20 -8.03 -7.72 -5.30
C SER A 20 -8.40 -6.31 -4.87
N GLY A 21 -7.53 -5.69 -4.09
CA GLY A 21 -7.78 -4.34 -3.62
C GLY A 21 -8.68 -4.31 -2.40
N ALA A 22 -8.45 -3.35 -1.51
CA ALA A 22 -9.24 -3.22 -0.31
C ALA A 22 -9.70 -1.78 -0.09
N THR A 23 -10.67 -1.59 0.79
CA THR A 23 -11.19 -0.26 1.07
C THR A 23 -10.34 0.45 2.12
N PHE A 24 -10.19 1.77 1.97
CA PHE A 24 -9.40 2.55 2.90
C PHE A 24 -9.96 3.97 3.01
N LEU A 25 -9.76 4.58 4.18
CA LEU A 25 -10.24 5.93 4.42
C LEU A 25 -9.16 6.97 4.11
N VAL A 26 -9.35 7.70 3.02
CA VAL A 26 -8.39 8.71 2.61
C VAL A 26 -8.80 10.10 3.11
N THR A 27 -7.92 10.74 3.87
CA THR A 27 -8.20 12.06 4.42
C THR A 27 -7.39 13.13 3.70
N PHE A 28 -8.03 13.85 2.79
CA PHE A 28 -7.37 14.91 2.04
C PHE A 28 -7.16 16.15 2.90
N GLY A 29 -6.08 16.87 2.64
CA GLY A 29 -5.78 18.07 3.39
C GLY A 29 -7.02 18.91 3.65
N ASN A 30 -7.79 19.16 2.61
CA ASN A 30 -9.01 19.96 2.72
C ASN A 30 -10.11 19.16 3.40
N SER A 31 -10.37 17.96 2.89
CA SER A 31 -11.41 17.11 3.45
C SER A 31 -11.09 16.72 4.88
N GLU A 32 -11.50 17.55 5.83
CA GLU A 32 -11.25 17.30 7.24
C GLU A 32 -11.73 15.90 7.64
N LYS A 33 -12.77 15.43 6.96
CA LYS A 33 -13.33 14.11 7.23
C LYS A 33 -12.89 13.10 6.17
N PRO A 34 -12.48 11.90 6.63
CA PRO A 34 -12.04 10.83 5.74
C PRO A 34 -13.18 10.25 4.92
N GLU A 35 -12.89 9.90 3.66
CA GLU A 35 -13.90 9.32 2.78
C GLU A 35 -13.55 7.89 2.43
N THR A 36 -14.57 7.10 2.07
CA THR A 36 -14.37 5.70 1.70
C THR A 36 -13.91 5.58 0.26
N MET A 37 -12.66 5.16 0.08
CA MET A 37 -12.10 4.99 -1.26
C MET A 37 -11.54 3.59 -1.45
N THR A 38 -11.07 3.30 -2.65
CA THR A 38 -10.50 1.99 -2.96
C THR A 38 -9.11 2.11 -3.56
N CYS A 39 -8.17 1.34 -3.03
CA CYS A 39 -6.80 1.37 -3.52
C CYS A 39 -6.35 -0.03 -3.97
N ARG A 40 -6.00 -0.15 -5.24
CA ARG A 40 -5.56 -1.42 -5.79
C ARG A 40 -4.43 -1.22 -6.80
N LEU A 41 -3.72 -2.31 -7.11
CA LEU A 41 -2.62 -2.25 -8.06
C LEU A 41 -3.02 -2.84 -9.41
N SER A 42 -2.71 -2.13 -10.48
CA SER A 42 -3.05 -2.58 -11.83
C SER A 42 -2.39 -3.92 -12.12
N ASN A 43 -2.67 -4.47 -13.31
CA ASN A 43 -2.11 -5.75 -13.71
C ASN A 43 -0.59 -5.76 -13.57
N ASN A 44 0.05 -4.72 -14.08
CA ASN A 44 1.50 -4.60 -14.01
C ASN A 44 1.97 -4.56 -12.56
N GLN A 45 1.06 -4.24 -11.66
CA GLN A 45 1.38 -4.16 -10.23
C GLN A 45 2.60 -3.27 -10.00
N ARG A 46 2.65 -2.15 -10.70
CA ARG A 46 3.75 -1.21 -10.57
C ARG A 46 3.25 0.18 -10.21
N TYR A 47 2.00 0.46 -10.56
CA TYR A 47 1.40 1.76 -10.27
C TYR A 47 0.16 1.60 -9.39
N LEU A 48 -0.09 2.60 -8.55
CA LEU A 48 -1.24 2.58 -7.66
C LEU A 48 -2.39 3.40 -8.24
N PHE A 49 -3.62 2.97 -7.95
CA PHE A 49 -4.80 3.68 -8.43
C PHE A 49 -5.86 3.78 -7.33
N LEU A 50 -6.57 4.90 -7.32
CA LEU A 50 -7.61 5.13 -6.32
C LEU A 50 -8.98 5.22 -6.98
N ASP A 51 -10.03 5.03 -6.19
CA ASP A 51 -11.40 5.09 -6.69
C ASP A 51 -12.35 5.60 -5.61
N GLY A 52 -13.15 6.61 -5.95
CA GLY A 52 -14.08 7.16 -5.00
C GLY A 52 -14.63 8.51 -5.44
N ASP A 53 -14.65 9.46 -4.51
CA ASP A 53 -15.15 10.80 -4.81
C ASP A 53 -14.82 11.20 -6.24
N SER A 54 -13.59 10.92 -6.66
CA SER A 54 -13.15 11.24 -8.01
C SER A 54 -12.04 10.30 -8.47
N HIS A 55 -11.67 10.40 -9.75
CA HIS A 55 -10.64 9.54 -10.31
C HIS A 55 -9.25 10.02 -9.87
N TYR A 56 -8.60 9.23 -9.03
CA TYR A 56 -7.27 9.57 -8.53
C TYR A 56 -6.26 8.49 -8.88
N GLU A 57 -4.99 8.86 -8.92
CA GLU A 57 -3.92 7.91 -9.24
C GLU A 57 -2.62 8.30 -8.56
N ILE A 58 -2.06 7.38 -7.80
CA ILE A 58 -0.81 7.63 -7.08
C ILE A 58 0.35 6.87 -7.73
N GLU A 59 1.14 7.58 -8.52
CA GLU A 59 2.28 6.98 -9.21
C GLU A 59 3.35 6.58 -8.21
N ILE A 60 3.51 5.27 -8.01
CA ILE A 60 4.50 4.75 -7.08
C ILE A 60 5.86 5.40 -7.31
N VAL A 61 6.27 5.46 -8.57
CA VAL A 61 7.56 6.06 -8.92
C VAL A 61 7.74 7.42 -8.25
N HIS A 62 6.64 8.17 -8.13
CA HIS A 62 6.67 9.48 -7.51
C HIS A 62 6.79 9.35 -6.00
N ILE A 63 6.12 8.37 -5.43
CA ILE A 63 6.15 8.15 -3.98
C ILE A 63 7.59 8.08 -3.48
N SER A 64 7.92 8.95 -2.54
CA SER A 64 9.26 8.99 -1.97
C SER A 64 9.33 8.18 -0.68
N THR A 65 8.44 8.51 0.26
CA THR A 65 8.38 7.83 1.55
C THR A 65 7.21 6.84 1.60
N VAL A 66 7.42 5.73 2.29
CA VAL A 66 6.38 4.71 2.43
C VAL A 66 6.43 4.06 3.80
N GLN A 67 5.47 4.43 4.65
CA GLN A 67 5.41 3.87 6.00
C GLN A 67 3.99 3.43 6.34
N ILE A 68 3.87 2.58 7.35
CA ILE A 68 2.56 2.09 7.78
C ILE A 68 2.14 2.70 9.11
N LEU A 69 0.90 3.16 9.18
CA LEU A 69 0.38 3.76 10.40
C LEU A 69 -0.12 2.69 11.38
N THR A 70 0.41 2.72 12.60
CA THR A 70 0.03 1.76 13.62
C THR A 70 -0.31 2.46 14.93
N GLU A 71 -1.37 2.02 15.59
CA GLU A 71 -1.80 2.60 16.85
C GLU A 71 -0.89 2.15 17.99
N GLY A 72 -0.98 2.84 19.12
CA GLY A 72 -0.17 2.49 20.27
C GLY A 72 1.18 3.19 20.25
N PHE A 73 1.27 4.32 20.95
CA PHE A 73 2.51 5.09 21.01
C PHE A 73 3.65 4.24 21.58
N PRO A 74 3.43 3.70 22.78
CA PRO A 74 4.43 2.86 23.47
C PRO A 74 4.60 1.51 22.79
N PRO A 75 5.87 1.14 22.51
CA PRO A 75 6.20 -0.13 21.86
C PRO A 75 5.95 -1.33 22.77
N GLY A 76 6.06 -2.52 22.20
CA GLY A 76 5.84 -3.73 22.98
C GLY A 76 6.93 -4.77 22.75
N GLY A 77 7.00 -5.29 21.54
CA GLY A 77 8.01 -6.30 21.22
C GLY A 77 7.48 -7.37 20.29
N GLY A 78 6.99 -6.95 19.13
CA GLY A 78 6.47 -7.89 18.16
C GLY A 78 5.07 -7.52 17.69
N ASN A 79 4.85 -6.23 17.47
CA ASN A 79 3.55 -5.74 17.01
C ASN A 79 3.26 -6.24 15.60
N ALA A 80 2.20 -7.03 15.47
CA ALA A 80 1.80 -7.57 14.18
C ALA A 80 0.44 -7.03 13.76
N ARG A 81 0.19 -5.77 14.07
CA ARG A 81 -1.08 -5.13 13.73
C ARG A 81 -0.85 -3.88 12.88
N ALA A 82 -1.83 -3.54 12.05
CA ALA A 82 -1.74 -2.37 11.19
C ALA A 82 -3.12 -1.92 10.72
N THR A 83 -3.53 -0.74 11.18
CA THR A 83 -4.84 -0.20 10.82
C THR A 83 -4.69 1.19 10.19
N GLY A 84 -3.71 1.32 9.30
CA GLY A 84 -3.49 2.60 8.63
C GLY A 84 -2.30 2.56 7.70
N MET A 85 -2.06 3.66 6.99
CA MET A 85 -0.95 3.75 6.06
C MET A 85 -0.64 5.20 5.72
N PHE A 86 0.64 5.55 5.74
CA PHE A 86 1.06 6.92 5.44
C PHE A 86 2.05 6.93 4.28
N LEU A 87 1.64 7.53 3.16
CA LEU A 87 2.47 7.61 1.97
C LEU A 87 2.75 9.06 1.60
N GLN A 88 3.86 9.28 0.91
CA GLN A 88 4.25 10.63 0.49
C GLN A 88 4.65 10.64 -0.98
N TYR A 89 4.11 11.60 -1.73
CA TYR A 89 4.42 11.72 -3.15
C TYR A 89 4.40 13.18 -3.59
N THR A 90 4.95 13.45 -4.77
CA THR A 90 4.99 14.80 -5.30
C THR A 90 4.15 14.92 -6.56
N VAL A 91 3.44 16.04 -6.69
CA VAL A 91 2.60 16.28 -7.86
C VAL A 91 3.27 17.25 -8.83
N PRO A 92 3.32 16.85 -10.11
CA PRO A 92 3.94 17.67 -11.17
C PRO A 92 3.11 18.90 -11.49
N GLY A 93 3.68 20.08 -11.25
CA GLY A 93 2.98 21.32 -11.52
C GLY A 93 2.78 22.16 -10.28
N THR A 94 2.61 21.50 -9.14
CA THR A 94 2.41 22.19 -7.87
C THR A 94 3.72 22.33 -7.10
N GLU A 95 3.70 23.13 -6.05
CA GLU A 95 4.89 23.35 -5.22
C GLU A 95 4.69 22.76 -3.83
N GLY A 96 5.53 21.77 -3.49
CA GLY A 96 5.43 21.14 -2.18
C GLY A 96 5.17 19.65 -2.28
N VAL A 97 5.04 19.00 -1.12
CA VAL A 97 4.79 17.57 -1.08
C VAL A 97 3.41 17.26 -0.49
N THR A 98 2.76 16.24 -1.02
CA THR A 98 1.44 15.86 -0.54
C THR A 98 1.48 14.51 0.18
N GLN A 99 0.86 14.45 1.35
CA GLN A 99 0.84 13.23 2.14
C GLN A 99 -0.55 12.59 2.10
N LEU A 100 -0.57 11.26 2.11
CA LEU A 100 -1.83 10.52 2.07
C LEU A 100 -1.99 9.64 3.30
N LYS A 101 -3.16 9.71 3.93
CA LYS A 101 -3.43 8.92 5.12
C LYS A 101 -4.56 7.92 4.87
N LEU A 102 -4.34 6.67 5.26
CA LEU A 102 -5.34 5.62 5.07
C LEU A 102 -5.73 5.00 6.40
N THR A 103 -6.99 4.61 6.53
CA THR A 103 -7.48 3.99 7.75
C THR A 103 -8.52 2.92 7.44
N VAL A 104 -8.37 1.76 8.09
CA VAL A 104 -9.29 0.65 7.88
C VAL A 104 -10.65 0.94 8.52
N VAL A 105 -11.71 0.67 7.78
CA VAL A 105 -13.07 0.90 8.26
C VAL A 105 -13.77 -0.41 8.55
N GLU A 106 -14.76 -0.37 9.45
CA GLU A 106 -15.51 -1.57 9.81
C GLU A 106 -16.94 -1.47 9.31
N ASP A 107 -17.42 -2.53 8.67
CA ASP A 107 -18.77 -2.56 8.13
C ASP A 107 -19.25 -4.01 7.96
N VAL A 108 -20.54 -4.17 7.70
CA VAL A 108 -21.13 -5.48 7.51
C VAL A 108 -20.26 -6.36 6.61
N THR A 109 -19.69 -5.74 5.58
CA THR A 109 -18.84 -6.45 4.64
C THR A 109 -17.48 -6.76 5.25
N VAL A 110 -16.86 -7.84 4.80
CA VAL A 110 -15.55 -8.24 5.30
C VAL A 110 -14.43 -7.51 4.58
N GLY A 111 -13.58 -6.83 5.33
CA GLY A 111 -12.47 -6.09 4.75
C GLY A 111 -11.21 -6.17 5.58
N ARG A 112 -11.37 -6.10 6.90
CA ARG A 112 -10.23 -6.16 7.80
C ARG A 112 -9.16 -7.10 7.28
N ARG A 113 -9.58 -8.32 6.91
CA ARG A 113 -8.65 -9.32 6.40
C ARG A 113 -7.93 -8.79 5.15
N GLN A 114 -8.70 -8.39 4.15
CA GLN A 114 -8.13 -7.87 2.91
C GLN A 114 -7.26 -6.65 3.18
N ALA A 115 -7.87 -5.60 3.74
CA ALA A 115 -7.15 -4.38 4.05
C ALA A 115 -5.82 -4.67 4.75
N VAL A 116 -5.92 -5.20 5.97
CA VAL A 116 -4.74 -5.54 6.75
C VAL A 116 -3.70 -6.24 5.90
N ALA A 117 -4.14 -7.23 5.14
CA ALA A 117 -3.24 -7.99 4.26
C ALA A 117 -2.64 -7.10 3.19
N TRP A 118 -3.44 -6.14 2.71
CA TRP A 118 -2.98 -5.22 1.67
C TRP A 118 -1.93 -4.26 2.23
N LEU A 119 -2.22 -3.69 3.39
CA LEU A 119 -1.31 -2.74 4.03
C LEU A 119 0.09 -3.34 4.14
N VAL A 120 0.18 -4.56 4.65
CA VAL A 120 1.46 -5.23 4.81
C VAL A 120 2.04 -5.63 3.45
N ALA A 121 1.19 -6.20 2.60
CA ALA A 121 1.62 -6.63 1.27
C ALA A 121 2.28 -5.49 0.52
N MET A 122 1.64 -4.32 0.52
CA MET A 122 2.17 -3.15 -0.17
C MET A 122 3.56 -2.80 0.36
N HIS A 123 3.67 -2.64 1.67
CA HIS A 123 4.94 -2.30 2.30
C HIS A 123 6.05 -3.22 1.81
N LYS A 124 5.84 -4.53 1.95
CA LYS A 124 6.82 -5.52 1.52
C LYS A 124 7.20 -5.30 0.06
N ALA A 125 6.21 -5.06 -0.78
CA ALA A 125 6.44 -4.84 -2.21
C ALA A 125 7.24 -3.56 -2.43
N ALA A 126 6.64 -2.42 -2.08
CA ALA A 126 7.31 -1.12 -2.24
C ALA A 126 8.80 -1.24 -1.99
N LYS A 127 9.16 -1.98 -0.94
CA LYS A 127 10.57 -2.17 -0.59
C LYS A 127 11.37 -2.64 -1.79
N LEU A 128 10.95 -3.75 -2.39
CA LEU A 128 11.63 -4.30 -3.55
C LEU A 128 11.74 -3.27 -4.66
N LEU A 129 10.63 -2.61 -4.98
CA LEU A 129 10.61 -1.59 -6.01
C LEU A 129 11.84 -0.69 -5.93
N TYR A 130 12.00 -0.03 -4.78
CA TYR A 130 13.13 0.86 -4.58
C TYR A 130 14.40 0.07 -4.23
N GLU A 131 14.36 -0.64 -3.11
CA GLU A 131 15.48 -1.44 -2.66
C GLU A 131 15.84 -2.50 -3.70
N SER A 132 16.88 -3.28 -3.42
CA SER A 132 17.33 -4.33 -4.34
C SER A 132 16.56 -5.62 -4.08
N ARG A 133 16.71 -6.57 -5.00
CA ARG A 133 16.04 -7.85 -4.87
C ARG A 133 16.85 -8.82 -4.00
N ASP A 134 16.15 -9.63 -3.23
CA ASP A 134 16.80 -10.60 -2.35
C ASP A 134 16.56 -12.03 -2.84
N GLN A 135 17.64 -12.73 -3.16
CA GLN A 135 17.53 -14.11 -3.63
C GLN A 135 17.56 -15.09 -2.47
N SER A 136 16.83 -14.76 -1.41
CA SER A 136 16.76 -15.61 -0.23
C SER A 136 16.69 -17.08 -0.63
N GLY A 137 15.70 -17.42 -1.45
CA GLY A 137 15.55 -18.80 -1.89
C GLY A 137 14.23 -19.40 -1.44
N PRO A 138 13.64 -20.25 -2.29
CA PRO A 138 12.37 -20.91 -2.00
C PRO A 138 12.50 -21.95 -0.90
N SER A 139 13.70 -22.49 -0.73
CA SER A 139 13.96 -23.50 0.28
C SER A 139 15.31 -23.27 0.97
N SER A 140 15.62 -24.07 1.97
CA SER A 140 16.86 -23.95 2.71
C SER A 140 18.00 -24.66 1.97
N GLY A 141 19.15 -23.99 1.88
CA GLY A 141 20.29 -24.57 1.20
C GLY A 141 21.12 -23.53 0.48
N GLY A 1 14.90 -18.41 -11.97
CA GLY A 1 15.81 -19.02 -12.94
C GLY A 1 17.11 -18.26 -13.07
N SER A 2 17.08 -17.15 -13.81
CA SER A 2 18.27 -16.34 -14.02
C SER A 2 18.14 -14.99 -13.31
N SER A 3 19.19 -14.62 -12.58
CA SER A 3 19.19 -13.36 -11.85
C SER A 3 17.87 -13.15 -11.11
N GLY A 4 17.43 -14.19 -10.40
CA GLY A 4 16.19 -14.11 -9.65
C GLY A 4 16.19 -15.00 -8.43
N SER A 5 15.04 -15.60 -8.14
CA SER A 5 14.90 -16.49 -6.99
C SER A 5 14.03 -17.69 -7.33
N SER A 6 14.37 -18.84 -6.76
CA SER A 6 13.62 -20.07 -7.00
C SER A 6 12.66 -20.35 -5.84
N GLY A 7 11.41 -20.63 -6.17
CA GLY A 7 10.42 -20.92 -5.15
C GLY A 7 10.00 -19.68 -4.38
N ALA A 8 9.12 -18.88 -4.97
CA ALA A 8 8.64 -17.66 -4.34
C ALA A 8 7.11 -17.66 -4.24
N GLU A 9 6.58 -18.28 -3.19
CA GLU A 9 5.14 -18.35 -2.98
C GLU A 9 4.71 -17.45 -1.83
N PHE A 10 5.53 -17.41 -0.78
CA PHE A 10 5.23 -16.58 0.38
C PHE A 10 5.09 -15.11 -0.01
N TYR A 11 5.93 -14.67 -0.93
CA TYR A 11 5.91 -13.29 -1.40
C TYR A 11 4.80 -13.08 -2.43
N ASP A 12 4.79 -13.92 -3.46
CA ASP A 12 3.79 -13.84 -4.51
C ASP A 12 2.38 -13.80 -3.92
N LYS A 13 2.14 -14.66 -2.95
CA LYS A 13 0.83 -14.74 -2.30
C LYS A 13 0.27 -13.33 -2.06
N GLN A 14 1.15 -12.38 -1.82
CA GLN A 14 0.75 -11.00 -1.58
C GLN A 14 0.27 -10.33 -2.87
N LEU A 15 1.09 -10.42 -3.91
CA LEU A 15 0.75 -9.83 -5.20
C LEU A 15 -0.74 -9.95 -5.48
N LYS A 16 -1.19 -11.18 -5.70
CA LYS A 16 -2.61 -11.44 -5.97
C LYS A 16 -3.50 -10.62 -5.05
N VAL A 17 -3.15 -10.58 -3.76
CA VAL A 17 -3.91 -9.83 -2.78
C VAL A 17 -3.88 -8.34 -3.09
N LEU A 18 -2.69 -7.82 -3.37
CA LEU A 18 -2.53 -6.40 -3.67
C LEU A 18 -3.49 -5.97 -4.78
N LEU A 19 -3.37 -6.61 -5.94
CA LEU A 19 -4.23 -6.29 -7.08
C LEU A 19 -5.69 -6.29 -6.67
N SER A 20 -6.10 -7.32 -5.93
CA SER A 20 -7.48 -7.44 -5.48
C SER A 20 -8.05 -6.08 -5.11
N GLY A 21 -7.31 -5.34 -4.28
CA GLY A 21 -7.77 -4.03 -3.85
C GLY A 21 -8.68 -4.09 -2.65
N ALA A 22 -8.49 -3.16 -1.71
CA ALA A 22 -9.31 -3.11 -0.51
C ALA A 22 -9.86 -1.71 -0.28
N THR A 23 -10.84 -1.61 0.60
CA THR A 23 -11.47 -0.32 0.91
C THR A 23 -10.66 0.44 1.97
N PHE A 24 -10.67 1.77 1.87
CA PHE A 24 -9.95 2.60 2.82
C PHE A 24 -10.50 4.02 2.81
N LEU A 25 -10.03 4.84 3.74
CA LEU A 25 -10.46 6.22 3.85
C LEU A 25 -9.34 7.19 3.46
N VAL A 26 -9.54 7.91 2.36
CA VAL A 26 -8.56 8.86 1.88
C VAL A 26 -8.91 10.28 2.30
N THR A 27 -8.03 10.90 3.10
CA THR A 27 -8.26 12.25 3.57
C THR A 27 -7.43 13.25 2.77
N PHE A 28 -8.09 13.94 1.84
CA PHE A 28 -7.42 14.93 1.00
C PHE A 28 -7.33 16.27 1.73
N GLY A 29 -6.22 16.98 1.51
CA GLY A 29 -6.03 18.27 2.14
C GLY A 29 -7.26 19.16 2.05
N ASN A 30 -7.96 19.07 0.92
CA ASN A 30 -9.17 19.87 0.71
C ASN A 30 -10.32 19.33 1.54
N SER A 31 -10.60 18.04 1.39
CA SER A 31 -11.69 17.39 2.13
C SER A 31 -11.32 17.22 3.60
N GLU A 32 -12.08 17.85 4.48
CA GLU A 32 -11.83 17.76 5.91
C GLU A 32 -12.43 16.46 6.48
N LYS A 33 -13.17 15.74 5.64
CA LYS A 33 -13.78 14.49 6.06
C LYS A 33 -13.34 13.34 5.17
N PRO A 34 -13.05 12.18 5.79
CA PRO A 34 -12.61 10.99 5.06
C PRO A 34 -13.73 10.38 4.22
N GLU A 35 -13.38 9.88 3.05
CA GLU A 35 -14.35 9.27 2.15
C GLU A 35 -13.94 7.84 1.79
N THR A 36 -14.93 6.96 1.70
CA THR A 36 -14.67 5.56 1.37
C THR A 36 -14.16 5.42 -0.05
N MET A 37 -12.86 5.14 -0.18
CA MET A 37 -12.25 4.98 -1.49
C MET A 37 -11.59 3.61 -1.62
N THR A 38 -11.37 3.17 -2.86
CA THR A 38 -10.75 1.87 -3.11
C THR A 38 -9.33 2.05 -3.62
N CYS A 39 -8.37 1.48 -2.89
CA CYS A 39 -6.96 1.57 -3.27
C CYS A 39 -6.44 0.21 -3.75
N ARG A 40 -5.88 0.18 -4.95
CA ARG A 40 -5.35 -1.04 -5.52
C ARG A 40 -4.11 -0.76 -6.36
N LEU A 41 -3.39 -1.82 -6.72
CA LEU A 41 -2.17 -1.68 -7.51
C LEU A 41 -2.43 -2.07 -8.96
N SER A 42 -1.76 -1.37 -9.88
CA SER A 42 -1.92 -1.64 -11.30
C SER A 42 -1.59 -3.09 -11.63
N ASN A 43 -1.80 -3.48 -12.88
CA ASN A 43 -1.53 -4.85 -13.32
C ASN A 43 -0.17 -5.32 -12.80
N ASN A 44 0.86 -4.54 -13.09
CA ASN A 44 2.22 -4.88 -12.66
C ASN A 44 2.56 -4.16 -11.35
N GLN A 45 1.58 -3.51 -10.76
CA GLN A 45 1.78 -2.78 -9.51
C GLN A 45 2.79 -1.65 -9.69
N ARG A 46 2.66 -0.92 -10.79
CA ARG A 46 3.55 0.19 -11.08
C ARG A 46 2.92 1.52 -10.70
N TYR A 47 1.63 1.49 -10.38
CA TYR A 47 0.90 2.69 -10.00
C TYR A 47 -0.30 2.35 -9.13
N LEU A 48 -0.77 3.34 -8.38
CA LEU A 48 -1.93 3.14 -7.50
C LEU A 48 -3.16 3.85 -8.05
N PHE A 49 -4.30 3.18 -7.96
CA PHE A 49 -5.56 3.75 -8.45
C PHE A 49 -6.55 3.94 -7.31
N LEU A 50 -7.27 5.06 -7.34
CA LEU A 50 -8.25 5.35 -6.30
C LEU A 50 -9.63 5.60 -6.91
N ASP A 51 -10.67 5.11 -6.25
CA ASP A 51 -12.04 5.27 -6.72
C ASP A 51 -12.89 6.00 -5.68
N GLY A 52 -13.63 7.01 -6.12
CA GLY A 52 -14.47 7.77 -5.22
C GLY A 52 -14.80 9.15 -5.76
N ASP A 53 -14.63 10.17 -4.93
CA ASP A 53 -14.91 11.54 -5.32
C ASP A 53 -14.57 11.76 -6.79
N SER A 54 -13.39 11.32 -7.20
CA SER A 54 -12.95 11.47 -8.58
C SER A 54 -11.87 10.45 -8.92
N HIS A 55 -11.45 10.44 -10.18
CA HIS A 55 -10.41 9.51 -10.64
C HIS A 55 -9.04 9.92 -10.11
N TYR A 56 -8.70 9.44 -8.92
CA TYR A 56 -7.43 9.77 -8.30
C TYR A 56 -6.44 8.61 -8.44
N GLU A 57 -5.16 8.93 -8.55
CA GLU A 57 -4.13 7.91 -8.68
C GLU A 57 -2.80 8.41 -8.14
N ILE A 58 -1.98 7.48 -7.63
CA ILE A 58 -0.68 7.83 -7.07
C ILE A 58 0.42 6.97 -7.70
N GLU A 59 1.14 7.55 -8.66
CA GLU A 59 2.22 6.85 -9.33
C GLU A 59 3.36 6.55 -8.35
N ILE A 60 3.70 5.27 -8.24
CA ILE A 60 4.78 4.85 -7.34
C ILE A 60 6.09 5.50 -7.71
N VAL A 61 6.31 5.67 -9.02
CA VAL A 61 7.54 6.29 -9.51
C VAL A 61 7.85 7.57 -8.76
N HIS A 62 6.80 8.25 -8.28
CA HIS A 62 6.96 9.50 -7.54
C HIS A 62 7.12 9.22 -6.05
N ILE A 63 6.22 8.41 -5.50
CA ILE A 63 6.26 8.07 -4.08
C ILE A 63 7.70 7.93 -3.59
N SER A 64 8.03 8.67 -2.53
CA SER A 64 9.37 8.63 -1.96
C SER A 64 9.40 7.82 -0.66
N THR A 65 8.52 8.19 0.27
CA THR A 65 8.44 7.52 1.55
C THR A 65 7.20 6.62 1.62
N VAL A 66 7.38 5.41 2.16
CA VAL A 66 6.28 4.47 2.29
C VAL A 66 6.32 3.77 3.65
N GLN A 67 5.41 4.16 4.53
CA GLN A 67 5.33 3.57 5.86
C GLN A 67 3.89 3.27 6.24
N ILE A 68 3.71 2.36 7.20
CA ILE A 68 2.38 1.99 7.65
C ILE A 68 2.08 2.59 9.03
N LEU A 69 0.87 3.10 9.20
CA LEU A 69 0.46 3.69 10.46
C LEU A 69 -0.01 2.63 11.44
N THR A 70 0.54 2.66 12.65
CA THR A 70 0.16 1.69 13.68
C THR A 70 -0.40 2.39 14.92
N GLU A 71 -0.96 1.60 15.83
CA GLU A 71 -1.54 2.15 17.05
C GLU A 71 -0.46 2.74 17.95
N GLY A 72 0.65 2.01 18.10
CA GLY A 72 1.74 2.48 18.93
C GLY A 72 3.08 1.99 18.44
N PHE A 73 4.12 2.20 19.26
CA PHE A 73 5.46 1.77 18.91
C PHE A 73 5.48 0.30 18.48
N PRO A 74 5.08 -0.58 19.41
CA PRO A 74 5.03 -2.03 19.15
C PRO A 74 3.94 -2.41 18.16
N PRO A 75 4.08 -3.59 17.54
CA PRO A 75 3.12 -4.10 16.57
C PRO A 75 1.79 -4.49 17.22
N GLY A 76 1.86 -4.97 18.45
CA GLY A 76 0.65 -5.38 19.16
C GLY A 76 0.89 -6.54 20.08
N GLY A 77 -0.14 -6.92 20.83
CA GLY A 77 -0.02 -8.03 21.77
C GLY A 77 -0.58 -9.33 21.19
N GLY A 78 -0.26 -9.60 19.93
CA GLY A 78 -0.74 -10.80 19.29
C GLY A 78 -0.81 -10.67 17.78
N ASN A 79 -1.91 -10.13 17.29
CA ASN A 79 -2.09 -9.94 15.84
C ASN A 79 -1.82 -8.50 15.43
N ALA A 80 -1.28 -8.32 14.23
CA ALA A 80 -0.97 -7.00 13.73
C ALA A 80 -2.24 -6.25 13.33
N ARG A 81 -2.42 -5.06 13.89
CA ARG A 81 -3.60 -4.25 13.59
C ARG A 81 -3.19 -2.91 12.98
N ALA A 82 -2.94 -2.92 11.67
CA ALA A 82 -2.55 -1.72 10.95
C ALA A 82 -3.70 -0.72 10.88
N THR A 83 -3.74 0.20 11.84
CA THR A 83 -4.80 1.21 11.88
C THR A 83 -4.94 1.91 10.53
N GLY A 84 -3.81 2.32 9.96
CA GLY A 84 -3.83 3.01 8.68
C GLY A 84 -2.47 2.98 7.99
N MET A 85 -2.40 3.60 6.82
CA MET A 85 -1.16 3.64 6.06
C MET A 85 -0.71 5.09 5.84
N PHE A 86 0.59 5.26 5.63
CA PHE A 86 1.15 6.59 5.40
C PHE A 86 2.11 6.59 4.21
N LEU A 87 1.77 7.38 3.20
CA LEU A 87 2.60 7.48 1.99
C LEU A 87 2.90 8.93 1.65
N GLN A 88 4.03 9.16 1.00
CA GLN A 88 4.43 10.51 0.62
C GLN A 88 4.85 10.55 -0.85
N TYR A 89 4.47 11.62 -1.54
CA TYR A 89 4.81 11.78 -2.96
C TYR A 89 4.78 13.24 -3.36
N THR A 90 5.52 13.57 -4.42
CA THR A 90 5.57 14.95 -4.90
C THR A 90 4.71 15.12 -6.15
N VAL A 91 4.25 16.35 -6.38
CA VAL A 91 3.42 16.65 -7.54
C VAL A 91 4.13 17.59 -8.51
N PRO A 92 4.15 17.22 -9.79
CA PRO A 92 4.79 18.04 -10.83
C PRO A 92 4.04 19.33 -11.11
N GLY A 93 4.27 20.34 -10.28
CA GLY A 93 3.60 21.61 -10.46
C GLY A 93 3.09 22.18 -9.16
N THR A 94 3.80 21.92 -8.07
CA THR A 94 3.42 22.41 -6.75
C THR A 94 4.65 22.63 -5.87
N GLU A 95 4.41 23.11 -4.65
CA GLU A 95 5.49 23.38 -3.71
C GLU A 95 5.32 22.53 -2.45
N GLY A 96 6.30 21.67 -2.18
CA GLY A 96 6.23 20.82 -1.01
C GLY A 96 5.91 19.38 -1.35
N VAL A 97 5.77 18.54 -0.33
CA VAL A 97 5.47 17.13 -0.53
C VAL A 97 4.08 16.79 0.02
N THR A 98 3.33 15.99 -0.75
CA THR A 98 1.99 15.59 -0.35
C THR A 98 1.98 14.17 0.19
N GLN A 99 1.26 13.97 1.30
CA GLN A 99 1.17 12.65 1.91
C GLN A 99 -0.25 12.08 1.78
N LEU A 100 -0.39 10.80 2.09
CA LEU A 100 -1.68 10.14 2.01
C LEU A 100 -1.95 9.29 3.26
N LYS A 101 -3.16 9.41 3.80
CA LYS A 101 -3.53 8.66 4.99
C LYS A 101 -4.71 7.73 4.70
N LEU A 102 -4.61 6.49 5.17
CA LEU A 102 -5.67 5.51 4.96
C LEU A 102 -6.16 4.95 6.29
N THR A 103 -7.41 4.49 6.31
CA THR A 103 -7.99 3.93 7.52
C THR A 103 -8.89 2.74 7.18
N VAL A 104 -8.92 1.75 8.08
CA VAL A 104 -9.75 0.57 7.89
C VAL A 104 -11.16 0.78 8.41
N VAL A 105 -12.14 0.69 7.52
CA VAL A 105 -13.54 0.88 7.88
C VAL A 105 -14.18 -0.45 8.29
N GLU A 106 -13.34 -1.46 8.51
CA GLU A 106 -13.83 -2.78 8.90
C GLU A 106 -13.26 -3.20 10.26
N ASP A 107 -14.12 -3.72 11.12
CA ASP A 107 -13.70 -4.15 12.45
C ASP A 107 -13.72 -5.68 12.55
N VAL A 108 -14.62 -6.31 11.79
CA VAL A 108 -14.74 -7.75 11.79
C VAL A 108 -13.47 -8.42 11.27
N THR A 109 -13.50 -9.75 11.17
CA THR A 109 -12.35 -10.50 10.69
C THR A 109 -12.20 -10.37 9.17
N VAL A 110 -13.28 -10.63 8.45
CA VAL A 110 -13.28 -10.53 7.00
C VAL A 110 -12.53 -9.29 6.54
N GLY A 111 -13.13 -8.12 6.74
CA GLY A 111 -12.51 -6.87 6.34
C GLY A 111 -11.13 -6.70 6.93
N ARG A 112 -11.06 -6.54 8.25
CA ARG A 112 -9.80 -6.37 8.93
C ARG A 112 -8.69 -7.18 8.26
N ARG A 113 -8.91 -8.49 8.16
CA ARG A 113 -7.94 -9.37 7.53
C ARG A 113 -7.58 -8.89 6.12
N GLN A 114 -8.61 -8.55 5.35
CA GLN A 114 -8.39 -8.07 3.98
C GLN A 114 -7.60 -6.78 3.98
N ALA A 115 -8.19 -5.72 4.51
CA ALA A 115 -7.54 -4.42 4.57
C ALA A 115 -6.09 -4.55 5.06
N VAL A 116 -5.93 -5.03 6.28
CA VAL A 116 -4.60 -5.20 6.86
C VAL A 116 -3.68 -5.96 5.91
N ALA A 117 -4.21 -7.04 5.32
CA ALA A 117 -3.43 -7.84 4.39
C ALA A 117 -2.83 -6.98 3.28
N TRP A 118 -3.62 -6.05 2.78
CA TRP A 118 -3.16 -5.16 1.72
C TRP A 118 -2.28 -4.04 2.28
N LEU A 119 -2.58 -3.61 3.49
CA LEU A 119 -1.81 -2.55 4.14
C LEU A 119 -0.38 -3.00 4.39
N VAL A 120 -0.23 -4.20 4.94
CA VAL A 120 1.10 -4.75 5.22
C VAL A 120 1.75 -5.30 3.96
N ALA A 121 0.95 -5.94 3.12
CA ALA A 121 1.45 -6.51 1.88
C ALA A 121 2.08 -5.43 0.99
N MET A 122 1.33 -4.38 0.72
CA MET A 122 1.80 -3.28 -0.11
C MET A 122 3.22 -2.87 0.29
N HIS A 123 3.33 -2.28 1.49
CA HIS A 123 4.64 -1.85 1.99
C HIS A 123 5.73 -2.83 1.59
N LYS A 124 5.43 -4.12 1.70
CA LYS A 124 6.39 -5.16 1.36
C LYS A 124 6.64 -5.19 -0.15
N ALA A 125 5.57 -5.29 -0.92
CA ALA A 125 5.68 -5.32 -2.38
C ALA A 125 6.49 -4.14 -2.90
N ALA A 126 6.44 -3.03 -2.16
CA ALA A 126 7.18 -1.83 -2.55
C ALA A 126 8.68 -2.06 -2.47
N LYS A 127 9.15 -2.58 -1.34
CA LYS A 127 10.56 -2.85 -1.14
C LYS A 127 11.23 -3.25 -2.44
N LEU A 128 10.70 -4.29 -3.08
CA LEU A 128 11.24 -4.78 -4.33
C LEU A 128 11.62 -3.61 -5.25
N LEU A 129 10.71 -2.64 -5.37
CA LEU A 129 10.95 -1.48 -6.21
C LEU A 129 12.39 -1.00 -6.11
N TYR A 130 12.82 -0.69 -4.89
CA TYR A 130 14.19 -0.23 -4.65
C TYR A 130 15.09 -1.39 -4.24
N GLU A 131 14.68 -2.11 -3.20
CA GLU A 131 15.46 -3.25 -2.71
C GLU A 131 16.01 -4.07 -3.87
N SER A 132 15.34 -3.98 -5.01
CA SER A 132 15.76 -4.72 -6.20
C SER A 132 17.27 -4.91 -6.22
N ARG A 133 17.73 -6.08 -5.78
CA ARG A 133 19.15 -6.38 -5.75
C ARG A 133 19.97 -5.13 -5.45
N ASP A 134 19.64 -4.46 -4.34
CA ASP A 134 20.34 -3.25 -3.95
C ASP A 134 21.00 -3.42 -2.57
N GLN A 135 20.25 -3.98 -1.63
CA GLN A 135 20.75 -4.19 -0.28
C GLN A 135 21.94 -5.15 -0.30
N SER A 136 22.90 -4.92 0.60
CA SER A 136 24.09 -5.75 0.68
C SER A 136 24.27 -6.29 2.10
N GLY A 137 23.88 -7.55 2.29
CA GLY A 137 24.00 -8.19 3.60
C GLY A 137 25.45 -8.40 4.00
N PRO A 138 25.68 -9.41 4.85
CA PRO A 138 27.02 -9.74 5.34
C PRO A 138 27.90 -10.34 4.25
N SER A 139 27.26 -11.02 3.29
CA SER A 139 27.97 -11.65 2.19
C SER A 139 29.00 -10.69 1.59
N SER A 140 30.20 -11.21 1.31
CA SER A 140 31.26 -10.39 0.74
C SER A 140 30.83 -9.76 -0.58
N GLY A 141 31.40 -8.60 -0.88
CA GLY A 141 31.04 -7.90 -2.10
C GLY A 141 32.27 -7.48 -2.90
N GLY A 1 13.04 -15.00 -11.41
CA GLY A 1 13.91 -14.31 -10.48
C GLY A 1 14.73 -15.26 -9.63
N SER A 2 14.22 -15.58 -8.44
CA SER A 2 14.92 -16.48 -7.53
C SER A 2 15.06 -17.87 -8.15
N SER A 3 16.22 -18.14 -8.73
CA SER A 3 16.49 -19.42 -9.36
C SER A 3 16.41 -20.55 -8.34
N GLY A 4 17.03 -20.34 -7.19
CA GLY A 4 17.03 -21.35 -6.15
C GLY A 4 15.93 -21.12 -5.12
N SER A 5 14.85 -21.87 -5.24
CA SER A 5 13.71 -21.74 -4.32
C SER A 5 12.68 -22.83 -4.57
N SER A 6 11.80 -23.03 -3.60
CA SER A 6 10.76 -24.05 -3.70
C SER A 6 9.41 -23.50 -3.27
N GLY A 7 8.65 -22.98 -4.23
CA GLY A 7 7.34 -22.42 -3.93
C GLY A 7 7.40 -21.33 -2.88
N ALA A 8 7.68 -20.11 -3.32
CA ALA A 8 7.78 -18.97 -2.41
C ALA A 8 6.44 -18.26 -2.29
N GLU A 9 5.35 -19.02 -2.36
CA GLU A 9 4.02 -18.46 -2.27
C GLU A 9 3.95 -17.39 -1.18
N PHE A 10 4.80 -17.54 -0.17
CA PHE A 10 4.84 -16.59 0.94
C PHE A 10 4.61 -15.16 0.44
N TYR A 11 5.34 -14.77 -0.60
CA TYR A 11 5.23 -13.44 -1.17
C TYR A 11 4.06 -13.37 -2.15
N ASP A 12 4.08 -14.24 -3.15
CA ASP A 12 3.03 -14.28 -4.16
C ASP A 12 1.67 -14.00 -3.54
N LYS A 13 1.36 -14.73 -2.46
CA LYS A 13 0.08 -14.55 -1.77
C LYS A 13 -0.33 -13.09 -1.74
N GLN A 14 0.62 -12.21 -1.43
CA GLN A 14 0.35 -10.79 -1.37
C GLN A 14 0.01 -10.24 -2.75
N LEU A 15 0.87 -10.53 -3.72
CA LEU A 15 0.65 -10.07 -5.09
C LEU A 15 -0.83 -10.08 -5.45
N LYS A 16 -1.44 -11.25 -5.34
CA LYS A 16 -2.87 -11.40 -5.65
C LYS A 16 -3.71 -10.55 -4.71
N VAL A 17 -3.25 -10.40 -3.47
CA VAL A 17 -3.97 -9.61 -2.48
C VAL A 17 -3.94 -8.13 -2.83
N LEU A 18 -2.84 -7.69 -3.43
CA LEU A 18 -2.69 -6.29 -3.82
C LEU A 18 -3.61 -5.94 -4.98
N LEU A 19 -3.36 -6.55 -6.14
CA LEU A 19 -4.17 -6.31 -7.33
C LEU A 19 -5.65 -6.22 -6.97
N SER A 20 -6.13 -7.23 -6.25
CA SER A 20 -7.53 -7.27 -5.83
C SER A 20 -7.99 -5.91 -5.33
N GLY A 21 -7.13 -5.25 -4.57
CA GLY A 21 -7.47 -3.94 -4.03
C GLY A 21 -8.40 -4.02 -2.84
N ALA A 22 -8.20 -3.13 -1.87
CA ALA A 22 -9.03 -3.11 -0.67
C ALA A 22 -9.58 -1.72 -0.41
N THR A 23 -10.56 -1.62 0.49
CA THR A 23 -11.16 -0.34 0.82
C THR A 23 -10.39 0.36 1.92
N PHE A 24 -10.30 1.69 1.82
CA PHE A 24 -9.59 2.49 2.80
C PHE A 24 -10.19 3.89 2.92
N LEU A 25 -9.93 4.55 4.05
CA LEU A 25 -10.44 5.89 4.27
C LEU A 25 -9.38 6.94 4.00
N VAL A 26 -9.52 7.66 2.89
CA VAL A 26 -8.56 8.69 2.53
C VAL A 26 -9.00 10.06 3.05
N THR A 27 -8.10 10.73 3.76
CA THR A 27 -8.40 12.05 4.31
C THR A 27 -7.49 13.12 3.70
N PHE A 28 -8.10 14.22 3.27
CA PHE A 28 -7.35 15.32 2.66
C PHE A 28 -7.21 16.48 3.64
N GLY A 29 -6.10 17.20 3.52
CA GLY A 29 -5.85 18.34 4.40
C GLY A 29 -6.98 19.35 4.36
N ASN A 30 -7.76 19.34 3.29
CA ASN A 30 -8.87 20.26 3.13
C ASN A 30 -10.12 19.73 3.82
N SER A 31 -10.29 18.41 3.79
CA SER A 31 -11.45 17.77 4.40
C SER A 31 -11.09 17.19 5.77
N GLU A 32 -11.91 17.50 6.77
CA GLU A 32 -11.69 17.01 8.12
C GLU A 32 -12.27 15.61 8.30
N LYS A 33 -13.18 15.24 7.41
CA LYS A 33 -13.82 13.93 7.46
C LYS A 33 -13.26 13.00 6.39
N PRO A 34 -13.01 11.73 6.77
CA PRO A 34 -12.48 10.72 5.86
C PRO A 34 -13.49 10.31 4.80
N GLU A 35 -13.00 9.71 3.72
CA GLU A 35 -13.86 9.26 2.63
C GLU A 35 -13.52 7.83 2.21
N THR A 36 -14.55 7.03 1.96
CA THR A 36 -14.36 5.65 1.56
C THR A 36 -13.94 5.55 0.10
N MET A 37 -12.74 5.01 -0.13
CA MET A 37 -12.22 4.87 -1.48
C MET A 37 -11.60 3.48 -1.67
N THR A 38 -11.16 3.20 -2.90
CA THR A 38 -10.56 1.92 -3.21
C THR A 38 -9.14 2.10 -3.74
N CYS A 39 -8.19 1.43 -3.09
CA CYS A 39 -6.79 1.51 -3.49
C CYS A 39 -6.29 0.16 -3.99
N ARG A 40 -5.83 0.14 -5.24
CA ARG A 40 -5.33 -1.09 -5.86
C ARG A 40 -4.10 -0.80 -6.70
N LEU A 41 -3.40 -1.86 -7.09
CA LEU A 41 -2.20 -1.72 -7.91
C LEU A 41 -2.48 -2.10 -9.36
N SER A 42 -1.64 -1.62 -10.27
CA SER A 42 -1.80 -1.91 -11.69
C SER A 42 -1.23 -3.29 -12.03
N ASN A 43 -1.40 -3.69 -13.29
CA ASN A 43 -0.90 -4.98 -13.74
C ASN A 43 0.52 -5.22 -13.26
N ASN A 44 1.41 -4.28 -13.56
CA ASN A 44 2.81 -4.38 -13.14
C ASN A 44 3.01 -3.82 -11.74
N GLN A 45 1.94 -3.27 -11.18
CA GLN A 45 2.00 -2.70 -9.83
C GLN A 45 3.00 -1.56 -9.77
N ARG A 46 3.14 -0.84 -10.89
CA ARG A 46 4.07 0.29 -10.96
C ARG A 46 3.34 1.60 -10.70
N TYR A 47 2.06 1.52 -10.40
CA TYR A 47 1.25 2.70 -10.14
C TYR A 47 0.02 2.35 -9.32
N LEU A 48 -0.43 3.30 -8.49
CA LEU A 48 -1.60 3.09 -7.64
C LEU A 48 -2.80 3.84 -8.20
N PHE A 49 -3.98 3.25 -8.02
CA PHE A 49 -5.22 3.86 -8.49
C PHE A 49 -6.20 4.09 -7.35
N LEU A 50 -7.01 5.13 -7.47
CA LEU A 50 -7.99 5.46 -6.44
C LEU A 50 -9.39 5.60 -7.05
N ASP A 51 -10.40 5.34 -6.23
CA ASP A 51 -11.79 5.44 -6.68
C ASP A 51 -12.67 6.08 -5.60
N GLY A 52 -13.43 7.10 -6.00
CA GLY A 52 -14.31 7.77 -5.06
C GLY A 52 -14.99 8.98 -5.67
N ASP A 53 -14.76 10.15 -5.08
CA ASP A 53 -15.36 11.38 -5.57
C ASP A 53 -15.00 11.61 -7.03
N SER A 54 -13.74 11.39 -7.37
CA SER A 54 -13.27 11.57 -8.74
C SER A 54 -12.13 10.60 -9.06
N HIS A 55 -11.70 10.60 -10.32
CA HIS A 55 -10.63 9.73 -10.76
C HIS A 55 -9.29 10.19 -10.19
N TYR A 56 -8.79 9.46 -9.20
CA TYR A 56 -7.52 9.79 -8.56
C TYR A 56 -6.52 8.65 -8.70
N GLU A 57 -5.24 8.99 -8.77
CA GLU A 57 -4.18 8.00 -8.91
C GLU A 57 -2.85 8.55 -8.40
N ILE A 58 -2.08 7.69 -7.73
CA ILE A 58 -0.80 8.09 -7.19
C ILE A 58 0.32 7.21 -7.75
N GLU A 59 1.03 7.72 -8.74
CA GLU A 59 2.13 6.99 -9.36
C GLU A 59 3.26 6.75 -8.37
N ILE A 60 3.79 5.53 -8.35
CA ILE A 60 4.87 5.18 -7.44
C ILE A 60 6.17 5.87 -7.85
N VAL A 61 6.21 6.36 -9.09
CA VAL A 61 7.39 7.06 -9.59
C VAL A 61 7.59 8.39 -8.90
N HIS A 62 6.52 8.92 -8.32
CA HIS A 62 6.58 10.20 -7.62
C HIS A 62 6.74 9.99 -6.12
N ILE A 63 6.04 8.99 -5.58
CA ILE A 63 6.12 8.69 -4.15
C ILE A 63 7.56 8.63 -3.68
N SER A 64 7.84 9.29 -2.57
CA SER A 64 9.19 9.31 -2.00
C SER A 64 9.25 8.53 -0.70
N THR A 65 8.33 8.85 0.22
CA THR A 65 8.28 8.18 1.51
C THR A 65 7.12 7.19 1.57
N VAL A 66 7.40 5.99 2.06
CA VAL A 66 6.38 4.95 2.18
C VAL A 66 6.44 4.27 3.54
N GLN A 67 5.52 4.64 4.42
CA GLN A 67 5.48 4.06 5.75
C GLN A 67 4.06 3.64 6.12
N ILE A 68 3.94 2.73 7.07
CA ILE A 68 2.63 2.24 7.51
C ILE A 68 2.24 2.86 8.86
N LEU A 69 0.95 3.09 9.03
CA LEU A 69 0.44 3.68 10.27
C LEU A 69 0.12 2.60 11.29
N THR A 70 0.79 2.66 12.44
CA THR A 70 0.58 1.69 13.50
C THR A 70 0.36 2.38 14.85
N GLU A 71 -0.88 2.35 15.32
CA GLU A 71 -1.23 2.98 16.59
C GLU A 71 -1.04 2.00 17.75
N GLY A 72 -0.53 2.51 18.87
CA GLY A 72 -0.30 1.67 20.03
C GLY A 72 -1.47 1.70 21.00
N PHE A 73 -2.56 1.04 20.63
CA PHE A 73 -3.75 0.99 21.48
C PHE A 73 -4.12 -0.45 21.81
N PRO A 74 -4.69 -0.66 23.00
CA PRO A 74 -5.10 -1.98 23.46
C PRO A 74 -6.31 -2.52 22.70
N PRO A 75 -6.08 -3.55 21.87
CA PRO A 75 -7.13 -4.17 21.07
C PRO A 75 -8.13 -4.95 21.93
N GLY A 76 -9.22 -5.39 21.30
CA GLY A 76 -10.23 -6.14 22.03
C GLY A 76 -10.66 -7.39 21.29
N GLY A 77 -11.13 -7.22 20.05
CA GLY A 77 -11.57 -8.35 19.26
C GLY A 77 -10.80 -8.49 17.96
N GLY A 78 -10.83 -7.44 17.14
CA GLY A 78 -10.14 -7.46 15.87
C GLY A 78 -8.63 -7.42 16.04
N ASN A 79 -7.97 -8.52 15.73
CA ASN A 79 -6.52 -8.60 15.85
C ASN A 79 -5.83 -8.10 14.59
N ALA A 80 -5.13 -6.98 14.72
CA ALA A 80 -4.43 -6.38 13.59
C ALA A 80 -3.34 -5.42 14.06
N ARG A 81 -2.21 -5.45 13.38
CA ARG A 81 -1.09 -4.58 13.73
C ARG A 81 -1.17 -3.25 12.98
N ALA A 82 -1.14 -3.32 11.66
CA ALA A 82 -1.22 -2.13 10.83
C ALA A 82 -2.62 -1.53 10.85
N THR A 83 -2.74 -0.32 11.38
CA THR A 83 -4.03 0.36 11.47
C THR A 83 -4.15 1.43 10.40
N GLY A 84 -3.57 1.16 9.23
CA GLY A 84 -3.65 2.11 8.13
C GLY A 84 -2.35 2.16 7.34
N MET A 85 -2.17 3.25 6.58
CA MET A 85 -0.97 3.41 5.77
C MET A 85 -0.72 4.89 5.49
N PHE A 86 0.56 5.26 5.42
CA PHE A 86 0.95 6.65 5.16
C PHE A 86 1.90 6.73 3.97
N LEU A 87 1.53 7.54 2.98
CA LEU A 87 2.35 7.71 1.79
C LEU A 87 2.60 9.19 1.51
N GLN A 88 3.69 9.48 0.82
CA GLN A 88 4.04 10.86 0.48
C GLN A 88 4.43 10.97 -0.99
N TYR A 89 3.93 12.02 -1.64
CA TYR A 89 4.21 12.25 -3.05
C TYR A 89 4.15 13.73 -3.39
N THR A 90 4.97 14.16 -4.35
CA THR A 90 5.01 15.56 -4.76
C THR A 90 4.28 15.76 -6.09
N VAL A 91 3.61 16.90 -6.23
CA VAL A 91 2.88 17.21 -7.45
C VAL A 91 3.66 18.17 -8.32
N PRO A 92 3.79 17.83 -9.61
CA PRO A 92 4.53 18.65 -10.58
C PRO A 92 3.78 19.95 -10.91
N GLY A 93 3.92 20.94 -10.03
CA GLY A 93 3.25 22.21 -10.24
C GLY A 93 2.52 22.69 -9.01
N THR A 94 3.09 22.44 -7.84
CA THR A 94 2.49 22.86 -6.58
C THR A 94 3.55 23.29 -5.58
N GLU A 95 3.11 23.81 -4.44
CA GLU A 95 4.01 24.28 -3.40
C GLU A 95 3.86 23.43 -2.13
N GLY A 96 4.85 22.58 -1.88
CA GLY A 96 4.81 21.73 -0.70
C GLY A 96 4.58 20.26 -1.05
N VAL A 97 4.44 19.44 -0.02
CA VAL A 97 4.22 18.01 -0.22
C VAL A 97 2.85 17.58 0.29
N THR A 98 2.22 16.65 -0.41
CA THR A 98 0.90 16.15 -0.02
C THR A 98 1.00 14.77 0.62
N GLN A 99 0.27 14.58 1.71
CA GLN A 99 0.28 13.30 2.42
C GLN A 99 -1.09 12.65 2.36
N LEU A 100 -1.11 11.33 2.13
CA LEU A 100 -2.36 10.59 2.06
C LEU A 100 -2.45 9.57 3.19
N LYS A 101 -3.50 9.68 3.99
CA LYS A 101 -3.71 8.77 5.11
C LYS A 101 -4.74 7.69 4.75
N LEU A 102 -4.42 6.45 5.09
CA LEU A 102 -5.31 5.33 4.81
C LEU A 102 -5.67 4.57 6.08
N THR A 103 -6.96 4.31 6.28
CA THR A 103 -7.42 3.59 7.46
C THR A 103 -8.31 2.42 7.07
N VAL A 104 -8.26 1.36 7.87
CA VAL A 104 -9.07 0.16 7.62
C VAL A 104 -10.51 0.37 8.05
N VAL A 105 -11.45 -0.20 7.29
CA VAL A 105 -12.86 -0.09 7.59
C VAL A 105 -13.47 -1.44 7.92
N GLU A 106 -14.64 -1.43 8.56
CA GLU A 106 -15.32 -2.66 8.92
C GLU A 106 -16.72 -2.72 8.30
N ASP A 107 -17.37 -1.55 8.22
CA ASP A 107 -18.70 -1.47 7.65
C ASP A 107 -18.74 -2.09 6.25
N VAL A 108 -17.86 -1.63 5.38
CA VAL A 108 -17.80 -2.14 4.01
C VAL A 108 -17.59 -3.64 4.01
N THR A 109 -18.10 -4.31 2.98
CA THR A 109 -17.96 -5.75 2.85
C THR A 109 -16.59 -6.22 3.34
N VAL A 110 -15.54 -5.69 2.73
CA VAL A 110 -14.18 -6.05 3.12
C VAL A 110 -13.98 -5.95 4.62
N GLY A 111 -13.25 -6.92 5.19
CA GLY A 111 -13.01 -6.93 6.61
C GLY A 111 -11.63 -6.42 6.96
N ARG A 112 -11.10 -6.86 8.10
CA ARG A 112 -9.77 -6.45 8.54
C ARG A 112 -8.68 -7.30 7.89
N ARG A 113 -8.92 -8.60 7.81
CA ARG A 113 -7.96 -9.52 7.20
C ARG A 113 -7.58 -9.04 5.80
N GLN A 114 -8.56 -8.54 5.06
CA GLN A 114 -8.33 -8.06 3.70
C GLN A 114 -7.44 -6.82 3.71
N ALA A 115 -7.92 -5.76 4.36
CA ALA A 115 -7.17 -4.51 4.44
C ALA A 115 -5.77 -4.74 5.00
N VAL A 116 -5.70 -5.31 6.21
CA VAL A 116 -4.43 -5.60 6.85
C VAL A 116 -3.47 -6.29 5.90
N ALA A 117 -3.99 -7.26 5.14
CA ALA A 117 -3.18 -8.00 4.18
C ALA A 117 -2.61 -7.07 3.11
N TRP A 118 -3.45 -6.20 2.58
CA TRP A 118 -3.03 -5.25 1.55
C TRP A 118 -2.01 -4.26 2.10
N LEU A 119 -2.30 -3.71 3.27
CA LEU A 119 -1.40 -2.75 3.90
C LEU A 119 0.03 -3.26 3.92
N VAL A 120 0.24 -4.37 4.61
CA VAL A 120 1.57 -4.97 4.71
C VAL A 120 2.07 -5.39 3.33
N ALA A 121 1.18 -5.93 2.51
CA ALA A 121 1.54 -6.36 1.16
C ALA A 121 2.16 -5.22 0.36
N MET A 122 1.59 -4.02 0.50
CA MET A 122 2.09 -2.85 -0.21
C MET A 122 3.53 -2.54 0.20
N HIS A 123 3.74 -2.36 1.50
CA HIS A 123 5.07 -2.06 2.01
C HIS A 123 6.07 -3.16 1.64
N LYS A 124 5.74 -4.40 2.00
CA LYS A 124 6.60 -5.53 1.69
C LYS A 124 7.13 -5.46 0.27
N ALA A 125 6.23 -5.41 -0.70
CA ALA A 125 6.61 -5.32 -2.11
C ALA A 125 7.37 -4.04 -2.39
N ALA A 126 6.90 -2.92 -1.81
CA ALA A 126 7.54 -1.63 -1.99
C ALA A 126 9.06 -1.75 -1.90
N LYS A 127 9.52 -2.63 -1.01
CA LYS A 127 10.95 -2.83 -0.81
C LYS A 127 11.60 -3.40 -2.06
N LEU A 128 11.00 -4.46 -2.60
CA LEU A 128 11.51 -5.10 -3.81
C LEU A 128 11.72 -4.08 -4.92
N LEU A 129 10.72 -3.24 -5.14
CA LEU A 129 10.78 -2.22 -6.18
C LEU A 129 12.11 -1.46 -6.11
N TYR A 130 12.38 -0.84 -4.97
CA TYR A 130 13.62 -0.10 -4.79
C TYR A 130 14.81 -1.03 -4.64
N GLU A 131 14.78 -1.86 -3.60
CA GLU A 131 15.86 -2.81 -3.35
C GLU A 131 16.10 -3.69 -4.58
N SER A 132 17.31 -4.25 -4.67
CA SER A 132 17.67 -5.11 -5.78
C SER A 132 17.79 -6.56 -5.33
N ARG A 133 17.79 -7.48 -6.30
CA ARG A 133 17.91 -8.90 -6.01
C ARG A 133 19.31 -9.41 -6.33
N ASP A 134 19.94 -10.05 -5.35
CA ASP A 134 21.28 -10.59 -5.53
C ASP A 134 21.24 -11.88 -6.35
N GLN A 135 20.29 -12.75 -6.03
CA GLN A 135 20.15 -14.02 -6.73
C GLN A 135 20.17 -13.81 -8.24
N SER A 136 19.12 -13.18 -8.77
CA SER A 136 19.02 -12.92 -10.20
C SER A 136 20.25 -12.16 -10.70
N GLY A 137 20.92 -11.47 -9.78
CA GLY A 137 22.11 -10.71 -10.16
C GLY A 137 21.83 -9.22 -10.25
N PRO A 138 22.65 -8.51 -11.03
CA PRO A 138 22.52 -7.06 -11.22
C PRO A 138 21.27 -6.70 -12.03
N SER A 139 21.04 -5.41 -12.20
CA SER A 139 19.89 -4.93 -12.95
C SER A 139 20.33 -4.15 -14.19
N SER A 140 21.26 -3.23 -14.01
CA SER A 140 21.76 -2.42 -15.10
C SER A 140 22.87 -3.14 -15.85
N GLY A 141 23.22 -2.62 -17.03
CA GLY A 141 24.27 -3.23 -17.82
C GLY A 141 23.88 -3.40 -19.27
#